data_2GXA
#
_entry.id   2GXA
#
_cell.length_a   100.510
_cell.length_b   100.881
_cell.length_c   125.023
_cell.angle_alpha   92.60
_cell.angle_beta   111.46
_cell.angle_gamma   106.01
#
_symmetry.space_group_name_H-M   'P 1'
#
loop_
_entity.id
_entity.type
_entity.pdbx_description
1 polymer "5'-D(*TP*TP*TP*TP*TP*TP*TP*TP*TP*TP*TP*TP*T)-3'"
2 polymer 'Replication protein E1'
3 non-polymer 'MAGNESIUM ION'
4 non-polymer 'CHLORIDE ION'
5 non-polymer "ADENOSINE-5'-DIPHOSPHATE"
6 water water
#
loop_
_entity_poly.entity_id
_entity_poly.type
_entity_poly.pdbx_seq_one_letter_code
_entity_poly.pdbx_strand_id
1 'polydeoxyribonucleotide' (DT)(DT)(DT)(DT)(DT)(DT)(DT)(DT)(DT)(DT)(DT)(DT)(DT) M,N
2 'polypeptide(L)'
;GSLQTEKFDFGTMVQWAYDHKYAEESKIAYEYALAAGSDSNARAFLATNSQAKHVKDCATMVRHYLRAETQALSMPAYIK
ARCKLATGEGSWKSILTFFNYQNIELITFINALKLWLKGIPKKNCLAFIGPPNTGKSMLCNSLIHFLGGSVLSFANHKSH
FWLASLADTRAALVDDATHACWRYFDTYLRNALDGYPVSIDRKHKAAVQIKAPPLLVTSNIDVQAEDRYLYLHSRVQTFR
FEQPCTDESGEQPFNITDADWKSFFVRLWGRLDL
;
A,B,C,D,E,F,G,H,I,J,K,L
#
# COMPACT_ATOMS: atom_id res chain seq x y z
N THR C 5 -13.21 -72.71 -2.43
CA THR C 5 -13.87 -71.40 -2.20
C THR C 5 -13.97 -71.05 -0.71
N GLU C 6 -13.44 -69.90 -0.33
CA GLU C 6 -13.48 -69.44 1.05
C GLU C 6 -13.89 -67.97 1.11
N LYS C 7 -14.64 -67.59 2.15
CA LYS C 7 -15.12 -66.22 2.32
C LYS C 7 -14.01 -65.37 2.94
N PHE C 8 -14.02 -64.07 2.62
CA PHE C 8 -13.01 -63.15 3.14
C PHE C 8 -13.33 -62.82 4.61
N ASP C 9 -12.37 -63.05 5.48
CA ASP C 9 -12.60 -62.76 6.89
C ASP C 9 -11.87 -61.51 7.29
N PHE C 10 -12.63 -60.43 7.43
CA PHE C 10 -12.07 -59.14 7.81
C PHE C 10 -11.19 -59.27 9.03
N GLY C 11 -11.77 -59.78 10.11
CA GLY C 11 -11.05 -59.95 11.36
C GLY C 11 -9.64 -60.49 11.20
N THR C 12 -9.46 -61.38 10.24
CA THR C 12 -8.14 -61.95 9.99
C THR C 12 -7.22 -60.85 9.49
N MET C 13 -7.64 -60.17 8.44
CA MET C 13 -6.84 -59.09 7.87
C MET C 13 -6.42 -58.14 8.96
N VAL C 14 -7.39 -57.65 9.74
CA VAL C 14 -7.06 -56.75 10.82
C VAL C 14 -5.94 -57.35 11.66
N GLN C 15 -6.12 -58.59 12.12
CA GLN C 15 -5.08 -59.24 12.91
C GLN C 15 -3.74 -59.13 12.18
N TRP C 16 -3.70 -59.62 10.96
CA TRP C 16 -2.50 -59.53 10.16
C TRP C 16 -1.96 -58.12 10.26
N ALA C 17 -2.77 -57.17 9.80
CA ALA C 17 -2.40 -55.77 9.84
C ALA C 17 -1.85 -55.39 11.23
N TYR C 18 -2.62 -55.72 12.25
CA TYR C 18 -2.20 -55.42 13.61
C TYR C 18 -0.86 -56.07 13.97
N ASP C 19 -0.65 -57.32 13.59
CA ASP C 19 0.61 -57.98 13.93
C ASP C 19 1.81 -57.29 13.32
N HIS C 20 1.66 -56.73 12.11
CA HIS C 20 2.76 -56.04 11.44
C HIS C 20 2.78 -54.54 11.74
N LYS C 21 1.90 -54.10 12.64
CA LYS C 21 1.81 -52.70 12.98
C LYS C 21 1.64 -51.84 11.73
N TYR C 22 0.83 -52.35 10.79
CA TYR C 22 0.52 -51.68 9.53
C TYR C 22 -0.74 -50.91 9.82
N ALA C 23 -0.59 -49.60 9.98
CA ALA C 23 -1.72 -48.75 10.29
C ALA C 23 -2.24 -47.87 9.18
N GLU C 24 -1.43 -47.63 8.14
CA GLU C 24 -1.92 -46.78 7.06
C GLU C 24 -2.43 -47.54 5.85
N GLU C 25 -3.63 -47.14 5.40
CA GLU C 25 -4.32 -47.74 4.25
C GLU C 25 -3.34 -48.12 3.13
N SER C 26 -2.77 -47.11 2.48
CA SER C 26 -1.81 -47.32 1.42
C SER C 26 -1.03 -48.62 1.60
N LYS C 27 -0.35 -48.76 2.72
CA LYS C 27 0.43 -49.96 2.96
C LYS C 27 -0.45 -51.20 3.10
N ILE C 28 -1.19 -51.30 4.20
CA ILE C 28 -2.08 -52.44 4.44
C ILE C 28 -2.52 -53.04 3.11
N ALA C 29 -3.19 -52.23 2.29
CA ALA C 29 -3.65 -52.67 0.99
C ALA C 29 -2.53 -53.36 0.25
N TYR C 30 -1.54 -52.58 -0.18
CA TYR C 30 -0.40 -53.10 -0.91
C TYR C 30 0.21 -54.36 -0.31
N GLU C 31 0.77 -54.22 0.89
CA GLU C 31 1.39 -55.34 1.58
C GLU C 31 0.52 -56.61 1.59
N TYR C 32 -0.78 -56.47 1.85
CA TYR C 32 -1.64 -57.64 1.89
C TYR C 32 -1.76 -58.28 0.53
N ALA C 33 -2.07 -57.45 -0.45
CA ALA C 33 -2.22 -57.90 -1.83
C ALA C 33 -0.98 -58.71 -2.22
N LEU C 34 0.12 -58.47 -1.52
CA LEU C 34 1.37 -59.18 -1.78
C LEU C 34 1.36 -60.56 -1.15
N ALA C 35 0.83 -60.64 0.06
CA ALA C 35 0.74 -61.91 0.76
C ALA C 35 -0.40 -62.73 0.15
N ALA C 36 -0.98 -62.24 -0.95
CA ALA C 36 -2.08 -62.93 -1.62
C ALA C 36 -1.61 -64.20 -2.32
N GLY C 37 -0.30 -64.27 -2.59
CA GLY C 37 0.24 -65.44 -3.25
C GLY C 37 0.14 -66.64 -2.31
N SER C 38 0.54 -66.43 -1.06
CA SER C 38 0.51 -67.48 -0.06
C SER C 38 -0.42 -67.20 1.11
N ASP C 39 -1.66 -66.84 0.82
CA ASP C 39 -2.63 -66.56 1.87
C ASP C 39 -4.05 -66.59 1.32
N SER C 40 -4.81 -67.60 1.74
CA SER C 40 -6.19 -67.78 1.29
C SER C 40 -7.08 -66.56 1.51
N ASN C 41 -6.99 -65.94 2.69
CA ASN C 41 -7.81 -64.77 3.01
C ASN C 41 -7.45 -63.59 2.13
N ALA C 42 -6.17 -63.25 2.07
CA ALA C 42 -5.76 -62.14 1.22
C ALA C 42 -6.33 -62.41 -0.17
N ARG C 43 -6.19 -63.64 -0.64
CA ARG C 43 -6.70 -63.98 -1.94
C ARG C 43 -8.20 -63.78 -1.94
N ALA C 44 -8.83 -64.02 -0.81
CA ALA C 44 -10.26 -63.83 -0.71
C ALA C 44 -10.53 -62.33 -0.76
N PHE C 45 -9.64 -61.56 -0.15
CA PHE C 45 -9.71 -60.10 -0.09
C PHE C 45 -9.76 -59.49 -1.49
N LEU C 46 -8.73 -59.78 -2.28
CA LEU C 46 -8.71 -59.25 -3.64
C LEU C 46 -9.95 -59.67 -4.42
N ALA C 47 -10.65 -60.67 -3.92
CA ALA C 47 -11.84 -61.15 -4.61
C ALA C 47 -13.08 -60.28 -4.28
N THR C 48 -12.98 -59.50 -3.20
CA THR C 48 -14.06 -58.66 -2.69
C THR C 48 -14.44 -57.53 -3.61
N ASN C 49 -15.69 -57.08 -3.57
CA ASN C 49 -16.08 -55.95 -4.41
C ASN C 49 -15.90 -54.66 -3.59
N SER C 50 -15.51 -54.85 -2.32
CA SER C 50 -15.34 -53.71 -1.40
C SER C 50 -13.95 -53.76 -0.81
N GLN C 51 -12.93 -53.88 -1.67
CA GLN C 51 -11.59 -53.94 -1.12
C GLN C 51 -11.38 -52.66 -0.39
N ALA C 52 -11.67 -51.59 -1.12
CA ALA C 52 -11.56 -50.22 -0.63
C ALA C 52 -12.11 -50.18 0.79
N LYS C 53 -13.42 -50.36 0.91
CA LYS C 53 -14.08 -50.30 2.22
C LYS C 53 -13.33 -51.08 3.27
N HIS C 54 -12.78 -52.21 2.88
CA HIS C 54 -12.07 -53.01 3.85
C HIS C 54 -10.78 -52.40 4.26
N VAL C 55 -9.93 -52.12 3.29
CA VAL C 55 -8.67 -51.51 3.61
C VAL C 55 -8.98 -50.38 4.57
N LYS C 56 -9.87 -49.48 4.16
CA LYS C 56 -10.22 -48.38 5.03
C LYS C 56 -10.47 -48.90 6.43
N ASP C 57 -11.56 -49.66 6.57
CA ASP C 57 -11.92 -50.18 7.88
C ASP C 57 -10.78 -50.94 8.56
N CYS C 58 -9.99 -51.68 7.79
CA CYS C 58 -8.90 -52.44 8.39
C CYS C 58 -8.00 -51.49 9.18
N ALA C 59 -7.63 -50.40 8.53
CA ALA C 59 -6.78 -49.37 9.11
C ALA C 59 -7.45 -48.80 10.33
N THR C 60 -8.69 -48.33 10.16
CA THR C 60 -9.46 -47.76 11.26
C THR C 60 -9.39 -48.65 12.49
N MET C 61 -9.67 -49.92 12.27
CA MET C 61 -9.66 -50.90 13.34
C MET C 61 -8.29 -51.02 13.97
N VAL C 62 -7.25 -51.13 13.13
CA VAL C 62 -5.90 -51.25 13.66
C VAL C 62 -5.49 -50.08 14.51
N ARG C 63 -5.57 -48.88 13.96
CA ARG C 63 -5.18 -47.74 14.74
C ARG C 63 -5.97 -47.79 16.03
N HIS C 64 -7.24 -48.19 15.95
CA HIS C 64 -8.03 -48.28 17.16
C HIS C 64 -7.26 -49.07 18.22
N TYR C 65 -7.01 -50.34 17.91
CA TYR C 65 -6.31 -51.19 18.85
C TYR C 65 -5.00 -50.57 19.30
N LEU C 66 -4.22 -50.04 18.36
CA LEU C 66 -2.95 -49.41 18.72
C LEU C 66 -3.20 -48.28 19.70
N ARG C 67 -3.99 -47.29 19.30
CA ARG C 67 -4.23 -46.17 20.21
C ARG C 67 -4.59 -46.68 21.57
N ALA C 68 -5.65 -47.46 21.67
CA ALA C 68 -6.06 -47.96 22.97
C ALA C 68 -4.89 -48.61 23.72
N GLU C 69 -4.10 -49.39 22.99
CA GLU C 69 -2.97 -50.07 23.58
C GLU C 69 -1.92 -49.06 24.06
N THR C 70 -1.64 -48.05 23.23
CA THR C 70 -0.66 -47.00 23.53
C THR C 70 -1.00 -46.22 24.80
N GLN C 71 -2.25 -45.76 24.90
CA GLN C 71 -2.67 -45.02 26.07
C GLN C 71 -2.73 -45.90 27.32
N ALA C 72 -2.77 -47.20 27.11
CA ALA C 72 -2.87 -48.15 28.21
C ALA C 72 -1.62 -48.27 29.06
N LEU C 73 -0.45 -48.27 28.40
CA LEU C 73 0.82 -48.42 29.09
C LEU C 73 1.00 -47.45 30.25
N SER C 74 2.23 -47.40 30.74
CA SER C 74 2.65 -46.50 31.82
C SER C 74 3.91 -45.96 31.16
N MET C 75 4.20 -44.68 31.34
CA MET C 75 5.39 -44.10 30.71
C MET C 75 6.51 -45.13 30.58
N PRO C 76 6.81 -45.84 31.68
CA PRO C 76 7.87 -46.84 31.65
C PRO C 76 7.61 -47.95 30.65
N ALA C 77 6.47 -48.62 30.81
CA ALA C 77 6.10 -49.72 29.93
C ALA C 77 6.23 -49.25 28.50
N TYR C 78 5.78 -48.01 28.28
CA TYR C 78 5.83 -47.38 26.96
C TYR C 78 7.25 -47.23 26.46
N ILE C 79 8.06 -46.52 27.24
CA ILE C 79 9.43 -46.30 26.89
C ILE C 79 10.12 -47.62 26.60
N LYS C 80 9.87 -48.60 27.47
CA LYS C 80 10.44 -49.94 27.34
C LYS C 80 10.11 -50.54 25.97
N ALA C 81 8.87 -50.35 25.54
CA ALA C 81 8.43 -50.87 24.26
C ALA C 81 9.11 -50.11 23.13
N ARG C 82 9.32 -48.81 23.34
CA ARG C 82 9.95 -47.98 22.32
C ARG C 82 11.39 -48.42 22.11
N CYS C 83 11.96 -49.07 23.12
CA CYS C 83 13.34 -49.53 23.01
C CYS C 83 13.37 -50.73 22.06
N LYS C 84 12.49 -51.70 22.31
CA LYS C 84 12.41 -52.91 21.47
C LYS C 84 12.34 -52.53 20.00
N LEU C 85 11.64 -51.45 19.73
CA LEU C 85 11.53 -50.98 18.37
C LEU C 85 12.87 -50.49 17.87
N ALA C 86 13.67 -49.90 18.75
CA ALA C 86 14.96 -49.36 18.35
C ALA C 86 15.91 -50.42 17.80
N THR C 87 16.19 -50.33 16.50
CA THR C 87 17.09 -51.27 15.86
C THR C 87 18.38 -50.54 15.54
N GLY C 88 19.42 -51.31 15.22
CA GLY C 88 20.71 -50.72 14.89
C GLY C 88 21.65 -50.59 16.07
N GLU C 89 22.88 -50.17 15.79
CA GLU C 89 23.87 -50.00 16.83
C GLU C 89 24.26 -48.54 17.03
N GLY C 90 24.39 -48.16 18.30
CA GLY C 90 24.76 -46.81 18.64
C GLY C 90 25.20 -46.85 20.09
N SER C 91 25.27 -45.68 20.72
CA SER C 91 25.67 -45.62 22.11
C SER C 91 25.26 -44.33 22.77
N TRP C 92 24.95 -44.42 24.06
CA TRP C 92 24.55 -43.25 24.78
C TRP C 92 25.66 -42.21 24.69
N LYS C 93 26.89 -42.67 24.53
CA LYS C 93 28.02 -41.76 24.44
C LYS C 93 27.81 -40.62 23.41
N SER C 94 27.14 -40.92 22.30
CA SER C 94 26.90 -39.91 21.28
C SER C 94 26.15 -38.75 21.92
N ILE C 95 25.06 -39.06 22.60
CA ILE C 95 24.27 -38.04 23.27
C ILE C 95 25.07 -37.27 24.32
N LEU C 96 25.73 -38.00 25.23
CA LEU C 96 26.54 -37.35 26.25
C LEU C 96 27.47 -36.39 25.53
N THR C 97 28.20 -36.93 24.57
CA THR C 97 29.12 -36.11 23.79
C THR C 97 28.49 -34.75 23.43
N PHE C 98 27.43 -34.79 22.63
CA PHE C 98 26.77 -33.57 22.21
C PHE C 98 26.40 -32.64 23.35
N PHE C 99 25.74 -33.15 24.37
CA PHE C 99 25.40 -32.26 25.47
C PHE C 99 26.67 -31.62 26.00
N ASN C 100 27.76 -32.39 26.06
CA ASN C 100 29.00 -31.83 26.55
C ASN C 100 29.36 -30.72 25.56
N TYR C 101 29.57 -31.09 24.30
CA TYR C 101 29.91 -30.11 23.30
C TYR C 101 29.11 -28.82 23.56
N GLN C 102 27.81 -28.95 23.80
CA GLN C 102 26.93 -27.81 24.07
C GLN C 102 27.14 -27.22 25.46
N ASN C 103 28.25 -27.59 26.09
CA ASN C 103 28.63 -27.13 27.41
C ASN C 103 27.58 -27.34 28.51
N ILE C 104 26.91 -28.48 28.52
CA ILE C 104 25.92 -28.76 29.55
C ILE C 104 26.18 -30.11 30.20
N GLU C 105 26.00 -30.17 31.52
CA GLU C 105 26.23 -31.40 32.25
C GLU C 105 25.05 -32.32 32.01
N LEU C 106 25.34 -33.55 31.58
CA LEU C 106 24.28 -34.52 31.29
C LEU C 106 23.34 -34.61 32.47
N ILE C 107 23.92 -34.77 33.66
CA ILE C 107 23.11 -34.85 34.87
C ILE C 107 21.99 -33.81 34.83
N THR C 108 22.29 -32.60 34.42
CA THR C 108 21.26 -31.58 34.35
C THR C 108 20.13 -32.07 33.48
N PHE C 109 20.47 -32.44 32.26
CA PHE C 109 19.46 -32.93 31.34
C PHE C 109 18.74 -34.15 31.87
N ILE C 110 19.46 -35.04 32.53
CA ILE C 110 18.83 -36.22 33.05
C ILE C 110 17.74 -35.83 34.04
N ASN C 111 18.09 -35.06 35.06
CA ASN C 111 17.09 -34.65 36.02
C ASN C 111 15.89 -34.03 35.30
N ALA C 112 16.12 -33.02 34.49
CA ALA C 112 15.02 -32.39 33.78
C ALA C 112 14.17 -33.39 33.02
N LEU C 113 14.83 -34.42 32.48
CA LEU C 113 14.17 -35.45 31.70
C LEU C 113 13.32 -36.32 32.59
N LYS C 114 13.81 -36.54 33.80
CA LYS C 114 13.08 -37.35 34.76
C LYS C 114 11.69 -36.73 34.88
N LEU C 115 11.57 -35.70 35.70
CA LEU C 115 10.29 -35.06 35.91
C LEU C 115 9.43 -34.90 34.65
N TRP C 116 10.06 -34.70 33.50
CA TRP C 116 9.33 -34.52 32.24
C TRP C 116 8.54 -35.77 31.86
N LEU C 117 9.23 -36.90 31.77
CA LEU C 117 8.57 -38.15 31.44
C LEU C 117 7.43 -38.37 32.44
N LYS C 118 7.67 -37.98 33.69
CA LYS C 118 6.67 -38.12 34.74
C LYS C 118 5.56 -37.07 34.63
N GLY C 119 5.72 -36.15 33.68
CA GLY C 119 4.70 -35.12 33.47
C GLY C 119 4.30 -34.27 34.66
N ILE C 120 5.22 -34.16 35.62
CA ILE C 120 4.97 -33.37 36.81
C ILE C 120 4.61 -31.93 36.46
N PRO C 121 3.58 -31.37 37.12
CA PRO C 121 3.09 -29.99 36.90
C PRO C 121 4.27 -29.08 36.82
N LYS C 122 4.28 -28.14 35.86
CA LYS C 122 5.34 -27.13 35.61
C LYS C 122 6.72 -27.61 35.03
N LYS C 123 6.97 -28.93 35.07
CA LYS C 123 8.19 -29.44 34.50
C LYS C 123 7.91 -30.25 33.26
N ASN C 124 6.67 -30.14 32.82
CA ASN C 124 6.17 -30.84 31.64
C ASN C 124 6.54 -30.17 30.28
N CYS C 125 7.51 -29.26 30.28
CA CYS C 125 7.90 -28.59 29.05
C CYS C 125 9.39 -28.34 28.90
N LEU C 126 10.01 -29.06 27.96
CA LEU C 126 11.44 -28.93 27.69
C LEU C 126 11.66 -28.05 26.48
N ALA C 127 12.51 -27.05 26.63
CA ALA C 127 12.82 -26.12 25.56
C ALA C 127 14.31 -26.06 25.26
N PHE C 128 14.61 -26.02 23.98
CA PHE C 128 15.99 -25.96 23.56
C PHE C 128 16.01 -24.71 22.71
N ILE C 129 16.58 -23.66 23.30
CA ILE C 129 16.68 -22.38 22.69
C ILE C 129 18.08 -22.16 22.26
N GLY C 130 18.27 -21.48 21.12
CA GLY C 130 19.64 -21.19 20.68
C GLY C 130 19.73 -20.54 19.31
N PRO C 131 20.90 -20.05 18.91
CA PRO C 131 21.08 -19.41 17.61
C PRO C 131 21.02 -20.48 16.54
N PRO C 132 20.70 -20.10 15.29
CA PRO C 132 20.66 -21.11 14.25
C PRO C 132 21.82 -22.09 14.27
N ASN C 133 21.55 -23.28 13.73
CA ASN C 133 22.49 -24.36 13.63
C ASN C 133 23.25 -24.73 14.88
N THR C 134 22.56 -24.96 16.00
CA THR C 134 23.25 -25.39 17.21
C THR C 134 22.83 -26.79 17.55
N GLY C 135 22.00 -27.37 16.69
CA GLY C 135 21.57 -28.73 16.89
C GLY C 135 20.35 -28.93 17.74
N LYS C 136 19.46 -27.95 17.79
CA LYS C 136 18.23 -28.09 18.54
C LYS C 136 17.23 -29.05 17.85
N SER C 137 16.97 -28.83 16.58
CA SER C 137 15.97 -29.67 15.94
C SER C 137 16.21 -31.12 15.89
N MET C 138 17.45 -31.54 15.64
CA MET C 138 17.60 -32.98 15.58
C MET C 138 17.50 -33.55 16.97
N LEU C 139 18.24 -32.99 17.92
CA LEU C 139 18.17 -33.50 19.25
C LEU C 139 16.71 -33.72 19.55
N CYS C 140 15.95 -32.63 19.61
CA CYS C 140 14.54 -32.77 19.86
C CYS C 140 14.00 -33.79 18.89
N ASN C 141 14.11 -33.53 17.60
CA ASN C 141 13.57 -34.48 16.64
C ASN C 141 13.98 -35.93 16.89
N SER C 142 15.27 -36.18 17.11
CA SER C 142 15.71 -37.52 17.33
C SER C 142 15.04 -38.07 18.57
N LEU C 143 15.01 -37.31 19.66
CA LEU C 143 14.35 -37.79 20.89
C LEU C 143 12.87 -38.13 20.70
N ILE C 144 12.15 -37.27 19.99
CA ILE C 144 10.74 -37.49 19.72
C ILE C 144 10.54 -38.70 18.82
N HIS C 145 11.44 -38.92 17.88
CA HIS C 145 11.32 -40.02 16.98
C HIS C 145 11.45 -41.31 17.74
N PHE C 146 12.40 -41.34 18.65
CA PHE C 146 12.62 -42.52 19.46
C PHE C 146 11.41 -42.82 20.30
N LEU C 147 10.86 -41.77 20.91
CA LEU C 147 9.70 -41.84 21.77
C LEU C 147 8.44 -42.03 20.98
N GLY C 148 8.55 -42.10 19.67
CA GLY C 148 7.32 -42.29 18.92
C GLY C 148 6.25 -41.22 19.14
N GLY C 149 6.67 -39.99 19.43
CA GLY C 149 5.76 -38.87 19.59
C GLY C 149 5.33 -38.13 18.32
N SER C 150 4.41 -37.19 18.46
CA SER C 150 3.97 -36.47 17.27
C SER C 150 4.52 -35.05 17.22
N VAL C 151 4.56 -34.55 16.00
CA VAL C 151 5.05 -33.21 15.68
C VAL C 151 3.88 -32.33 15.41
N LEU C 152 3.70 -31.35 16.26
CA LEU C 152 2.58 -30.47 16.06
C LEU C 152 2.90 -29.51 14.90
N SER C 153 1.94 -29.21 14.02
CA SER C 153 2.14 -28.21 12.93
C SER C 153 1.42 -26.84 13.26
N PHE C 154 2.14 -25.89 13.87
CA PHE C 154 1.58 -24.63 14.34
C PHE C 154 0.87 -23.93 13.28
N ALA C 155 1.22 -24.30 12.07
CA ALA C 155 0.58 -23.74 10.91
C ALA C 155 -0.91 -23.80 10.95
N ASN C 156 -1.43 -24.73 11.73
CA ASN C 156 -2.91 -24.84 11.88
C ASN C 156 -3.07 -24.79 13.33
N HIS C 157 -3.18 -23.64 13.97
CA HIS C 157 -3.33 -23.77 15.38
C HIS C 157 -4.60 -23.10 15.76
N LYS C 158 -5.13 -22.18 14.92
CA LYS C 158 -6.40 -21.50 15.02
C LYS C 158 -7.39 -22.59 15.26
N SER C 159 -8.51 -22.18 15.83
CA SER C 159 -9.47 -23.15 16.20
C SER C 159 -8.88 -24.29 17.04
N HIS C 160 -7.54 -24.28 17.28
CA HIS C 160 -6.83 -25.37 18.00
C HIS C 160 -7.25 -26.64 17.37
N PHE C 161 -6.71 -27.14 16.30
CA PHE C 161 -7.15 -28.46 16.03
C PHE C 161 -5.73 -29.01 15.87
N TRP C 162 -4.80 -28.11 16.20
CA TRP C 162 -3.38 -28.38 16.25
C TRP C 162 -3.09 -28.91 17.64
N LEU C 163 -4.03 -29.64 18.24
CA LEU C 163 -3.87 -30.14 19.59
C LEU C 163 -4.62 -31.46 19.63
N ALA C 164 -5.10 -31.91 18.48
CA ALA C 164 -5.81 -33.19 18.41
C ALA C 164 -4.82 -34.36 18.49
N SER C 165 -3.53 -34.07 18.34
CA SER C 165 -2.54 -35.11 18.35
C SER C 165 -2.31 -35.31 19.81
N LEU C 166 -2.56 -34.27 20.56
CA LEU C 166 -2.36 -34.30 22.01
C LEU C 166 -3.14 -35.37 22.76
N ALA C 167 -4.22 -35.84 22.13
CA ALA C 167 -5.06 -36.87 22.74
C ALA C 167 -4.55 -38.26 22.47
N ASP C 168 -3.43 -38.37 21.77
CA ASP C 168 -2.87 -39.68 21.43
C ASP C 168 -1.42 -39.84 21.83
N THR C 169 -0.57 -38.96 21.34
CA THR C 169 0.84 -39.13 21.64
C THR C 169 1.32 -38.78 23.02
N ARG C 170 2.18 -39.66 23.46
CA ARG C 170 2.87 -39.68 24.73
C ARG C 170 3.86 -38.48 24.90
N ALA C 171 4.04 -37.72 23.84
CA ALA C 171 4.97 -36.59 23.85
C ALA C 171 4.89 -35.94 22.48
N ALA C 172 4.67 -34.65 22.48
CA ALA C 172 4.64 -33.92 21.22
C ALA C 172 5.86 -32.99 21.14
N LEU C 173 6.07 -32.40 19.96
CA LEU C 173 7.18 -31.47 19.80
C LEU C 173 6.83 -30.28 18.94
N VAL C 174 7.14 -29.10 19.46
CA VAL C 174 6.92 -27.84 18.75
C VAL C 174 8.27 -27.41 18.22
N ASP C 175 8.56 -27.71 16.96
CA ASP C 175 9.86 -27.37 16.44
C ASP C 175 9.91 -25.97 15.88
N ASP C 176 10.74 -25.13 16.48
CA ASP C 176 10.91 -23.73 16.08
C ASP C 176 9.69 -22.89 16.43
N ALA C 177 9.57 -22.59 17.72
CA ALA C 177 8.49 -21.77 18.23
C ALA C 177 8.77 -20.29 17.90
N THR C 178 7.78 -19.61 17.33
CA THR C 178 7.98 -18.21 17.05
C THR C 178 7.30 -17.39 18.13
N HIS C 179 7.58 -16.10 18.15
CA HIS C 179 6.97 -15.26 19.16
C HIS C 179 5.49 -15.57 19.09
N ALA C 180 4.94 -15.59 17.88
CA ALA C 180 3.52 -15.86 17.71
C ALA C 180 3.10 -17.18 18.38
N CYS C 181 3.97 -18.17 18.31
CA CYS C 181 3.71 -19.46 18.88
C CYS C 181 3.77 -19.36 20.41
N TRP C 182 4.88 -18.90 20.96
CA TRP C 182 4.94 -18.75 22.42
C TRP C 182 3.74 -17.92 22.90
N ARG C 183 3.36 -16.89 22.15
CA ARG C 183 2.23 -16.09 22.59
C ARG C 183 1.10 -17.07 22.80
N TYR C 184 0.82 -17.85 21.76
CA TYR C 184 -0.25 -18.84 21.80
C TYR C 184 -0.19 -19.72 23.05
N PHE C 185 1.01 -20.19 23.38
CA PHE C 185 1.20 -21.02 24.58
C PHE C 185 0.89 -20.25 25.86
N ASP C 186 1.37 -19.02 25.94
CA ASP C 186 1.13 -18.19 27.12
C ASP C 186 -0.33 -17.82 27.20
N THR C 187 -1.04 -17.92 26.07
CA THR C 187 -2.45 -17.56 26.03
C THR C 187 -3.39 -18.74 26.27
N TYR C 188 -3.33 -19.75 25.44
CA TYR C 188 -4.26 -20.87 25.61
C TYR C 188 -3.82 -22.16 26.32
N LEU C 189 -2.58 -22.58 26.10
CA LEU C 189 -2.08 -23.82 26.68
C LEU C 189 -1.48 -23.73 28.09
N ARG C 190 -1.87 -22.73 28.89
CA ARG C 190 -1.29 -22.65 30.21
C ARG C 190 -1.48 -23.96 30.95
N ASN C 191 -2.66 -24.55 30.82
CA ASN C 191 -2.97 -25.81 31.48
C ASN C 191 -2.03 -26.95 31.10
N ALA C 192 -1.77 -27.10 29.80
CA ALA C 192 -0.87 -28.14 29.31
C ALA C 192 0.44 -28.04 30.09
N LEU C 193 0.61 -26.91 30.77
CA LEU C 193 1.81 -26.64 31.55
C LEU C 193 1.62 -26.83 33.06
N ASP C 194 0.49 -26.41 33.64
CA ASP C 194 0.28 -26.68 35.08
C ASP C 194 -0.17 -28.00 35.48
N GLY C 195 -0.70 -28.73 34.53
CA GLY C 195 -1.16 -30.05 34.88
C GLY C 195 -2.66 -30.19 34.79
N TYR C 196 -3.35 -29.08 34.95
CA TYR C 196 -4.79 -29.12 34.87
C TYR C 196 -5.14 -29.65 33.48
N PRO C 197 -6.17 -30.51 33.39
CA PRO C 197 -6.59 -31.09 32.12
C PRO C 197 -6.96 -30.04 31.07
N VAL C 198 -6.43 -30.22 29.85
CA VAL C 198 -6.68 -29.30 28.74
C VAL C 198 -7.86 -29.78 27.89
N SER C 199 -8.74 -28.86 27.50
CA SER C 199 -9.90 -29.22 26.70
C SER C 199 -9.55 -29.47 25.24
N ILE C 200 -8.99 -30.64 24.95
CA ILE C 200 -8.59 -31.02 23.58
C ILE C 200 -9.78 -31.23 22.65
N ASP C 201 -10.18 -30.18 21.94
CA ASP C 201 -11.31 -30.29 21.01
C ASP C 201 -10.95 -31.26 19.90
N ARG C 202 -11.93 -31.54 19.04
CA ARG C 202 -11.71 -32.40 17.90
C ARG C 202 -12.86 -32.35 16.89
N LYS C 203 -12.64 -32.93 15.73
CA LYS C 203 -13.63 -32.91 14.63
C LYS C 203 -15.09 -33.47 14.78
N HIS C 204 -15.29 -34.77 15.02
CA HIS C 204 -16.68 -35.25 15.08
C HIS C 204 -17.44 -34.78 16.33
N LYS C 205 -18.60 -35.37 16.57
CA LYS C 205 -19.49 -35.01 17.67
C LYS C 205 -18.98 -35.04 19.12
N ALA C 206 -17.70 -35.34 19.36
CA ALA C 206 -17.21 -35.38 20.75
C ALA C 206 -15.83 -34.77 20.97
N ALA C 207 -15.68 -34.10 22.10
CA ALA C 207 -14.41 -33.48 22.50
C ALA C 207 -13.98 -34.17 23.78
N VAL C 208 -12.68 -34.11 24.11
CA VAL C 208 -12.16 -34.77 25.31
C VAL C 208 -11.25 -33.89 26.18
N GLN C 209 -11.53 -33.87 27.48
CA GLN C 209 -10.76 -33.11 28.45
C GLN C 209 -9.55 -34.01 28.74
N ILE C 210 -8.54 -34.00 27.87
CA ILE C 210 -7.37 -34.87 28.05
C ILE C 210 -6.20 -34.20 28.80
N LYS C 211 -5.29 -35.01 29.34
CA LYS C 211 -4.13 -34.49 30.06
C LYS C 211 -3.02 -34.36 29.01
N ALA C 212 -2.44 -33.16 28.90
CA ALA C 212 -1.38 -32.88 27.93
C ALA C 212 -0.09 -33.61 28.24
N PRO C 213 0.43 -34.33 27.25
CA PRO C 213 1.67 -35.07 27.47
C PRO C 213 2.85 -34.14 27.59
N PRO C 214 4.02 -34.70 27.80
CA PRO C 214 5.24 -33.92 27.91
C PRO C 214 5.42 -33.13 26.60
N LEU C 215 5.93 -31.90 26.70
CA LEU C 215 6.14 -31.13 25.49
C LEU C 215 7.60 -30.88 25.24
N LEU C 216 7.97 -30.82 23.96
CA LEU C 216 9.35 -30.52 23.53
C LEU C 216 9.25 -29.26 22.68
N VAL C 217 10.20 -28.36 22.85
CA VAL C 217 10.20 -27.12 22.08
C VAL C 217 11.60 -26.63 21.72
N THR C 218 11.74 -26.23 20.46
CA THR C 218 13.00 -25.67 19.96
C THR C 218 12.60 -24.25 19.55
N SER C 219 13.49 -23.29 19.81
CA SER C 219 13.23 -21.91 19.46
C SER C 219 14.48 -21.00 19.49
N ASN C 220 14.45 -19.90 18.70
CA ASN C 220 15.54 -18.94 18.67
C ASN C 220 15.25 -17.99 19.83
N ILE C 221 13.99 -18.01 20.26
CA ILE C 221 13.52 -17.15 21.35
C ILE C 221 13.76 -17.74 22.73
N ASP C 222 14.30 -16.94 23.64
CA ASP C 222 14.55 -17.41 24.98
C ASP C 222 13.46 -16.85 25.88
N VAL C 223 12.29 -17.48 25.87
CA VAL C 223 11.18 -17.01 26.70
C VAL C 223 11.61 -16.56 28.11
N GLN C 224 12.55 -17.27 28.71
CA GLN C 224 13.03 -16.94 30.05
C GLN C 224 13.44 -15.49 30.18
N ALA C 225 14.04 -14.92 29.14
CA ALA C 225 14.48 -13.54 29.17
C ALA C 225 13.38 -12.50 28.93
N GLU C 226 12.64 -12.65 27.83
CA GLU C 226 11.54 -11.74 27.50
C GLU C 226 10.61 -11.59 28.71
N ASP C 227 10.13 -10.38 28.96
CA ASP C 227 9.23 -10.12 30.09
C ASP C 227 7.72 -10.33 29.85
N ARG C 228 7.30 -10.33 28.59
CA ARG C 228 5.90 -10.53 28.23
C ARG C 228 5.49 -11.99 28.42
N TYR C 229 6.47 -12.85 28.60
CA TYR C 229 6.23 -14.27 28.76
C TYR C 229 6.44 -14.70 30.20
N LEU C 230 6.17 -13.78 31.13
CA LEU C 230 6.36 -14.04 32.56
C LEU C 230 5.78 -15.36 33.04
N TYR C 231 4.54 -15.65 32.67
CA TYR C 231 3.92 -16.89 33.11
C TYR C 231 4.76 -18.12 32.83
N LEU C 232 5.28 -18.19 31.61
CA LEU C 232 6.07 -19.34 31.19
C LEU C 232 7.43 -19.52 31.88
N HIS C 233 7.98 -18.48 32.53
CA HIS C 233 9.30 -18.62 33.17
C HIS C 233 9.44 -19.89 34.04
N SER C 234 8.60 -20.00 35.06
CA SER C 234 8.62 -21.15 35.96
C SER C 234 8.04 -22.44 35.36
N ARG C 235 7.43 -22.37 34.19
CA ARG C 235 6.83 -23.54 33.57
C ARG C 235 7.52 -24.08 32.30
N VAL C 236 8.75 -23.68 32.00
CA VAL C 236 9.41 -24.20 30.80
C VAL C 236 10.87 -24.37 31.13
N GLN C 237 11.35 -25.60 31.15
CA GLN C 237 12.75 -25.83 31.45
C GLN C 237 13.61 -25.54 30.23
N THR C 238 14.43 -24.51 30.34
CA THR C 238 15.28 -24.12 29.22
C THR C 238 16.71 -24.61 29.24
N PHE C 239 17.06 -25.30 28.16
CA PHE C 239 18.40 -25.82 27.93
C PHE C 239 18.77 -24.99 26.72
N ARG C 240 20.00 -24.49 26.67
CA ARG C 240 20.36 -23.68 25.52
C ARG C 240 21.60 -24.06 24.76
N PHE C 241 21.45 -24.23 23.46
CA PHE C 241 22.56 -24.58 22.60
C PHE C 241 23.15 -23.34 21.90
N GLU C 242 24.33 -22.91 22.34
CA GLU C 242 25.05 -21.74 21.79
C GLU C 242 26.17 -22.19 20.85
N GLN C 243 26.70 -23.40 21.04
CA GLN C 243 27.75 -23.88 20.16
C GLN C 243 27.13 -24.25 18.84
N PRO C 244 27.84 -24.02 17.74
CA PRO C 244 27.41 -24.30 16.38
C PRO C 244 27.77 -25.68 15.89
N CYS C 245 26.87 -26.27 15.10
CA CYS C 245 27.08 -27.58 14.53
C CYS C 245 27.58 -27.33 13.12
N THR C 246 27.17 -26.19 12.57
CA THR C 246 27.52 -25.73 11.23
C THR C 246 28.54 -26.62 10.53
N ASP C 247 29.66 -26.88 11.22
CA ASP C 247 30.71 -27.73 10.69
C ASP C 247 30.10 -28.92 9.95
N GLU C 248 30.37 -29.02 8.66
CA GLU C 248 29.82 -30.12 7.87
C GLU C 248 30.58 -30.39 6.57
N SER C 249 31.59 -29.58 6.29
CA SER C 249 32.39 -29.76 5.08
C SER C 249 33.23 -31.02 5.16
N GLY C 250 32.90 -32.02 4.33
CA GLY C 250 33.65 -33.26 4.34
C GLY C 250 33.12 -34.32 5.29
N GLU C 251 33.55 -34.27 6.55
CA GLU C 251 33.13 -35.25 7.56
C GLU C 251 31.67 -35.04 7.93
N GLN C 252 30.83 -36.03 7.61
CA GLN C 252 29.41 -35.97 7.92
C GLN C 252 29.22 -36.20 9.42
N PRO C 253 29.09 -35.12 10.18
CA PRO C 253 28.92 -35.00 11.64
C PRO C 253 27.92 -35.85 12.41
N PHE C 254 27.34 -35.18 13.41
CA PHE C 254 26.39 -35.70 14.38
C PHE C 254 24.95 -35.90 13.94
N ASN C 255 24.35 -36.97 14.49
CA ASN C 255 22.98 -37.33 14.24
C ASN C 255 22.62 -38.40 15.25
N ILE C 256 21.87 -38.01 16.28
CA ILE C 256 21.44 -38.92 17.34
C ILE C 256 20.43 -39.89 16.71
N THR C 257 20.59 -41.19 16.96
CA THR C 257 19.64 -42.17 16.39
C THR C 257 18.92 -42.96 17.47
N ASP C 258 17.79 -43.56 17.08
CA ASP C 258 17.00 -44.38 17.99
C ASP C 258 17.91 -45.27 18.85
N ALA C 259 18.92 -45.84 18.22
CA ALA C 259 19.86 -46.70 18.93
C ALA C 259 20.47 -45.89 20.05
N ASP C 260 21.08 -44.76 19.69
CA ASP C 260 21.71 -43.89 20.65
C ASP C 260 20.78 -43.69 21.83
N TRP C 261 19.53 -43.36 21.54
CA TRP C 261 18.56 -43.16 22.60
C TRP C 261 18.29 -44.44 23.42
N LYS C 262 18.32 -45.58 22.73
CA LYS C 262 18.11 -46.86 23.39
C LYS C 262 19.16 -46.94 24.51
N SER C 263 20.43 -46.96 24.13
CA SER C 263 21.53 -47.00 25.09
C SER C 263 21.27 -46.03 26.20
N PHE C 264 20.96 -44.79 25.83
CA PHE C 264 20.73 -43.72 26.79
C PHE C 264 19.75 -44.12 27.89
N PHE C 265 18.59 -44.61 27.49
CA PHE C 265 17.60 -45.03 28.48
C PHE C 265 18.04 -46.29 29.20
N VAL C 266 18.33 -47.34 28.45
CA VAL C 266 18.79 -48.59 29.03
C VAL C 266 19.77 -48.27 30.16
N ARG C 267 20.91 -47.70 29.81
CA ARG C 267 21.94 -47.38 30.79
C ARG C 267 21.55 -46.33 31.83
N LEU C 268 20.51 -45.53 31.56
CA LEU C 268 20.12 -44.51 32.55
C LEU C 268 18.76 -44.79 33.15
N TRP C 269 18.31 -46.02 32.93
CA TRP C 269 17.02 -46.42 33.42
C TRP C 269 16.90 -46.19 34.91
N GLY C 270 17.90 -46.66 35.65
CA GLY C 270 17.89 -46.49 37.08
C GLY C 270 17.73 -45.04 37.49
N ARG C 271 18.65 -44.20 37.02
CA ARG C 271 18.62 -42.78 37.38
C ARG C 271 17.39 -42.00 36.98
N LEU C 272 16.77 -42.39 35.88
CA LEU C 272 15.59 -41.69 35.40
C LEU C 272 14.34 -41.93 36.24
N ASP C 273 14.46 -42.83 37.20
CA ASP C 273 13.37 -43.22 38.09
C ASP C 273 12.24 -43.85 37.28
N LEU C 274 12.61 -44.74 36.36
CA LEU C 274 11.66 -45.45 35.54
C LEU C 274 11.42 -46.83 36.15
N THR D 5 -23.00 -66.53 -17.49
CA THR D 5 -22.68 -65.54 -16.42
C THR D 5 -21.73 -64.47 -16.94
N GLU D 6 -21.61 -63.40 -16.19
CA GLU D 6 -20.74 -62.28 -16.54
C GLU D 6 -20.63 -61.37 -15.34
N LYS D 7 -20.43 -61.96 -14.17
CA LYS D 7 -20.30 -61.20 -12.93
C LYS D 7 -19.01 -60.38 -12.96
N PHE D 8 -19.17 -59.06 -12.84
CA PHE D 8 -18.05 -58.12 -12.85
C PHE D 8 -17.04 -58.40 -11.74
N ASP D 9 -15.77 -58.56 -12.07
CA ASP D 9 -14.76 -58.79 -11.02
C ASP D 9 -13.94 -57.54 -10.78
N PHE D 10 -14.27 -56.83 -9.70
CA PHE D 10 -13.56 -55.61 -9.34
C PHE D 10 -12.04 -55.80 -9.38
N GLY D 11 -11.53 -56.68 -8.52
CA GLY D 11 -10.10 -56.94 -8.50
C GLY D 11 -9.45 -56.94 -9.87
N THR D 12 -10.17 -57.39 -10.89
CA THR D 12 -9.66 -57.44 -12.25
C THR D 12 -9.39 -56.05 -12.79
N MET D 13 -10.41 -55.21 -12.71
CA MET D 13 -10.31 -53.85 -13.19
C MET D 13 -9.12 -53.18 -12.53
N VAL D 14 -9.06 -53.28 -11.22
CA VAL D 14 -7.95 -52.69 -10.50
C VAL D 14 -6.66 -53.12 -11.18
N GLN D 15 -6.36 -54.42 -11.21
CA GLN D 15 -5.14 -54.91 -11.84
C GLN D 15 -4.94 -54.16 -13.13
N TRP D 16 -5.96 -54.24 -13.99
CA TRP D 16 -5.89 -53.56 -15.26
C TRP D 16 -5.38 -52.15 -15.04
N ALA D 17 -6.20 -51.38 -14.32
CA ALA D 17 -5.87 -50.01 -13.99
C ALA D 17 -4.41 -49.97 -13.56
N TYR D 18 -4.10 -50.70 -12.52
CA TYR D 18 -2.75 -50.71 -12.01
C TYR D 18 -1.69 -50.98 -13.07
N ASP D 19 -1.95 -51.92 -13.97
CA ASP D 19 -0.94 -52.23 -14.99
C ASP D 19 -0.62 -51.03 -15.87
N HIS D 20 -1.66 -50.32 -16.30
CA HIS D 20 -1.51 -49.14 -17.16
C HIS D 20 -1.23 -47.88 -16.35
N LYS D 21 -0.98 -48.04 -15.05
CA LYS D 21 -0.72 -46.92 -14.16
C LYS D 21 -1.81 -45.84 -14.26
N TYR D 22 -3.04 -46.28 -14.47
CA TYR D 22 -4.19 -45.37 -14.56
C TYR D 22 -4.67 -45.13 -13.14
N ALA D 23 -4.48 -43.91 -12.65
CA ALA D 23 -4.88 -43.59 -11.27
C ALA D 23 -5.98 -42.57 -11.13
N GLU D 24 -6.45 -41.99 -12.22
CA GLU D 24 -7.54 -41.05 -12.05
C GLU D 24 -8.85 -41.57 -12.63
N GLU D 25 -9.88 -41.53 -11.80
CA GLU D 25 -11.19 -41.96 -12.18
C GLU D 25 -11.45 -41.67 -13.65
N SER D 26 -11.66 -40.39 -13.97
CA SER D 26 -11.92 -39.93 -15.33
C SER D 26 -11.35 -40.86 -16.38
N LYS D 27 -10.05 -41.14 -16.29
CA LYS D 27 -9.41 -42.00 -17.26
C LYS D 27 -9.88 -43.44 -17.10
N ILE D 28 -9.51 -44.08 -16.00
CA ILE D 28 -9.94 -45.46 -15.71
C ILE D 28 -11.32 -45.77 -16.28
N ALA D 29 -12.27 -44.89 -15.97
CA ALA D 29 -13.63 -45.06 -16.46
C ALA D 29 -13.65 -45.17 -17.97
N TYR D 30 -13.26 -44.08 -18.62
CA TYR D 30 -13.21 -43.98 -20.08
C TYR D 30 -12.40 -45.08 -20.75
N GLU D 31 -11.12 -45.14 -20.40
CA GLU D 31 -10.23 -46.12 -20.98
C GLU D 31 -10.84 -47.51 -20.90
N TYR D 32 -11.35 -47.88 -19.73
CA TYR D 32 -11.94 -49.21 -19.57
C TYR D 32 -13.12 -49.40 -20.51
N ALA D 33 -14.09 -48.50 -20.43
CA ALA D 33 -15.27 -48.60 -21.28
C ALA D 33 -14.86 -48.89 -22.71
N LEU D 34 -13.66 -48.46 -23.07
CA LEU D 34 -13.15 -48.68 -24.41
C LEU D 34 -12.76 -50.14 -24.58
N ALA D 35 -12.03 -50.66 -23.59
CA ALA D 35 -11.60 -52.04 -23.62
C ALA D 35 -12.82 -52.96 -23.51
N ALA D 36 -14.00 -52.37 -23.45
CA ALA D 36 -15.23 -53.15 -23.34
C ALA D 36 -15.49 -53.94 -24.61
N GLY D 37 -14.88 -53.53 -25.73
CA GLY D 37 -15.09 -54.23 -26.98
C GLY D 37 -14.51 -55.63 -26.97
N SER D 38 -13.31 -55.75 -26.41
CA SER D 38 -12.61 -57.02 -26.34
C SER D 38 -12.19 -57.39 -24.92
N ASP D 39 -13.15 -57.35 -24.00
CA ASP D 39 -12.89 -57.70 -22.60
C ASP D 39 -14.19 -58.00 -21.86
N SER D 40 -14.38 -59.26 -21.49
CA SER D 40 -15.58 -59.72 -20.79
C SER D 40 -15.87 -58.95 -19.50
N ASN D 41 -14.84 -58.69 -18.70
CA ASN D 41 -15.00 -57.97 -17.45
C ASN D 41 -15.42 -56.50 -17.62
N ALA D 42 -14.77 -55.76 -18.52
CA ALA D 42 -15.15 -54.38 -18.76
C ALA D 42 -16.58 -54.38 -19.24
N ARG D 43 -16.91 -55.37 -20.07
CA ARG D 43 -18.26 -55.44 -20.58
C ARG D 43 -19.18 -55.69 -19.39
N ALA D 44 -18.70 -56.48 -18.43
CA ALA D 44 -19.46 -56.77 -17.22
C ALA D 44 -19.65 -55.45 -16.47
N PHE D 45 -18.54 -54.70 -16.37
CA PHE D 45 -18.49 -53.40 -15.71
C PHE D 45 -19.60 -52.48 -16.21
N LEU D 46 -19.62 -52.23 -17.51
CA LEU D 46 -20.66 -51.38 -18.08
C LEU D 46 -22.05 -51.93 -17.77
N ALA D 47 -22.10 -53.17 -17.32
CA ALA D 47 -23.36 -53.81 -17.00
C ALA D 47 -23.76 -53.52 -15.56
N THR D 48 -22.78 -53.12 -14.76
CA THR D 48 -23.03 -52.82 -13.35
C THR D 48 -23.91 -51.61 -13.15
N ASN D 49 -24.81 -51.70 -12.16
CA ASN D 49 -25.72 -50.62 -11.86
C ASN D 49 -24.99 -49.58 -11.02
N SER D 50 -23.73 -49.88 -10.69
CA SER D 50 -22.90 -48.99 -9.89
C SER D 50 -21.47 -48.80 -10.43
N GLN D 51 -21.35 -48.45 -11.70
CA GLN D 51 -20.02 -48.25 -12.29
C GLN D 51 -19.28 -47.19 -11.50
N ALA D 52 -20.03 -46.13 -11.14
CA ALA D 52 -19.53 -44.99 -10.38
C ALA D 52 -18.67 -45.49 -9.23
N LYS D 53 -19.33 -46.16 -8.28
CA LYS D 53 -18.65 -46.70 -7.12
C LYS D 53 -17.41 -47.46 -7.52
N HIS D 54 -17.49 -48.23 -8.61
CA HIS D 54 -16.33 -49.01 -9.01
C HIS D 54 -15.19 -48.18 -9.56
N VAL D 55 -15.51 -47.18 -10.37
CA VAL D 55 -14.46 -46.34 -10.91
C VAL D 55 -13.78 -45.64 -9.72
N LYS D 56 -14.61 -45.09 -8.84
CA LYS D 56 -14.08 -44.43 -7.66
C LYS D 56 -13.15 -45.40 -6.94
N ASP D 57 -13.72 -46.42 -6.31
CA ASP D 57 -12.91 -47.38 -5.58
C ASP D 57 -11.73 -47.92 -6.39
N CYS D 58 -11.92 -48.19 -7.68
CA CYS D 58 -10.81 -48.70 -8.48
C CYS D 58 -9.65 -47.79 -8.30
N ALA D 59 -9.88 -46.53 -8.63
CA ALA D 59 -8.88 -45.49 -8.54
C ALA D 59 -8.27 -45.53 -7.14
N THR D 60 -9.11 -45.31 -6.13
CA THR D 60 -8.65 -45.33 -4.75
C THR D 60 -7.70 -46.48 -4.56
N MET D 61 -8.13 -47.65 -4.99
CA MET D 61 -7.34 -48.85 -4.82
C MET D 61 -5.99 -48.74 -5.54
N VAL D 62 -6.02 -48.21 -6.76
CA VAL D 62 -4.81 -48.07 -7.53
C VAL D 62 -3.82 -47.15 -6.87
N ARG D 63 -4.28 -45.94 -6.55
CA ARG D 63 -3.37 -44.98 -5.95
C ARG D 63 -2.82 -45.62 -4.71
N HIS D 64 -3.67 -46.38 -4.02
CA HIS D 64 -3.26 -47.09 -2.81
C HIS D 64 -1.98 -47.86 -3.03
N TYR D 65 -1.96 -48.66 -4.08
CA TYR D 65 -0.80 -49.47 -4.36
C TYR D 65 0.34 -48.55 -4.71
N LEU D 66 0.16 -47.81 -5.80
CA LEU D 66 1.20 -46.91 -6.26
C LEU D 66 1.97 -46.18 -5.15
N ARG D 67 1.24 -45.58 -4.21
CA ARG D 67 1.90 -44.87 -3.15
C ARG D 67 2.78 -45.86 -2.46
N ALA D 68 2.18 -46.91 -1.91
CA ALA D 68 2.91 -47.94 -1.17
C ALA D 68 4.19 -48.33 -1.88
N GLU D 69 4.06 -48.55 -3.19
CA GLU D 69 5.17 -48.94 -4.04
C GLU D 69 6.25 -47.87 -4.19
N THR D 70 5.83 -46.61 -4.35
CA THR D 70 6.80 -45.51 -4.46
C THR D 70 7.46 -45.22 -3.11
N GLN D 71 6.64 -45.14 -2.07
CA GLN D 71 7.12 -44.89 -0.71
C GLN D 71 8.06 -45.99 -0.25
N ALA D 72 8.01 -47.13 -0.92
CA ALA D 72 8.84 -48.27 -0.56
C ALA D 72 10.34 -48.09 -0.86
N LEU D 73 10.66 -47.69 -2.09
CA LEU D 73 12.03 -47.51 -2.54
C LEU D 73 12.99 -46.69 -1.70
N SER D 74 14.16 -46.46 -2.30
CA SER D 74 15.22 -45.65 -1.73
C SER D 74 15.34 -44.51 -2.73
N MET D 75 15.95 -43.39 -2.35
CA MET D 75 16.05 -42.26 -3.28
C MET D 75 16.76 -42.63 -4.56
N PRO D 76 17.86 -43.39 -4.46
CA PRO D 76 18.59 -43.79 -5.67
C PRO D 76 17.66 -44.66 -6.50
N ALA D 77 17.18 -45.72 -5.85
CA ALA D 77 16.24 -46.64 -6.49
C ALA D 77 15.14 -45.85 -7.19
N TYR D 78 14.57 -44.87 -6.48
CA TYR D 78 13.52 -44.04 -7.05
C TYR D 78 14.05 -43.31 -8.29
N ILE D 79 15.15 -42.58 -8.11
CA ILE D 79 15.77 -41.83 -9.18
C ILE D 79 16.03 -42.78 -10.32
N LYS D 80 16.65 -43.91 -9.98
CA LYS D 80 16.96 -44.98 -10.94
C LYS D 80 15.70 -45.28 -11.77
N ALA D 81 14.59 -45.51 -11.08
CA ALA D 81 13.34 -45.80 -11.75
C ALA D 81 12.86 -44.61 -12.57
N ARG D 82 13.15 -43.39 -12.10
CA ARG D 82 12.74 -42.18 -12.79
C ARG D 82 13.53 -42.04 -14.07
N CYS D 83 14.63 -42.78 -14.13
CA CYS D 83 15.46 -42.78 -15.32
C CYS D 83 14.82 -43.69 -16.37
N LYS D 84 14.42 -44.90 -15.98
CA LYS D 84 13.78 -45.81 -16.93
C LYS D 84 12.64 -45.07 -17.64
N LEU D 85 11.93 -44.22 -16.91
CA LEU D 85 10.83 -43.47 -17.50
C LEU D 85 11.26 -42.44 -18.54
N ALA D 86 12.45 -41.88 -18.35
CA ALA D 86 12.93 -40.86 -19.27
C ALA D 86 13.24 -41.42 -20.65
N THR D 87 12.42 -41.03 -21.62
CA THR D 87 12.59 -41.45 -23.00
C THR D 87 13.12 -40.27 -23.80
N GLY D 88 13.66 -40.56 -24.98
CA GLY D 88 14.18 -39.50 -25.83
C GLY D 88 15.69 -39.35 -25.74
N GLU D 89 16.23 -38.42 -26.53
CA GLU D 89 17.66 -38.18 -26.55
C GLU D 89 17.99 -36.72 -26.23
N GLY D 90 18.99 -36.56 -25.37
CA GLY D 90 19.46 -35.27 -24.90
C GLY D 90 20.77 -35.55 -24.16
N SER D 91 21.29 -34.60 -23.40
CA SER D 91 22.57 -34.85 -22.72
C SER D 91 22.83 -33.94 -21.53
N TRP D 92 23.63 -34.42 -20.58
CA TRP D 92 23.96 -33.64 -19.39
C TRP D 92 24.64 -32.32 -19.75
N LYS D 93 25.29 -32.30 -20.91
CA LYS D 93 25.97 -31.11 -21.36
C LYS D 93 25.02 -29.91 -21.44
N SER D 94 23.78 -30.17 -21.85
CA SER D 94 22.77 -29.12 -21.96
C SER D 94 22.58 -28.48 -20.60
N ILE D 95 22.59 -29.31 -19.57
CA ILE D 95 22.44 -28.84 -18.21
C ILE D 95 23.69 -28.04 -17.89
N LEU D 96 24.85 -28.69 -18.04
CA LEU D 96 26.12 -28.02 -17.79
C LEU D 96 26.16 -26.66 -18.49
N THR D 97 25.95 -26.69 -19.80
CA THR D 97 25.93 -25.50 -20.61
C THR D 97 25.17 -24.35 -19.97
N PHE D 98 23.95 -24.65 -19.52
CA PHE D 98 23.10 -23.64 -18.91
C PHE D 98 23.63 -23.08 -17.60
N PHE D 99 24.08 -23.96 -16.73
CA PHE D 99 24.64 -23.52 -15.47
C PHE D 99 25.85 -22.63 -15.72
N ASN D 100 26.67 -23.03 -16.70
CA ASN D 100 27.84 -22.26 -17.06
C ASN D 100 27.34 -20.92 -17.56
N TYR D 101 26.35 -20.97 -18.44
CA TYR D 101 25.79 -19.75 -18.98
C TYR D 101 25.38 -18.82 -17.86
N GLN D 102 24.91 -19.39 -16.76
CA GLN D 102 24.47 -18.57 -15.63
C GLN D 102 25.64 -18.24 -14.73
N ASN D 103 26.83 -18.62 -15.14
CA ASN D 103 28.05 -18.36 -14.39
C ASN D 103 28.05 -19.02 -13.02
N ILE D 104 27.84 -20.34 -13.01
CA ILE D 104 27.82 -21.12 -11.78
C ILE D 104 28.57 -22.44 -11.97
N GLU D 105 29.62 -22.65 -11.19
CA GLU D 105 30.43 -23.86 -11.29
C GLU D 105 29.60 -25.09 -11.00
N LEU D 106 29.51 -25.98 -11.97
CA LEU D 106 28.72 -27.20 -11.82
C LEU D 106 29.01 -27.87 -10.49
N ILE D 107 30.27 -28.02 -10.15
CA ILE D 107 30.60 -28.66 -8.88
C ILE D 107 29.74 -28.04 -7.78
N THR D 108 29.44 -26.76 -7.90
CA THR D 108 28.65 -26.12 -6.88
C THR D 108 27.21 -26.61 -6.83
N PHE D 109 26.60 -26.78 -7.99
CA PHE D 109 25.23 -27.26 -8.07
C PHE D 109 25.16 -28.75 -7.80
N ILE D 110 26.25 -29.45 -8.08
CA ILE D 110 26.28 -30.89 -7.83
C ILE D 110 26.42 -31.13 -6.34
N ASN D 111 27.39 -30.48 -5.70
CA ASN D 111 27.58 -30.65 -4.27
C ASN D 111 26.31 -30.32 -3.50
N ALA D 112 25.57 -29.34 -3.99
CA ALA D 112 24.33 -28.90 -3.36
C ALA D 112 23.27 -29.94 -3.58
N LEU D 113 23.15 -30.34 -4.84
CA LEU D 113 22.16 -31.35 -5.23
C LEU D 113 22.37 -32.69 -4.53
N LYS D 114 23.62 -33.00 -4.19
CA LYS D 114 23.95 -34.24 -3.52
C LYS D 114 23.20 -34.32 -2.24
N LEU D 115 23.44 -33.37 -1.35
CA LEU D 115 22.77 -33.38 -0.07
C LEU D 115 21.28 -33.09 -0.18
N TRP D 116 20.87 -32.47 -1.27
CA TRP D 116 19.45 -32.19 -1.43
C TRP D 116 18.69 -33.50 -1.60
N LEU D 117 19.15 -34.34 -2.52
CA LEU D 117 18.49 -35.62 -2.73
C LEU D 117 18.50 -36.45 -1.44
N LYS D 118 19.55 -36.28 -0.64
CA LYS D 118 19.65 -37.02 0.61
C LYS D 118 18.73 -36.49 1.71
N GLY D 119 18.08 -35.35 1.43
CA GLY D 119 17.20 -34.75 2.41
C GLY D 119 17.83 -34.44 3.75
N ILE D 120 19.11 -34.13 3.77
CA ILE D 120 19.75 -33.81 5.03
C ILE D 120 19.20 -32.50 5.55
N PRO D 121 18.65 -32.51 6.77
CA PRO D 121 18.06 -31.34 7.42
C PRO D 121 18.76 -30.01 7.15
N LYS D 122 17.97 -29.04 6.69
CA LYS D 122 18.46 -27.69 6.40
C LYS D 122 19.22 -27.53 5.11
N LYS D 123 19.48 -28.64 4.43
CA LYS D 123 20.16 -28.62 3.15
C LYS D 123 19.15 -29.31 2.26
N ASN D 124 17.89 -29.02 2.55
CA ASN D 124 16.73 -29.63 1.89
C ASN D 124 15.96 -28.65 1.00
N CYS D 125 16.45 -27.42 0.90
CA CYS D 125 15.75 -26.44 0.08
C CYS D 125 16.67 -25.63 -0.78
N LEU D 126 16.42 -25.65 -2.09
CA LEU D 126 17.26 -24.90 -3.02
C LEU D 126 16.46 -23.78 -3.65
N ALA D 127 17.00 -22.58 -3.62
CA ALA D 127 16.29 -21.46 -4.19
C ALA D 127 17.00 -20.97 -5.42
N PHE D 128 16.24 -20.72 -6.47
CA PHE D 128 16.78 -20.20 -7.70
C PHE D 128 16.20 -18.82 -7.83
N ILE D 129 16.98 -17.84 -7.37
CA ILE D 129 16.63 -16.43 -7.38
C ILE D 129 17.20 -15.69 -8.60
N GLY D 130 16.52 -14.65 -9.06
CA GLY D 130 16.99 -13.88 -10.20
C GLY D 130 15.91 -13.04 -10.86
N PRO D 131 16.29 -12.04 -11.69
CA PRO D 131 15.33 -11.17 -12.37
C PRO D 131 14.46 -11.95 -13.33
N PRO D 132 13.25 -11.48 -13.60
CA PRO D 132 12.43 -12.25 -14.52
C PRO D 132 13.14 -12.69 -15.81
N ASN D 133 12.73 -13.84 -16.35
CA ASN D 133 13.27 -14.41 -17.60
C ASN D 133 14.72 -14.86 -17.56
N THR D 134 15.13 -15.54 -16.49
CA THR D 134 16.50 -16.02 -16.39
C THR D 134 16.62 -17.55 -16.38
N GLY D 135 15.52 -18.22 -16.73
CA GLY D 135 15.51 -19.69 -16.77
C GLY D 135 15.26 -20.44 -15.48
N LYS D 136 14.78 -19.74 -14.46
CA LYS D 136 14.50 -20.34 -13.15
C LYS D 136 13.37 -21.38 -13.16
N SER D 137 12.16 -20.98 -13.49
CA SER D 137 11.07 -21.94 -13.54
C SER D 137 11.53 -22.98 -14.53
N MET D 138 11.94 -22.50 -15.69
CA MET D 138 12.43 -23.34 -16.77
C MET D 138 13.19 -24.52 -16.19
N LEU D 139 14.23 -24.22 -15.43
CA LEU D 139 15.04 -25.28 -14.86
C LEU D 139 14.25 -26.07 -13.83
N CYS D 140 13.96 -25.44 -12.72
CA CYS D 140 13.23 -26.11 -11.67
C CYS D 140 12.18 -27.04 -12.20
N ASN D 141 11.22 -26.51 -12.95
CA ASN D 141 10.19 -27.38 -13.49
C ASN D 141 10.80 -28.62 -14.10
N SER D 142 11.71 -28.47 -15.05
CA SER D 142 12.30 -29.66 -15.66
C SER D 142 12.77 -30.72 -14.65
N LEU D 143 13.62 -30.30 -13.72
CA LEU D 143 14.15 -31.23 -12.72
C LEU D 143 13.05 -31.87 -11.88
N ILE D 144 11.95 -31.15 -11.70
CA ILE D 144 10.85 -31.67 -10.91
C ILE D 144 10.09 -32.65 -11.76
N HIS D 145 9.92 -32.31 -13.03
CA HIS D 145 9.22 -33.19 -13.93
C HIS D 145 9.97 -34.50 -13.98
N PHE D 146 11.27 -34.43 -14.20
CA PHE D 146 12.07 -35.64 -14.28
C PHE D 146 11.93 -36.53 -13.05
N LEU D 147 11.92 -35.90 -11.88
CA LEU D 147 11.80 -36.63 -10.63
C LEU D 147 10.36 -37.03 -10.40
N GLY D 148 9.44 -36.50 -11.19
CA GLY D 148 8.06 -36.84 -11.01
C GLY D 148 7.57 -36.23 -9.70
N GLY D 149 8.07 -35.03 -9.43
CA GLY D 149 7.70 -34.33 -8.21
C GLY D 149 6.44 -33.51 -8.39
N SER D 150 5.87 -33.06 -7.26
CA SER D 150 4.66 -32.28 -7.29
C SER D 150 4.88 -30.81 -6.92
N VAL D 151 3.98 -29.99 -7.44
CA VAL D 151 3.95 -28.57 -7.24
C VAL D 151 2.95 -28.18 -6.13
N LEU D 152 3.41 -27.47 -5.10
CA LEU D 152 2.51 -26.99 -4.04
C LEU D 152 1.91 -25.72 -4.65
N SER D 153 0.65 -25.41 -4.38
CA SER D 153 0.10 -24.17 -4.96
C SER D 153 -0.38 -23.22 -3.90
N PHE D 154 0.56 -22.43 -3.37
CA PHE D 154 0.30 -21.47 -2.31
C PHE D 154 -1.06 -20.73 -2.31
N ALA D 155 -1.71 -20.62 -3.45
CA ALA D 155 -3.01 -19.94 -3.51
C ALA D 155 -4.01 -20.70 -2.70
N ASN D 156 -3.69 -21.93 -2.37
CA ASN D 156 -4.64 -22.72 -1.61
C ASN D 156 -4.21 -22.82 -0.16
N HIS D 157 -3.11 -22.16 0.22
CA HIS D 157 -2.61 -22.28 1.58
C HIS D 157 -3.69 -22.00 2.60
N LYS D 158 -4.78 -21.36 2.16
CA LYS D 158 -5.89 -21.07 3.06
C LYS D 158 -6.52 -22.40 3.54
N SER D 159 -6.36 -23.46 2.75
CA SER D 159 -6.89 -24.79 3.08
C SER D 159 -5.79 -25.70 3.60
N HIS D 160 -5.99 -26.31 4.76
CA HIS D 160 -4.97 -27.18 5.34
C HIS D 160 -4.78 -28.46 4.56
N PHE D 161 -5.31 -28.49 3.35
CA PHE D 161 -5.17 -29.64 2.47
C PHE D 161 -4.18 -29.30 1.34
N TRP D 162 -3.59 -28.12 1.39
CA TRP D 162 -2.71 -27.72 0.33
C TRP D 162 -1.42 -28.53 0.36
N LEU D 163 -0.95 -28.90 1.54
CA LEU D 163 0.30 -29.64 1.61
C LEU D 163 0.23 -31.15 1.40
N ALA D 164 -0.98 -31.65 1.15
CA ALA D 164 -1.22 -33.08 0.95
C ALA D 164 -0.14 -33.69 0.06
N SER D 165 0.13 -33.02 -1.04
CA SER D 165 1.14 -33.49 -1.95
C SER D 165 2.34 -33.95 -1.11
N LEU D 166 2.76 -33.12 -0.15
CA LEU D 166 3.93 -33.43 0.67
C LEU D 166 3.96 -34.78 1.36
N ALA D 167 2.85 -35.50 1.34
CA ALA D 167 2.86 -36.81 1.96
C ALA D 167 3.00 -37.90 0.87
N ASP D 168 3.23 -37.48 -0.36
CA ASP D 168 3.35 -38.42 -1.44
C ASP D 168 4.62 -38.32 -2.27
N THR D 169 4.90 -37.16 -2.85
CA THR D 169 6.08 -36.97 -3.71
C THR D 169 7.44 -36.97 -3.03
N ARG D 170 8.48 -37.24 -3.81
CA ARG D 170 9.84 -37.30 -3.27
C ARG D 170 10.46 -35.91 -3.36
N ALA D 171 9.82 -35.02 -4.11
CA ALA D 171 10.34 -33.67 -4.24
C ALA D 171 9.23 -32.73 -4.65
N ALA D 172 9.17 -31.57 -4.03
CA ALA D 172 8.13 -30.62 -4.36
C ALA D 172 8.82 -29.33 -4.77
N LEU D 173 8.09 -28.45 -5.44
CA LEU D 173 8.65 -27.19 -5.92
C LEU D 173 7.64 -26.09 -5.79
N VAL D 174 8.08 -24.95 -5.24
CA VAL D 174 7.24 -23.75 -5.13
C VAL D 174 7.76 -22.79 -6.19
N ASP D 175 7.04 -22.67 -7.30
CA ASP D 175 7.48 -21.78 -8.35
C ASP D 175 7.01 -20.34 -8.19
N ASP D 176 7.98 -19.43 -8.14
CA ASP D 176 7.72 -17.99 -7.98
C ASP D 176 7.12 -17.65 -6.64
N ALA D 177 7.97 -17.65 -5.62
CA ALA D 177 7.53 -17.31 -4.27
C ALA D 177 7.51 -15.81 -4.17
N THR D 178 6.39 -15.26 -3.73
CA THR D 178 6.28 -13.82 -3.58
C THR D 178 6.71 -13.51 -2.15
N HIS D 179 6.48 -12.29 -1.67
CA HIS D 179 6.85 -11.97 -0.31
C HIS D 179 5.88 -12.67 0.62
N ALA D 180 4.59 -12.57 0.30
CA ALA D 180 3.59 -13.23 1.10
C ALA D 180 4.01 -14.66 1.36
N CYS D 181 4.32 -15.38 0.28
CA CYS D 181 4.75 -16.76 0.38
C CYS D 181 5.99 -16.96 1.28
N TRP D 182 7.08 -16.25 1.03
CA TRP D 182 8.24 -16.43 1.88
C TRP D 182 7.83 -16.12 3.29
N ARG D 183 6.97 -15.12 3.48
CA ARG D 183 6.55 -14.83 4.85
C ARG D 183 6.01 -16.12 5.42
N TYR D 184 4.97 -16.66 4.80
CA TYR D 184 4.36 -17.89 5.26
C TYR D 184 5.43 -18.93 5.56
N PHE D 185 6.31 -19.19 4.60
CA PHE D 185 7.33 -20.18 4.87
C PHE D 185 8.10 -19.88 6.15
N ASP D 186 8.62 -18.67 6.29
CA ASP D 186 9.38 -18.32 7.49
C ASP D 186 8.55 -18.51 8.75
N THR D 187 7.25 -18.31 8.62
CA THR D 187 6.35 -18.39 9.75
C THR D 187 5.80 -19.74 10.18
N TYR D 188 5.65 -20.65 9.24
CA TYR D 188 5.07 -21.92 9.61
C TYR D 188 5.85 -23.12 9.18
N LEU D 189 6.33 -23.08 7.95
CA LEU D 189 7.04 -24.19 7.38
C LEU D 189 8.54 -24.36 7.67
N ARG D 190 9.05 -23.73 8.72
CA ARG D 190 10.46 -23.93 8.99
C ARG D 190 10.69 -25.43 9.19
N ASN D 191 9.82 -26.13 9.94
CA ASN D 191 10.03 -27.57 10.14
C ASN D 191 10.02 -28.30 8.79
N ALA D 192 9.45 -27.68 7.75
CA ALA D 192 9.39 -28.31 6.42
C ALA D 192 10.63 -28.06 5.63
N LEU D 193 10.91 -26.79 5.35
CA LEU D 193 12.09 -26.41 4.61
C LEU D 193 13.29 -27.15 5.19
N ASP D 194 13.28 -27.34 6.50
CA ASP D 194 14.35 -28.06 7.18
C ASP D 194 14.43 -29.49 6.72
N GLY D 195 13.29 -30.04 6.30
CA GLY D 195 13.24 -31.41 5.82
C GLY D 195 13.02 -32.40 6.96
N TYR D 196 12.39 -31.95 8.04
CA TYR D 196 12.14 -32.83 9.15
C TYR D 196 10.75 -33.39 9.01
N PRO D 197 10.38 -34.31 9.91
CA PRO D 197 9.05 -34.89 9.85
C PRO D 197 8.02 -33.80 10.09
N VAL D 198 6.92 -33.87 9.37
CA VAL D 198 5.86 -32.90 9.50
C VAL D 198 4.55 -33.68 9.34
N SER D 199 3.47 -33.15 9.92
CA SER D 199 2.17 -33.81 9.86
C SER D 199 1.36 -33.32 8.67
N ILE D 200 1.00 -34.22 7.76
CA ILE D 200 0.22 -33.81 6.61
C ILE D 200 -1.21 -34.23 6.63
N ASP D 201 -2.13 -33.30 6.39
CA ASP D 201 -3.55 -33.58 6.37
C ASP D 201 -3.98 -33.89 4.93
N ARG D 202 -4.78 -34.94 4.76
CA ARG D 202 -5.27 -35.36 3.44
C ARG D 202 -6.76 -35.58 3.49
N LYS D 203 -7.45 -35.30 2.39
CA LYS D 203 -8.90 -35.48 2.39
C LYS D 203 -9.23 -36.96 2.49
N HIS D 204 -10.32 -37.28 3.20
CA HIS D 204 -10.76 -38.67 3.35
C HIS D 204 -9.87 -39.59 4.18
N LYS D 205 -8.56 -39.37 4.11
CA LYS D 205 -7.59 -40.17 4.85
C LYS D 205 -7.34 -39.60 6.25
N ALA D 206 -6.34 -40.11 6.95
CA ALA D 206 -6.01 -39.65 8.28
C ALA D 206 -4.68 -38.90 8.26
N ALA D 207 -4.41 -38.15 9.32
CA ALA D 207 -3.16 -37.41 9.41
C ALA D 207 -2.03 -38.34 9.03
N VAL D 208 -0.89 -37.76 8.68
CA VAL D 208 0.29 -38.53 8.31
C VAL D 208 1.54 -37.75 8.67
N GLN D 209 2.37 -38.33 9.51
CA GLN D 209 3.59 -37.68 9.94
C GLN D 209 4.73 -38.26 9.12
N ILE D 210 5.05 -37.59 8.03
CA ILE D 210 6.13 -38.06 7.19
C ILE D 210 7.18 -36.96 7.05
N LYS D 211 8.42 -37.33 6.74
CA LYS D 211 9.47 -36.33 6.57
C LYS D 211 9.16 -35.48 5.34
N ALA D 212 9.14 -34.15 5.53
CA ALA D 212 8.86 -33.25 4.42
C ALA D 212 9.94 -33.53 3.42
N PRO D 213 9.57 -33.68 2.15
CA PRO D 213 10.53 -33.94 1.10
C PRO D 213 11.33 -32.71 0.64
N PRO D 214 12.27 -32.91 -0.31
CA PRO D 214 13.10 -31.82 -0.83
C PRO D 214 12.27 -30.75 -1.57
N LEU D 215 12.64 -29.49 -1.32
CA LEU D 215 11.96 -28.36 -1.92
C LEU D 215 12.77 -27.57 -2.92
N LEU D 216 12.08 -27.08 -3.94
CA LEU D 216 12.68 -26.25 -4.97
C LEU D 216 11.79 -25.05 -5.04
N VAL D 217 12.40 -23.88 -4.97
CA VAL D 217 11.68 -22.62 -5.02
C VAL D 217 12.39 -21.73 -6.01
N THR D 218 11.58 -20.94 -6.72
CA THR D 218 12.13 -19.99 -7.66
C THR D 218 11.50 -18.71 -7.16
N SER D 219 12.21 -17.59 -7.29
CA SER D 219 11.70 -16.33 -6.78
C SER D 219 12.47 -15.10 -7.24
N ASN D 220 11.82 -13.93 -7.17
CA ASN D 220 12.44 -12.66 -7.56
C ASN D 220 13.10 -12.11 -6.34
N ILE D 221 12.79 -12.74 -5.22
CA ILE D 221 13.31 -12.29 -3.94
C ILE D 221 14.52 -13.05 -3.41
N ASP D 222 15.51 -12.30 -2.94
CA ASP D 222 16.71 -12.92 -2.40
C ASP D 222 16.61 -13.05 -0.90
N VAL D 223 15.82 -14.02 -0.44
CA VAL D 223 15.65 -14.25 0.98
C VAL D 223 16.97 -14.22 1.74
N GLN D 224 18.10 -14.42 1.05
CA GLN D 224 19.41 -14.37 1.67
C GLN D 224 19.88 -12.95 1.99
N ALA D 225 19.33 -11.99 1.27
CA ALA D 225 19.65 -10.59 1.48
C ALA D 225 18.69 -10.02 2.54
N GLU D 226 17.40 -10.03 2.24
CA GLU D 226 16.37 -9.51 3.15
C GLU D 226 16.62 -9.96 4.60
N ASP D 227 16.61 -9.01 5.52
CA ASP D 227 16.84 -9.29 6.93
C ASP D 227 15.58 -9.79 7.61
N ARG D 228 14.47 -9.78 6.88
CA ARG D 228 13.19 -10.22 7.41
C ARG D 228 12.89 -11.69 7.26
N TYR D 229 13.69 -12.39 6.48
CA TYR D 229 13.52 -13.80 6.32
C TYR D 229 14.77 -14.29 7.01
N LEU D 230 15.22 -13.46 7.93
CA LEU D 230 16.41 -13.70 8.71
C LEU D 230 16.54 -15.16 9.05
N TYR D 231 15.43 -15.74 9.49
CA TYR D 231 15.50 -17.12 9.89
C TYR D 231 15.37 -18.16 8.81
N LEU D 232 15.28 -17.70 7.56
CA LEU D 232 15.26 -18.60 6.43
C LEU D 232 16.69 -18.73 5.93
N HIS D 233 17.62 -17.97 6.50
CA HIS D 233 18.99 -17.98 6.04
C HIS D 233 19.74 -19.29 6.23
N SER D 234 19.55 -19.94 7.37
CA SER D 234 20.23 -21.21 7.61
C SER D 234 19.57 -22.38 6.91
N ARG D 235 18.46 -22.10 6.21
CA ARG D 235 17.70 -23.13 5.54
C ARG D 235 17.67 -23.11 4.04
N VAL D 236 17.60 -21.94 3.44
CA VAL D 236 17.53 -21.90 2.00
C VAL D 236 18.85 -21.70 1.31
N GLN D 237 19.21 -22.62 0.44
CA GLN D 237 20.45 -22.49 -0.31
C GLN D 237 20.00 -21.65 -1.51
N THR D 238 20.91 -20.88 -2.09
CA THR D 238 20.54 -20.07 -3.23
C THR D 238 21.44 -20.24 -4.44
N PHE D 239 20.83 -20.09 -5.61
CA PHE D 239 21.51 -20.18 -6.89
C PHE D 239 20.98 -18.96 -7.65
N ARG D 240 21.82 -17.93 -7.81
CA ARG D 240 21.41 -16.71 -8.51
C ARG D 240 21.44 -16.90 -10.02
N PHE D 241 20.38 -16.44 -10.69
CA PHE D 241 20.28 -16.56 -12.15
C PHE D 241 20.12 -15.15 -12.79
N GLU D 242 21.24 -14.58 -13.23
CA GLU D 242 21.29 -13.23 -13.82
C GLU D 242 21.11 -13.13 -15.33
N GLN D 243 21.81 -14.01 -16.05
CA GLN D 243 21.79 -14.02 -17.51
C GLN D 243 20.45 -14.48 -18.07
N PRO D 244 19.93 -13.74 -19.06
CA PRO D 244 18.65 -14.01 -19.73
C PRO D 244 18.54 -15.33 -20.47
N CYS D 245 17.35 -15.90 -20.48
CA CYS D 245 17.11 -17.16 -21.16
C CYS D 245 16.85 -16.83 -22.62
N THR D 246 15.66 -16.31 -22.91
CA THR D 246 15.29 -15.96 -24.28
C THR D 246 15.58 -14.49 -24.57
N ASP D 247 15.77 -14.16 -25.84
CA ASP D 247 16.05 -12.79 -26.25
C ASP D 247 16.12 -12.64 -27.78
N GLU D 248 14.95 -12.62 -28.42
CA GLU D 248 14.84 -12.48 -29.88
C GLU D 248 15.47 -13.65 -30.63
N SER D 249 15.02 -14.86 -30.31
CA SER D 249 15.53 -16.06 -30.96
C SER D 249 14.44 -17.14 -30.99
N GLY D 250 13.86 -17.35 -32.17
CA GLY D 250 12.80 -18.32 -32.35
C GLY D 250 12.48 -19.24 -31.18
N GLU D 251 13.44 -20.08 -30.79
CA GLU D 251 13.26 -21.01 -29.69
C GLU D 251 14.30 -20.81 -28.59
N GLN D 252 13.85 -20.92 -27.34
CA GLN D 252 14.73 -20.74 -26.19
C GLN D 252 16.03 -21.52 -26.35
N PRO D 253 17.18 -20.82 -26.29
CA PRO D 253 18.46 -21.51 -26.44
C PRO D 253 18.59 -22.62 -25.41
N PHE D 254 17.82 -22.49 -24.34
CA PHE D 254 17.83 -23.48 -23.27
C PHE D 254 16.44 -24.01 -22.96
N ASN D 255 16.35 -25.33 -22.79
CA ASN D 255 15.10 -26.01 -22.48
C ASN D 255 15.41 -27.45 -22.13
N ILE D 256 15.89 -27.66 -20.90
CA ILE D 256 16.24 -28.98 -20.38
C ILE D 256 15.11 -30.03 -20.44
N THR D 257 15.45 -31.28 -20.72
CA THR D 257 14.41 -32.30 -20.76
C THR D 257 14.72 -33.51 -19.91
N ASP D 258 13.72 -34.38 -19.78
CA ASP D 258 13.89 -35.59 -19.00
C ASP D 258 15.21 -36.20 -19.43
N ALA D 259 15.37 -36.37 -20.73
CA ALA D 259 16.57 -36.94 -21.32
C ALA D 259 17.81 -36.29 -20.73
N ASP D 260 17.86 -34.95 -20.82
CA ASP D 260 19.00 -34.20 -20.31
C ASP D 260 19.27 -34.62 -18.88
N TRP D 261 18.25 -34.56 -18.03
CA TRP D 261 18.45 -34.99 -16.64
C TRP D 261 18.88 -36.45 -16.58
N LYS D 262 18.34 -37.28 -17.47
CA LYS D 262 18.71 -38.69 -17.47
C LYS D 262 20.23 -38.74 -17.57
N SER D 263 20.77 -38.13 -18.62
CA SER D 263 22.22 -38.11 -18.78
C SER D 263 22.82 -37.69 -17.45
N PHE D 264 22.51 -36.47 -17.06
CA PHE D 264 23.00 -35.91 -15.81
C PHE D 264 23.17 -36.93 -14.67
N PHE D 265 22.07 -37.53 -14.22
CA PHE D 265 22.13 -38.51 -13.15
C PHE D 265 22.93 -39.75 -13.52
N VAL D 266 22.73 -40.23 -14.74
CA VAL D 266 23.45 -41.41 -15.14
C VAL D 266 24.93 -41.11 -15.02
N ARG D 267 25.41 -40.10 -15.74
CA ARG D 267 26.83 -39.77 -15.71
C ARG D 267 27.37 -39.26 -14.36
N LEU D 268 26.53 -38.59 -13.57
CA LEU D 268 26.95 -38.05 -12.28
C LEU D 268 26.59 -38.90 -11.06
N TRP D 269 26.09 -40.10 -11.31
CA TRP D 269 25.67 -41.01 -10.25
C TRP D 269 26.67 -41.21 -9.11
N GLY D 270 27.91 -41.50 -9.45
CA GLY D 270 28.91 -41.70 -8.41
C GLY D 270 29.15 -40.43 -7.58
N ARG D 271 29.31 -39.29 -8.25
CA ARG D 271 29.56 -38.03 -7.54
C ARG D 271 28.42 -37.61 -6.63
N LEU D 272 27.19 -37.96 -6.99
CA LEU D 272 26.02 -37.61 -6.19
C LEU D 272 25.84 -38.52 -4.98
N ASP D 273 26.77 -39.44 -4.79
CA ASP D 273 26.73 -40.38 -3.69
C ASP D 273 25.43 -41.19 -3.72
N LEU D 274 25.02 -41.58 -4.92
CA LEU D 274 23.81 -42.38 -5.04
C LEU D 274 24.18 -43.87 -5.03
N THR E 5 -37.80 -58.83 -20.45
CA THR E 5 -37.44 -58.31 -19.09
C THR E 5 -37.80 -56.84 -18.94
N GLU E 6 -37.95 -56.40 -17.68
CA GLU E 6 -38.29 -55.01 -17.38
C GLU E 6 -37.43 -54.47 -16.25
N LYS E 7 -36.11 -54.63 -16.40
CA LYS E 7 -35.16 -54.16 -15.39
C LYS E 7 -34.55 -52.84 -15.83
N PHE E 8 -34.38 -51.93 -14.87
CA PHE E 8 -33.80 -50.63 -15.20
C PHE E 8 -32.32 -50.81 -15.45
N ASP E 9 -31.89 -50.52 -16.68
CA ASP E 9 -30.49 -50.67 -17.03
C ASP E 9 -29.77 -49.33 -16.99
N PHE E 10 -28.93 -49.18 -15.96
CA PHE E 10 -28.16 -47.98 -15.76
C PHE E 10 -27.31 -47.69 -16.98
N GLY E 11 -26.46 -48.65 -17.33
CA GLY E 11 -25.60 -48.48 -18.50
C GLY E 11 -26.32 -47.85 -19.69
N THR E 12 -27.58 -48.22 -19.88
CA THR E 12 -28.36 -47.68 -20.99
C THR E 12 -28.50 -46.19 -20.81
N MET E 13 -29.01 -45.77 -19.66
CA MET E 13 -29.19 -44.34 -19.40
C MET E 13 -27.92 -43.57 -19.69
N VAL E 14 -26.80 -44.07 -19.14
CA VAL E 14 -25.52 -43.42 -19.36
C VAL E 14 -25.33 -43.22 -20.85
N GLN E 15 -25.35 -44.29 -21.63
CA GLN E 15 -25.21 -44.18 -23.09
C GLN E 15 -26.08 -43.02 -23.58
N TRP E 16 -27.39 -43.15 -23.36
CA TRP E 16 -28.33 -42.12 -23.73
C TRP E 16 -27.77 -40.76 -23.37
N ALA E 17 -27.63 -40.52 -22.07
CA ALA E 17 -27.10 -39.24 -21.60
C ALA E 17 -25.85 -38.85 -22.39
N TYR E 18 -24.92 -39.79 -22.50
CA TYR E 18 -23.70 -39.50 -23.22
C TYR E 18 -23.96 -39.10 -24.66
N ASP E 19 -24.80 -39.84 -25.36
CA ASP E 19 -25.10 -39.54 -26.75
C ASP E 19 -25.58 -38.10 -26.95
N HIS E 20 -26.43 -37.63 -26.04
CA HIS E 20 -26.96 -36.27 -26.12
C HIS E 20 -26.03 -35.28 -25.43
N LYS E 21 -24.91 -35.78 -24.92
CA LYS E 21 -23.94 -34.95 -24.21
C LYS E 21 -24.57 -34.20 -23.01
N TYR E 22 -25.53 -34.85 -22.35
CA TYR E 22 -26.23 -34.32 -21.19
C TYR E 22 -25.37 -34.64 -19.97
N ALA E 23 -24.71 -33.65 -19.41
CA ALA E 23 -23.84 -33.92 -18.27
C ALA E 23 -24.25 -33.39 -16.90
N GLU E 24 -25.28 -32.55 -16.83
CA GLU E 24 -25.69 -32.05 -15.53
C GLU E 24 -26.96 -32.73 -15.09
N GLU E 25 -26.94 -33.20 -13.84
CA GLU E 25 -28.07 -33.91 -13.23
C GLU E 25 -29.42 -33.34 -13.62
N SER E 26 -29.66 -32.11 -13.19
CA SER E 26 -30.89 -31.42 -13.49
C SER E 26 -31.49 -31.88 -14.82
N LYS E 27 -30.72 -31.70 -15.89
CA LYS E 27 -31.17 -32.08 -17.23
C LYS E 27 -31.36 -33.56 -17.39
N ILE E 28 -30.30 -34.32 -17.17
CA ILE E 28 -30.38 -35.77 -17.32
C ILE E 28 -31.68 -36.31 -16.76
N ALA E 29 -31.95 -36.01 -15.51
CA ALA E 29 -33.17 -36.47 -14.87
C ALA E 29 -34.42 -36.00 -15.64
N TYR E 30 -34.52 -34.70 -15.91
CA TYR E 30 -35.67 -34.15 -16.62
C TYR E 30 -35.83 -34.70 -18.03
N GLU E 31 -34.79 -34.52 -18.82
CA GLU E 31 -34.84 -34.98 -20.19
C GLU E 31 -35.17 -36.46 -20.31
N TYR E 32 -34.67 -37.29 -19.40
CA TYR E 32 -34.96 -38.71 -19.48
C TYR E 32 -36.43 -38.96 -19.17
N ALA E 33 -36.88 -38.48 -18.02
CA ALA E 33 -38.25 -38.65 -17.59
C ALA E 33 -39.23 -38.32 -18.71
N LEU E 34 -38.79 -37.49 -19.66
CA LEU E 34 -39.64 -37.12 -20.79
C LEU E 34 -39.68 -38.25 -21.78
N ALA E 35 -38.51 -38.79 -22.09
CA ALA E 35 -38.40 -39.89 -23.02
C ALA E 35 -39.05 -41.13 -22.41
N ALA E 36 -39.63 -40.98 -21.23
CA ALA E 36 -40.28 -42.09 -20.54
C ALA E 36 -41.51 -42.53 -21.32
N GLY E 37 -42.07 -41.61 -22.11
CA GLY E 37 -43.24 -41.94 -22.89
C GLY E 37 -43.00 -43.07 -23.88
N SER E 38 -41.87 -42.99 -24.60
CA SER E 38 -41.52 -43.99 -25.61
C SER E 38 -40.19 -44.71 -25.35
N ASP E 39 -39.96 -45.15 -24.12
CA ASP E 39 -38.70 -45.82 -23.80
C ASP E 39 -38.83 -46.70 -22.57
N SER E 40 -38.82 -48.01 -22.79
CA SER E 40 -38.95 -48.97 -21.71
C SER E 40 -37.99 -48.71 -20.55
N ASN E 41 -36.74 -48.39 -20.85
CA ASN E 41 -35.75 -48.16 -19.79
C ASN E 41 -36.04 -46.91 -18.95
N ALA E 42 -36.38 -45.81 -19.61
CA ALA E 42 -36.68 -44.57 -18.90
C ALA E 42 -37.86 -44.84 -17.98
N ARG E 43 -38.85 -45.54 -18.51
CA ARG E 43 -40.03 -45.86 -17.74
C ARG E 43 -39.57 -46.68 -16.54
N ALA E 44 -38.64 -47.61 -16.78
CA ALA E 44 -38.11 -48.45 -15.71
C ALA E 44 -37.44 -47.54 -14.71
N PHE E 45 -36.76 -46.52 -15.22
CA PHE E 45 -36.06 -45.55 -14.39
C PHE E 45 -37.02 -44.94 -13.38
N LEU E 46 -38.10 -44.34 -13.87
CA LEU E 46 -39.06 -43.73 -12.96
C LEU E 46 -39.63 -44.72 -11.96
N ALA E 47 -39.45 -46.01 -12.21
CA ALA E 47 -39.98 -47.03 -11.31
C ALA E 47 -39.03 -47.31 -10.15
N THR E 48 -37.75 -46.96 -10.34
CA THR E 48 -36.70 -47.17 -9.34
C THR E 48 -36.98 -46.40 -8.06
N ASN E 49 -36.61 -46.96 -6.93
CA ASN E 49 -36.83 -46.28 -5.65
C ASN E 49 -35.63 -45.38 -5.39
N SER E 50 -34.65 -45.44 -6.29
CA SER E 50 -33.45 -44.63 -6.17
C SER E 50 -33.05 -43.86 -7.46
N GLN E 51 -34.02 -43.13 -8.03
CA GLN E 51 -33.80 -42.35 -9.23
C GLN E 51 -32.60 -41.46 -8.90
N ALA E 52 -32.73 -40.69 -7.82
CA ALA E 52 -31.68 -39.80 -7.34
C ALA E 52 -30.29 -40.37 -7.61
N LYS E 53 -29.95 -41.42 -6.86
CA LYS E 53 -28.66 -42.09 -6.98
C LYS E 53 -28.28 -42.28 -8.44
N HIS E 54 -29.24 -42.64 -9.28
CA HIS E 54 -28.92 -42.85 -10.68
C HIS E 54 -28.61 -41.57 -11.44
N VAL E 55 -29.51 -40.61 -11.37
CA VAL E 55 -29.27 -39.36 -12.07
C VAL E 55 -27.86 -38.92 -11.70
N LYS E 56 -27.58 -38.81 -10.39
CA LYS E 56 -26.25 -38.40 -9.95
C LYS E 56 -25.14 -39.21 -10.60
N ASP E 57 -25.14 -40.51 -10.33
CA ASP E 57 -24.13 -41.41 -10.89
C ASP E 57 -24.10 -41.35 -12.41
N CYS E 58 -25.27 -41.24 -13.03
CA CYS E 58 -25.31 -41.19 -14.47
C CYS E 58 -24.50 -40.02 -14.94
N ALA E 59 -24.71 -38.88 -14.31
CA ALA E 59 -23.98 -37.67 -14.67
C ALA E 59 -22.50 -37.94 -14.43
N THR E 60 -22.19 -38.34 -13.20
CA THR E 60 -20.82 -38.63 -12.81
C THR E 60 -20.12 -39.44 -13.91
N MET E 61 -20.85 -40.42 -14.44
CA MET E 61 -20.32 -41.33 -15.46
C MET E 61 -20.10 -40.63 -16.77
N VAL E 62 -21.03 -39.77 -17.18
CA VAL E 62 -20.92 -39.04 -18.45
C VAL E 62 -19.76 -38.04 -18.48
N ARG E 63 -19.73 -37.13 -17.52
CA ARG E 63 -18.66 -36.16 -17.50
C ARG E 63 -17.34 -36.88 -17.39
N HIS E 64 -17.35 -38.09 -16.86
CA HIS E 64 -16.11 -38.85 -16.75
C HIS E 64 -15.57 -39.09 -18.14
N TYR E 65 -16.44 -39.48 -19.05
CA TYR E 65 -16.00 -39.73 -20.41
C TYR E 65 -15.54 -38.40 -20.98
N LEU E 66 -16.48 -37.46 -21.08
CA LEU E 66 -16.20 -36.13 -21.60
C LEU E 66 -14.85 -35.56 -21.19
N ARG E 67 -14.49 -35.66 -19.91
CA ARG E 67 -13.21 -35.11 -19.48
C ARG E 67 -12.08 -35.86 -20.13
N ALA E 68 -12.07 -37.18 -19.98
CA ALA E 68 -11.02 -38.01 -20.56
C ALA E 68 -11.04 -37.81 -22.07
N GLU E 69 -12.24 -37.93 -22.64
CA GLU E 69 -12.45 -37.75 -24.07
C GLU E 69 -11.84 -36.44 -24.55
N THR E 70 -11.54 -35.55 -23.60
CA THR E 70 -10.95 -34.27 -23.91
C THR E 70 -9.47 -34.31 -23.58
N GLN E 71 -9.13 -34.29 -22.29
CA GLN E 71 -7.73 -34.32 -21.87
C GLN E 71 -6.90 -35.29 -22.70
N ALA E 72 -7.57 -36.21 -23.38
CA ALA E 72 -6.88 -37.17 -24.22
C ALA E 72 -6.37 -36.51 -25.50
N LEU E 73 -7.23 -35.68 -26.10
CA LEU E 73 -6.91 -34.97 -27.34
C LEU E 73 -5.64 -34.15 -27.36
N SER E 74 -5.53 -33.33 -28.40
CA SER E 74 -4.40 -32.42 -28.61
C SER E 74 -5.04 -31.15 -29.16
N MET E 75 -4.45 -30.00 -28.85
CA MET E 75 -5.00 -28.73 -29.29
C MET E 75 -5.47 -28.78 -30.74
N PRO E 76 -4.60 -29.30 -31.64
CA PRO E 76 -4.96 -29.42 -33.05
C PRO E 76 -6.26 -30.22 -33.10
N ALA E 77 -6.18 -31.44 -32.58
CA ALA E 77 -7.32 -32.34 -32.53
C ALA E 77 -8.52 -31.70 -31.85
N TYR E 78 -8.28 -31.11 -30.68
CA TYR E 78 -9.36 -30.47 -29.94
C TYR E 78 -10.00 -29.35 -30.74
N ILE E 79 -9.19 -28.41 -31.24
CA ILE E 79 -9.78 -27.33 -32.03
C ILE E 79 -10.54 -27.94 -33.19
N LYS E 80 -9.94 -28.93 -33.83
CA LYS E 80 -10.57 -29.59 -34.95
C LYS E 80 -11.97 -29.95 -34.47
N ALA E 81 -12.06 -30.75 -33.42
CA ALA E 81 -13.34 -31.16 -32.86
C ALA E 81 -14.26 -29.99 -32.52
N ARG E 82 -13.69 -28.84 -32.19
CA ARG E 82 -14.51 -27.68 -31.86
C ARG E 82 -15.11 -27.05 -33.11
N CYS E 83 -14.52 -27.33 -34.26
CA CYS E 83 -15.05 -26.77 -35.50
C CYS E 83 -16.27 -27.55 -35.97
N LYS E 84 -16.25 -28.87 -35.81
CA LYS E 84 -17.38 -29.72 -36.21
C LYS E 84 -18.63 -29.28 -35.47
N LEU E 85 -18.44 -28.77 -34.25
CA LEU E 85 -19.52 -28.30 -33.41
C LEU E 85 -20.06 -26.96 -33.90
N ALA E 86 -19.19 -26.16 -34.50
CA ALA E 86 -19.57 -24.87 -35.03
C ALA E 86 -20.58 -25.01 -36.17
N THR E 87 -21.80 -24.55 -35.95
CA THR E 87 -22.84 -24.62 -36.96
C THR E 87 -23.16 -23.20 -37.42
N GLY E 88 -23.87 -23.08 -38.53
CA GLY E 88 -24.21 -21.76 -39.03
C GLY E 88 -23.24 -21.27 -40.08
N GLU E 89 -23.46 -20.06 -40.58
CA GLU E 89 -22.59 -19.51 -41.62
C GLU E 89 -22.00 -18.15 -41.27
N GLY E 90 -20.70 -18.02 -41.49
CA GLY E 90 -19.99 -16.77 -41.22
C GLY E 90 -18.71 -16.75 -42.04
N SER E 91 -17.75 -15.93 -41.65
CA SER E 91 -16.50 -15.90 -42.39
C SER E 91 -15.41 -15.17 -41.62
N TRP E 92 -14.19 -15.71 -41.70
CA TRP E 92 -13.04 -15.13 -41.02
C TRP E 92 -12.90 -13.62 -41.26
N LYS E 93 -13.48 -13.13 -42.35
CA LYS E 93 -13.40 -11.72 -42.68
C LYS E 93 -13.97 -10.86 -41.55
N SER E 94 -15.05 -11.33 -40.95
CA SER E 94 -15.70 -10.62 -39.85
C SER E 94 -14.70 -10.31 -38.73
N ILE E 95 -13.89 -11.29 -38.36
CA ILE E 95 -12.87 -11.15 -37.32
C ILE E 95 -11.78 -10.18 -37.77
N LEU E 96 -11.35 -10.37 -39.01
CA LEU E 96 -10.31 -9.53 -39.61
C LEU E 96 -10.81 -8.09 -39.55
N THR E 97 -12.00 -7.88 -40.10
CA THR E 97 -12.62 -6.57 -40.13
C THR E 97 -12.49 -5.86 -38.78
N PHE E 98 -12.95 -6.54 -37.73
CA PHE E 98 -12.90 -6.01 -36.38
C PHE E 98 -11.50 -5.62 -35.95
N PHE E 99 -10.57 -6.56 -36.03
CA PHE E 99 -9.17 -6.32 -35.66
C PHE E 99 -8.56 -5.14 -36.41
N ASN E 100 -9.00 -4.98 -37.65
CA ASN E 100 -8.53 -3.88 -38.49
C ASN E 100 -9.17 -2.62 -37.93
N TYR E 101 -10.48 -2.72 -37.66
CA TYR E 101 -11.21 -1.59 -37.10
C TYR E 101 -10.54 -1.07 -35.84
N GLN E 102 -9.97 -2.00 -35.06
CA GLN E 102 -9.30 -1.62 -33.83
C GLN E 102 -7.87 -1.16 -34.10
N ASN E 103 -7.51 -1.16 -35.37
CA ASN E 103 -6.17 -0.74 -35.81
C ASN E 103 -5.07 -1.70 -35.36
N ILE E 104 -5.15 -2.95 -35.82
CA ILE E 104 -4.14 -3.97 -35.50
C ILE E 104 -3.96 -4.93 -36.68
N GLU E 105 -2.72 -5.34 -36.90
CA GLU E 105 -2.39 -6.24 -37.99
C GLU E 105 -2.70 -7.70 -37.65
N LEU E 106 -3.52 -8.34 -38.50
CA LEU E 106 -3.92 -9.73 -38.30
C LEU E 106 -2.76 -10.70 -38.12
N ILE E 107 -1.61 -10.37 -38.71
CA ILE E 107 -0.45 -11.25 -38.57
C ILE E 107 0.08 -11.18 -37.14
N THR E 108 -0.11 -10.04 -36.48
CA THR E 108 0.35 -9.86 -35.10
C THR E 108 -0.46 -10.76 -34.16
N PHE E 109 -1.79 -10.64 -34.25
CA PHE E 109 -2.71 -11.43 -33.44
C PHE E 109 -2.38 -12.90 -33.63
N ILE E 110 -2.42 -13.34 -34.89
CA ILE E 110 -2.12 -14.72 -35.24
C ILE E 110 -0.80 -15.15 -34.62
N ASN E 111 0.26 -14.38 -34.84
CA ASN E 111 1.56 -14.74 -34.28
C ASN E 111 1.44 -15.01 -32.79
N ALA E 112 0.62 -14.21 -32.12
CA ALA E 112 0.43 -14.41 -30.68
C ALA E 112 -0.38 -15.68 -30.48
N LEU E 113 -1.60 -15.68 -31.02
CA LEU E 113 -2.51 -16.82 -30.92
C LEU E 113 -1.79 -18.16 -31.19
N LYS E 114 -0.87 -18.17 -32.14
CA LYS E 114 -0.15 -19.40 -32.44
C LYS E 114 0.52 -19.88 -31.16
N LEU E 115 1.38 -19.05 -30.58
CA LEU E 115 2.08 -19.42 -29.35
C LEU E 115 1.10 -19.68 -28.21
N TRP E 116 0.04 -18.86 -28.18
CA TRP E 116 -0.98 -18.99 -27.16
C TRP E 116 -1.47 -20.43 -27.16
N LEU E 117 -2.18 -20.80 -28.21
CA LEU E 117 -2.70 -22.15 -28.31
C LEU E 117 -1.68 -23.20 -27.86
N LYS E 118 -0.41 -22.97 -28.16
CA LYS E 118 0.65 -23.90 -27.80
C LYS E 118 0.98 -23.90 -26.31
N GLY E 119 0.33 -23.00 -25.58
CA GLY E 119 0.57 -22.90 -24.15
C GLY E 119 2.05 -22.86 -23.81
N ILE E 120 2.76 -21.89 -24.36
CA ILE E 120 4.19 -21.78 -24.08
C ILE E 120 4.46 -20.84 -22.93
N PRO E 121 5.22 -21.31 -21.95
CA PRO E 121 5.59 -20.53 -20.77
C PRO E 121 5.66 -19.01 -20.95
N LYS E 122 4.88 -18.31 -20.13
CA LYS E 122 4.87 -16.86 -20.17
C LYS E 122 4.38 -16.31 -21.48
N LYS E 123 3.77 -17.15 -22.28
CA LYS E 123 3.24 -16.72 -23.56
C LYS E 123 1.91 -17.45 -23.64
N ASN E 124 1.35 -17.62 -22.45
CA ASN E 124 0.11 -18.34 -22.20
C ASN E 124 -1.01 -17.37 -21.82
N CYS E 125 -0.70 -16.08 -21.75
CA CYS E 125 -1.69 -15.08 -21.36
C CYS E 125 -1.88 -13.88 -22.31
N LEU E 126 -3.08 -13.75 -22.89
CA LEU E 126 -3.38 -12.64 -23.80
C LEU E 126 -4.37 -11.70 -23.15
N ALA E 127 -4.00 -10.43 -23.04
CA ALA E 127 -4.87 -9.45 -22.41
C ALA E 127 -5.37 -8.44 -23.40
N PHE E 128 -6.66 -8.21 -23.39
CA PHE E 128 -7.28 -7.26 -24.29
C PHE E 128 -7.65 -6.05 -23.48
N ILE E 129 -6.73 -5.10 -23.41
CA ILE E 129 -6.97 -3.90 -22.65
C ILE E 129 -7.61 -2.78 -23.48
N GLY E 130 -8.29 -1.85 -22.81
CA GLY E 130 -8.94 -0.73 -23.48
C GLY E 130 -10.09 -0.08 -22.74
N PRO E 131 -10.58 1.09 -23.20
CA PRO E 131 -11.70 1.79 -22.55
C PRO E 131 -13.01 0.99 -22.69
N PRO E 132 -14.00 1.29 -21.85
CA PRO E 132 -15.24 0.55 -21.95
C PRO E 132 -15.88 0.64 -23.34
N ASN E 133 -16.67 -0.38 -23.66
CA ASN E 133 -17.36 -0.42 -24.94
C ASN E 133 -16.46 -0.49 -26.16
N THR E 134 -15.38 -1.24 -26.10
CA THR E 134 -14.50 -1.37 -27.27
C THR E 134 -14.49 -2.80 -27.81
N GLY E 135 -15.49 -3.59 -27.41
CA GLY E 135 -15.64 -4.96 -27.85
C GLY E 135 -14.72 -6.04 -27.27
N LYS E 136 -13.98 -5.74 -26.22
CA LYS E 136 -13.08 -6.73 -25.63
C LYS E 136 -13.77 -8.03 -25.19
N SER E 137 -14.70 -7.94 -24.23
CA SER E 137 -15.41 -9.14 -23.79
C SER E 137 -16.07 -9.73 -25.01
N MET E 138 -16.70 -8.87 -25.79
CA MET E 138 -17.36 -9.30 -27.01
C MET E 138 -16.48 -10.33 -27.71
N LEU E 139 -15.28 -9.91 -28.06
CA LEU E 139 -14.35 -10.79 -28.76
C LEU E 139 -13.94 -11.99 -27.92
N CYS E 140 -13.39 -11.72 -26.74
CA CYS E 140 -12.92 -12.79 -25.87
C CYS E 140 -13.95 -13.86 -25.55
N ASN E 141 -15.17 -13.46 -25.25
CA ASN E 141 -16.17 -14.45 -24.94
C ASN E 141 -16.41 -15.34 -26.15
N SER E 142 -16.67 -14.72 -27.31
CA SER E 142 -16.92 -15.48 -28.54
C SER E 142 -15.85 -16.55 -28.83
N LEU E 143 -14.59 -16.20 -28.63
CA LEU E 143 -13.50 -17.13 -28.87
C LEU E 143 -13.58 -18.28 -27.87
N ILE E 144 -13.72 -17.93 -26.61
CA ILE E 144 -13.81 -18.93 -25.56
C ILE E 144 -14.99 -19.83 -25.84
N HIS E 145 -16.08 -19.23 -26.31
CA HIS E 145 -17.27 -20.01 -26.61
C HIS E 145 -16.90 -21.02 -27.67
N PHE E 146 -16.34 -20.54 -28.77
CA PHE E 146 -15.94 -21.45 -29.82
C PHE E 146 -15.05 -22.56 -29.28
N LEU E 147 -14.05 -22.17 -28.50
CA LEU E 147 -13.13 -23.10 -27.89
C LEU E 147 -13.75 -23.95 -26.78
N GLY E 148 -14.98 -23.63 -26.40
CA GLY E 148 -15.65 -24.38 -25.36
C GLY E 148 -14.89 -24.26 -24.06
N GLY E 149 -14.28 -23.11 -23.85
CA GLY E 149 -13.50 -22.87 -22.65
C GLY E 149 -14.39 -22.42 -21.50
N SER E 150 -13.85 -22.39 -20.28
CA SER E 150 -14.65 -21.99 -19.13
C SER E 150 -14.25 -20.63 -18.63
N VAL E 151 -15.17 -19.99 -17.90
CA VAL E 151 -14.93 -18.67 -17.36
C VAL E 151 -14.65 -18.75 -15.87
N LEU E 152 -13.83 -17.83 -15.37
CA LEU E 152 -13.53 -17.81 -13.95
C LEU E 152 -14.16 -16.55 -13.36
N SER E 153 -15.01 -16.73 -12.34
CA SER E 153 -15.65 -15.58 -11.68
C SER E 153 -14.84 -15.22 -10.45
N PHE E 154 -14.15 -14.09 -10.53
CA PHE E 154 -13.32 -13.64 -9.43
C PHE E 154 -14.09 -13.39 -8.13
N ALA E 155 -15.41 -13.23 -8.23
CA ALA E 155 -16.25 -13.02 -7.06
C ALA E 155 -16.15 -14.22 -6.13
N ASN E 156 -15.69 -15.34 -6.67
CA ASN E 156 -15.56 -16.53 -5.86
C ASN E 156 -14.12 -16.81 -5.46
N HIS E 157 -13.19 -15.91 -5.74
CA HIS E 157 -11.83 -16.22 -5.37
C HIS E 157 -11.65 -16.51 -3.87
N LYS E 158 -12.59 -16.03 -3.05
CA LYS E 158 -12.50 -16.24 -1.61
C LYS E 158 -12.38 -17.73 -1.36
N SER E 159 -12.86 -18.50 -2.33
CA SER E 159 -12.81 -19.95 -2.26
C SER E 159 -11.76 -20.51 -3.21
N HIS E 160 -10.82 -21.28 -2.70
CA HIS E 160 -9.77 -21.86 -3.54
C HIS E 160 -10.36 -22.74 -4.62
N PHE E 161 -11.64 -23.03 -4.49
CA PHE E 161 -12.30 -23.84 -5.50
C PHE E 161 -12.72 -23.03 -6.73
N TRP E 162 -12.33 -21.78 -6.80
CA TRP E 162 -12.76 -20.98 -7.93
C TRP E 162 -12.00 -21.33 -9.21
N LEU E 163 -10.82 -21.89 -9.05
CA LEU E 163 -10.02 -22.27 -10.21
C LEU E 163 -10.23 -23.71 -10.63
N ALA E 164 -11.16 -24.40 -9.97
CA ALA E 164 -11.45 -25.81 -10.26
C ALA E 164 -11.55 -26.09 -11.76
N SER E 165 -12.06 -25.12 -12.50
CA SER E 165 -12.24 -25.23 -13.96
C SER E 165 -10.91 -25.55 -14.63
N LEU E 166 -9.88 -24.79 -14.30
CA LEU E 166 -8.55 -24.97 -14.87
C LEU E 166 -8.08 -26.40 -14.98
N ALA E 167 -8.67 -27.30 -14.20
CA ALA E 167 -8.24 -28.69 -14.26
C ALA E 167 -9.04 -29.44 -15.31
N ASP E 168 -9.87 -28.74 -16.05
CA ASP E 168 -10.69 -29.38 -17.07
C ASP E 168 -10.54 -28.74 -18.45
N THR E 169 -10.91 -27.47 -18.54
CA THR E 169 -10.85 -26.74 -19.82
C THR E 169 -9.47 -26.54 -20.43
N ARG E 170 -9.51 -26.30 -21.74
CA ARG E 170 -8.33 -26.06 -22.57
C ARG E 170 -8.09 -24.57 -22.64
N ALA E 171 -9.06 -23.81 -22.18
CA ALA E 171 -8.95 -22.36 -22.19
C ALA E 171 -9.91 -21.72 -21.21
N ALA E 172 -9.35 -20.80 -20.42
CA ALA E 172 -10.08 -20.06 -19.41
C ALA E 172 -10.09 -18.61 -19.82
N LEU E 173 -11.02 -17.86 -19.24
CA LEU E 173 -11.18 -16.45 -19.53
C LEU E 173 -11.57 -15.67 -18.29
N VAL E 174 -10.80 -14.64 -17.98
CA VAL E 174 -11.12 -13.78 -16.85
C VAL E 174 -11.61 -12.49 -17.49
N ASP E 175 -12.94 -12.33 -17.55
CA ASP E 175 -13.53 -11.14 -18.15
C ASP E 175 -13.62 -9.98 -17.16
N ASP E 176 -13.06 -8.85 -17.57
CA ASP E 176 -13.05 -7.62 -16.76
C ASP E 176 -12.25 -7.70 -15.46
N ALA E 177 -10.94 -7.83 -15.61
CA ALA E 177 -10.08 -7.90 -14.45
C ALA E 177 -9.91 -6.50 -13.87
N THR E 178 -10.09 -6.39 -12.55
CA THR E 178 -9.93 -5.11 -11.85
C THR E 178 -8.56 -5.13 -11.18
N HIS E 179 -8.22 -4.08 -10.43
CA HIS E 179 -6.93 -4.08 -9.77
C HIS E 179 -6.82 -5.25 -8.81
N ALA E 180 -7.86 -5.42 -8.00
CA ALA E 180 -7.90 -6.51 -7.04
C ALA E 180 -7.57 -7.83 -7.75
N CYS E 181 -8.15 -8.00 -8.94
CA CYS E 181 -7.93 -9.20 -9.73
C CYS E 181 -6.48 -9.34 -10.15
N TRP E 182 -5.94 -8.32 -10.81
CA TRP E 182 -4.52 -8.40 -11.23
C TRP E 182 -3.64 -8.64 -10.00
N ARG E 183 -3.90 -7.93 -8.92
CA ARG E 183 -3.08 -8.12 -7.72
C ARG E 183 -3.04 -9.59 -7.33
N TYR E 184 -4.21 -10.22 -7.33
CA TYR E 184 -4.31 -11.63 -7.00
C TYR E 184 -3.39 -12.41 -7.94
N PHE E 185 -3.59 -12.21 -9.24
CA PHE E 185 -2.78 -12.87 -10.22
C PHE E 185 -1.31 -12.67 -9.95
N ASP E 186 -0.86 -11.43 -9.94
CA ASP E 186 0.57 -11.15 -9.70
C ASP E 186 1.08 -11.84 -8.45
N THR E 187 0.19 -12.04 -7.48
CA THR E 187 0.58 -12.64 -6.22
C THR E 187 0.54 -14.15 -6.12
N TYR E 188 -0.55 -14.76 -6.60
CA TYR E 188 -0.69 -16.22 -6.52
C TYR E 188 -0.67 -16.99 -7.81
N LEU E 189 -1.02 -16.34 -8.91
CA LEU E 189 -1.09 -17.05 -10.17
C LEU E 189 0.03 -16.86 -11.21
N ARG E 190 1.21 -16.41 -10.80
CA ARG E 190 2.28 -16.27 -11.78
C ARG E 190 2.47 -17.63 -12.47
N ASN E 191 2.41 -18.72 -11.70
CA ASN E 191 2.56 -20.07 -12.26
C ASN E 191 1.60 -20.26 -13.43
N ALA E 192 0.32 -20.12 -13.13
CA ALA E 192 -0.76 -20.28 -14.08
C ALA E 192 -0.66 -19.41 -15.30
N LEU E 193 -0.53 -18.11 -15.10
CA LEU E 193 -0.42 -17.24 -16.25
C LEU E 193 0.72 -17.74 -17.12
N ASP E 194 1.70 -18.37 -16.46
CA ASP E 194 2.86 -18.91 -17.14
C ASP E 194 2.55 -20.20 -17.88
N GLY E 195 1.30 -20.62 -17.91
CA GLY E 195 1.02 -21.87 -18.59
C GLY E 195 1.83 -23.03 -18.03
N TYR E 196 2.37 -22.90 -16.82
CA TYR E 196 3.14 -23.98 -16.17
C TYR E 196 2.17 -24.90 -15.43
N PRO E 197 2.66 -26.05 -14.96
CA PRO E 197 1.77 -26.96 -14.23
C PRO E 197 1.45 -26.54 -12.78
N VAL E 198 0.19 -26.18 -12.57
CA VAL E 198 -0.30 -25.76 -11.26
C VAL E 198 -1.23 -26.85 -10.71
N SER E 199 -1.34 -26.94 -9.38
CA SER E 199 -2.20 -27.93 -8.74
C SER E 199 -3.57 -27.31 -8.50
N ILE E 200 -4.62 -27.96 -8.97
CA ILE E 200 -5.95 -27.41 -8.82
C ILE E 200 -6.82 -28.17 -7.86
N ASP E 201 -7.38 -27.46 -6.88
CA ASP E 201 -8.22 -28.08 -5.86
C ASP E 201 -9.63 -28.17 -6.36
N ARG E 202 -10.28 -29.29 -6.07
CA ARG E 202 -11.64 -29.54 -6.50
C ARG E 202 -12.44 -30.01 -5.30
N LYS E 203 -13.75 -29.87 -5.34
CA LYS E 203 -14.52 -30.30 -4.19
C LYS E 203 -14.53 -31.81 -3.99
N HIS E 204 -14.39 -32.26 -2.75
CA HIS E 204 -14.42 -33.68 -2.45
C HIS E 204 -13.26 -34.50 -3.03
N LYS E 205 -12.79 -34.16 -4.21
CA LYS E 205 -11.68 -34.91 -4.78
C LYS E 205 -10.32 -34.32 -4.29
N ALA E 206 -9.23 -34.97 -4.62
CA ALA E 206 -7.96 -34.46 -4.20
C ALA E 206 -7.46 -33.52 -5.28
N ALA E 207 -6.46 -32.70 -4.92
CA ALA E 207 -5.85 -31.73 -5.82
C ALA E 207 -5.28 -32.39 -7.06
N VAL E 208 -5.45 -31.73 -8.20
CA VAL E 208 -4.94 -32.25 -9.47
C VAL E 208 -3.80 -31.43 -9.96
N GLN E 209 -2.74 -32.09 -10.39
CA GLN E 209 -1.60 -31.39 -10.94
C GLN E 209 -1.78 -31.41 -12.44
N ILE E 210 -1.83 -30.22 -13.03
CA ILE E 210 -2.02 -30.10 -14.46
C ILE E 210 -1.40 -28.80 -14.96
N LYS E 211 -1.21 -28.72 -16.28
CA LYS E 211 -0.63 -27.54 -16.89
C LYS E 211 -1.75 -26.50 -17.02
N ALA E 212 -1.55 -25.34 -16.43
CA ALA E 212 -2.55 -24.26 -16.50
C ALA E 212 -2.79 -23.97 -17.97
N PRO E 213 -4.05 -24.03 -18.41
CA PRO E 213 -4.34 -23.75 -19.82
C PRO E 213 -4.14 -22.28 -20.13
N PRO E 214 -4.23 -21.90 -21.41
CA PRO E 214 -4.07 -20.52 -21.90
C PRO E 214 -5.13 -19.58 -21.32
N LEU E 215 -4.73 -18.37 -20.94
CA LEU E 215 -5.66 -17.41 -20.36
C LEU E 215 -5.99 -16.17 -21.18
N LEU E 216 -7.24 -15.76 -21.09
CA LEU E 216 -7.71 -14.57 -21.79
C LEU E 216 -8.16 -13.63 -20.70
N VAL E 217 -7.89 -12.35 -20.89
CA VAL E 217 -8.26 -11.37 -19.90
C VAL E 217 -8.62 -10.07 -20.57
N THR E 218 -9.78 -9.51 -20.24
CA THR E 218 -10.17 -8.23 -20.78
C THR E 218 -9.96 -7.29 -19.61
N SER E 219 -9.65 -6.02 -19.86
CA SER E 219 -9.35 -5.16 -18.74
C SER E 219 -9.24 -3.68 -19.07
N ASN E 220 -9.68 -2.83 -18.15
CA ASN E 220 -9.62 -1.38 -18.32
C ASN E 220 -8.26 -0.98 -17.84
N ILE E 221 -7.51 -1.95 -17.34
CA ILE E 221 -6.17 -1.68 -16.82
C ILE E 221 -5.03 -2.26 -17.64
N ASP E 222 -4.12 -1.38 -18.04
CA ASP E 222 -2.98 -1.79 -18.85
C ASP E 222 -1.86 -2.25 -17.93
N VAL E 223 -1.94 -3.48 -17.46
CA VAL E 223 -0.90 -4.00 -16.57
C VAL E 223 0.50 -3.68 -17.08
N GLN E 224 0.66 -3.67 -18.41
CA GLN E 224 1.93 -3.34 -19.04
C GLN E 224 2.46 -2.00 -18.61
N ALA E 225 1.55 -1.04 -18.43
CA ALA E 225 1.92 0.31 -18.04
C ALA E 225 2.25 0.42 -16.54
N GLU E 226 1.26 0.10 -15.69
CA GLU E 226 1.43 0.17 -14.24
C GLU E 226 2.77 -0.44 -13.81
N ASP E 227 3.37 0.11 -12.75
CA ASP E 227 4.66 -0.38 -12.27
C ASP E 227 4.56 -1.41 -11.15
N ARG E 228 3.41 -1.48 -10.50
CA ARG E 228 3.19 -2.43 -9.41
C ARG E 228 2.95 -3.85 -9.93
N TYR E 229 2.71 -3.95 -11.23
CA TYR E 229 2.48 -5.22 -11.88
C TYR E 229 3.77 -5.56 -12.62
N LEU E 230 4.85 -4.98 -12.12
CA LEU E 230 6.15 -5.18 -12.73
C LEU E 230 6.36 -6.62 -13.17
N TYR E 231 6.06 -7.53 -12.27
CA TYR E 231 6.27 -8.93 -12.55
C TYR E 231 5.25 -9.59 -13.45
N LEU E 232 4.19 -8.87 -13.77
CA LEU E 232 3.18 -9.40 -14.67
C LEU E 232 3.63 -9.21 -16.11
N HIS E 233 4.55 -8.27 -16.32
CA HIS E 233 5.08 -7.93 -17.64
C HIS E 233 5.52 -9.11 -18.48
N SER E 234 6.54 -9.81 -18.01
CA SER E 234 7.09 -10.96 -18.71
C SER E 234 6.14 -12.15 -18.92
N ARG E 235 4.91 -12.02 -18.45
CA ARG E 235 3.95 -13.12 -18.55
C ARG E 235 2.77 -12.73 -19.36
N VAL E 236 2.45 -11.44 -19.37
CA VAL E 236 1.32 -11.05 -20.15
C VAL E 236 1.73 -10.40 -21.44
N GLN E 237 0.85 -10.66 -22.37
CA GLN E 237 0.96 -10.14 -23.69
C GLN E 237 -0.19 -9.17 -23.66
N THR E 238 -0.35 -8.35 -24.67
CA THR E 238 -1.45 -7.40 -24.56
C THR E 238 -1.86 -6.79 -25.89
N PHE E 239 -3.16 -6.53 -26.05
CA PHE E 239 -3.74 -5.94 -27.25
C PHE E 239 -4.53 -4.72 -26.79
N ARG E 240 -4.64 -3.71 -27.64
CA ARG E 240 -5.33 -2.51 -27.24
C ARG E 240 -6.46 -2.10 -28.18
N PHE E 241 -7.69 -2.35 -27.76
CA PHE E 241 -8.85 -1.96 -28.54
C PHE E 241 -9.20 -0.56 -28.08
N GLU E 242 -8.65 0.43 -28.79
CA GLU E 242 -8.87 1.84 -28.46
C GLU E 242 -10.07 2.45 -29.16
N GLN E 243 -10.52 1.83 -30.25
CA GLN E 243 -11.65 2.35 -31.01
C GLN E 243 -13.02 1.92 -30.49
N PRO E 244 -13.94 2.88 -30.24
CA PRO E 244 -15.29 2.58 -29.75
C PRO E 244 -15.91 1.47 -30.61
N CYS E 245 -16.76 0.64 -30.01
CA CYS E 245 -17.34 -0.46 -30.76
C CYS E 245 -18.86 -0.51 -30.90
N THR E 246 -19.58 0.01 -29.91
CA THR E 246 -21.04 0.01 -29.98
C THR E 246 -21.50 1.31 -30.60
N ASP E 247 -22.51 1.21 -31.47
CA ASP E 247 -23.03 2.40 -32.14
C ASP E 247 -24.42 2.75 -31.60
N GLU E 248 -25.02 3.81 -32.14
CA GLU E 248 -26.34 4.24 -31.71
C GLU E 248 -27.37 3.19 -32.08
N SER E 249 -27.28 2.68 -33.31
CA SER E 249 -28.21 1.66 -33.80
C SER E 249 -28.24 0.49 -32.81
N GLY E 250 -29.43 0.18 -32.30
CA GLY E 250 -29.58 -0.91 -31.35
C GLY E 250 -28.61 -2.06 -31.56
N GLU E 251 -28.70 -2.69 -32.73
CA GLU E 251 -27.83 -3.80 -33.06
C GLU E 251 -26.41 -3.31 -33.35
N GLN E 252 -25.48 -3.63 -32.44
CA GLN E 252 -24.08 -3.22 -32.57
C GLN E 252 -23.45 -3.71 -33.88
N PRO E 253 -22.44 -2.99 -34.38
CA PRO E 253 -21.75 -3.34 -35.63
C PRO E 253 -20.96 -4.65 -35.61
N PHE E 254 -20.33 -4.96 -34.47
CA PHE E 254 -19.55 -6.20 -34.37
C PHE E 254 -20.12 -7.21 -33.38
N ASN E 255 -20.21 -8.47 -33.83
CA ASN E 255 -20.74 -9.57 -33.03
C ASN E 255 -20.36 -10.91 -33.67
N ILE E 256 -19.14 -11.38 -33.40
CA ILE E 256 -18.62 -12.65 -33.94
C ILE E 256 -19.42 -13.87 -33.51
N THR E 257 -19.30 -14.97 -34.25
CA THR E 257 -19.99 -16.21 -33.88
C THR E 257 -19.07 -17.41 -34.04
N ASP E 258 -19.52 -18.58 -33.59
CA ASP E 258 -18.72 -19.78 -33.71
C ASP E 258 -18.31 -19.92 -35.16
N ALA E 259 -19.31 -19.86 -36.04
CA ALA E 259 -19.06 -19.96 -37.47
C ALA E 259 -17.86 -19.08 -37.84
N ASP E 260 -17.90 -17.83 -37.42
CA ASP E 260 -16.81 -16.89 -37.71
C ASP E 260 -15.45 -17.49 -37.35
N TRP E 261 -15.35 -18.01 -36.14
CA TRP E 261 -14.08 -18.58 -35.72
C TRP E 261 -13.77 -19.86 -36.47
N LYS E 262 -14.82 -20.55 -36.92
CA LYS E 262 -14.62 -21.79 -37.67
C LYS E 262 -13.76 -21.42 -38.86
N SER E 263 -14.28 -20.54 -39.70
CA SER E 263 -13.58 -20.08 -40.89
C SER E 263 -12.18 -19.67 -40.49
N PHE E 264 -12.09 -18.75 -39.52
CA PHE E 264 -10.80 -18.26 -39.06
C PHE E 264 -9.81 -19.40 -38.88
N PHE E 265 -10.17 -20.41 -38.10
CA PHE E 265 -9.27 -21.53 -37.90
C PHE E 265 -9.05 -22.37 -39.14
N VAL E 266 -10.13 -22.73 -39.81
CA VAL E 266 -10.00 -23.53 -41.02
C VAL E 266 -9.05 -22.90 -42.03
N ARG E 267 -9.25 -21.62 -42.33
CA ARG E 267 -8.41 -20.93 -43.31
C ARG E 267 -7.01 -20.58 -42.82
N LEU E 268 -6.84 -20.42 -41.52
CA LEU E 268 -5.54 -20.06 -40.97
C LEU E 268 -4.79 -21.24 -40.37
N TRP E 269 -5.38 -22.43 -40.52
CA TRP E 269 -4.80 -23.65 -39.96
C TRP E 269 -3.31 -23.82 -40.20
N GLY E 270 -2.85 -23.42 -41.38
CA GLY E 270 -1.45 -23.55 -41.69
C GLY E 270 -0.55 -22.56 -40.97
N ARG E 271 -0.95 -21.30 -40.93
CA ARG E 271 -0.14 -20.27 -40.27
C ARG E 271 -0.09 -20.44 -38.76
N LEU E 272 -1.14 -21.01 -38.18
CA LEU E 272 -1.20 -21.23 -36.73
C LEU E 272 -0.39 -22.43 -36.23
N ASP E 273 0.36 -23.04 -37.14
CA ASP E 273 1.19 -24.21 -36.83
C ASP E 273 0.41 -25.34 -36.16
N LEU E 274 -0.81 -25.57 -36.64
CA LEU E 274 -1.67 -26.62 -36.11
C LEU E 274 -1.53 -27.93 -36.89
N THR F 5 -46.69 -56.87 -3.32
CA THR F 5 -47.44 -56.11 -2.28
C THR F 5 -47.60 -54.64 -2.68
N GLU F 6 -48.04 -53.81 -1.74
CA GLU F 6 -48.25 -52.39 -2.00
C GLU F 6 -47.06 -51.57 -1.50
N LYS F 7 -45.88 -52.18 -1.51
CA LYS F 7 -44.65 -51.52 -1.08
C LYS F 7 -44.62 -50.06 -1.56
N PHE F 8 -44.15 -49.18 -0.69
CA PHE F 8 -44.07 -47.76 -0.98
C PHE F 8 -43.45 -47.47 -2.32
N ASP F 9 -44.20 -46.77 -3.19
CA ASP F 9 -43.71 -46.41 -4.52
C ASP F 9 -43.15 -44.99 -4.51
N PHE F 10 -41.83 -44.87 -4.67
CA PHE F 10 -41.17 -43.58 -4.67
C PHE F 10 -41.67 -42.63 -5.76
N GLY F 11 -41.54 -43.07 -7.01
CA GLY F 11 -41.99 -42.26 -8.11
C GLY F 11 -43.34 -41.58 -7.88
N THR F 12 -44.26 -42.27 -7.21
CA THR F 12 -45.59 -41.71 -6.92
C THR F 12 -45.51 -40.48 -6.05
N MET F 13 -44.77 -40.62 -4.96
CA MET F 13 -44.59 -39.52 -4.03
C MET F 13 -43.98 -38.35 -4.82
N VAL F 14 -42.94 -38.63 -5.59
CA VAL F 14 -42.30 -37.58 -6.39
C VAL F 14 -43.40 -36.87 -7.20
N GLN F 15 -44.16 -37.64 -7.97
CA GLN F 15 -45.24 -37.04 -8.77
C GLN F 15 -46.06 -36.09 -7.90
N TRP F 16 -46.63 -36.65 -6.85
CA TRP F 16 -47.41 -35.88 -5.89
C TRP F 16 -46.66 -34.60 -5.58
N ALA F 17 -45.45 -34.77 -5.05
CA ALA F 17 -44.59 -33.66 -4.67
C ALA F 17 -44.50 -32.64 -5.79
N TYR F 18 -44.17 -33.12 -6.97
CA TYR F 18 -44.05 -32.26 -8.12
C TYR F 18 -45.37 -31.54 -8.43
N ASP F 19 -46.47 -32.28 -8.50
CA ASP F 19 -47.75 -31.66 -8.80
C ASP F 19 -48.03 -30.46 -7.90
N HIS F 20 -47.81 -30.63 -6.60
CA HIS F 20 -48.07 -29.53 -5.68
C HIS F 20 -46.92 -28.54 -5.67
N LYS F 21 -45.91 -28.79 -6.50
CA LYS F 21 -44.76 -27.90 -6.53
C LYS F 21 -44.13 -27.80 -5.14
N TYR F 22 -44.13 -28.91 -4.41
CA TYR F 22 -43.53 -28.97 -3.09
C TYR F 22 -42.10 -29.37 -3.33
N ALA F 23 -41.14 -28.51 -2.98
CA ALA F 23 -39.75 -28.85 -3.25
C ALA F 23 -38.84 -28.91 -2.07
N GLU F 24 -39.28 -28.45 -0.91
CA GLU F 24 -38.39 -28.53 0.24
C GLU F 24 -38.80 -29.72 1.10
N GLU F 25 -37.80 -30.43 1.61
CA GLU F 25 -38.03 -31.60 2.45
C GLU F 25 -39.07 -31.30 3.51
N SER F 26 -38.70 -30.45 4.48
CA SER F 26 -39.60 -30.05 5.56
C SER F 26 -41.06 -30.14 5.15
N LYS F 27 -41.45 -29.51 4.05
CA LYS F 27 -42.84 -29.57 3.65
C LYS F 27 -43.18 -30.99 3.16
N ILE F 28 -42.67 -31.36 1.99
CA ILE F 28 -42.94 -32.68 1.45
C ILE F 28 -43.21 -33.67 2.56
N ALA F 29 -42.27 -33.77 3.48
CA ALA F 29 -42.45 -34.71 4.58
C ALA F 29 -43.77 -34.51 5.28
N TYR F 30 -43.95 -33.35 5.88
CA TYR F 30 -45.17 -33.00 6.60
C TYR F 30 -46.43 -33.10 5.72
N GLU F 31 -46.45 -32.41 4.61
CA GLU F 31 -47.65 -32.46 3.79
C GLU F 31 -48.07 -33.87 3.39
N TYR F 32 -47.08 -34.74 3.14
CA TYR F 32 -47.42 -36.11 2.76
C TYR F 32 -48.02 -36.85 3.93
N ALA F 33 -47.27 -36.92 5.03
CA ALA F 33 -47.77 -37.61 6.22
C ALA F 33 -49.21 -37.21 6.49
N LEU F 34 -49.60 -36.01 6.07
CA LEU F 34 -50.98 -35.59 6.27
C LEU F 34 -51.90 -36.32 5.33
N ALA F 35 -51.51 -36.42 4.07
CA ALA F 35 -52.33 -37.12 3.08
C ALA F 35 -52.39 -38.61 3.40
N ALA F 36 -51.65 -39.01 4.44
CA ALA F 36 -51.59 -40.43 4.85
C ALA F 36 -52.94 -40.97 5.22
N GLY F 37 -53.87 -40.07 5.54
CA GLY F 37 -55.20 -40.52 5.90
C GLY F 37 -55.95 -41.11 4.72
N SER F 38 -55.84 -40.49 3.56
CA SER F 38 -56.54 -41.00 2.40
C SER F 38 -55.60 -41.33 1.24
N ASP F 39 -54.47 -41.96 1.56
CA ASP F 39 -53.48 -42.30 0.53
C ASP F 39 -52.64 -43.53 0.89
N SER F 40 -52.91 -44.63 0.19
CA SER F 40 -52.23 -45.89 0.40
C SER F 40 -50.71 -45.77 0.35
N ASN F 41 -50.21 -44.92 -0.55
CA ASN F 41 -48.76 -44.75 -0.70
C ASN F 41 -48.16 -43.93 0.43
N ALA F 42 -48.84 -42.87 0.82
CA ALA F 42 -48.34 -42.04 1.91
C ALA F 42 -48.27 -42.94 3.14
N ARG F 43 -49.30 -43.76 3.29
CA ARG F 43 -49.39 -44.67 4.40
C ARG F 43 -48.24 -45.68 4.31
N ALA F 44 -47.91 -46.07 3.09
CA ALA F 44 -46.81 -47.02 2.84
C ALA F 44 -45.48 -46.32 3.15
N PHE F 45 -45.43 -45.02 2.89
CA PHE F 45 -44.26 -44.21 3.15
C PHE F 45 -43.99 -44.17 4.63
N LEU F 46 -45.01 -43.80 5.42
CA LEU F 46 -44.86 -43.75 6.86
C LEU F 46 -44.41 -45.10 7.42
N ALA F 47 -44.60 -46.14 6.61
CA ALA F 47 -44.24 -47.49 7.00
C ALA F 47 -42.79 -47.81 6.71
N THR F 48 -42.17 -46.98 5.88
CA THR F 48 -40.77 -47.15 5.49
C THR F 48 -39.85 -46.88 6.65
N ASN F 49 -38.81 -47.70 6.80
CA ASN F 49 -37.86 -47.50 7.89
C ASN F 49 -36.88 -46.41 7.49
N SER F 50 -37.04 -45.91 6.27
CA SER F 50 -36.17 -44.88 5.73
C SER F 50 -36.94 -43.74 5.10
N GLN F 51 -37.84 -43.12 5.86
CA GLN F 51 -38.62 -42.00 5.34
C GLN F 51 -37.60 -40.90 5.01
N ALA F 52 -36.71 -40.64 5.97
CA ALA F 52 -35.65 -39.65 5.85
C ALA F 52 -35.14 -39.67 4.42
N LYS F 53 -34.35 -40.69 4.10
CA LYS F 53 -33.80 -40.84 2.76
C LYS F 53 -34.84 -40.48 1.69
N HIS F 54 -36.07 -40.94 1.84
CA HIS F 54 -37.06 -40.65 0.80
C HIS F 54 -37.45 -39.19 0.69
N VAL F 55 -37.68 -38.54 1.82
CA VAL F 55 -38.08 -37.14 1.80
C VAL F 55 -36.98 -36.38 1.08
N LYS F 56 -35.74 -36.71 1.40
CA LYS F 56 -34.59 -36.06 0.78
C LYS F 56 -34.64 -36.32 -0.71
N ASP F 57 -34.42 -37.57 -1.10
CA ASP F 57 -34.43 -37.92 -2.52
C ASP F 57 -35.66 -37.37 -3.23
N CYS F 58 -36.82 -37.34 -2.57
CA CYS F 58 -37.99 -36.80 -3.27
C CYS F 58 -37.75 -35.34 -3.62
N ALA F 59 -37.29 -34.59 -2.64
CA ALA F 59 -37.00 -33.18 -2.82
C ALA F 59 -36.02 -33.04 -3.97
N THR F 60 -34.87 -33.69 -3.81
CA THR F 60 -33.84 -33.66 -4.83
C THR F 60 -34.47 -33.90 -6.19
N MET F 61 -35.21 -34.98 -6.28
CA MET F 61 -35.82 -35.29 -7.54
C MET F 61 -36.70 -34.14 -8.02
N VAL F 62 -37.58 -33.63 -7.18
CA VAL F 62 -38.47 -32.55 -7.57
C VAL F 62 -37.74 -31.32 -8.06
N ARG F 63 -36.82 -30.82 -7.26
CA ARG F 63 -36.08 -29.65 -7.69
C ARG F 63 -35.53 -29.87 -9.08
N HIS F 64 -34.83 -30.97 -9.30
CA HIS F 64 -34.29 -31.25 -10.63
C HIS F 64 -35.31 -30.90 -11.68
N TYR F 65 -36.46 -31.57 -11.60
CA TYR F 65 -37.50 -31.30 -12.57
C TYR F 65 -37.75 -29.79 -12.60
N LEU F 66 -38.06 -29.21 -11.45
CA LEU F 66 -38.32 -27.78 -11.38
C LEU F 66 -37.28 -26.92 -12.08
N ARG F 67 -36.00 -27.12 -11.78
CA ARG F 67 -34.98 -26.31 -12.43
C ARG F 67 -34.90 -26.65 -13.91
N ALA F 68 -34.55 -27.90 -14.21
CA ALA F 68 -34.44 -28.34 -15.59
C ALA F 68 -35.56 -27.78 -16.45
N GLU F 69 -36.79 -27.88 -15.94
CA GLU F 69 -37.99 -27.41 -16.60
C GLU F 69 -38.00 -25.92 -16.86
N THR F 70 -37.36 -25.13 -15.99
CA THR F 70 -37.34 -23.69 -16.21
C THR F 70 -36.22 -23.27 -17.14
N GLN F 71 -35.01 -23.77 -16.90
CA GLN F 71 -33.88 -23.43 -17.76
C GLN F 71 -34.17 -23.90 -19.18
N ALA F 72 -35.15 -24.79 -19.30
CA ALA F 72 -35.55 -25.36 -20.56
C ALA F 72 -36.35 -24.46 -21.52
N LEU F 73 -37.07 -23.48 -20.98
CA LEU F 73 -37.87 -22.60 -21.85
C LEU F 73 -37.06 -21.50 -22.52
N SER F 74 -37.72 -20.76 -23.42
CA SER F 74 -37.11 -19.63 -24.11
C SER F 74 -37.73 -18.45 -23.39
N MET F 75 -37.05 -17.31 -23.35
CA MET F 75 -37.63 -16.17 -22.63
C MET F 75 -39.11 -16.01 -23.00
N PRO F 76 -39.43 -16.15 -24.30
CA PRO F 76 -40.84 -16.03 -24.71
C PRO F 76 -41.60 -17.09 -23.92
N ALA F 77 -41.36 -18.34 -24.30
CA ALA F 77 -41.97 -19.50 -23.69
C ALA F 77 -42.07 -19.35 -22.19
N TYR F 78 -40.98 -18.94 -21.55
CA TYR F 78 -41.00 -18.78 -20.09
C TYR F 78 -42.07 -17.77 -19.68
N ILE F 79 -41.96 -16.58 -20.27
CA ILE F 79 -42.90 -15.50 -19.99
C ILE F 79 -44.32 -15.97 -20.25
N LYS F 80 -44.49 -16.71 -21.35
CA LYS F 80 -45.78 -17.26 -21.73
C LYS F 80 -46.32 -18.12 -20.58
N ALA F 81 -45.49 -19.04 -20.12
CA ALA F 81 -45.88 -19.92 -19.02
C ALA F 81 -46.16 -19.15 -17.73
N ARG F 82 -45.44 -18.05 -17.52
CA ARG F 82 -45.62 -17.23 -16.31
C ARG F 82 -46.96 -16.50 -16.37
N CYS F 83 -47.51 -16.40 -17.56
CA CYS F 83 -48.80 -15.74 -17.74
C CYS F 83 -49.89 -16.69 -17.22
N LYS F 84 -49.87 -17.92 -17.70
CA LYS F 84 -50.85 -18.91 -17.28
C LYS F 84 -50.95 -18.95 -15.76
N LEU F 85 -49.85 -18.63 -15.09
CA LEU F 85 -49.82 -18.63 -13.63
C LEU F 85 -50.53 -17.42 -13.05
N ALA F 86 -50.52 -16.33 -13.83
CA ALA F 86 -51.15 -15.09 -13.40
C ALA F 86 -52.67 -15.22 -13.31
N THR F 87 -53.17 -15.20 -12.09
CA THR F 87 -54.60 -15.31 -11.82
C THR F 87 -55.13 -13.97 -11.32
N GLY F 88 -56.43 -13.75 -11.49
CA GLY F 88 -57.03 -12.50 -11.04
C GLY F 88 -57.30 -11.55 -12.18
N GLU F 89 -57.82 -10.38 -11.86
CA GLU F 89 -58.12 -9.38 -12.87
C GLU F 89 -57.37 -8.08 -12.62
N GLY F 90 -56.84 -7.52 -13.70
CA GLY F 90 -56.10 -6.28 -13.64
C GLY F 90 -55.95 -5.75 -15.04
N SER F 91 -55.01 -4.83 -15.27
CA SER F 91 -54.80 -4.30 -16.61
C SER F 91 -53.52 -3.45 -16.69
N TRP F 92 -52.90 -3.48 -17.86
CA TRP F 92 -51.66 -2.75 -18.13
C TRP F 92 -51.77 -1.25 -17.82
N LYS F 93 -52.97 -0.70 -17.95
CA LYS F 93 -53.18 0.72 -17.70
C LYS F 93 -52.69 1.00 -16.28
N SER F 94 -53.03 0.10 -15.37
CA SER F 94 -52.64 0.20 -13.97
C SER F 94 -51.12 0.32 -13.82
N ILE F 95 -50.36 -0.40 -14.66
CA ILE F 95 -48.90 -0.33 -14.64
C ILE F 95 -48.60 1.02 -15.23
N LEU F 96 -49.12 1.22 -16.44
CA LEU F 96 -48.96 2.47 -17.17
C LEU F 96 -49.10 3.67 -16.22
N THR F 97 -50.35 4.02 -15.94
CA THR F 97 -50.68 5.12 -15.04
C THR F 97 -49.48 5.51 -14.18
N PHE F 98 -48.95 4.52 -13.45
CA PHE F 98 -47.81 4.71 -12.57
C PHE F 98 -46.63 5.34 -13.33
N PHE F 99 -46.15 4.65 -14.36
CA PHE F 99 -45.04 5.16 -15.15
C PHE F 99 -45.29 6.59 -15.61
N ASN F 100 -46.51 6.87 -16.05
CA ASN F 100 -46.86 8.23 -16.47
C ASN F 100 -46.74 9.11 -15.24
N TYR F 101 -47.36 8.67 -14.15
CA TYR F 101 -47.30 9.41 -12.91
C TYR F 101 -45.86 9.78 -12.55
N GLN F 102 -44.93 8.90 -12.88
CA GLN F 102 -43.53 9.14 -12.58
C GLN F 102 -42.88 10.05 -13.60
N ASN F 103 -43.65 10.44 -14.61
CA ASN F 103 -43.15 11.30 -15.67
C ASN F 103 -42.16 10.51 -16.52
N ILE F 104 -42.64 9.41 -17.07
CA ILE F 104 -41.82 8.56 -17.93
C ILE F 104 -42.70 7.98 -19.02
N GLU F 105 -42.26 8.14 -20.27
CA GLU F 105 -43.00 7.63 -21.41
C GLU F 105 -42.88 6.12 -21.43
N LEU F 106 -44.02 5.45 -21.33
CA LEU F 106 -44.03 4.00 -21.32
C LEU F 106 -43.07 3.42 -22.36
N ILE F 107 -43.16 3.90 -23.59
CA ILE F 107 -42.30 3.42 -24.66
C ILE F 107 -40.84 3.35 -24.22
N THR F 108 -40.42 4.32 -23.41
CA THR F 108 -39.05 4.37 -22.90
C THR F 108 -38.79 3.09 -22.11
N PHE F 109 -39.72 2.76 -21.23
CA PHE F 109 -39.61 1.57 -20.41
C PHE F 109 -39.71 0.33 -21.28
N ILE F 110 -40.67 0.33 -22.17
CA ILE F 110 -40.84 -0.82 -23.02
C ILE F 110 -39.57 -1.10 -23.81
N ASN F 111 -38.99 -0.09 -24.45
CA ASN F 111 -37.78 -0.34 -25.23
C ASN F 111 -36.67 -1.00 -24.40
N ALA F 112 -36.48 -0.55 -23.17
CA ALA F 112 -35.45 -1.13 -22.33
C ALA F 112 -35.83 -2.56 -21.96
N LEU F 113 -37.09 -2.75 -21.58
CA LEU F 113 -37.61 -4.05 -21.21
C LEU F 113 -37.36 -5.10 -22.29
N LYS F 114 -37.70 -4.77 -23.53
CA LYS F 114 -37.50 -5.70 -24.63
C LYS F 114 -36.07 -6.26 -24.65
N LEU F 115 -35.07 -5.38 -24.65
CA LEU F 115 -33.67 -5.81 -24.67
C LEU F 115 -33.27 -6.52 -23.37
N TRP F 116 -33.84 -6.05 -22.26
CA TRP F 116 -33.57 -6.63 -20.95
C TRP F 116 -33.94 -8.11 -20.96
N LEU F 117 -35.22 -8.39 -21.25
CA LEU F 117 -35.67 -9.78 -21.31
C LEU F 117 -34.84 -10.63 -22.27
N LYS F 118 -34.34 -10.01 -23.34
CA LYS F 118 -33.51 -10.73 -24.29
C LYS F 118 -32.13 -10.99 -23.70
N GLY F 119 -31.78 -10.20 -22.69
CA GLY F 119 -30.50 -10.35 -22.02
C GLY F 119 -29.30 -9.90 -22.86
N ILE F 120 -29.50 -8.90 -23.72
CA ILE F 120 -28.40 -8.43 -24.55
C ILE F 120 -27.29 -7.74 -23.74
N PRO F 121 -26.09 -8.34 -23.75
CA PRO F 121 -24.92 -7.85 -23.04
C PRO F 121 -24.92 -6.34 -22.80
N LYS F 122 -24.69 -5.93 -21.55
CA LYS F 122 -24.65 -4.52 -21.18
C LYS F 122 -25.97 -3.75 -21.21
N LYS F 123 -27.08 -4.46 -21.38
CA LYS F 123 -28.40 -3.83 -21.39
C LYS F 123 -29.28 -4.84 -20.68
N ASN F 124 -28.59 -5.64 -19.86
CA ASN F 124 -29.13 -6.73 -19.08
C ASN F 124 -29.45 -6.26 -17.66
N CYS F 125 -29.23 -4.98 -17.40
CA CYS F 125 -29.47 -4.45 -16.06
C CYS F 125 -30.22 -3.12 -15.99
N LEU F 126 -31.37 -3.11 -15.32
CA LEU F 126 -32.12 -1.88 -15.18
C LEU F 126 -32.01 -1.43 -13.75
N ALA F 127 -32.03 -0.13 -13.53
CA ALA F 127 -31.95 0.41 -12.19
C ALA F 127 -33.03 1.44 -11.97
N PHE F 128 -33.72 1.33 -10.85
CA PHE F 128 -34.75 2.28 -10.53
C PHE F 128 -34.23 3.03 -9.32
N ILE F 129 -33.81 4.26 -9.57
CA ILE F 129 -33.27 5.11 -8.54
C ILE F 129 -34.22 6.23 -8.20
N GLY F 130 -34.18 6.71 -6.96
CA GLY F 130 -35.06 7.79 -6.56
C GLY F 130 -35.17 7.96 -5.05
N PRO F 131 -35.79 9.05 -4.56
CA PRO F 131 -35.94 9.25 -3.12
C PRO F 131 -36.84 8.14 -2.57
N PRO F 132 -36.69 7.80 -1.28
CA PRO F 132 -37.52 6.75 -0.68
C PRO F 132 -39.02 7.03 -0.82
N ASN F 133 -39.80 5.96 -0.97
CA ASN F 133 -41.26 6.05 -1.12
C ASN F 133 -41.80 6.45 -2.48
N THR F 134 -41.05 6.15 -3.54
CA THR F 134 -41.46 6.51 -4.90
C THR F 134 -41.88 5.31 -5.74
N GLY F 135 -42.20 4.20 -5.08
CA GLY F 135 -42.65 3.02 -5.80
C GLY F 135 -41.63 2.18 -6.55
N LYS F 136 -40.36 2.28 -6.18
CA LYS F 136 -39.30 1.51 -6.84
C LYS F 136 -39.39 0.01 -6.53
N SER F 137 -39.22 -0.35 -5.25
CA SER F 137 -39.30 -1.74 -4.82
C SER F 137 -40.68 -2.23 -5.19
N MET F 138 -41.65 -1.33 -5.08
CA MET F 138 -43.03 -1.60 -5.41
C MET F 138 -43.05 -2.28 -6.76
N LEU F 139 -42.71 -1.50 -7.78
CA LEU F 139 -42.68 -1.96 -9.15
C LEU F 139 -41.83 -3.19 -9.34
N CYS F 140 -40.52 -3.01 -9.19
CA CYS F 140 -39.57 -4.10 -9.36
C CYS F 140 -40.08 -5.40 -8.75
N ASN F 141 -40.35 -5.40 -7.45
CA ASN F 141 -40.83 -6.61 -6.83
C ASN F 141 -42.03 -7.22 -7.53
N SER F 142 -43.00 -6.39 -7.89
CA SER F 142 -44.17 -6.90 -8.57
C SER F 142 -43.74 -7.58 -9.86
N LEU F 143 -42.86 -6.93 -10.61
CA LEU F 143 -42.39 -7.50 -11.86
C LEU F 143 -41.60 -8.79 -11.65
N ILE F 144 -40.75 -8.82 -10.63
CA ILE F 144 -39.97 -10.02 -10.37
C ILE F 144 -40.93 -11.13 -10.01
N HIS F 145 -41.85 -10.82 -9.10
CA HIS F 145 -42.84 -11.78 -8.65
C HIS F 145 -43.67 -12.41 -9.78
N PHE F 146 -43.94 -11.65 -10.84
CA PHE F 146 -44.71 -12.17 -11.98
C PHE F 146 -43.81 -13.05 -12.83
N LEU F 147 -42.58 -12.58 -13.00
CA LEU F 147 -41.59 -13.28 -13.78
C LEU F 147 -41.17 -14.50 -12.99
N GLY F 148 -41.37 -14.43 -11.68
CA GLY F 148 -41.01 -15.56 -10.83
C GLY F 148 -39.52 -15.63 -10.58
N GLY F 149 -38.87 -14.48 -10.57
CA GLY F 149 -37.43 -14.47 -10.34
C GLY F 149 -37.08 -14.46 -8.87
N SER F 150 -35.80 -14.59 -8.55
CA SER F 150 -35.40 -14.56 -7.14
C SER F 150 -34.87 -13.17 -6.79
N VAL F 151 -34.69 -12.95 -5.50
CA VAL F 151 -34.19 -11.69 -4.99
C VAL F 151 -32.88 -11.99 -4.28
N LEU F 152 -31.90 -11.10 -4.44
CA LEU F 152 -30.62 -11.28 -3.80
C LEU F 152 -30.52 -10.36 -2.59
N SER F 153 -29.94 -10.87 -1.50
CA SER F 153 -29.80 -10.07 -0.28
C SER F 153 -28.35 -9.70 -0.06
N PHE F 154 -28.02 -8.41 -0.22
CA PHE F 154 -26.64 -7.97 -0.06
C PHE F 154 -26.14 -8.24 1.35
N ALA F 155 -27.06 -8.62 2.24
CA ALA F 155 -26.71 -8.90 3.63
C ALA F 155 -25.87 -10.17 3.74
N ASN F 156 -25.74 -10.87 2.63
CA ASN F 156 -24.98 -12.11 2.64
C ASN F 156 -23.76 -12.09 1.72
N HIS F 157 -23.55 -11.01 0.97
CA HIS F 157 -22.43 -10.94 0.03
C HIS F 157 -21.06 -11.34 0.59
N LYS F 158 -20.94 -11.49 1.90
CA LYS F 158 -19.66 -11.85 2.52
C LYS F 158 -19.32 -13.32 2.27
N SER F 159 -20.25 -14.02 1.61
CA SER F 159 -20.13 -15.43 1.23
C SER F 159 -20.64 -15.48 -0.21
N HIS F 160 -19.72 -15.69 -1.16
CA HIS F 160 -20.04 -15.74 -2.58
C HIS F 160 -21.26 -16.56 -2.93
N PHE F 161 -21.76 -17.33 -1.96
CA PHE F 161 -22.96 -18.15 -2.21
C PHE F 161 -24.23 -17.33 -2.26
N TRP F 162 -24.13 -16.01 -2.11
CA TRP F 162 -25.32 -15.20 -2.14
C TRP F 162 -25.78 -15.05 -3.59
N LEU F 163 -24.94 -15.48 -4.52
CA LEU F 163 -25.32 -15.40 -5.91
C LEU F 163 -25.84 -16.73 -6.45
N ALA F 164 -25.84 -17.75 -5.59
CA ALA F 164 -26.30 -19.08 -5.94
C ALA F 164 -27.61 -19.02 -6.71
N SER F 165 -28.48 -18.11 -6.33
CA SER F 165 -29.77 -17.98 -6.99
C SER F 165 -29.62 -17.75 -8.48
N LEU F 166 -28.61 -16.99 -8.86
CA LEU F 166 -28.37 -16.66 -10.26
C LEU F 166 -28.39 -17.87 -11.15
N ALA F 167 -27.85 -18.97 -10.66
CA ALA F 167 -27.81 -20.20 -11.44
C ALA F 167 -29.17 -20.92 -11.62
N ASP F 168 -30.27 -20.24 -11.28
CA ASP F 168 -31.58 -20.85 -11.42
C ASP F 168 -32.63 -19.97 -12.07
N THR F 169 -32.94 -18.83 -11.44
CA THR F 169 -33.94 -17.89 -11.97
C THR F 169 -33.61 -17.28 -13.32
N ARG F 170 -34.62 -16.66 -13.93
CA ARG F 170 -34.46 -16.02 -15.22
C ARG F 170 -34.36 -14.53 -14.96
N ALA F 171 -34.52 -14.15 -13.70
CA ALA F 171 -34.49 -12.74 -13.38
C ALA F 171 -34.31 -12.48 -11.89
N ALA F 172 -33.21 -11.81 -11.55
CA ALA F 172 -32.89 -11.49 -10.16
C ALA F 172 -33.05 -10.02 -9.90
N LEU F 173 -33.21 -9.68 -8.62
CA LEU F 173 -33.42 -8.30 -8.18
C LEU F 173 -32.74 -7.98 -6.86
N VAL F 174 -31.92 -6.94 -6.88
CA VAL F 174 -31.21 -6.46 -5.70
C VAL F 174 -31.99 -5.24 -5.25
N ASP F 175 -32.73 -5.40 -4.17
CA ASP F 175 -33.56 -4.31 -3.66
C ASP F 175 -32.82 -3.45 -2.66
N ASP F 176 -32.80 -2.15 -2.94
CA ASP F 176 -32.14 -1.17 -2.10
C ASP F 176 -30.62 -1.32 -2.02
N ALA F 177 -29.97 -1.04 -3.16
CA ALA F 177 -28.52 -1.13 -3.26
C ALA F 177 -27.92 0.09 -2.61
N THR F 178 -26.93 -0.14 -1.76
CA THR F 178 -26.25 0.92 -1.06
C THR F 178 -24.92 1.16 -1.76
N HIS F 179 -24.12 2.07 -1.23
CA HIS F 179 -22.83 2.34 -1.85
C HIS F 179 -22.00 1.07 -1.84
N ALA F 180 -21.88 0.46 -0.67
CA ALA F 180 -21.12 -0.77 -0.57
C ALA F 180 -21.62 -1.81 -1.58
N CYS F 181 -22.92 -1.78 -1.88
CA CYS F 181 -23.46 -2.73 -2.83
C CYS F 181 -22.92 -2.40 -4.20
N TRP F 182 -23.14 -1.18 -4.68
CA TRP F 182 -22.65 -0.74 -5.99
C TRP F 182 -21.15 -1.02 -6.15
N ARG F 183 -20.38 -0.75 -5.10
CA ARG F 183 -18.95 -1.00 -5.15
C ARG F 183 -18.69 -2.48 -5.47
N TYR F 184 -19.35 -3.36 -4.71
CA TYR F 184 -19.22 -4.80 -4.92
C TYR F 184 -19.55 -5.12 -6.36
N PHE F 185 -20.58 -4.47 -6.90
CA PHE F 185 -20.97 -4.69 -8.28
C PHE F 185 -19.89 -4.16 -9.19
N ASP F 186 -19.49 -2.92 -9.02
CA ASP F 186 -18.45 -2.38 -9.86
C ASP F 186 -17.16 -3.21 -9.81
N THR F 187 -16.92 -3.87 -8.69
CA THR F 187 -15.70 -4.65 -8.49
C THR F 187 -15.65 -6.10 -8.97
N TYR F 188 -16.69 -6.87 -8.65
CA TYR F 188 -16.75 -8.29 -8.97
C TYR F 188 -17.76 -8.68 -10.04
N LEU F 189 -18.96 -8.13 -9.96
CA LEU F 189 -20.03 -8.46 -10.89
C LEU F 189 -20.16 -7.67 -12.18
N ARG F 190 -19.04 -7.29 -12.79
CA ARG F 190 -19.12 -6.55 -14.05
C ARG F 190 -19.68 -7.52 -15.10
N ASN F 191 -19.09 -8.71 -15.15
CA ASN F 191 -19.53 -9.77 -16.06
C ASN F 191 -21.03 -9.93 -15.97
N ALA F 192 -21.51 -10.17 -14.76
CA ALA F 192 -22.92 -10.38 -14.49
C ALA F 192 -23.88 -9.27 -14.92
N LEU F 193 -23.53 -8.02 -14.64
CA LEU F 193 -24.40 -6.92 -15.04
C LEU F 193 -24.43 -6.91 -16.57
N ASP F 194 -23.33 -7.36 -17.14
CA ASP F 194 -23.19 -7.41 -18.58
C ASP F 194 -23.97 -8.56 -19.18
N GLY F 195 -24.45 -9.47 -18.34
CA GLY F 195 -25.22 -10.59 -18.85
C GLY F 195 -24.44 -11.62 -19.66
N TYR F 196 -23.16 -11.75 -19.33
CA TYR F 196 -22.30 -12.71 -20.01
C TYR F 196 -22.33 -13.96 -19.15
N PRO F 197 -21.95 -15.12 -19.72
CA PRO F 197 -21.97 -16.31 -18.88
C PRO F 197 -20.98 -16.11 -17.75
N VAL F 198 -21.26 -16.71 -16.60
CA VAL F 198 -20.36 -16.60 -15.47
C VAL F 198 -20.41 -17.89 -14.67
N SER F 199 -19.51 -17.97 -13.70
CA SER F 199 -19.40 -19.13 -12.82
C SER F 199 -20.17 -18.84 -11.55
N ILE F 200 -21.01 -19.79 -11.16
CA ILE F 200 -21.81 -19.63 -9.94
C ILE F 200 -21.56 -20.83 -9.05
N ASP F 201 -20.99 -20.61 -7.87
CA ASP F 201 -20.72 -21.73 -6.97
C ASP F 201 -22.02 -22.05 -6.26
N ARG F 202 -22.09 -23.25 -5.70
CA ARG F 202 -23.28 -23.70 -4.99
C ARG F 202 -22.83 -24.56 -3.82
N LYS F 203 -23.42 -24.33 -2.66
CA LYS F 203 -23.02 -25.08 -1.48
C LYS F 203 -22.93 -26.59 -1.73
N HIS F 204 -21.75 -27.16 -1.47
CA HIS F 204 -21.55 -28.59 -1.61
C HIS F 204 -21.68 -29.12 -3.03
N LYS F 205 -22.62 -28.60 -3.80
CA LYS F 205 -22.79 -29.03 -5.18
C LYS F 205 -21.61 -28.49 -6.00
N ALA F 206 -21.65 -28.71 -7.31
CA ALA F 206 -20.58 -28.22 -8.19
C ALA F 206 -20.98 -26.89 -8.82
N ALA F 207 -19.98 -26.07 -9.15
CA ALA F 207 -20.23 -24.77 -9.76
C ALA F 207 -20.82 -24.90 -11.17
N VAL F 208 -21.72 -23.97 -11.48
CA VAL F 208 -22.39 -23.97 -12.78
C VAL F 208 -22.06 -22.74 -13.61
N GLN F 209 -21.49 -22.96 -14.78
CA GLN F 209 -21.14 -21.86 -15.68
C GLN F 209 -22.42 -21.52 -16.44
N ILE F 210 -22.88 -20.29 -16.28
CA ILE F 210 -24.11 -19.89 -16.95
C ILE F 210 -24.28 -18.38 -17.08
N LYS F 211 -24.98 -18.00 -18.15
CA LYS F 211 -25.27 -16.62 -18.48
C LYS F 211 -26.03 -15.93 -17.37
N ALA F 212 -25.42 -14.88 -16.80
CA ALA F 212 -26.05 -14.12 -15.75
C ALA F 212 -27.41 -13.63 -16.25
N PRO F 213 -28.46 -13.85 -15.48
CA PRO F 213 -29.80 -13.43 -15.86
C PRO F 213 -29.99 -11.93 -15.73
N PRO F 214 -31.11 -11.39 -16.26
CA PRO F 214 -31.45 -9.97 -16.20
C PRO F 214 -31.61 -9.47 -14.76
N LEU F 215 -30.96 -8.33 -14.47
CA LEU F 215 -31.00 -7.72 -13.15
C LEU F 215 -31.87 -6.50 -12.99
N LEU F 216 -32.50 -6.40 -11.84
CA LEU F 216 -33.33 -5.27 -11.51
C LEU F 216 -32.72 -4.73 -10.25
N VAL F 217 -32.59 -3.43 -10.16
CA VAL F 217 -32.00 -2.84 -8.97
C VAL F 217 -32.67 -1.56 -8.53
N THR F 218 -32.92 -1.43 -7.24
CA THR F 218 -33.53 -0.22 -6.72
C THR F 218 -32.50 0.43 -5.81
N SER F 219 -32.40 1.75 -5.85
CA SER F 219 -31.42 2.45 -5.02
C SER F 219 -31.58 3.97 -4.89
N ASN F 220 -31.20 4.50 -3.75
CA ASN F 220 -31.31 5.92 -3.50
C ASN F 220 -30.14 6.61 -4.17
N ILE F 221 -29.21 5.81 -4.66
CA ILE F 221 -28.01 6.32 -5.33
C ILE F 221 -28.14 6.27 -6.85
N ASP F 222 -27.76 7.34 -7.53
CA ASP F 222 -27.82 7.39 -8.99
C ASP F 222 -26.45 7.07 -9.55
N VAL F 223 -26.14 5.79 -9.72
CA VAL F 223 -24.85 5.39 -10.23
C VAL F 223 -24.33 6.18 -11.44
N GLN F 224 -25.19 6.48 -12.42
CA GLN F 224 -24.70 7.23 -13.56
C GLN F 224 -24.21 8.63 -13.20
N ALA F 225 -24.55 9.12 -12.01
CA ALA F 225 -24.10 10.46 -11.59
C ALA F 225 -22.73 10.35 -10.89
N GLU F 226 -22.66 9.50 -9.86
CA GLU F 226 -21.43 9.27 -9.12
C GLU F 226 -20.33 8.93 -10.12
N ASP F 227 -19.09 9.30 -9.81
CA ASP F 227 -17.96 9.08 -10.71
C ASP F 227 -17.07 7.90 -10.34
N ARG F 228 -17.31 7.34 -9.16
CA ARG F 228 -16.54 6.20 -8.69
C ARG F 228 -17.15 4.92 -9.22
N TYR F 229 -18.29 5.05 -9.88
CA TYR F 229 -19.00 3.93 -10.47
C TYR F 229 -18.86 4.15 -11.96
N LEU F 230 -17.74 4.77 -12.33
CA LEU F 230 -17.45 5.07 -13.73
C LEU F 230 -17.74 3.91 -14.66
N TYR F 231 -17.26 2.74 -14.30
CA TYR F 231 -17.42 1.58 -15.15
C TYR F 231 -18.76 0.86 -15.13
N LEU F 232 -19.67 1.28 -14.27
CA LEU F 232 -20.99 0.66 -14.24
C LEU F 232 -21.89 1.47 -15.17
N HIS F 233 -21.35 2.53 -15.72
CA HIS F 233 -22.10 3.38 -16.62
C HIS F 233 -22.56 2.69 -17.89
N SER F 234 -21.65 1.95 -18.51
CA SER F 234 -21.94 1.24 -19.75
C SER F 234 -22.75 -0.04 -19.57
N ARG F 235 -23.24 -0.26 -18.35
CA ARG F 235 -24.00 -1.48 -18.04
C ARG F 235 -25.37 -1.23 -17.43
N VAL F 236 -25.46 -0.21 -16.59
CA VAL F 236 -26.70 0.09 -15.89
C VAL F 236 -27.60 1.14 -16.53
N GLN F 237 -28.79 0.70 -16.92
CA GLN F 237 -29.80 1.57 -17.50
C GLN F 237 -30.50 2.17 -16.27
N THR F 238 -30.64 3.49 -16.24
CA THR F 238 -31.26 4.14 -15.10
C THR F 238 -32.66 4.70 -15.34
N PHE F 239 -33.41 4.81 -14.25
CA PHE F 239 -34.76 5.35 -14.25
C PHE F 239 -34.93 6.28 -13.05
N ARG F 240 -35.54 7.43 -13.30
CA ARG F 240 -35.74 8.43 -12.27
C ARG F 240 -37.16 8.50 -11.71
N PHE F 241 -37.44 7.65 -10.73
CA PHE F 241 -38.72 7.64 -10.05
C PHE F 241 -38.55 8.68 -8.95
N GLU F 242 -39.21 9.82 -9.08
CA GLU F 242 -39.10 10.90 -8.10
C GLU F 242 -40.38 11.18 -7.30
N GLN F 243 -41.52 11.14 -7.99
CA GLN F 243 -42.80 11.43 -7.36
C GLN F 243 -43.18 10.52 -6.20
N PRO F 244 -43.31 11.09 -4.99
CA PRO F 244 -43.68 10.33 -3.79
C PRO F 244 -44.93 9.51 -4.05
N CYS F 245 -45.32 8.67 -3.08
CA CYS F 245 -46.52 7.85 -3.24
C CYS F 245 -47.56 8.06 -2.13
N THR F 246 -47.91 6.99 -1.41
CA THR F 246 -48.90 7.07 -0.34
C THR F 246 -48.92 8.46 0.28
N ASP F 247 -49.78 9.33 -0.23
CA ASP F 247 -49.88 10.71 0.25
C ASP F 247 -50.57 10.85 1.60
N GLU F 248 -51.90 11.01 1.58
CA GLU F 248 -52.68 11.17 2.81
C GLU F 248 -53.66 10.02 3.05
N SER F 249 -53.63 9.48 4.26
CA SER F 249 -54.50 8.38 4.68
C SER F 249 -53.94 6.98 4.42
N GLY F 250 -52.61 6.87 4.31
CA GLY F 250 -51.97 5.58 4.08
C GLY F 250 -52.32 4.88 2.78
N GLU F 251 -53.61 4.73 2.50
CA GLU F 251 -54.10 4.08 1.28
C GLU F 251 -53.11 4.20 0.13
N GLN F 252 -52.66 3.05 -0.39
CA GLN F 252 -51.70 3.01 -1.49
C GLN F 252 -52.34 3.28 -2.85
N PRO F 253 -52.11 4.48 -3.41
CA PRO F 253 -52.71 4.80 -4.71
C PRO F 253 -52.22 3.89 -5.85
N PHE F 254 -51.27 3.01 -5.55
CA PHE F 254 -50.72 2.09 -6.55
C PHE F 254 -50.48 0.68 -6.04
N ASN F 255 -51.00 -0.30 -6.77
CA ASN F 255 -50.85 -1.70 -6.40
C ASN F 255 -50.77 -2.54 -7.67
N ILE F 256 -49.54 -2.84 -8.09
CA ILE F 256 -49.37 -3.65 -9.29
C ILE F 256 -49.41 -5.11 -8.89
N THR F 257 -50.09 -5.93 -9.71
CA THR F 257 -50.24 -7.36 -9.45
C THR F 257 -49.88 -8.20 -10.68
N ASP F 258 -49.81 -9.52 -10.49
CA ASP F 258 -49.50 -10.45 -11.56
C ASP F 258 -50.44 -10.19 -12.73
N ALA F 259 -51.73 -10.07 -12.43
CA ALA F 259 -52.73 -9.80 -13.45
C ALA F 259 -52.29 -8.61 -14.29
N ASP F 260 -51.99 -7.50 -13.62
CA ASP F 260 -51.57 -6.27 -14.29
C ASP F 260 -50.46 -6.56 -15.30
N TRP F 261 -49.40 -7.23 -14.84
CA TRP F 261 -48.31 -7.55 -15.73
C TRP F 261 -48.76 -8.53 -16.80
N LYS F 262 -49.72 -9.39 -16.47
CA LYS F 262 -50.21 -10.31 -17.48
C LYS F 262 -50.67 -9.47 -18.67
N SER F 263 -51.63 -8.57 -18.43
CA SER F 263 -52.14 -7.69 -19.48
C SER F 263 -50.95 -7.06 -20.19
N PHE F 264 -50.14 -6.32 -19.43
CA PHE F 264 -48.97 -5.65 -19.96
C PHE F 264 -48.29 -6.49 -21.03
N PHE F 265 -47.84 -7.69 -20.66
CA PHE F 265 -47.16 -8.54 -21.61
C PHE F 265 -48.10 -8.98 -22.73
N VAL F 266 -49.25 -9.53 -22.37
CA VAL F 266 -50.20 -10.00 -23.39
C VAL F 266 -50.38 -8.97 -24.49
N ARG F 267 -50.75 -7.76 -24.11
CA ARG F 267 -50.98 -6.70 -25.08
C ARG F 267 -49.75 -6.15 -25.76
N LEU F 268 -48.63 -6.16 -25.06
CA LEU F 268 -47.38 -5.63 -25.61
C LEU F 268 -46.47 -6.71 -26.13
N TRP F 269 -47.00 -7.91 -26.31
CA TRP F 269 -46.19 -9.01 -26.79
C TRP F 269 -45.49 -8.68 -28.10
N GLY F 270 -46.22 -8.01 -28.99
CA GLY F 270 -45.66 -7.64 -30.27
C GLY F 270 -44.44 -6.73 -30.11
N ARG F 271 -44.66 -5.54 -29.55
CA ARG F 271 -43.59 -4.57 -29.39
C ARG F 271 -42.33 -5.07 -28.66
N LEU F 272 -42.51 -5.96 -27.68
CA LEU F 272 -41.38 -6.49 -26.92
C LEU F 272 -40.59 -7.55 -27.69
N ASP F 273 -40.88 -7.68 -28.98
CA ASP F 273 -40.19 -8.64 -29.81
C ASP F 273 -40.09 -10.02 -29.18
N LEU F 274 -41.23 -10.51 -28.70
CA LEU F 274 -41.26 -11.83 -28.09
C LEU F 274 -41.78 -12.82 -29.16
N GLY G 1 -37.87 -68.94 12.62
CA GLY G 1 -39.24 -68.49 12.97
C GLY G 1 -39.84 -67.58 11.92
N SER G 2 -41.15 -67.35 12.01
CA SER G 2 -41.85 -66.49 11.05
C SER G 2 -42.91 -65.64 11.73
N LEU G 3 -43.29 -64.54 11.07
CA LEU G 3 -44.32 -63.59 11.54
C LEU G 3 -43.94 -62.78 12.77
N GLN G 4 -43.27 -61.67 12.55
CA GLN G 4 -42.86 -60.80 13.65
C GLN G 4 -43.87 -59.68 13.80
N THR G 5 -44.28 -59.45 15.04
CA THR G 5 -45.27 -58.44 15.37
C THR G 5 -44.65 -57.31 16.22
N GLU G 6 -43.58 -57.66 16.92
CA GLU G 6 -42.85 -56.72 17.78
C GLU G 6 -41.85 -55.88 16.97
N LYS G 7 -41.50 -56.37 15.78
CA LYS G 7 -40.55 -55.71 14.90
C LYS G 7 -40.53 -54.20 15.09
N PHE G 8 -39.33 -53.63 15.10
CA PHE G 8 -39.13 -52.20 15.28
C PHE G 8 -39.73 -51.36 14.18
N ASP G 9 -40.66 -50.50 14.55
CA ASP G 9 -41.27 -49.63 13.56
C ASP G 9 -40.81 -48.20 13.75
N PHE G 10 -40.05 -47.69 12.78
CA PHE G 10 -39.52 -46.33 12.80
C PHE G 10 -40.62 -45.27 13.01
N GLY G 11 -41.56 -45.23 12.07
CA GLY G 11 -42.64 -44.27 12.19
C GLY G 11 -43.18 -44.13 13.60
N THR G 12 -43.32 -45.24 14.30
CA THR G 12 -43.83 -45.17 15.65
C THR G 12 -42.93 -44.24 16.45
N MET G 13 -41.63 -44.53 16.43
CA MET G 13 -40.65 -43.75 17.17
C MET G 13 -40.87 -42.27 16.88
N VAL G 14 -40.77 -41.93 15.61
CA VAL G 14 -40.96 -40.56 15.17
C VAL G 14 -42.22 -39.98 15.83
N GLN G 15 -43.38 -40.64 15.65
CA GLN G 15 -44.61 -40.13 16.26
C GLN G 15 -44.38 -39.83 17.70
N TRP G 16 -43.82 -40.80 18.41
CA TRP G 16 -43.52 -40.59 19.81
C TRP G 16 -42.75 -39.28 19.96
N ALA G 17 -41.53 -39.25 19.42
CA ALA G 17 -40.65 -38.09 19.47
C ALA G 17 -41.43 -36.84 19.12
N TYR G 18 -42.19 -36.92 18.05
CA TYR G 18 -43.00 -35.80 17.60
C TYR G 18 -43.94 -35.35 18.70
N ASP G 19 -44.71 -36.29 19.24
CA ASP G 19 -45.66 -35.94 20.27
C ASP G 19 -45.02 -35.19 21.43
N HIS G 20 -43.89 -35.69 21.92
CA HIS G 20 -43.22 -35.02 23.04
C HIS G 20 -42.38 -33.84 22.60
N LYS G 21 -42.40 -33.56 21.30
CA LYS G 21 -41.61 -32.44 20.76
C LYS G 21 -40.11 -32.61 21.02
N TYR G 22 -39.65 -33.87 21.01
CA TYR G 22 -38.24 -34.19 21.21
C TYR G 22 -37.57 -34.11 19.83
N ALA G 23 -36.67 -33.14 19.64
CA ALA G 23 -36.04 -33.00 18.32
C ALA G 23 -34.54 -33.19 18.30
N GLU G 24 -33.92 -33.35 19.45
CA GLU G 24 -32.48 -33.55 19.42
C GLU G 24 -32.09 -34.99 19.74
N GLU G 25 -31.32 -35.57 18.82
CA GLU G 25 -30.84 -36.93 18.92
C GLU G 25 -30.57 -37.33 20.37
N SER G 26 -29.60 -36.67 20.99
CA SER G 26 -29.25 -36.95 22.37
C SER G 26 -30.48 -37.32 23.19
N LYS G 27 -31.49 -36.45 23.19
CA LYS G 27 -32.68 -36.75 23.97
C LYS G 27 -33.39 -37.99 23.43
N ILE G 28 -34.08 -37.83 22.30
CA ILE G 28 -34.79 -38.92 21.64
C ILE G 28 -34.20 -40.24 22.09
N ALA G 29 -32.96 -40.50 21.68
CA ALA G 29 -32.27 -41.71 22.05
C ALA G 29 -32.50 -42.07 23.52
N TYR G 30 -31.98 -41.27 24.43
CA TYR G 30 -32.14 -41.53 25.87
C TYR G 30 -33.58 -41.74 26.29
N GLU G 31 -34.40 -40.72 26.09
CA GLU G 31 -35.79 -40.76 26.50
C GLU G 31 -36.54 -41.96 25.97
N TYR G 32 -36.16 -42.47 24.81
CA TYR G 32 -36.84 -43.63 24.25
C TYR G 32 -36.37 -44.88 24.92
N ALA G 33 -35.06 -45.05 24.99
CA ALA G 33 -34.53 -46.23 25.62
C ALA G 33 -35.05 -46.35 27.03
N LEU G 34 -35.52 -45.24 27.60
CA LEU G 34 -36.07 -45.32 28.95
C LEU G 34 -37.43 -45.97 28.85
N ALA G 35 -38.26 -45.44 27.95
CA ALA G 35 -39.60 -45.95 27.72
C ALA G 35 -39.51 -47.41 27.30
N ALA G 36 -38.28 -47.93 27.18
CA ALA G 36 -38.09 -49.32 26.78
C ALA G 36 -38.67 -50.31 27.76
N GLY G 37 -38.84 -49.90 29.02
CA GLY G 37 -39.39 -50.79 30.00
C GLY G 37 -40.82 -51.17 29.69
N SER G 38 -41.63 -50.17 29.34
CA SER G 38 -43.03 -50.39 29.05
C SER G 38 -43.40 -50.04 27.63
N ASP G 39 -42.56 -50.43 26.67
CA ASP G 39 -42.84 -50.14 25.27
C ASP G 39 -42.21 -51.11 24.29
N SER G 40 -43.04 -51.96 23.71
CA SER G 40 -42.59 -52.97 22.78
C SER G 40 -41.70 -52.43 21.67
N ASN G 41 -42.04 -51.26 21.14
CA ASN G 41 -41.26 -50.69 20.04
C ASN G 41 -39.94 -50.16 20.53
N ALA G 42 -39.98 -49.47 21.66
CA ALA G 42 -38.76 -48.94 22.25
C ALA G 42 -37.83 -50.15 22.43
N ARG G 43 -38.35 -51.20 23.06
CA ARG G 43 -37.56 -52.41 23.27
C ARG G 43 -37.08 -52.96 21.92
N ALA G 44 -37.92 -52.85 20.89
CA ALA G 44 -37.55 -53.33 19.57
C ALA G 44 -36.39 -52.51 19.08
N PHE G 45 -36.49 -51.20 19.34
CA PHE G 45 -35.48 -50.23 18.95
C PHE G 45 -34.09 -50.60 19.45
N LEU G 46 -34.02 -50.90 20.74
CA LEU G 46 -32.75 -51.27 21.37
C LEU G 46 -32.25 -52.58 20.79
N ALA G 47 -33.14 -53.34 20.19
CA ALA G 47 -32.76 -54.60 19.60
C ALA G 47 -32.10 -54.40 18.25
N THR G 48 -32.34 -53.23 17.66
CA THR G 48 -31.81 -52.86 16.34
C THR G 48 -30.30 -52.70 16.27
N ASN G 49 -29.68 -53.25 15.23
CA ASN G 49 -28.23 -53.16 15.07
C ASN G 49 -27.84 -51.79 14.54
N SER G 50 -28.85 -50.95 14.30
CA SER G 50 -28.61 -49.59 13.78
C SER G 50 -29.38 -48.51 14.56
N GLN G 51 -29.26 -48.51 15.88
CA GLN G 51 -29.97 -47.52 16.67
C GLN G 51 -29.54 -46.14 16.16
N ALA G 52 -28.23 -45.93 16.06
CA ALA G 52 -27.65 -44.68 15.59
C ALA G 52 -28.47 -44.05 14.47
N LYS G 53 -28.41 -44.68 13.31
CA LYS G 53 -29.15 -44.23 12.14
C LYS G 53 -30.60 -43.87 12.47
N HIS G 54 -31.24 -44.62 13.33
CA HIS G 54 -32.64 -44.33 13.61
C HIS G 54 -32.80 -43.08 14.43
N VAL G 55 -31.98 -42.96 15.47
CA VAL G 55 -32.04 -41.79 16.33
C VAL G 55 -31.84 -40.61 15.40
N LYS G 56 -30.77 -40.66 14.61
CA LYS G 56 -30.52 -39.58 13.67
C LYS G 56 -31.82 -39.30 12.89
N ASP G 57 -32.16 -40.22 12.00
CA ASP G 57 -33.35 -40.03 11.18
C ASP G 57 -34.58 -39.67 11.98
N CYS G 58 -34.77 -40.28 13.15
CA CYS G 58 -35.95 -39.93 13.90
C CYS G 58 -35.97 -38.41 13.99
N ALA G 59 -34.88 -37.87 14.53
CA ALA G 59 -34.70 -36.43 14.73
C ALA G 59 -34.94 -35.70 13.44
N THR G 60 -34.14 -36.01 12.44
CA THR G 60 -34.28 -35.40 11.12
C THR G 60 -35.76 -35.25 10.81
N MET G 61 -36.48 -36.35 10.98
CA MET G 61 -37.89 -36.42 10.69
C MET G 61 -38.76 -35.53 11.55
N VAL G 62 -38.49 -35.52 12.83
CA VAL G 62 -39.27 -34.73 13.75
C VAL G 62 -39.24 -33.27 13.40
N ARG G 63 -38.06 -32.73 13.09
CA ARG G 63 -37.97 -31.32 12.76
C ARG G 63 -38.69 -31.07 11.45
N HIS G 64 -38.44 -31.90 10.44
CA HIS G 64 -39.18 -31.75 9.18
C HIS G 64 -40.62 -31.40 9.54
N TYR G 65 -41.30 -32.32 10.22
CA TYR G 65 -42.69 -32.13 10.62
C TYR G 65 -42.90 -30.85 11.43
N LEU G 66 -42.06 -30.67 12.44
CA LEU G 66 -42.16 -29.51 13.29
C LEU G 66 -42.01 -28.19 12.54
N ARG G 67 -40.94 -28.05 11.77
CA ARG G 67 -40.75 -26.82 11.04
C ARG G 67 -41.95 -26.59 10.16
N ALA G 68 -42.31 -27.61 9.39
CA ALA G 68 -43.45 -27.52 8.48
C ALA G 68 -44.79 -27.20 9.12
N GLU G 69 -45.04 -27.80 10.29
CA GLU G 69 -46.31 -27.57 10.98
C GLU G 69 -46.51 -26.10 11.27
N THR G 70 -45.45 -25.46 11.77
CA THR G 70 -45.47 -24.03 12.08
C THR G 70 -45.74 -23.24 10.82
N GLN G 71 -44.77 -23.23 9.92
CA GLN G 71 -44.92 -22.49 8.69
C GLN G 71 -46.33 -22.71 8.15
N ALA G 72 -46.85 -23.91 8.38
CA ALA G 72 -48.17 -24.29 7.92
C ALA G 72 -49.31 -23.39 8.37
N LEU G 73 -49.49 -23.26 9.69
CA LEU G 73 -50.56 -22.45 10.28
C LEU G 73 -50.73 -21.04 9.74
N SER G 74 -51.85 -20.43 10.10
CA SER G 74 -52.15 -19.06 9.70
C SER G 74 -51.87 -18.26 10.97
N MET G 75 -51.66 -16.96 10.87
CA MET G 75 -51.39 -16.19 12.08
C MET G 75 -52.44 -16.52 13.12
N PRO G 76 -53.72 -16.57 12.71
CA PRO G 76 -54.81 -16.90 13.63
C PRO G 76 -54.60 -18.29 14.22
N ALA G 77 -54.68 -19.30 13.36
CA ALA G 77 -54.48 -20.67 13.79
C ALA G 77 -53.22 -20.84 14.65
N TYR G 78 -52.13 -20.19 14.25
CA TYR G 78 -50.88 -20.29 14.98
C TYR G 78 -51.11 -19.80 16.40
N ILE G 79 -51.52 -18.54 16.51
CA ILE G 79 -51.77 -17.92 17.80
C ILE G 79 -52.73 -18.77 18.61
N LYS G 80 -53.70 -19.35 17.92
CA LYS G 80 -54.67 -20.22 18.56
C LYS G 80 -53.89 -21.34 19.23
N ALA G 81 -53.10 -22.05 18.42
CA ALA G 81 -52.28 -23.17 18.89
C ALA G 81 -51.32 -22.78 19.99
N ARG G 82 -50.86 -21.52 19.98
CA ARG G 82 -49.93 -21.02 21.01
C ARG G 82 -50.66 -20.89 22.33
N CYS G 83 -51.98 -20.74 22.26
CA CYS G 83 -52.80 -20.62 23.47
C CYS G 83 -52.90 -21.96 24.18
N LYS G 84 -53.27 -23.01 23.46
CA LYS G 84 -53.38 -24.35 24.05
C LYS G 84 -52.11 -24.60 24.86
N LEU G 85 -50.99 -24.18 24.31
CA LEU G 85 -49.69 -24.36 24.95
C LEU G 85 -49.58 -23.63 26.29
N ALA G 86 -50.11 -22.41 26.36
CA ALA G 86 -50.04 -21.62 27.57
C ALA G 86 -50.70 -22.31 28.74
N THR G 87 -49.91 -22.67 29.75
CA THR G 87 -50.47 -23.31 30.93
C THR G 87 -50.42 -22.31 32.08
N GLY G 88 -51.06 -22.67 33.19
CA GLY G 88 -51.06 -21.81 34.36
C GLY G 88 -52.22 -20.84 34.40
N GLU G 89 -52.25 -20.01 35.43
CA GLU G 89 -53.31 -19.03 35.57
C GLU G 89 -52.73 -17.61 35.64
N GLY G 90 -53.35 -16.72 34.86
CA GLY G 90 -52.95 -15.32 34.80
C GLY G 90 -54.15 -14.56 34.26
N SER G 91 -53.96 -13.33 33.77
CA SER G 91 -55.10 -12.59 33.23
C SER G 91 -54.68 -11.37 32.44
N TRP G 92 -55.39 -11.10 31.36
CA TRP G 92 -55.08 -9.95 30.52
C TRP G 92 -54.95 -8.67 31.32
N LYS G 93 -55.63 -8.61 32.45
CA LYS G 93 -55.56 -7.44 33.30
C LYS G 93 -54.11 -7.12 33.63
N SER G 94 -53.29 -8.14 33.85
CA SER G 94 -51.88 -7.93 34.18
C SER G 94 -51.17 -7.11 33.12
N ILE G 95 -51.49 -7.38 31.86
CA ILE G 95 -50.90 -6.65 30.76
C ILE G 95 -51.46 -5.23 30.73
N LEU G 96 -52.77 -5.11 30.87
CA LEU G 96 -53.42 -3.80 30.88
C LEU G 96 -52.74 -2.93 31.94
N THR G 97 -52.75 -3.41 33.17
CA THR G 97 -52.14 -2.69 34.27
C THR G 97 -50.78 -2.14 33.91
N PHE G 98 -49.93 -2.99 33.34
CA PHE G 98 -48.58 -2.57 32.98
C PHE G 98 -48.54 -1.44 31.97
N PHE G 99 -49.25 -1.59 30.87
CA PHE G 99 -49.28 -0.55 29.87
C PHE G 99 -49.82 0.74 30.48
N ASN G 100 -50.84 0.60 31.34
CA ASN G 100 -51.47 1.74 32.02
C ASN G 100 -50.43 2.42 32.89
N TYR G 101 -49.67 1.59 33.59
CA TYR G 101 -48.60 2.07 34.46
C TYR G 101 -47.61 2.88 33.64
N GLN G 102 -47.42 2.46 32.40
CA GLN G 102 -46.49 3.11 31.48
C GLN G 102 -47.14 4.31 30.82
N ASN G 103 -48.35 4.61 31.23
CA ASN G 103 -49.08 5.74 30.67
C ASN G 103 -49.29 5.59 29.17
N ILE G 104 -49.79 4.42 28.79
CA ILE G 104 -50.09 4.12 27.41
C ILE G 104 -51.46 3.44 27.32
N GLU G 105 -52.33 3.97 26.48
CA GLU G 105 -53.66 3.41 26.31
C GLU G 105 -53.58 2.05 25.61
N LEU G 106 -54.01 1.01 26.30
CA LEU G 106 -53.96 -0.33 25.74
C LEU G 106 -54.49 -0.38 24.32
N ILE G 107 -55.52 0.42 24.04
CA ILE G 107 -56.06 0.41 22.70
C ILE G 107 -54.95 0.76 21.71
N THR G 108 -54.11 1.71 22.09
CA THR G 108 -52.99 2.13 21.25
C THR G 108 -52.17 0.89 20.92
N PHE G 109 -51.72 0.19 21.95
CA PHE G 109 -50.94 -1.02 21.79
C PHE G 109 -51.70 -2.04 20.96
N ILE G 110 -52.97 -2.24 21.30
CA ILE G 110 -53.79 -3.20 20.57
C ILE G 110 -53.89 -2.81 19.09
N ASN G 111 -54.25 -1.57 18.81
CA ASN G 111 -54.35 -1.12 17.42
C ASN G 111 -53.10 -1.40 16.61
N ALA G 112 -51.93 -1.28 17.24
CA ALA G 112 -50.70 -1.55 16.52
C ALA G 112 -50.54 -3.05 16.35
N LEU G 113 -50.64 -3.78 17.46
CA LEU G 113 -50.49 -5.23 17.46
C LEU G 113 -51.38 -5.86 16.44
N LYS G 114 -52.54 -5.28 16.20
CA LYS G 114 -53.42 -5.86 15.21
C LYS G 114 -52.72 -5.88 13.86
N LEU G 115 -52.06 -4.78 13.50
CA LEU G 115 -51.36 -4.69 12.22
C LEU G 115 -50.03 -5.43 12.22
N TRP G 116 -49.37 -5.49 13.36
CA TRP G 116 -48.09 -6.18 13.47
C TRP G 116 -48.26 -7.64 13.07
N LEU G 117 -49.12 -8.35 13.80
CA LEU G 117 -49.40 -9.76 13.54
C LEU G 117 -49.77 -10.01 12.08
N LYS G 118 -50.51 -9.07 11.49
CA LYS G 118 -50.89 -9.19 10.10
C LYS G 118 -49.64 -9.09 9.24
N GLY G 119 -48.61 -8.47 9.80
CA GLY G 119 -47.34 -8.30 9.10
C GLY G 119 -47.48 -7.30 7.96
N ILE G 120 -48.31 -6.28 8.19
CA ILE G 120 -48.54 -5.26 7.19
C ILE G 120 -47.37 -4.30 7.03
N PRO G 121 -46.93 -4.11 5.76
CA PRO G 121 -45.83 -3.25 5.31
C PRO G 121 -45.71 -1.92 6.05
N LYS G 122 -44.50 -1.65 6.53
CA LYS G 122 -44.20 -0.42 7.25
C LYS G 122 -44.78 -0.35 8.65
N LYS G 123 -45.41 -1.43 9.08
CA LYS G 123 -45.99 -1.51 10.40
C LYS G 123 -45.68 -2.90 10.92
N ASN G 124 -44.59 -3.45 10.37
CA ASN G 124 -44.12 -4.79 10.70
C ASN G 124 -43.06 -4.76 11.79
N CYS G 125 -42.82 -3.61 12.40
CA CYS G 125 -41.82 -3.55 13.44
C CYS G 125 -42.21 -2.71 14.65
N LEU G 126 -42.22 -3.33 15.83
CA LEU G 126 -42.54 -2.62 17.06
C LEU G 126 -41.30 -2.39 17.89
N ALA G 127 -41.18 -1.18 18.42
CA ALA G 127 -40.03 -0.83 19.23
C ALA G 127 -40.48 -0.28 20.56
N PHE G 128 -39.86 -0.77 21.62
CA PHE G 128 -40.16 -0.32 22.95
C PHE G 128 -38.91 0.38 23.45
N ILE G 129 -38.94 1.70 23.38
CA ILE G 129 -37.80 2.52 23.78
C ILE G 129 -38.02 3.21 25.12
N GLY G 130 -36.92 3.49 25.82
CA GLY G 130 -37.00 4.16 27.11
C GLY G 130 -35.79 3.92 27.99
N PRO G 131 -35.61 4.70 29.07
CA PRO G 131 -34.47 4.53 29.97
C PRO G 131 -34.38 3.10 30.49
N PRO G 132 -33.21 2.67 31.00
CA PRO G 132 -33.11 1.29 31.50
C PRO G 132 -34.10 1.01 32.66
N ASN G 133 -34.44 -0.26 32.86
CA ASN G 133 -35.36 -0.69 33.92
C ASN G 133 -36.79 -0.16 33.85
N THR G 134 -37.41 -0.23 32.67
CA THR G 134 -38.80 0.21 32.50
C THR G 134 -39.68 -0.91 31.98
N GLY G 135 -39.17 -2.14 32.05
CA GLY G 135 -39.92 -3.30 31.62
C GLY G 135 -40.06 -3.55 30.13
N LYS G 136 -39.12 -3.08 29.34
CA LYS G 136 -39.16 -3.30 27.89
C LYS G 136 -38.87 -4.78 27.54
N SER G 137 -37.62 -5.20 27.76
CA SER G 137 -37.23 -6.56 27.48
C SER G 137 -38.27 -7.46 28.14
N MET G 138 -38.63 -7.09 29.37
CA MET G 138 -39.63 -7.79 30.19
C MET G 138 -40.89 -8.13 29.40
N LEU G 139 -41.52 -7.12 28.85
CA LEU G 139 -42.72 -7.31 28.08
C LEU G 139 -42.41 -8.07 26.79
N CYS G 140 -41.47 -7.52 26.01
CA CYS G 140 -41.09 -8.12 24.74
C CYS G 140 -40.72 -9.58 24.79
N ASN G 141 -39.91 -9.96 25.77
CA ASN G 141 -39.54 -11.34 25.86
C ASN G 141 -40.77 -12.15 26.14
N SER G 142 -41.54 -11.77 27.15
CA SER G 142 -42.76 -12.52 27.48
C SER G 142 -43.64 -12.72 26.24
N LEU G 143 -43.87 -11.65 25.50
CA LEU G 143 -44.70 -11.74 24.30
C LEU G 143 -44.10 -12.72 23.29
N ILE G 144 -42.78 -12.65 23.13
CA ILE G 144 -42.09 -13.53 22.20
C ILE G 144 -42.15 -14.98 22.67
N HIS G 145 -42.03 -15.17 23.97
CA HIS G 145 -42.06 -16.51 24.54
C HIS G 145 -43.41 -17.17 24.25
N PHE G 146 -44.48 -16.45 24.51
CA PHE G 146 -45.83 -16.97 24.27
C PHE G 146 -46.04 -17.32 22.82
N LEU G 147 -45.60 -16.41 21.94
CA LEU G 147 -45.71 -16.58 20.50
C LEU G 147 -44.78 -17.66 19.99
N GLY G 148 -43.83 -18.05 20.83
CA GLY G 148 -42.89 -19.06 20.41
C GLY G 148 -41.92 -18.46 19.41
N GLY G 149 -41.70 -17.16 19.56
CA GLY G 149 -40.82 -16.46 18.66
C GLY G 149 -39.40 -16.79 18.95
N SER G 150 -38.50 -16.25 18.13
CA SER G 150 -37.08 -16.46 18.31
C SER G 150 -36.40 -15.13 18.56
N VAL G 151 -35.37 -15.18 19.40
CA VAL G 151 -34.59 -14.02 19.76
C VAL G 151 -33.36 -13.98 18.89
N LEU G 152 -33.07 -12.81 18.34
CA LEU G 152 -31.87 -12.64 17.52
C LEU G 152 -30.87 -12.10 18.52
N SER G 153 -29.59 -12.34 18.29
CA SER G 153 -28.55 -11.86 19.17
C SER G 153 -27.54 -11.07 18.36
N PHE G 154 -27.75 -9.76 18.30
CA PHE G 154 -26.88 -8.87 17.55
C PHE G 154 -25.40 -9.07 17.88
N ALA G 155 -25.11 -9.82 18.95
CA ALA G 155 -23.74 -10.09 19.34
C ALA G 155 -23.09 -11.01 18.32
N ASN G 156 -23.85 -11.39 17.30
CA ASN G 156 -23.34 -12.27 16.26
C ASN G 156 -23.58 -11.73 14.87
N HIS G 157 -24.09 -10.50 14.77
CA HIS G 157 -24.38 -9.93 13.45
C HIS G 157 -23.16 -10.07 12.55
N LYS G 158 -22.01 -10.28 13.16
CA LYS G 158 -20.76 -10.45 12.42
C LYS G 158 -21.01 -11.37 11.24
N SER G 159 -21.52 -12.57 11.50
CA SER G 159 -21.79 -13.52 10.43
C SER G 159 -23.23 -13.42 9.92
N HIS G 160 -23.39 -13.24 8.61
CA HIS G 160 -24.71 -13.10 7.99
C HIS G 160 -25.68 -14.21 8.41
N PHE G 161 -25.20 -15.15 9.20
CA PHE G 161 -26.06 -16.23 9.68
C PHE G 161 -26.93 -15.84 10.85
N TRP G 162 -26.57 -14.77 11.53
CA TRP G 162 -27.33 -14.33 12.68
C TRP G 162 -28.81 -14.14 12.35
N LEU G 163 -29.19 -14.27 11.09
CA LEU G 163 -30.59 -14.10 10.72
C LEU G 163 -31.27 -15.40 10.30
N ALA G 164 -30.56 -16.51 10.42
CA ALA G 164 -31.12 -17.80 10.01
C ALA G 164 -32.49 -18.10 10.61
N SER G 165 -32.72 -17.62 11.82
CA SER G 165 -33.98 -17.85 12.51
C SER G 165 -35.13 -17.26 11.74
N LEU G 166 -34.91 -16.11 11.10
CA LEU G 166 -35.97 -15.46 10.35
C LEU G 166 -36.60 -16.36 9.29
N ALA G 167 -36.00 -17.49 9.01
CA ALA G 167 -36.58 -18.38 8.01
C ALA G 167 -37.54 -19.37 8.66
N ASP G 168 -37.65 -19.32 9.98
CA ASP G 168 -38.54 -20.22 10.70
C ASP G 168 -39.63 -19.55 11.53
N THR G 169 -39.27 -18.86 12.59
CA THR G 169 -40.28 -18.24 13.46
C THR G 169 -41.30 -17.31 12.81
N ARG G 170 -42.37 -17.02 13.55
CA ARG G 170 -43.42 -16.12 13.09
C ARG G 170 -43.20 -14.80 13.82
N ALA G 171 -42.09 -14.70 14.55
CA ALA G 171 -41.80 -13.46 15.24
C ALA G 171 -40.43 -13.50 15.88
N ALA G 172 -39.66 -12.44 15.66
CA ALA G 172 -38.31 -12.36 16.18
C ALA G 172 -38.16 -11.11 16.96
N LEU G 173 -37.24 -11.14 17.89
CA LEU G 173 -37.03 -10.00 18.75
C LEU G 173 -35.54 -9.70 18.90
N VAL G 174 -35.22 -8.42 18.69
CA VAL G 174 -33.84 -7.98 18.87
C VAL G 174 -33.89 -7.18 20.14
N ASP G 175 -33.31 -7.75 21.18
CA ASP G 175 -33.32 -7.13 22.49
C ASP G 175 -32.15 -6.22 22.78
N ASP G 176 -32.46 -4.96 23.07
CA ASP G 176 -31.45 -3.95 23.40
C ASP G 176 -30.59 -3.61 22.21
N ALA G 177 -31.19 -2.90 21.26
CA ALA G 177 -30.52 -2.48 20.05
C ALA G 177 -29.64 -1.30 20.36
N THR G 178 -28.39 -1.36 19.95
CA THR G 178 -27.48 -0.25 20.17
C THR G 178 -27.57 0.62 18.92
N HIS G 179 -26.68 1.59 18.82
CA HIS G 179 -26.67 2.47 17.66
C HIS G 179 -26.23 1.62 16.48
N ALA G 180 -25.20 0.83 16.77
CA ALA G 180 -24.62 -0.07 15.79
C ALA G 180 -25.71 -0.94 15.18
N CYS G 181 -26.56 -1.49 16.04
CA CYS G 181 -27.64 -2.33 15.57
C CYS G 181 -28.56 -1.52 14.65
N TRP G 182 -29.16 -0.45 15.16
CA TRP G 182 -30.06 0.35 14.35
C TRP G 182 -29.47 0.69 13.00
N ARG G 183 -28.17 1.00 13.00
CA ARG G 183 -27.52 1.32 11.74
C ARG G 183 -27.70 0.11 10.84
N TYR G 184 -27.36 -1.06 11.38
CA TYR G 184 -27.49 -2.30 10.63
C TYR G 184 -28.90 -2.45 10.07
N PHE G 185 -29.90 -2.08 10.86
CA PHE G 185 -31.27 -2.20 10.37
C PHE G 185 -31.48 -1.27 9.19
N ASP G 186 -31.21 0.02 9.42
CA ASP G 186 -31.37 1.05 8.40
C ASP G 186 -30.60 0.72 7.13
N THR G 187 -29.44 0.09 7.30
CA THR G 187 -28.59 -0.27 6.17
C THR G 187 -29.07 -1.48 5.36
N TYR G 188 -29.07 -2.64 6.00
CA TYR G 188 -29.43 -3.89 5.34
C TYR G 188 -30.89 -4.36 5.40
N LEU G 189 -31.45 -4.40 6.61
CA LEU G 189 -32.81 -4.92 6.80
C LEU G 189 -34.02 -4.11 6.35
N ARG G 190 -33.81 -3.12 5.49
CA ARG G 190 -34.90 -2.28 5.02
C ARG G 190 -36.05 -3.03 4.40
N ASN G 191 -35.80 -4.23 3.91
CA ASN G 191 -36.85 -5.05 3.31
C ASN G 191 -37.60 -5.73 4.42
N ALA G 192 -36.88 -6.16 5.44
CA ALA G 192 -37.52 -6.82 6.58
C ALA G 192 -38.62 -5.89 7.10
N LEU G 193 -38.43 -4.59 6.90
CA LEU G 193 -39.37 -3.58 7.37
C LEU G 193 -40.48 -3.19 6.41
N ASP G 194 -40.31 -3.47 5.12
CA ASP G 194 -41.33 -3.11 4.13
C ASP G 194 -42.17 -4.28 3.63
N GLY G 195 -41.93 -5.48 4.18
CA GLY G 195 -42.71 -6.62 3.74
C GLY G 195 -42.25 -7.26 2.43
N TYR G 196 -41.36 -6.58 1.70
CA TYR G 196 -40.84 -7.13 0.45
C TYR G 196 -39.88 -8.25 0.83
N PRO G 197 -39.92 -9.36 0.08
CA PRO G 197 -39.09 -10.54 0.30
C PRO G 197 -37.59 -10.34 0.43
N VAL G 198 -37.00 -11.08 1.37
CA VAL G 198 -35.55 -11.07 1.63
C VAL G 198 -35.05 -12.53 1.61
N SER G 199 -33.76 -12.71 1.32
CA SER G 199 -33.14 -14.03 1.21
C SER G 199 -32.39 -14.40 2.49
N ILE G 200 -32.98 -15.26 3.30
CA ILE G 200 -32.30 -15.67 4.52
C ILE G 200 -31.39 -16.81 4.15
N ASP G 201 -30.16 -16.76 4.61
CA ASP G 201 -29.20 -17.82 4.31
C ASP G 201 -28.92 -18.73 5.49
N ARG G 202 -29.31 -20.00 5.37
CA ARG G 202 -29.06 -20.98 6.44
C ARG G 202 -27.62 -21.56 6.35
N LYS G 203 -27.16 -22.29 7.37
CA LYS G 203 -25.82 -22.88 7.35
C LYS G 203 -25.71 -24.25 6.65
N HIS G 204 -24.89 -24.33 5.60
CA HIS G 204 -24.70 -25.58 4.87
C HIS G 204 -25.89 -25.98 4.00
N LYS G 205 -26.86 -25.09 3.90
CA LYS G 205 -28.04 -25.35 3.09
C LYS G 205 -28.25 -24.13 2.19
N ALA G 206 -28.94 -24.31 1.07
CA ALA G 206 -29.17 -23.18 0.17
C ALA G 206 -30.05 -22.12 0.83
N ALA G 207 -29.74 -20.87 0.55
CA ALA G 207 -30.51 -19.76 1.09
C ALA G 207 -32.02 -19.99 0.83
N VAL G 208 -32.84 -19.12 1.41
CA VAL G 208 -34.30 -19.22 1.30
C VAL G 208 -34.94 -17.86 1.12
N GLN G 209 -35.80 -17.72 0.11
CA GLN G 209 -36.46 -16.43 -0.11
C GLN G 209 -37.70 -16.42 0.79
N ILE G 210 -37.63 -15.64 1.85
CA ILE G 210 -38.70 -15.61 2.83
C ILE G 210 -39.26 -14.23 3.11
N LYS G 211 -40.47 -14.17 3.67
CA LYS G 211 -41.08 -12.90 4.04
C LYS G 211 -40.76 -12.71 5.51
N ALA G 212 -39.99 -11.68 5.80
CA ALA G 212 -39.58 -11.39 7.16
C ALA G 212 -40.77 -11.27 8.07
N PRO G 213 -40.82 -12.08 9.13
CA PRO G 213 -41.93 -12.06 10.09
C PRO G 213 -41.91 -10.77 10.90
N PRO G 214 -42.91 -10.58 11.77
CA PRO G 214 -43.02 -9.39 12.63
C PRO G 214 -41.81 -9.24 13.51
N LEU G 215 -41.41 -7.99 13.75
CA LEU G 215 -40.23 -7.74 14.56
C LEU G 215 -40.46 -6.95 15.83
N LEU G 216 -39.80 -7.37 16.90
CA LEU G 216 -39.90 -6.70 18.18
C LEU G 216 -38.52 -6.19 18.53
N VAL G 217 -38.44 -4.91 18.90
CA VAL G 217 -37.17 -4.29 19.25
C VAL G 217 -37.27 -3.46 20.51
N THR G 218 -36.32 -3.64 21.42
CA THR G 218 -36.29 -2.84 22.64
C THR G 218 -34.99 -2.09 22.56
N SER G 219 -34.99 -0.81 22.95
CA SER G 219 -33.78 -0.02 22.89
C SER G 219 -33.81 1.25 23.72
N ASN G 220 -32.61 1.75 24.03
CA ASN G 220 -32.45 2.97 24.82
C ASN G 220 -32.47 4.17 23.88
N ILE G 221 -32.41 3.88 22.59
CA ILE G 221 -32.39 4.91 21.55
C ILE G 221 -33.73 5.14 20.88
N ASP G 222 -34.11 6.41 20.76
CA ASP G 222 -35.36 6.75 20.12
C ASP G 222 -35.15 6.96 18.63
N VAL G 223 -35.09 5.88 17.86
CA VAL G 223 -34.87 6.01 16.42
C VAL G 223 -35.79 7.05 15.82
N GLN G 224 -36.95 7.25 16.45
CA GLN G 224 -37.89 8.24 15.95
C GLN G 224 -37.34 9.66 16.05
N ALA G 225 -36.55 9.92 17.09
CA ALA G 225 -35.97 11.24 17.30
C ALA G 225 -34.72 11.49 16.45
N GLU G 226 -33.73 10.60 16.57
CA GLU G 226 -32.48 10.72 15.81
C GLU G 226 -32.79 10.98 14.33
N ASP G 227 -31.94 11.75 13.66
CA ASP G 227 -32.13 12.07 12.25
C ASP G 227 -31.44 11.13 11.28
N ARG G 228 -30.40 10.44 11.75
CA ARG G 228 -29.65 9.49 10.92
C ARG G 228 -30.44 8.21 10.69
N TYR G 229 -31.70 8.22 11.12
CA TYR G 229 -32.56 7.06 11.00
C TYR G 229 -33.89 7.46 10.34
N LEU G 230 -33.83 8.36 9.37
CA LEU G 230 -35.03 8.83 8.68
C LEU G 230 -35.90 7.73 8.08
N TYR G 231 -35.30 6.80 7.33
CA TYR G 231 -36.06 5.74 6.69
C TYR G 231 -36.95 5.02 7.70
N LEU G 232 -36.36 4.69 8.83
CA LEU G 232 -37.01 3.97 9.92
C LEU G 232 -38.26 4.61 10.50
N HIS G 233 -38.27 5.94 10.63
CA HIS G 233 -39.39 6.65 11.21
C HIS G 233 -40.77 6.12 10.85
N SER G 234 -41.04 5.96 9.56
CA SER G 234 -42.34 5.46 9.12
C SER G 234 -42.48 3.94 9.20
N ARG G 235 -41.37 3.24 9.44
CA ARG G 235 -41.38 1.78 9.52
C ARG G 235 -41.15 1.21 10.91
N VAL G 236 -41.32 2.03 11.95
CA VAL G 236 -41.11 1.52 13.28
C VAL G 236 -42.03 2.11 14.32
N GLN G 237 -43.13 1.42 14.60
CA GLN G 237 -44.09 1.86 15.61
C GLN G 237 -43.33 1.94 16.95
N THR G 238 -43.36 3.11 17.58
CA THR G 238 -42.64 3.28 18.84
C THR G 238 -43.49 3.53 20.10
N PHE G 239 -43.10 2.86 21.18
CA PHE G 239 -43.73 2.96 22.49
C PHE G 239 -42.64 3.41 23.45
N ARG G 240 -42.87 4.51 24.16
CA ARG G 240 -41.87 5.01 25.09
C ARG G 240 -42.20 4.57 26.52
N PHE G 241 -41.28 3.85 27.15
CA PHE G 241 -41.46 3.38 28.53
C PHE G 241 -40.64 4.24 29.48
N GLU G 242 -41.27 5.29 30.01
CA GLU G 242 -40.61 6.22 30.92
C GLU G 242 -40.56 5.75 32.37
N GLN G 243 -41.65 5.16 32.85
CA GLN G 243 -41.76 4.71 34.24
C GLN G 243 -40.92 3.47 34.57
N PRO G 244 -40.28 3.48 35.75
CA PRO G 244 -39.42 2.39 36.21
C PRO G 244 -40.12 1.22 36.87
N CYS G 245 -40.16 0.08 36.17
CA CYS G 245 -40.79 -1.10 36.73
C CYS G 245 -39.97 -1.60 37.92
N THR G 246 -38.84 -0.94 38.17
CA THR G 246 -37.92 -1.28 39.26
C THR G 246 -38.58 -1.78 40.55
N ASP G 247 -38.13 -2.94 41.01
CA ASP G 247 -38.63 -3.59 42.23
C ASP G 247 -37.57 -3.62 43.32
N GLU G 248 -37.54 -2.58 44.15
CA GLU G 248 -36.58 -2.46 45.24
C GLU G 248 -35.99 -3.79 45.70
N SER G 249 -36.73 -4.49 46.56
CA SER G 249 -36.25 -5.78 47.05
C SER G 249 -37.31 -6.86 46.86
N GLY G 250 -36.85 -8.10 46.70
CA GLY G 250 -37.73 -9.25 46.50
C GLY G 250 -39.22 -9.00 46.53
N GLU G 251 -39.79 -8.73 45.35
CA GLU G 251 -41.22 -8.46 45.18
C GLU G 251 -41.38 -7.72 43.87
N GLN G 252 -41.41 -8.48 42.77
CA GLN G 252 -41.53 -7.91 41.44
C GLN G 252 -42.95 -7.49 41.03
N PRO G 253 -43.17 -6.17 40.86
CA PRO G 253 -44.47 -5.61 40.47
C PRO G 253 -45.01 -6.30 39.23
N PHE G 254 -44.30 -6.15 38.12
CA PHE G 254 -44.73 -6.74 36.87
C PHE G 254 -43.90 -7.96 36.47
N ASN G 255 -44.63 -9.01 36.12
CA ASN G 255 -44.12 -10.28 35.66
C ASN G 255 -45.19 -10.58 34.63
N ILE G 256 -44.87 -11.17 33.50
CA ILE G 256 -45.93 -11.46 32.54
C ILE G 256 -45.76 -12.88 32.05
N THR G 257 -46.82 -13.66 32.13
CA THR G 257 -46.69 -15.04 31.71
C THR G 257 -47.55 -15.42 30.54
N ASP G 258 -47.27 -16.61 30.01
CA ASP G 258 -47.97 -17.17 28.86
C ASP G 258 -49.45 -17.02 29.12
N ALA G 259 -49.81 -17.36 30.35
CA ALA G 259 -51.18 -17.27 30.81
C ALA G 259 -51.68 -15.85 30.55
N ASP G 260 -50.95 -14.88 31.09
CA ASP G 260 -51.33 -13.49 30.92
C ASP G 260 -51.62 -13.15 29.47
N TRP G 261 -50.78 -13.63 28.57
CA TRP G 261 -51.02 -13.35 27.17
C TRP G 261 -52.21 -14.15 26.67
N LYS G 262 -52.35 -15.38 27.19
CA LYS G 262 -53.46 -16.22 26.77
C LYS G 262 -54.71 -15.38 26.94
N SER G 263 -55.02 -15.02 28.19
CA SER G 263 -56.22 -14.21 28.46
C SER G 263 -56.28 -13.08 27.45
N PHE G 264 -55.21 -12.32 27.38
CA PHE G 264 -55.10 -11.18 26.47
C PHE G 264 -55.63 -11.47 25.07
N PHE G 265 -55.08 -12.49 24.43
CA PHE G 265 -55.54 -12.82 23.08
C PHE G 265 -56.95 -13.36 23.09
N VAL G 266 -57.24 -14.29 23.99
CA VAL G 266 -58.57 -14.86 24.06
C VAL G 266 -59.60 -13.75 24.16
N ARG G 267 -59.44 -12.87 25.16
CA ARG G 267 -60.38 -11.78 25.35
C ARG G 267 -60.34 -10.66 24.34
N LEU G 268 -59.28 -10.61 23.53
CA LEU G 268 -59.19 -9.53 22.55
C LEU G 268 -59.19 -10.08 21.15
N TRP G 269 -59.36 -11.39 21.03
CA TRP G 269 -59.39 -12.03 19.74
C TRP G 269 -60.21 -11.22 18.74
N GLY G 270 -61.40 -10.79 19.15
CA GLY G 270 -62.25 -10.01 18.26
C GLY G 270 -61.58 -8.75 17.73
N ARG G 271 -61.26 -7.83 18.63
CA ARG G 271 -60.63 -6.57 18.25
C ARG G 271 -59.33 -6.72 17.44
N LEU G 272 -58.63 -7.83 17.61
CA LEU G 272 -57.37 -8.06 16.89
C LEU G 272 -57.63 -8.60 15.50
N ASP G 273 -58.88 -8.58 15.09
CA ASP G 273 -59.25 -9.05 13.77
C ASP G 273 -58.60 -10.40 13.47
N LEU G 274 -58.69 -11.32 14.43
CA LEU G 274 -58.12 -12.65 14.25
C LEU G 274 -59.19 -13.65 13.87
N THR H 5 -20.61 -67.00 15.74
CA THR H 5 -21.49 -68.20 15.62
C THR H 5 -22.82 -67.98 16.34
N GLU H 6 -22.92 -66.88 17.07
CA GLU H 6 -24.13 -66.58 17.82
C GLU H 6 -24.71 -65.20 17.49
N LYS H 7 -24.70 -64.84 16.21
CA LYS H 7 -25.23 -63.56 15.75
C LYS H 7 -25.05 -62.41 16.72
N PHE H 8 -24.09 -61.54 16.40
CA PHE H 8 -23.75 -60.37 17.22
C PHE H 8 -24.93 -59.44 17.53
N ASP H 9 -25.08 -59.10 18.80
CA ASP H 9 -26.14 -58.18 19.18
C ASP H 9 -25.60 -56.83 19.61
N PHE H 10 -25.78 -55.84 18.73
CA PHE H 10 -25.32 -54.49 18.98
C PHE H 10 -25.77 -54.02 20.38
N GLY H 11 -27.07 -53.82 20.54
CA GLY H 11 -27.60 -53.37 21.81
C GLY H 11 -26.78 -53.85 23.00
N THR H 12 -26.36 -55.11 22.97
CA THR H 12 -25.58 -55.67 24.06
C THR H 12 -24.29 -54.92 24.27
N MET H 13 -23.51 -54.80 23.21
CA MET H 13 -22.25 -54.10 23.29
C MET H 13 -22.50 -52.70 23.82
N VAL H 14 -23.53 -52.03 23.30
CA VAL H 14 -23.79 -50.69 23.77
C VAL H 14 -23.89 -50.77 25.28
N GLN H 15 -24.83 -51.58 25.76
CA GLN H 15 -25.04 -51.75 27.20
C GLN H 15 -23.70 -51.86 27.86
N TRP H 16 -22.95 -52.87 27.43
CA TRP H 16 -21.62 -53.11 27.97
C TRP H 16 -20.88 -51.78 28.06
N ALA H 17 -20.68 -51.20 26.89
CA ALA H 17 -19.99 -49.92 26.75
C ALA H 17 -20.57 -48.97 27.78
N TYR H 18 -21.86 -48.75 27.68
CA TYR H 18 -22.50 -47.85 28.62
C TYR H 18 -22.26 -48.18 30.08
N ASP H 19 -22.22 -49.46 30.43
CA ASP H 19 -21.99 -49.86 31.82
C ASP H 19 -20.60 -49.45 32.30
N HIS H 20 -19.59 -49.66 31.46
CA HIS H 20 -18.23 -49.29 31.85
C HIS H 20 -17.94 -47.83 31.50
N LYS H 21 -18.99 -47.10 31.14
CA LYS H 21 -18.85 -45.70 30.76
C LYS H 21 -17.75 -45.49 29.70
N TYR H 22 -17.57 -46.47 28.82
CA TYR H 22 -16.59 -46.40 27.73
C TYR H 22 -17.24 -45.59 26.63
N ALA H 23 -16.76 -44.37 26.39
CA ALA H 23 -17.38 -43.54 25.36
C ALA H 23 -16.55 -43.26 24.12
N GLU H 24 -15.27 -43.60 24.14
CA GLU H 24 -14.47 -43.34 22.95
C GLU H 24 -14.15 -44.59 22.14
N GLU H 25 -14.50 -44.54 20.85
CA GLU H 25 -14.25 -45.64 19.95
C GLU H 25 -12.99 -46.41 20.35
N SER H 26 -11.84 -45.81 20.11
CA SER H 26 -10.56 -46.45 20.44
C SER H 26 -10.65 -47.45 21.59
N LYS H 27 -11.23 -47.03 22.72
CA LYS H 27 -11.33 -47.91 23.88
C LYS H 27 -12.35 -49.02 23.66
N ILE H 28 -13.60 -48.62 23.41
CA ILE H 28 -14.66 -49.59 23.17
C ILE H 28 -14.08 -50.75 22.39
N ALA H 29 -13.66 -50.48 21.17
CA ALA H 29 -13.06 -51.49 20.31
C ALA H 29 -12.12 -52.39 21.08
N TYR H 30 -10.98 -51.83 21.49
CA TYR H 30 -9.98 -52.58 22.24
C TYR H 30 -10.55 -53.38 23.43
N GLU H 31 -11.04 -52.67 24.43
CA GLU H 31 -11.58 -53.30 25.63
C GLU H 31 -12.54 -54.48 25.33
N TYR H 32 -13.42 -54.28 24.37
CA TYR H 32 -14.37 -55.33 24.00
C TYR H 32 -13.65 -56.52 23.41
N ALA H 33 -12.82 -56.29 22.41
CA ALA H 33 -12.10 -57.40 21.79
C ALA H 33 -11.37 -58.18 22.85
N LEU H 34 -11.08 -57.54 23.99
CA LEU H 34 -10.40 -58.26 25.05
C LEU H 34 -11.41 -59.20 25.67
N ALA H 35 -12.57 -58.67 26.04
CA ALA H 35 -13.63 -59.46 26.64
C ALA H 35 -14.10 -60.55 25.68
N ALA H 36 -13.44 -60.64 24.53
CA ALA H 36 -13.79 -61.63 23.53
C ALA H 36 -13.51 -63.04 24.03
N GLY H 37 -12.56 -63.16 24.94
CA GLY H 37 -12.22 -64.46 25.47
C GLY H 37 -13.37 -65.12 26.22
N SER H 38 -14.06 -64.35 27.05
CA SER H 38 -15.18 -64.87 27.83
C SER H 38 -16.49 -64.11 27.60
N ASP H 39 -16.88 -63.96 26.34
CA ASP H 39 -18.12 -63.27 26.00
C ASP H 39 -18.54 -63.62 24.58
N SER H 40 -19.63 -64.37 24.47
CA SER H 40 -20.14 -64.81 23.17
C SER H 40 -20.39 -63.68 22.19
N ASN H 41 -20.98 -62.59 22.67
CA ASN H 41 -21.27 -61.45 21.81
C ASN H 41 -20.00 -60.83 21.27
N ALA H 42 -19.08 -60.47 22.17
CA ALA H 42 -17.81 -59.88 21.76
C ALA H 42 -17.22 -60.75 20.67
N ARG H 43 -17.15 -62.04 20.94
CA ARG H 43 -16.60 -62.96 19.96
C ARG H 43 -17.38 -62.77 18.68
N ALA H 44 -18.70 -62.67 18.82
CA ALA H 44 -19.57 -62.48 17.67
C ALA H 44 -19.18 -61.21 16.92
N PHE H 45 -18.79 -60.19 17.70
CA PHE H 45 -18.38 -58.89 17.17
C PHE H 45 -17.19 -59.01 16.24
N LEU H 46 -16.11 -59.59 16.75
CA LEU H 46 -14.90 -59.78 15.97
C LEU H 46 -15.17 -60.58 14.71
N ALA H 47 -16.32 -61.23 14.68
CA ALA H 47 -16.70 -62.04 13.52
C ALA H 47 -17.35 -61.16 12.45
N THR H 48 -17.84 -59.99 12.88
CA THR H 48 -18.50 -59.04 11.99
C THR H 48 -17.61 -58.49 10.91
N ASN H 49 -18.13 -58.40 9.71
CA ASN H 49 -17.34 -57.86 8.61
C ASN H 49 -17.38 -56.36 8.74
N SER H 50 -18.05 -55.88 9.78
CA SER H 50 -18.19 -54.43 10.01
C SER H 50 -18.00 -54.01 11.46
N GLN H 51 -16.85 -54.33 12.02
CA GLN H 51 -16.53 -53.99 13.38
C GLN H 51 -16.52 -52.47 13.44
N ALA H 52 -15.82 -51.90 12.47
CA ALA H 52 -15.71 -50.45 12.35
C ALA H 52 -17.06 -49.78 12.66
N LYS H 53 -18.02 -49.95 11.76
CA LYS H 53 -19.34 -49.33 11.93
C LYS H 53 -19.88 -49.51 13.35
N HIS H 54 -19.77 -50.70 13.91
CA HIS H 54 -20.30 -50.91 15.25
C HIS H 54 -19.61 -50.09 16.31
N VAL H 55 -18.29 -50.21 16.36
CA VAL H 55 -17.52 -49.42 17.31
C VAL H 55 -17.95 -47.95 17.23
N LYS H 56 -18.05 -47.43 16.01
CA LYS H 56 -18.45 -46.05 15.85
C LYS H 56 -19.81 -45.89 16.47
N ASP H 57 -20.82 -46.57 15.88
CA ASP H 57 -22.19 -46.47 16.37
C ASP H 57 -22.31 -46.77 17.84
N CYS H 58 -21.54 -47.73 18.32
CA CYS H 58 -21.59 -48.08 19.72
C CYS H 58 -21.33 -46.82 20.52
N ALA H 59 -20.20 -46.18 20.24
CA ALA H 59 -19.82 -44.95 20.94
C ALA H 59 -20.87 -43.89 20.75
N THR H 60 -21.21 -43.63 19.50
CA THR H 60 -22.21 -42.62 19.23
C THR H 60 -23.33 -42.80 20.25
N MET H 61 -23.83 -44.02 20.32
CA MET H 61 -24.93 -44.35 21.20
C MET H 61 -24.60 -44.05 22.64
N VAL H 62 -23.49 -44.60 23.09
CA VAL H 62 -23.11 -44.39 24.47
C VAL H 62 -23.13 -42.94 24.86
N ARG H 63 -22.33 -42.12 24.17
CA ARG H 63 -22.29 -40.70 24.49
C ARG H 63 -23.73 -40.16 24.45
N HIS H 64 -24.43 -40.47 23.38
CA HIS H 64 -25.81 -40.07 23.21
C HIS H 64 -26.55 -40.03 24.53
N TYR H 65 -26.55 -41.16 25.21
CA TYR H 65 -27.24 -41.28 26.50
C TYR H 65 -26.56 -40.30 27.44
N LEU H 66 -25.38 -40.69 27.90
CA LEU H 66 -24.55 -39.89 28.80
C LEU H 66 -24.82 -38.40 28.75
N ARG H 67 -24.80 -37.84 27.55
CA ARG H 67 -25.07 -36.42 27.38
C ARG H 67 -26.50 -36.31 27.88
N ALA H 68 -27.42 -36.82 27.08
CA ALA H 68 -28.85 -36.80 27.39
C ALA H 68 -29.16 -37.16 28.85
N GLU H 69 -28.50 -38.22 29.32
CA GLU H 69 -28.69 -38.72 30.67
C GLU H 69 -28.38 -37.65 31.69
N THR H 70 -27.49 -36.74 31.32
CA THR H 70 -27.10 -35.66 32.22
C THR H 70 -28.00 -34.45 32.00
N GLN H 71 -28.21 -34.07 30.74
CA GLN H 71 -29.06 -32.92 30.45
C GLN H 71 -30.37 -33.07 31.19
N ALA H 72 -30.68 -34.29 31.59
CA ALA H 72 -31.91 -34.64 32.31
C ALA H 72 -32.07 -34.04 33.71
N LEU H 73 -31.08 -34.30 34.58
CA LEU H 73 -31.06 -33.82 35.97
C LEU H 73 -31.54 -32.39 36.18
N SER H 74 -31.68 -32.01 37.44
CA SER H 74 -32.09 -30.65 37.80
C SER H 74 -30.83 -30.17 38.52
N MET H 75 -30.69 -28.86 38.74
CA MET H 75 -29.47 -28.40 39.40
C MET H 75 -29.12 -29.30 40.58
N PRO H 76 -30.09 -29.58 41.46
CA PRO H 76 -29.84 -30.44 42.63
C PRO H 76 -29.36 -31.80 42.19
N ALA H 77 -30.19 -32.47 41.39
CA ALA H 77 -29.86 -33.78 40.86
C ALA H 77 -28.43 -33.74 40.35
N TYR H 78 -28.20 -32.80 39.41
CA TYR H 78 -26.91 -32.62 38.79
C TYR H 78 -25.80 -32.47 39.82
N ILE H 79 -26.01 -31.59 40.79
CA ILE H 79 -25.01 -31.39 41.81
C ILE H 79 -24.87 -32.65 42.63
N LYS H 80 -25.94 -33.44 42.69
CA LYS H 80 -25.91 -34.69 43.43
C LYS H 80 -25.00 -35.65 42.67
N ALA H 81 -25.21 -35.69 41.34
CA ALA H 81 -24.43 -36.55 40.46
C ALA H 81 -22.96 -36.15 40.45
N ARG H 82 -22.70 -34.85 40.58
CA ARG H 82 -21.33 -34.35 40.57
C ARG H 82 -20.63 -34.72 41.87
N CYS H 83 -21.41 -35.22 42.83
CA CYS H 83 -20.85 -35.61 44.11
C CYS H 83 -20.33 -37.04 44.05
N LYS H 84 -21.09 -37.91 43.39
CA LYS H 84 -20.64 -39.29 43.25
C LYS H 84 -19.29 -39.29 42.56
N LEU H 85 -19.11 -38.35 41.62
CA LEU H 85 -17.87 -38.23 40.87
C LEU H 85 -16.69 -37.80 41.75
N ALA H 86 -16.95 -36.96 42.72
CA ALA H 86 -15.87 -36.52 43.60
C ALA H 86 -15.27 -37.72 44.33
N THR H 87 -13.98 -37.98 44.09
CA THR H 87 -13.29 -39.07 44.75
C THR H 87 -12.20 -38.48 45.63
N GLY H 88 -11.77 -39.26 46.63
CA GLY H 88 -10.74 -38.78 47.53
C GLY H 88 -11.31 -38.31 48.85
N GLU H 89 -10.43 -37.74 49.68
CA GLU H 89 -10.85 -37.25 50.99
C GLU H 89 -10.46 -35.79 51.21
N GLY H 90 -11.39 -35.06 51.84
CA GLY H 90 -11.20 -33.65 52.14
C GLY H 90 -12.34 -33.23 53.03
N SER H 91 -12.52 -31.92 53.24
CA SER H 91 -13.61 -31.43 54.10
C SER H 91 -13.99 -29.97 53.88
N TRP H 92 -15.30 -29.71 53.96
CA TRP H 92 -15.84 -28.37 53.77
C TRP H 92 -15.06 -27.35 54.59
N LYS H 93 -14.47 -27.82 55.69
CA LYS H 93 -13.69 -26.94 56.56
C LYS H 93 -12.64 -26.19 55.76
N SER H 94 -11.99 -26.88 54.83
CA SER H 94 -10.96 -26.26 53.98
C SER H 94 -11.51 -24.98 53.33
N ILE H 95 -12.65 -25.11 52.68
CA ILE H 95 -13.32 -23.97 52.05
C ILE H 95 -13.59 -22.88 53.09
N LEU H 96 -14.16 -23.30 54.22
CA LEU H 96 -14.48 -22.38 55.31
C LEU H 96 -13.21 -21.67 55.75
N THR H 97 -12.15 -22.44 55.96
CA THR H 97 -10.88 -21.87 56.39
C THR H 97 -10.55 -20.69 55.49
N PHE H 98 -10.42 -20.97 54.20
CA PHE H 98 -10.10 -19.97 53.21
C PHE H 98 -10.98 -18.71 53.30
N PHE H 99 -12.28 -18.84 53.05
CA PHE H 99 -13.15 -17.68 53.14
C PHE H 99 -12.93 -16.90 54.43
N ASN H 100 -12.80 -17.60 55.54
CA ASN H 100 -12.57 -16.94 56.81
C ASN H 100 -11.29 -16.18 56.60
N TYR H 101 -10.31 -16.86 56.05
CA TYR H 101 -9.02 -16.25 55.81
C TYR H 101 -9.12 -14.95 55.04
N GLN H 102 -10.00 -14.91 54.04
CA GLN H 102 -10.16 -13.71 53.23
C GLN H 102 -11.00 -12.68 53.97
N ASN H 103 -11.33 -13.00 55.21
CA ASN H 103 -12.14 -12.13 56.06
C ASN H 103 -13.57 -12.06 55.56
N ILE H 104 -14.05 -13.17 55.00
CA ILE H 104 -15.42 -13.25 54.50
C ILE H 104 -16.19 -14.31 55.25
N GLU H 105 -17.41 -13.98 55.66
CA GLU H 105 -18.25 -14.91 56.38
C GLU H 105 -18.89 -15.94 55.43
N LEU H 106 -18.52 -17.20 55.59
CA LEU H 106 -19.07 -18.26 54.77
C LEU H 106 -20.56 -18.11 54.51
N ILE H 107 -21.33 -17.66 55.50
CA ILE H 107 -22.76 -17.51 55.29
C ILE H 107 -23.02 -16.57 54.13
N THR H 108 -22.18 -15.54 54.02
CA THR H 108 -22.33 -14.55 52.96
C THR H 108 -22.23 -15.25 51.60
N PHE H 109 -21.23 -16.12 51.47
CA PHE H 109 -21.02 -16.88 50.23
C PHE H 109 -22.15 -17.87 50.06
N ILE H 110 -22.52 -18.52 51.17
CA ILE H 110 -23.58 -19.49 51.10
C ILE H 110 -24.85 -18.85 50.63
N ASN H 111 -25.20 -17.72 51.24
CA ASN H 111 -26.40 -17.04 50.82
C ASN H 111 -26.26 -16.67 49.35
N ALA H 112 -25.08 -16.22 48.95
CA ALA H 112 -24.87 -15.84 47.55
C ALA H 112 -24.95 -17.07 46.65
N LEU H 113 -24.33 -18.15 47.11
CA LEU H 113 -24.29 -19.38 46.35
C LEU H 113 -25.65 -20.04 46.15
N LYS H 114 -26.60 -19.72 47.02
CA LYS H 114 -27.93 -20.32 46.92
C LYS H 114 -28.71 -19.79 45.74
N LEU H 115 -28.77 -18.46 45.59
CA LEU H 115 -29.54 -17.88 44.48
C LEU H 115 -28.81 -18.07 43.17
N TRP H 116 -27.49 -18.20 43.27
CA TRP H 116 -26.68 -18.41 42.08
C TRP H 116 -27.11 -19.73 41.45
N LEU H 117 -26.80 -20.84 42.12
CA LEU H 117 -27.17 -22.18 41.66
C LEU H 117 -28.60 -22.22 41.15
N LYS H 118 -29.42 -21.26 41.58
CA LYS H 118 -30.82 -21.21 41.14
C LYS H 118 -31.02 -20.31 39.95
N GLY H 119 -29.94 -19.70 39.51
CA GLY H 119 -30.06 -18.83 38.34
C GLY H 119 -31.17 -17.82 38.48
N ILE H 120 -31.18 -17.12 39.61
CA ILE H 120 -32.20 -16.12 39.85
C ILE H 120 -31.73 -14.81 39.25
N PRO H 121 -32.59 -14.20 38.44
CA PRO H 121 -32.32 -12.93 37.77
C PRO H 121 -31.57 -11.93 38.65
N LYS H 122 -30.52 -11.33 38.10
CA LYS H 122 -29.68 -10.35 38.77
C LYS H 122 -28.81 -10.93 39.87
N LYS H 123 -29.03 -12.21 40.17
CA LYS H 123 -28.25 -12.89 41.19
C LYS H 123 -27.51 -14.06 40.55
N ASN H 124 -27.32 -13.94 39.24
CA ASN H 124 -26.70 -14.98 38.43
C ASN H 124 -25.21 -14.87 38.12
N CYS H 125 -24.54 -13.83 38.59
CA CYS H 125 -23.12 -13.65 38.30
C CYS H 125 -22.26 -13.38 39.54
N LEU H 126 -21.40 -14.34 39.90
CA LEU H 126 -20.54 -14.13 41.06
C LEU H 126 -19.13 -13.70 40.70
N ALA H 127 -18.73 -12.57 41.29
CA ALA H 127 -17.41 -12.03 41.02
C ALA H 127 -16.47 -12.03 42.20
N PHE H 128 -15.30 -12.57 41.95
CA PHE H 128 -14.26 -12.60 42.95
C PHE H 128 -13.20 -11.63 42.48
N ILE H 129 -13.18 -10.47 43.12
CA ILE H 129 -12.26 -9.41 42.79
C ILE H 129 -11.15 -9.28 43.82
N GLY H 130 -10.01 -8.71 43.44
CA GLY H 130 -8.93 -8.54 44.39
C GLY H 130 -7.56 -8.38 43.78
N PRO H 131 -6.53 -8.01 44.56
CA PRO H 131 -5.21 -7.84 43.97
C PRO H 131 -4.73 -9.18 43.43
N PRO H 132 -3.64 -9.21 42.67
CA PRO H 132 -3.18 -10.50 42.17
C PRO H 132 -2.70 -11.35 43.34
N ASN H 133 -2.75 -12.67 43.15
CA ASN H 133 -2.34 -13.68 44.14
C ASN H 133 -3.16 -13.77 45.43
N THR H 134 -4.48 -13.77 45.30
CA THR H 134 -5.34 -13.84 46.49
C THR H 134 -6.28 -15.03 46.54
N GLY H 135 -6.08 -16.02 45.68
CA GLY H 135 -6.95 -17.18 45.71
C GLY H 135 -8.14 -17.19 44.78
N LYS H 136 -8.33 -16.11 44.03
CA LYS H 136 -9.45 -15.96 43.09
C LYS H 136 -9.62 -17.07 42.04
N SER H 137 -8.59 -17.31 41.24
CA SER H 137 -8.69 -18.34 40.23
C SER H 137 -8.75 -19.70 40.94
N MET H 138 -8.12 -19.76 42.12
CA MET H 138 -8.08 -20.95 42.97
C MET H 138 -9.48 -21.51 43.08
N LEU H 139 -10.17 -20.89 44.03
CA LEU H 139 -11.54 -21.19 44.38
C LEU H 139 -12.37 -21.41 43.13
N CYS H 140 -12.63 -20.33 42.40
CA CYS H 140 -13.45 -20.38 41.20
C CYS H 140 -13.15 -21.50 40.22
N ASN H 141 -11.87 -21.85 40.09
CA ASN H 141 -11.50 -22.94 39.20
C ASN H 141 -11.90 -24.25 39.87
N SER H 142 -11.66 -24.36 41.17
CA SER H 142 -11.99 -25.57 41.95
C SER H 142 -13.48 -25.86 42.02
N LEU H 143 -14.26 -24.80 42.14
CA LEU H 143 -15.70 -24.94 42.22
C LEU H 143 -16.22 -25.37 40.85
N ILE H 144 -15.77 -24.69 39.80
CA ILE H 144 -16.19 -25.01 38.44
C ILE H 144 -15.84 -26.45 38.10
N HIS H 145 -14.59 -26.84 38.37
CA HIS H 145 -14.15 -28.19 38.10
C HIS H 145 -15.11 -29.16 38.76
N PHE H 146 -15.41 -28.90 40.03
CA PHE H 146 -16.31 -29.75 40.77
C PHE H 146 -17.60 -29.87 39.98
N LEU H 147 -18.28 -28.74 39.80
CA LEU H 147 -19.55 -28.69 39.06
C LEU H 147 -19.45 -29.20 37.63
N GLY H 148 -18.24 -29.48 37.16
CA GLY H 148 -18.09 -29.96 35.81
C GLY H 148 -18.57 -28.91 34.83
N GLY H 149 -18.17 -27.66 35.07
CA GLY H 149 -18.55 -26.56 34.20
C GLY H 149 -17.48 -26.20 33.19
N SER H 150 -17.76 -25.25 32.32
CA SER H 150 -16.77 -24.86 31.31
C SER H 150 -16.18 -23.48 31.57
N VAL H 151 -14.89 -23.38 31.26
CA VAL H 151 -14.14 -22.15 31.41
C VAL H 151 -14.14 -21.40 30.10
N LEU H 152 -14.50 -20.12 30.13
CA LEU H 152 -14.53 -19.33 28.91
C LEU H 152 -13.20 -18.64 28.67
N SER H 153 -12.71 -18.69 27.43
CA SER H 153 -11.46 -18.06 27.07
C SER H 153 -11.75 -16.72 26.39
N PHE H 154 -11.69 -15.64 27.14
CA PHE H 154 -12.00 -14.33 26.57
C PHE H 154 -11.04 -13.89 25.48
N ALA H 155 -9.98 -14.67 25.25
CA ALA H 155 -9.03 -14.32 24.20
C ALA H 155 -9.73 -14.53 22.87
N ASN H 156 -10.45 -15.64 22.76
CA ASN H 156 -11.18 -15.96 21.53
C ASN H 156 -12.32 -14.98 21.36
N HIS H 157 -12.58 -14.13 22.35
CA HIS H 157 -13.70 -13.21 22.25
C HIS H 157 -13.90 -12.54 20.90
N LYS H 158 -12.82 -12.39 20.13
CA LYS H 158 -12.92 -11.78 18.81
C LYS H 158 -14.03 -12.50 18.05
N SER H 159 -14.10 -13.82 18.26
CA SER H 159 -15.10 -14.71 17.63
C SER H 159 -16.32 -14.87 18.55
N HIS H 160 -17.52 -14.69 18.01
CA HIS H 160 -18.72 -14.82 18.83
C HIS H 160 -18.92 -16.25 19.27
N PHE H 161 -18.08 -17.14 18.77
CA PHE H 161 -18.18 -18.53 19.14
C PHE H 161 -17.47 -18.81 20.45
N TRP H 162 -17.04 -17.78 21.17
CA TRP H 162 -16.36 -18.01 22.44
C TRP H 162 -17.36 -18.26 23.56
N LEU H 163 -18.64 -18.30 23.19
CA LEU H 163 -19.70 -18.54 24.15
C LEU H 163 -20.44 -19.81 23.86
N ALA H 164 -20.02 -20.51 22.81
CA ALA H 164 -20.64 -21.75 22.41
C ALA H 164 -20.87 -22.70 23.56
N SER H 165 -19.96 -22.73 24.53
CA SER H 165 -20.12 -23.62 25.67
C SER H 165 -21.40 -23.31 26.45
N LEU H 166 -21.74 -22.04 26.62
CA LEU H 166 -22.94 -21.68 27.37
C LEU H 166 -24.17 -22.50 27.05
N ALA H 167 -24.23 -23.09 25.86
CA ALA H 167 -25.40 -23.88 25.52
C ALA H 167 -25.38 -25.27 26.12
N ASP H 168 -24.26 -25.66 26.71
CA ASP H 168 -24.10 -26.99 27.32
C ASP H 168 -23.97 -27.02 28.82
N THR H 169 -22.93 -26.36 29.35
CA THR H 169 -22.68 -26.36 30.79
C THR H 169 -23.73 -25.72 31.67
N ARG H 170 -23.62 -26.11 32.94
CA ARG H 170 -24.47 -25.67 34.02
C ARG H 170 -23.83 -24.47 34.68
N ALA H 171 -22.53 -24.32 34.49
CA ALA H 171 -21.81 -23.20 35.10
C ALA H 171 -20.53 -22.83 34.36
N ALA H 172 -20.43 -21.56 33.93
CA ALA H 172 -19.23 -21.10 33.22
C ALA H 172 -18.46 -20.10 34.04
N LEU H 173 -17.17 -20.03 33.78
CA LEU H 173 -16.31 -19.12 34.51
C LEU H 173 -15.33 -18.41 33.61
N VAL H 174 -15.35 -17.10 33.68
CA VAL H 174 -14.45 -16.27 32.90
C VAL H 174 -13.33 -15.86 33.85
N ASP H 175 -12.16 -16.48 33.69
CA ASP H 175 -11.03 -16.21 34.56
C ASP H 175 -10.23 -14.98 34.17
N ASP H 176 -10.08 -14.07 35.13
CA ASP H 176 -9.32 -12.83 34.95
C ASP H 176 -9.88 -11.86 33.90
N ALA H 177 -11.00 -11.24 34.24
CA ALA H 177 -11.64 -10.29 33.36
C ALA H 177 -10.85 -9.01 33.40
N THR H 178 -10.72 -8.38 32.24
CA THR H 178 -10.03 -7.13 32.10
C THR H 178 -11.10 -6.10 31.79
N HIS H 179 -10.69 -4.85 31.67
CA HIS H 179 -11.66 -3.80 31.35
C HIS H 179 -12.33 -4.12 30.01
N ALA H 180 -11.55 -4.64 29.07
CA ALA H 180 -12.10 -4.98 27.77
C ALA H 180 -13.20 -6.02 27.94
N CYS H 181 -12.96 -6.96 28.85
CA CYS H 181 -13.93 -8.02 29.15
C CYS H 181 -15.18 -7.44 29.77
N TRP H 182 -15.02 -6.75 30.90
CA TRP H 182 -16.17 -6.16 31.55
C TRP H 182 -16.94 -5.36 30.54
N ARG H 183 -16.25 -4.60 29.70
CA ARG H 183 -16.98 -3.82 28.69
C ARG H 183 -17.83 -4.77 27.88
N TYR H 184 -17.21 -5.85 27.40
CA TYR H 184 -17.93 -6.80 26.60
C TYR H 184 -19.18 -7.18 27.35
N PHE H 185 -19.01 -7.58 28.61
CA PHE H 185 -20.14 -7.98 29.44
C PHE H 185 -21.23 -6.93 29.46
N ASP H 186 -20.88 -5.74 29.94
CA ASP H 186 -21.82 -4.63 30.03
C ASP H 186 -22.54 -4.33 28.72
N THR H 187 -21.94 -4.75 27.61
CA THR H 187 -22.50 -4.46 26.30
C THR H 187 -23.39 -5.53 25.68
N TYR H 188 -22.87 -6.73 25.52
CA TYR H 188 -23.63 -7.80 24.89
C TYR H 188 -24.26 -8.86 25.81
N LEU H 189 -23.67 -9.06 26.99
CA LEU H 189 -24.17 -10.08 27.90
C LEU H 189 -25.12 -9.63 29.01
N ARG H 190 -25.84 -8.54 28.79
CA ARG H 190 -26.77 -8.09 29.81
C ARG H 190 -27.85 -9.13 30.10
N ASN H 191 -28.43 -9.71 29.05
CA ASN H 191 -29.46 -10.72 29.24
C ASN H 191 -28.90 -11.91 30.01
N ALA H 192 -27.69 -12.34 29.66
CA ALA H 192 -27.09 -13.46 30.35
C ALA H 192 -27.13 -13.15 31.83
N LEU H 193 -27.30 -11.87 32.13
CA LEU H 193 -27.37 -11.40 33.51
C LEU H 193 -28.77 -11.14 34.03
N ASP H 194 -29.75 -11.04 33.13
CA ASP H 194 -31.10 -10.81 33.57
C ASP H 194 -31.97 -12.04 33.35
N GLY H 195 -31.34 -13.19 33.19
CA GLY H 195 -32.13 -14.39 32.98
C GLY H 195 -33.11 -14.43 31.82
N TYR H 196 -32.96 -13.51 30.86
CA TYR H 196 -33.83 -13.51 29.67
C TYR H 196 -33.18 -14.46 28.69
N PRO H 197 -33.98 -15.14 27.85
CA PRO H 197 -33.38 -16.08 26.90
C PRO H 197 -32.38 -15.36 26.02
N VAL H 198 -31.31 -16.05 25.69
CA VAL H 198 -30.29 -15.48 24.85
C VAL H 198 -29.94 -16.48 23.74
N SER H 199 -29.49 -15.95 22.59
CA SER H 199 -29.14 -16.79 21.45
C SER H 199 -27.65 -17.12 21.55
N ILE H 200 -27.29 -18.34 21.16
CA ILE H 200 -25.92 -18.80 21.24
C ILE H 200 -25.59 -19.67 20.05
N ASP H 201 -24.63 -19.22 19.23
CA ASP H 201 -24.26 -19.95 18.01
C ASP H 201 -23.42 -21.18 18.29
N ARG H 202 -23.47 -22.14 17.38
CA ARG H 202 -22.71 -23.36 17.54
C ARG H 202 -22.02 -23.67 16.21
N LYS H 203 -20.74 -23.94 16.28
CA LYS H 203 -19.98 -24.22 15.08
C LYS H 203 -20.79 -25.12 14.16
N HIS H 204 -21.04 -24.64 12.94
CA HIS H 204 -21.76 -25.41 11.93
C HIS H 204 -23.20 -25.83 12.18
N LYS H 205 -23.70 -25.63 13.38
CA LYS H 205 -25.07 -26.03 13.66
C LYS H 205 -25.92 -24.78 13.76
N ALA H 206 -27.20 -24.94 14.04
CA ALA H 206 -28.08 -23.79 14.15
C ALA H 206 -28.05 -23.22 15.58
N ALA H 207 -28.18 -21.90 15.69
CA ALA H 207 -28.16 -21.24 17.01
C ALA H 207 -29.15 -21.87 18.02
N VAL H 208 -28.81 -21.77 19.30
CA VAL H 208 -29.67 -22.30 20.35
C VAL H 208 -30.24 -21.15 21.15
N GLN H 209 -31.49 -21.30 21.57
CA GLN H 209 -32.19 -20.28 22.35
C GLN H 209 -32.26 -20.75 23.79
N ILE H 210 -31.27 -20.38 24.60
CA ILE H 210 -31.28 -20.85 25.98
C ILE H 210 -31.09 -19.76 27.05
N LYS H 211 -31.27 -20.17 28.31
CA LYS H 211 -31.09 -19.29 29.46
C LYS H 211 -29.62 -19.45 29.91
N ALA H 212 -28.91 -18.33 29.93
CA ALA H 212 -27.51 -18.33 30.32
C ALA H 212 -27.35 -18.83 31.74
N PRO H 213 -26.56 -19.90 31.91
CA PRO H 213 -26.27 -20.56 33.18
C PRO H 213 -25.53 -19.65 34.16
N PRO H 214 -25.27 -20.14 35.37
CA PRO H 214 -24.55 -19.39 36.43
C PRO H 214 -23.15 -18.99 35.97
N LEU H 215 -22.76 -17.74 36.23
CA LEU H 215 -21.45 -17.24 35.82
C LEU H 215 -20.51 -16.88 36.94
N LEU H 216 -19.27 -17.36 36.84
CA LEU H 216 -18.22 -17.07 37.81
C LEU H 216 -17.17 -16.17 37.18
N VAL H 217 -16.85 -15.06 37.86
CA VAL H 217 -15.86 -14.13 37.32
C VAL H 217 -14.78 -13.71 38.31
N THR H 218 -13.52 -13.75 37.88
CA THR H 218 -12.39 -13.31 38.71
C THR H 218 -11.81 -12.11 38.02
N SER H 219 -11.50 -11.05 38.77
CA SER H 219 -10.99 -9.85 38.16
C SER H 219 -10.23 -8.97 39.14
N ASN H 220 -9.28 -8.18 38.64
CA ASN H 220 -8.51 -7.29 39.50
C ASN H 220 -9.32 -6.01 39.61
N ILE H 221 -10.30 -5.90 38.72
CA ILE H 221 -11.17 -4.75 38.64
C ILE H 221 -12.45 -4.92 39.46
N ASP H 222 -12.71 -3.97 40.34
CA ASP H 222 -13.89 -3.98 41.16
C ASP H 222 -15.02 -3.31 40.37
N VAL H 223 -15.72 -4.08 39.52
CA VAL H 223 -16.79 -3.48 38.74
C VAL H 223 -17.73 -2.67 39.61
N GLN H 224 -17.95 -3.14 40.83
CA GLN H 224 -18.83 -2.41 41.70
C GLN H 224 -18.47 -0.94 41.88
N ALA H 225 -17.18 -0.62 41.81
CA ALA H 225 -16.70 0.75 41.99
C ALA H 225 -16.70 1.58 40.70
N GLU H 226 -16.09 1.05 39.66
CA GLU H 226 -16.02 1.74 38.38
C GLU H 226 -17.43 2.18 37.96
N ASP H 227 -17.58 3.46 37.63
CA ASP H 227 -18.87 4.01 37.23
C ASP H 227 -19.32 3.65 35.81
N ARG H 228 -18.38 3.30 34.93
CA ARG H 228 -18.74 2.95 33.57
C ARG H 228 -19.36 1.57 33.46
N TYR H 229 -19.53 0.92 34.60
CA TYR H 229 -20.07 -0.42 34.68
C TYR H 229 -21.34 -0.40 35.52
N LEU H 230 -22.03 0.73 35.47
CA LEU H 230 -23.25 0.92 36.24
C LEU H 230 -24.21 -0.26 36.16
N TYR H 231 -24.70 -0.52 34.96
CA TYR H 231 -25.63 -1.63 34.75
C TYR H 231 -25.21 -2.88 35.49
N LEU H 232 -23.90 -3.09 35.60
CA LEU H 232 -23.40 -4.28 36.26
C LEU H 232 -23.51 -4.30 37.78
N HIS H 233 -23.59 -3.13 38.40
CA HIS H 233 -23.65 -3.06 39.85
C HIS H 233 -24.68 -3.99 40.48
N SER H 234 -25.93 -3.79 40.13
CA SER H 234 -26.98 -4.61 40.68
C SER H 234 -26.96 -6.02 40.12
N ARG H 235 -26.14 -6.26 39.09
CA ARG H 235 -26.08 -7.58 38.47
C ARG H 235 -24.86 -8.44 38.76
N VAL H 236 -24.05 -8.08 39.73
CA VAL H 236 -22.90 -8.91 40.00
C VAL H 236 -22.60 -8.99 41.50
N GLN H 237 -22.78 -10.18 42.07
CA GLN H 237 -22.50 -10.38 43.49
C GLN H 237 -20.98 -10.47 43.64
N THR H 238 -20.42 -9.51 44.40
CA THR H 238 -18.97 -9.43 44.56
C THR H 238 -18.37 -9.69 45.93
N PHE H 239 -17.35 -10.53 45.93
CA PHE H 239 -16.63 -10.88 47.12
C PHE H 239 -15.21 -10.36 46.90
N ARG H 240 -14.64 -9.67 47.88
CA ARG H 240 -13.30 -9.13 47.71
C ARG H 240 -12.22 -9.87 48.49
N PHE H 241 -11.41 -10.67 47.78
CA PHE H 241 -10.31 -11.43 48.37
C PHE H 241 -9.10 -10.50 48.34
N GLU H 242 -8.66 -10.04 49.50
CA GLU H 242 -7.53 -9.11 49.59
C GLU H 242 -6.22 -9.74 50.10
N GLN H 243 -6.33 -10.55 51.14
CA GLN H 243 -5.15 -11.18 51.72
C GLN H 243 -4.50 -12.15 50.73
N PRO H 244 -3.20 -11.96 50.46
CA PRO H 244 -2.42 -12.79 49.54
C PRO H 244 -2.44 -14.27 49.91
N CYS H 245 -1.36 -14.99 49.64
CA CYS H 245 -1.29 -16.42 49.97
C CYS H 245 -0.04 -17.08 49.41
N THR H 246 0.04 -17.19 48.08
CA THR H 246 1.19 -17.79 47.42
C THR H 246 2.43 -16.96 47.78
N ASP H 247 3.16 -17.42 48.79
CA ASP H 247 4.35 -16.72 49.26
C ASP H 247 5.64 -17.28 48.64
N GLU H 248 6.69 -16.47 48.64
CA GLU H 248 7.98 -16.86 48.10
C GLU H 248 8.66 -17.87 49.02
N SER H 249 8.23 -19.13 48.94
CA SER H 249 8.80 -20.19 49.76
C SER H 249 8.65 -21.56 49.09
N GLY H 250 8.10 -21.56 47.87
CA GLY H 250 7.91 -22.79 47.13
C GLY H 250 6.79 -23.66 47.67
N GLU H 251 6.57 -23.60 48.98
CA GLU H 251 5.54 -24.38 49.65
C GLU H 251 4.22 -24.41 48.89
N GLN H 252 3.52 -25.55 48.98
CA GLN H 252 2.24 -25.74 48.32
C GLN H 252 1.15 -24.91 49.01
N PRO H 253 0.63 -23.87 48.34
CA PRO H 253 -0.41 -23.07 48.98
C PRO H 253 -1.76 -23.76 48.88
N PHE H 254 -2.72 -23.26 49.65
CA PHE H 254 -4.08 -23.79 49.71
C PHE H 254 -4.53 -24.38 48.38
N ASN H 255 -5.47 -25.31 48.44
CA ASN H 255 -5.97 -25.94 47.24
C ASN H 255 -7.25 -26.72 47.51
N ILE H 256 -8.39 -26.07 47.28
CA ILE H 256 -9.69 -26.71 47.48
C ILE H 256 -9.79 -27.80 46.44
N THR H 257 -10.16 -29.03 46.83
CA THR H 257 -10.29 -30.15 45.87
C THR H 257 -11.73 -30.58 45.73
N ASP H 258 -12.01 -31.45 44.75
CA ASP H 258 -13.38 -31.94 44.52
C ASP H 258 -13.98 -32.44 45.83
N ALA H 259 -13.19 -33.23 46.55
CA ALA H 259 -13.62 -33.75 47.84
C ALA H 259 -14.17 -32.59 48.69
N ASP H 260 -13.33 -31.62 48.97
CA ASP H 260 -13.72 -30.46 49.77
C ASP H 260 -15.12 -30.00 49.36
N TRP H 261 -15.31 -29.69 48.08
CA TRP H 261 -16.61 -29.25 47.63
C TRP H 261 -17.66 -30.30 47.95
N LYS H 262 -17.28 -31.57 47.86
CA LYS H 262 -18.22 -32.62 48.16
C LYS H 262 -18.75 -32.36 49.56
N SER H 263 -17.86 -32.36 50.53
CA SER H 263 -18.26 -32.12 51.92
C SER H 263 -19.15 -30.89 51.99
N PHE H 264 -18.65 -29.80 51.40
CA PHE H 264 -19.38 -28.54 51.39
C PHE H 264 -20.84 -28.73 51.03
N PHE H 265 -21.08 -29.28 49.84
CA PHE H 265 -22.43 -29.49 49.36
C PHE H 265 -23.24 -30.46 50.20
N VAL H 266 -22.62 -31.57 50.57
CA VAL H 266 -23.28 -32.58 51.37
C VAL H 266 -23.75 -32.00 52.70
N ARG H 267 -22.84 -31.32 53.40
CA ARG H 267 -23.14 -30.74 54.70
C ARG H 267 -23.96 -29.47 54.68
N LEU H 268 -24.02 -28.80 53.52
CA LEU H 268 -24.80 -27.57 53.46
C LEU H 268 -26.06 -27.76 52.63
N TRP H 269 -26.27 -28.99 52.17
CA TRP H 269 -27.42 -29.32 51.35
C TRP H 269 -28.74 -28.77 51.86
N GLY H 270 -28.88 -28.70 53.18
CA GLY H 270 -30.11 -28.17 53.73
C GLY H 270 -30.23 -26.68 53.51
N ARG H 271 -29.22 -25.94 53.96
CA ARG H 271 -29.20 -24.48 53.84
C ARG H 271 -29.24 -23.94 52.41
N LEU H 272 -28.62 -24.65 51.47
CA LEU H 272 -28.58 -24.20 50.08
C LEU H 272 -29.88 -24.37 49.34
N ASP H 273 -30.93 -24.79 50.05
CA ASP H 273 -32.24 -25.00 49.44
C ASP H 273 -32.13 -25.90 48.21
N LEU H 274 -31.47 -27.04 48.36
CA LEU H 274 -31.32 -27.98 47.27
C LEU H 274 -32.21 -29.19 47.53
N THR I 5 29.08 68.97 -17.48
CA THR I 5 28.68 67.76 -16.70
C THR I 5 27.59 68.09 -15.68
N GLU I 6 26.35 67.72 -16.00
CA GLU I 6 25.20 67.95 -15.12
C GLU I 6 24.86 66.67 -14.34
N LYS I 7 24.15 66.81 -13.22
CA LYS I 7 23.80 65.65 -12.37
C LYS I 7 22.70 64.77 -12.94
N PHE I 8 22.92 63.45 -12.85
CA PHE I 8 21.96 62.47 -13.35
C PHE I 8 20.71 62.41 -12.48
N ASP I 9 19.58 62.81 -13.06
CA ASP I 9 18.33 62.75 -12.32
C ASP I 9 17.56 61.50 -12.71
N PHE I 10 17.50 60.54 -11.80
CA PHE I 10 16.80 59.28 -12.04
C PHE I 10 15.34 59.49 -12.45
N GLY I 11 14.63 60.30 -11.65
CA GLY I 11 13.25 60.57 -11.93
C GLY I 11 13.02 60.88 -13.39
N THR I 12 13.89 61.71 -13.95
CA THR I 12 13.78 62.09 -15.35
C THR I 12 13.75 60.87 -16.25
N MET I 13 14.76 60.01 -16.10
CA MET I 13 14.88 58.79 -16.91
C MET I 13 13.59 58.00 -16.81
N VAL I 14 13.12 57.82 -15.59
CA VAL I 14 11.89 57.11 -15.38
C VAL I 14 10.77 57.72 -16.21
N GLN I 15 10.59 59.04 -16.13
CA GLN I 15 9.55 59.71 -16.90
C GLN I 15 9.74 59.31 -18.34
N TRP I 16 10.94 59.55 -18.86
CA TRP I 16 11.29 59.18 -20.22
C TRP I 16 10.86 57.75 -20.53
N ALA I 17 11.42 56.80 -19.79
CA ALA I 17 11.07 55.41 -19.98
C ALA I 17 9.55 55.25 -19.98
N TYR I 18 8.91 55.81 -18.96
CA TYR I 18 7.45 55.73 -18.84
C TYR I 18 6.71 56.32 -20.05
N ASP I 19 7.15 57.46 -20.53
CA ASP I 19 6.47 58.05 -21.67
C ASP I 19 6.52 57.10 -22.86
N HIS I 20 7.67 56.46 -23.08
CA HIS I 20 7.82 55.55 -24.20
C HIS I 20 7.31 54.15 -23.87
N LYS I 21 6.73 54.01 -22.68
CA LYS I 21 6.22 52.70 -22.27
C LYS I 21 7.31 51.65 -22.39
N TYR I 22 8.55 52.08 -22.17
CA TYR I 22 9.67 51.15 -22.20
C TYR I 22 9.67 50.53 -20.83
N ALA I 23 9.54 49.21 -20.75
CA ALA I 23 9.50 48.59 -19.43
C ALA I 23 10.52 47.50 -19.20
N GLU I 24 11.28 47.11 -20.23
CA GLU I 24 12.29 46.08 -20.01
C GLU I 24 13.71 46.64 -20.06
N GLU I 25 14.45 46.42 -18.97
CA GLU I 25 15.83 46.88 -18.81
C GLU I 25 16.57 46.97 -20.14
N SER I 26 16.80 45.81 -20.76
CA SER I 26 17.49 45.71 -22.03
C SER I 26 17.20 46.90 -22.92
N LYS I 27 15.92 47.21 -23.12
CA LYS I 27 15.59 48.34 -23.95
C LYS I 27 15.97 49.63 -23.23
N ILE I 28 15.23 50.00 -22.19
CA ILE I 28 15.55 51.24 -21.46
C ILE I 28 17.03 51.59 -21.63
N ALA I 29 17.91 50.72 -21.15
CA ALA I 29 19.33 50.95 -21.26
C ALA I 29 19.72 51.40 -22.66
N TYR I 30 19.66 50.48 -23.60
CA TYR I 30 20.00 50.75 -24.99
C TYR I 30 19.41 52.05 -25.52
N GLU I 31 18.08 52.09 -25.60
CA GLU I 31 17.39 53.25 -26.12
C GLU I 31 17.86 54.54 -25.47
N TYR I 32 17.99 54.54 -24.15
CA TYR I 32 18.43 55.75 -23.47
C TYR I 32 19.81 56.20 -23.91
N ALA I 33 20.73 55.24 -23.95
CA ALA I 33 22.11 55.48 -24.34
C ALA I 33 22.18 56.13 -25.72
N LEU I 34 21.14 55.90 -26.53
CA LEU I 34 21.10 56.50 -27.86
C LEU I 34 20.68 57.95 -27.74
N ALA I 35 19.72 58.21 -26.86
CA ALA I 35 19.25 59.57 -26.63
C ALA I 35 20.36 60.40 -25.98
N ALA I 36 21.50 59.76 -25.76
CA ALA I 36 22.62 60.45 -25.12
C ALA I 36 23.22 61.53 -26.01
N GLY I 37 22.99 61.43 -27.31
CA GLY I 37 23.52 62.42 -28.22
C GLY I 37 22.93 63.81 -28.00
N SER I 38 21.62 63.86 -27.78
CA SER I 38 20.90 65.11 -27.55
C SER I 38 20.12 65.16 -26.22
N ASP I 39 20.67 64.58 -25.16
CA ASP I 39 20.03 64.59 -23.84
C ASP I 39 21.04 64.63 -22.68
N SER I 40 21.13 65.81 -22.06
CA SER I 40 22.06 66.05 -20.94
C SER I 40 21.97 65.00 -19.84
N ASN I 41 20.77 64.53 -19.56
CA ASN I 41 20.57 63.53 -18.51
C ASN I 41 21.04 62.18 -18.94
N ALA I 42 20.69 61.82 -20.18
CA ALA I 42 21.11 60.53 -20.71
C ALA I 42 22.63 60.51 -20.68
N ARG I 43 23.23 61.61 -21.09
CA ARG I 43 24.68 61.75 -21.07
C ARG I 43 25.19 61.65 -19.61
N ALA I 44 24.39 62.15 -18.68
CA ALA I 44 24.72 62.11 -17.26
C ALA I 44 24.66 60.67 -16.82
N PHE I 45 23.65 59.97 -17.36
CA PHE I 45 23.43 58.56 -17.08
C PHE I 45 24.69 57.75 -17.40
N LEU I 46 25.11 57.81 -18.65
CA LEU I 46 26.31 57.09 -19.09
C LEU I 46 27.55 57.47 -18.31
N ALA I 47 27.45 58.54 -17.52
CA ALA I 47 28.57 59.01 -16.71
C ALA I 47 28.54 58.37 -15.33
N THR I 48 27.37 57.85 -14.97
CA THR I 48 27.20 57.19 -13.67
C THR I 48 28.05 55.93 -13.59
N ASN I 49 28.56 55.63 -12.39
CA ASN I 49 29.38 54.43 -12.17
C ASN I 49 28.46 53.25 -11.91
N SER I 50 27.17 53.53 -11.77
CA SER I 50 26.14 52.52 -11.50
C SER I 50 24.94 52.57 -12.46
N GLN I 51 25.22 52.56 -13.76
CA GLN I 51 24.17 52.59 -14.77
C GLN I 51 23.29 51.36 -14.55
N ALA I 52 23.92 50.22 -14.32
CA ALA I 52 23.21 48.97 -14.08
C ALA I 52 22.09 49.20 -13.06
N LYS I 53 22.44 49.59 -11.83
CA LYS I 53 21.46 49.81 -10.79
C LYS I 53 20.34 50.70 -11.27
N HIS I 54 20.67 51.69 -12.08
CA HIS I 54 19.63 52.59 -12.55
C HIS I 54 18.71 51.96 -13.57
N VAL I 55 19.29 51.31 -14.57
CA VAL I 55 18.50 50.64 -15.59
C VAL I 55 17.49 49.79 -14.83
N LYS I 56 18.00 48.87 -14.01
CA LYS I 56 17.16 47.98 -13.22
C LYS I 56 16.07 48.75 -12.48
N ASP I 57 16.44 49.64 -11.57
CA ASP I 57 15.46 50.39 -10.82
C ASP I 57 14.55 51.20 -11.73
N CYS I 58 15.06 51.63 -12.88
CA CYS I 58 14.20 52.42 -13.76
C CYS I 58 13.06 51.55 -14.22
N ALA I 59 13.39 50.40 -14.81
CA ALA I 59 12.39 49.47 -15.27
C ALA I 59 11.44 49.19 -14.10
N THR I 60 11.96 48.63 -13.01
CA THR I 60 11.14 48.33 -11.82
C THR I 60 10.11 49.43 -11.62
N MET I 61 10.60 50.66 -11.55
CA MET I 61 9.75 51.80 -11.35
C MET I 61 8.71 51.96 -12.48
N VAL I 62 9.11 51.74 -13.72
CA VAL I 62 8.14 51.87 -14.82
C VAL I 62 7.07 50.81 -14.74
N ARG I 63 7.46 49.53 -14.72
CA ARG I 63 6.46 48.49 -14.65
C ARG I 63 5.58 48.76 -13.43
N HIS I 64 6.18 49.24 -12.36
CA HIS I 64 5.39 49.58 -11.18
C HIS I 64 4.19 50.39 -11.59
N TYR I 65 4.47 51.57 -12.16
CA TYR I 65 3.43 52.47 -12.61
C TYR I 65 2.46 51.74 -13.50
N LEU I 66 2.99 51.20 -14.59
CA LEU I 66 2.15 50.47 -15.55
C LEU I 66 1.16 49.49 -14.94
N ARG I 67 1.64 48.56 -14.12
CA ARG I 67 0.76 47.59 -13.51
C ARG I 67 -0.37 48.23 -12.74
N ALA I 68 -0.05 49.20 -11.91
CA ALA I 68 -1.06 49.90 -11.12
C ALA I 68 -2.04 50.55 -12.06
N GLU I 69 -1.54 51.02 -13.20
CA GLU I 69 -2.37 51.67 -14.17
C GLU I 69 -3.28 50.72 -14.94
N THR I 70 -2.90 49.45 -15.06
CA THR I 70 -3.77 48.51 -15.75
C THR I 70 -4.83 48.01 -14.76
N GLN I 71 -4.38 47.39 -13.66
CA GLN I 71 -5.28 46.89 -12.62
C GLN I 71 -6.39 47.89 -12.33
N ALA I 72 -6.06 49.16 -12.53
CA ALA I 72 -7.01 50.25 -12.30
C ALA I 72 -8.24 50.04 -13.17
N LEU I 73 -8.06 50.28 -14.47
CA LEU I 73 -9.08 50.16 -15.49
C LEU I 73 -10.11 49.04 -15.27
N SER I 74 -11.20 49.12 -16.02
CA SER I 74 -12.26 48.11 -15.99
C SER I 74 -12.21 47.47 -17.38
N MET I 75 -12.48 46.16 -17.47
CA MET I 75 -12.42 45.47 -18.76
C MET I 75 -12.85 46.37 -19.93
N PRO I 76 -13.99 47.05 -19.79
CA PRO I 76 -14.41 47.93 -20.88
C PRO I 76 -13.29 48.90 -21.12
N ALA I 77 -12.94 49.64 -20.07
CA ALA I 77 -11.88 50.62 -20.13
C ALA I 77 -10.65 50.00 -20.79
N TYR I 78 -10.19 48.90 -20.21
CA TYR I 78 -9.02 48.18 -20.70
C TYR I 78 -9.16 47.82 -22.19
N ILE I 79 -10.23 47.11 -22.52
CA ILE I 79 -10.46 46.73 -23.90
C ILE I 79 -10.59 48.00 -24.71
N LYS I 80 -11.11 49.02 -24.06
CA LYS I 80 -11.25 50.28 -24.73
C LYS I 80 -9.83 50.76 -25.03
N ALA I 81 -8.95 50.64 -24.05
CA ALA I 81 -7.57 51.07 -24.23
C ALA I 81 -6.78 50.20 -25.20
N ARG I 82 -7.14 48.92 -25.28
CA ARG I 82 -6.45 48.00 -26.18
C ARG I 82 -6.80 48.25 -27.64
N CYS I 83 -7.86 49.01 -27.87
CA CYS I 83 -8.25 49.34 -29.23
C CYS I 83 -7.40 50.49 -29.76
N LYS I 84 -7.34 51.59 -29.01
CA LYS I 84 -6.52 52.71 -29.44
C LYS I 84 -5.20 52.12 -29.92
N LEU I 85 -4.70 51.11 -29.20
CA LEU I 85 -3.44 50.48 -29.55
C LEU I 85 -3.47 49.73 -30.86
N ALA I 86 -4.60 49.13 -31.19
CA ALA I 86 -4.66 48.39 -32.44
C ALA I 86 -4.49 49.35 -33.61
N THR I 87 -3.49 49.12 -34.45
CA THR I 87 -3.27 49.97 -35.61
C THR I 87 -3.45 49.13 -36.85
N GLY I 88 -3.63 49.80 -37.98
CA GLY I 88 -3.81 49.08 -39.22
C GLY I 88 -5.27 48.99 -39.61
N GLU I 89 -5.52 48.37 -40.76
CA GLU I 89 -6.90 48.25 -41.23
C GLU I 89 -7.30 46.80 -41.37
N GLY I 90 -8.50 46.50 -40.88
CA GLY I 90 -9.04 45.17 -40.93
C GLY I 90 -10.54 45.28 -40.74
N SER I 91 -11.19 44.18 -40.42
CA SER I 91 -12.63 44.20 -40.23
C SER I 91 -13.12 42.98 -39.48
N TRP I 92 -14.20 43.15 -38.71
CA TRP I 92 -14.74 42.05 -37.94
C TRP I 92 -15.13 40.90 -38.86
N LYS I 93 -15.54 41.23 -40.07
CA LYS I 93 -15.95 40.23 -41.04
C LYS I 93 -14.90 39.12 -41.18
N SER I 94 -13.63 39.46 -41.03
CA SER I 94 -12.58 38.46 -41.17
C SER I 94 -12.78 37.40 -40.11
N ILE I 95 -13.03 37.85 -38.87
CA ILE I 95 -13.27 36.95 -37.75
C ILE I 95 -14.54 36.13 -37.99
N LEU I 96 -15.66 36.82 -38.18
CA LEU I 96 -16.94 36.18 -38.47
C LEU I 96 -16.69 35.13 -39.55
N THR I 97 -16.11 35.55 -40.67
CA THR I 97 -15.84 34.61 -41.74
C THR I 97 -15.22 33.34 -41.18
N PHE I 98 -14.16 33.49 -40.38
CA PHE I 98 -13.50 32.33 -39.82
C PHE I 98 -14.40 31.43 -38.97
N PHE I 99 -15.17 32.03 -38.08
CA PHE I 99 -16.07 31.28 -37.23
C PHE I 99 -17.09 30.50 -38.06
N ASN I 100 -17.54 31.12 -39.14
CA ASN I 100 -18.49 30.50 -40.05
C ASN I 100 -17.81 29.33 -40.72
N TYR I 101 -16.63 29.59 -41.26
CA TYR I 101 -15.87 28.54 -41.92
C TYR I 101 -15.76 27.31 -41.01
N GLN I 102 -15.62 27.57 -39.70
CA GLN I 102 -15.47 26.52 -38.69
C GLN I 102 -16.80 26.01 -38.18
N ASN I 103 -17.87 26.44 -38.85
CA ASN I 103 -19.24 26.03 -38.51
C ASN I 103 -19.65 26.25 -37.05
N ILE I 104 -19.51 27.50 -36.58
CA ILE I 104 -19.89 27.87 -35.21
C ILE I 104 -20.79 29.10 -35.20
N GLU I 105 -21.85 29.09 -34.39
CA GLU I 105 -22.80 30.21 -34.36
C GLU I 105 -22.30 31.41 -33.59
N LEU I 106 -22.13 32.53 -34.30
CA LEU I 106 -21.62 33.75 -33.71
C LEU I 106 -22.20 34.00 -32.33
N ILE I 107 -23.53 33.93 -32.25
CA ILE I 107 -24.24 34.14 -30.97
C ILE I 107 -23.76 33.26 -29.83
N THR I 108 -23.41 32.03 -30.14
CA THR I 108 -22.93 31.12 -29.11
C THR I 108 -21.61 31.71 -28.59
N PHE I 109 -20.69 31.97 -29.50
CA PHE I 109 -19.39 32.52 -29.13
C PHE I 109 -19.54 33.89 -28.48
N ILE I 110 -20.33 34.75 -29.10
CA ILE I 110 -20.55 36.06 -28.54
C ILE I 110 -21.06 35.91 -27.12
N ASN I 111 -21.95 34.95 -26.89
CA ASN I 111 -22.47 34.76 -25.55
C ASN I 111 -21.34 34.42 -24.58
N ALA I 112 -20.54 33.42 -24.96
CA ALA I 112 -19.43 32.96 -24.13
C ALA I 112 -18.41 34.04 -23.83
N LEU I 113 -18.05 34.79 -24.86
CA LEU I 113 -17.07 35.85 -24.71
C LEU I 113 -17.57 36.85 -23.69
N LYS I 114 -18.73 37.43 -23.98
CA LYS I 114 -19.34 38.41 -23.09
C LYS I 114 -19.15 37.99 -21.63
N LEU I 115 -19.52 36.76 -21.30
CA LEU I 115 -19.37 36.34 -19.92
C LEU I 115 -17.90 36.16 -19.56
N TRP I 116 -17.16 35.49 -20.44
CA TRP I 116 -15.75 35.25 -20.19
C TRP I 116 -15.05 36.55 -19.79
N LEU I 117 -15.18 37.60 -20.60
CA LEU I 117 -14.55 38.88 -20.30
C LEU I 117 -15.00 39.39 -18.95
N LYS I 118 -16.20 38.99 -18.54
CA LYS I 118 -16.75 39.40 -17.25
C LYS I 118 -16.10 38.60 -16.14
N GLY I 119 -15.48 37.48 -16.50
CA GLY I 119 -14.82 36.66 -15.50
C GLY I 119 -15.75 36.01 -14.50
N ILE I 120 -16.97 35.76 -14.92
CA ILE I 120 -17.94 35.12 -14.06
C ILE I 120 -17.44 33.71 -13.80
N PRO I 121 -17.53 33.25 -12.55
CA PRO I 121 -17.07 31.91 -12.18
C PRO I 121 -17.60 30.79 -13.10
N LYS I 122 -16.75 29.79 -13.34
CA LYS I 122 -17.06 28.62 -14.16
C LYS I 122 -17.38 28.88 -15.62
N LYS I 123 -17.21 30.13 -16.04
CA LYS I 123 -17.44 30.52 -17.42
C LYS I 123 -16.30 31.46 -17.72
N ASN I 124 -15.22 31.26 -16.95
CA ASN I 124 -14.00 32.04 -17.02
C ASN I 124 -12.96 31.31 -17.87
N CYS I 125 -13.37 30.26 -18.56
CA CYS I 125 -12.42 29.50 -19.37
C CYS I 125 -12.96 28.99 -20.69
N LEU I 126 -12.30 29.30 -21.79
CA LEU I 126 -12.74 28.85 -23.10
C LEU I 126 -11.74 27.94 -23.77
N ALA I 127 -12.17 26.76 -24.19
CA ALA I 127 -11.25 25.86 -24.84
C ALA I 127 -11.57 25.72 -26.31
N PHE I 128 -10.52 25.74 -27.13
CA PHE I 128 -10.66 25.59 -28.56
C PHE I 128 -9.96 24.30 -28.87
N ILE I 129 -10.76 23.31 -29.20
CA ILE I 129 -10.25 21.97 -29.48
C ILE I 129 -10.41 21.67 -30.95
N GLY I 130 -9.60 20.76 -31.47
CA GLY I 130 -9.69 20.39 -32.87
C GLY I 130 -8.46 19.65 -33.36
N PRO I 131 -8.49 19.02 -34.53
CA PRO I 131 -7.31 18.30 -35.02
C PRO I 131 -6.21 19.31 -35.31
N PRO I 132 -4.99 18.86 -35.54
CA PRO I 132 -3.90 19.80 -35.83
C PRO I 132 -4.16 20.59 -37.11
N ASN I 133 -3.76 21.86 -37.12
CA ASN I 133 -3.92 22.75 -38.26
C ASN I 133 -5.35 23.20 -38.51
N THR I 134 -6.06 23.61 -37.46
CA THR I 134 -7.44 24.07 -37.65
C THR I 134 -7.58 25.55 -37.38
N GLY I 135 -6.47 26.16 -36.96
CA GLY I 135 -6.45 27.58 -36.68
C GLY I 135 -6.74 27.93 -35.26
N LYS I 136 -6.50 26.99 -34.34
CA LYS I 136 -6.74 27.22 -32.91
C LYS I 136 -5.76 28.24 -32.34
N SER I 137 -4.49 27.88 -32.30
CA SER I 137 -3.49 28.80 -31.79
C SER I 137 -3.62 30.11 -32.54
N MET I 138 -3.67 30.02 -33.87
CA MET I 138 -3.79 31.20 -34.71
C MET I 138 -4.89 32.14 -34.19
N LEU I 139 -6.09 31.61 -33.93
CA LEU I 139 -7.13 32.47 -33.42
C LEU I 139 -6.75 32.90 -32.01
N CYS I 140 -6.62 31.94 -31.11
CA CYS I 140 -6.30 32.24 -29.72
C CYS I 140 -5.19 33.24 -29.54
N ASN I 141 -4.09 33.02 -30.26
CA ASN I 141 -3.00 33.95 -30.11
C ASN I 141 -3.39 35.37 -30.57
N SER I 142 -4.05 35.48 -31.71
CA SER I 142 -4.45 36.79 -32.19
C SER I 142 -5.24 37.53 -31.11
N LEU I 143 -6.27 36.90 -30.57
CA LEU I 143 -7.08 37.53 -29.53
C LEU I 143 -6.26 37.90 -28.29
N ILE I 144 -5.41 37.00 -27.85
CA ILE I 144 -4.61 37.32 -26.68
C ILE I 144 -3.63 38.43 -27.00
N HIS I 145 -3.17 38.49 -28.25
CA HIS I 145 -2.24 39.54 -28.64
C HIS I 145 -2.96 40.87 -28.61
N PHE I 146 -4.20 40.89 -29.09
CA PHE I 146 -4.98 42.11 -29.11
C PHE I 146 -5.25 42.57 -27.70
N LEU I 147 -5.59 41.61 -26.85
CA LEU I 147 -5.90 41.93 -25.48
C LEU I 147 -4.64 42.28 -24.71
N GLY I 148 -3.48 42.04 -25.29
CA GLY I 148 -2.26 42.31 -24.56
C GLY I 148 -2.22 41.38 -23.37
N GLY I 149 -2.50 40.11 -23.60
CA GLY I 149 -2.50 39.16 -22.51
C GLY I 149 -1.17 38.41 -22.49
N SER I 150 -0.94 37.61 -21.46
CA SER I 150 0.30 36.85 -21.38
C SER I 150 0.01 35.38 -21.68
N VAL I 151 1.09 34.64 -21.91
CA VAL I 151 1.02 33.23 -22.25
C VAL I 151 1.66 32.42 -21.14
N LEU I 152 1.01 31.36 -20.69
CA LEU I 152 1.59 30.53 -19.65
C LEU I 152 2.39 29.51 -20.43
N SER I 153 3.52 29.08 -19.88
CA SER I 153 4.31 28.06 -20.56
C SER I 153 4.34 26.89 -19.60
N PHE I 154 3.38 25.98 -19.75
CA PHE I 154 3.29 24.80 -18.88
C PHE I 154 4.63 24.07 -18.68
N ALA I 155 5.54 24.19 -19.65
CA ALA I 155 6.86 23.56 -19.58
C ALA I 155 7.64 23.97 -18.34
N ASN I 156 7.13 24.96 -17.62
CA ASN I 156 7.80 25.45 -16.42
C ASN I 156 6.83 25.40 -15.25
N HIS I 157 5.96 24.40 -15.20
CA HIS I 157 5.01 24.34 -14.09
C HIS I 157 5.74 23.84 -12.86
N LYS I 158 6.96 23.39 -13.05
CA LYS I 158 7.78 22.88 -11.96
C LYS I 158 8.14 24.02 -11.01
N SER I 159 8.19 25.24 -11.54
CA SER I 159 8.50 26.43 -10.74
C SER I 159 7.24 27.01 -10.13
N HIS I 160 7.37 27.77 -9.05
CA HIS I 160 6.19 28.37 -8.47
C HIS I 160 6.04 29.78 -9.01
N PHE I 161 6.98 30.15 -9.87
CA PHE I 161 6.96 31.46 -10.51
C PHE I 161 6.46 31.38 -11.96
N TRP I 162 5.85 30.27 -12.35
CA TRP I 162 5.37 30.14 -13.72
C TRP I 162 4.02 30.81 -13.89
N LEU I 163 3.28 30.92 -12.79
CA LEU I 163 1.97 31.56 -12.83
C LEU I 163 2.03 33.06 -12.50
N ALA I 164 3.24 33.54 -12.21
CA ALA I 164 3.47 34.95 -11.88
C ALA I 164 2.66 35.89 -12.78
N SER I 165 2.77 35.66 -14.09
CA SER I 165 2.05 36.44 -15.11
C SER I 165 0.59 36.66 -14.73
N LEU I 166 -0.06 35.62 -14.21
CA LEU I 166 -1.46 35.69 -13.81
C LEU I 166 -1.84 36.82 -12.87
N ALA I 167 -0.88 37.34 -12.12
CA ALA I 167 -1.15 38.44 -11.19
C ALA I 167 -1.04 39.79 -11.89
N ASP I 168 -0.76 39.75 -13.20
CA ASP I 168 -0.62 40.98 -14.00
C ASP I 168 -1.59 41.11 -15.16
N THR I 169 -1.54 40.19 -16.12
CA THR I 169 -2.42 40.27 -17.29
C THR I 169 -3.89 40.13 -16.98
N ARG I 170 -4.68 40.57 -17.96
CA ARG I 170 -6.13 40.53 -17.87
C ARG I 170 -6.61 39.31 -18.63
N ALA I 171 -5.71 38.48 -19.13
CA ALA I 171 -6.10 37.29 -19.88
C ALA I 171 -4.94 36.39 -20.28
N ALA I 172 -4.93 35.15 -19.79
CA ALA I 172 -3.84 34.23 -20.11
C ALA I 172 -4.24 33.22 -21.19
N LEU I 173 -3.25 32.60 -21.80
CA LEU I 173 -3.49 31.62 -22.84
C LEU I 173 -2.53 30.46 -22.77
N VAL I 174 -3.07 29.26 -22.59
CA VAL I 174 -2.28 28.03 -22.55
C VAL I 174 -2.49 27.42 -23.93
N ASP I 175 -1.46 27.49 -24.76
CA ASP I 175 -1.55 26.99 -26.14
C ASP I 175 -1.08 25.55 -26.27
N ASP I 176 -1.98 24.71 -26.76
CA ASP I 176 -1.70 23.29 -26.97
C ASP I 176 -1.48 22.58 -25.64
N ALA I 177 -2.56 22.46 -24.88
CA ALA I 177 -2.51 21.79 -23.60
C ALA I 177 -2.50 20.29 -23.88
N THR I 178 -1.63 19.60 -23.18
CA THR I 178 -1.50 18.16 -23.34
C THR I 178 -2.25 17.43 -22.24
N HIS I 179 -2.22 16.10 -22.25
CA HIS I 179 -2.93 15.39 -21.20
C HIS I 179 -2.41 15.85 -19.85
N ALA I 180 -1.09 15.78 -19.71
CA ALA I 180 -0.41 16.19 -18.48
C ALA I 180 -0.85 17.57 -18.01
N CYS I 181 -1.00 18.48 -18.97
CA CYS I 181 -1.41 19.83 -18.68
C CYS I 181 -2.83 19.89 -18.13
N TRP I 182 -3.77 19.27 -18.83
CA TRP I 182 -5.14 19.28 -18.37
C TRP I 182 -5.15 18.69 -16.99
N ARG I 183 -4.44 17.57 -16.81
CA ARG I 183 -4.37 16.90 -15.52
C ARG I 183 -3.96 17.89 -14.43
N TYR I 184 -2.86 18.59 -14.67
CA TYR I 184 -2.36 19.58 -13.74
C TYR I 184 -3.50 20.54 -13.42
N PHE I 185 -4.21 20.98 -14.46
CA PHE I 185 -5.32 21.90 -14.27
C PHE I 185 -6.39 21.28 -13.37
N ASP I 186 -6.92 20.13 -13.79
CA ASP I 186 -7.93 19.45 -13.02
C ASP I 186 -7.51 19.28 -11.57
N THR I 187 -6.22 19.13 -11.33
CA THR I 187 -5.71 18.93 -9.99
C THR I 187 -5.46 20.18 -9.15
N TYR I 188 -4.77 21.16 -9.71
CA TYR I 188 -4.46 22.35 -8.93
C TYR I 188 -5.18 23.64 -9.26
N LEU I 189 -5.34 23.93 -10.54
CA LEU I 189 -5.99 25.17 -10.95
C LEU I 189 -7.51 25.23 -10.99
N ARG I 190 -8.18 24.36 -10.23
CA ARG I 190 -9.63 24.38 -10.22
C ARG I 190 -10.14 25.78 -9.87
N ASN I 191 -9.51 26.41 -8.88
CA ASN I 191 -9.87 27.76 -8.47
C ASN I 191 -9.68 28.72 -9.64
N ALA I 192 -8.52 28.65 -10.26
CA ALA I 192 -8.19 29.50 -11.38
C ALA I 192 -9.19 29.32 -12.52
N LEU I 193 -9.30 28.09 -13.04
CA LEU I 193 -10.24 27.80 -14.13
C LEU I 193 -11.64 28.29 -13.79
N ASP I 194 -11.95 28.35 -12.51
CA ASP I 194 -13.25 28.82 -12.07
C ASP I 194 -13.22 30.34 -11.96
N GLY I 195 -12.02 30.91 -12.07
CA GLY I 195 -11.86 32.35 -11.99
C GLY I 195 -12.03 32.90 -10.58
N TYR I 196 -11.60 32.11 -9.60
CA TYR I 196 -11.68 32.49 -8.18
C TYR I 196 -10.35 32.96 -7.65
N PRO I 197 -10.37 33.67 -6.52
CA PRO I 197 -9.13 34.17 -5.93
C PRO I 197 -8.11 33.05 -5.76
N VAL I 198 -6.83 33.41 -5.87
CA VAL I 198 -5.73 32.47 -5.72
C VAL I 198 -4.44 33.27 -5.51
N SER I 199 -3.48 32.68 -4.80
CA SER I 199 -2.21 33.34 -4.53
C SER I 199 -1.22 33.18 -5.66
N ILE I 200 -0.58 34.28 -6.05
CA ILE I 200 0.40 34.26 -7.14
C ILE I 200 1.77 34.74 -6.70
N ASP I 201 2.72 33.82 -6.67
CA ASP I 201 4.08 34.13 -6.26
C ASP I 201 4.77 34.79 -7.45
N ARG I 202 5.52 35.85 -7.17
CA ARG I 202 6.27 36.59 -8.19
C ARG I 202 7.67 36.76 -7.62
N LYS I 203 8.65 36.86 -8.50
CA LYS I 203 10.05 37.00 -8.05
C LYS I 203 10.29 38.28 -7.28
N HIS I 204 10.97 38.14 -6.14
CA HIS I 204 11.29 39.28 -5.30
C HIS I 204 10.06 39.84 -4.60
N LYS I 205 9.05 40.23 -5.37
CA LYS I 205 7.83 40.80 -4.80
C LYS I 205 7.15 39.87 -3.79
N ALA I 206 5.97 40.24 -3.33
CA ALA I 206 5.27 39.41 -2.36
C ALA I 206 4.09 38.65 -2.94
N ALA I 207 3.54 37.76 -2.13
CA ALA I 207 2.39 36.97 -2.55
C ALA I 207 1.27 37.95 -2.89
N VAL I 208 0.61 37.71 -4.02
CA VAL I 208 -0.49 38.56 -4.46
C VAL I 208 -1.72 37.70 -4.61
N GLN I 209 -2.77 38.02 -3.86
CA GLN I 209 -3.99 37.24 -3.98
C GLN I 209 -4.91 38.02 -4.89
N ILE I 210 -5.01 37.58 -6.14
CA ILE I 210 -5.86 38.26 -7.13
C ILE I 210 -6.83 37.26 -7.76
N LYS I 211 -7.81 37.78 -8.48
CA LYS I 211 -8.80 36.96 -9.17
C LYS I 211 -8.18 36.48 -10.49
N ALA I 212 -8.04 35.17 -10.62
CA ALA I 212 -7.47 34.60 -11.83
C ALA I 212 -8.22 35.18 -13.00
N PRO I 213 -7.48 35.70 -13.97
CA PRO I 213 -8.16 36.28 -15.14
C PRO I 213 -8.67 35.20 -16.10
N PRO I 214 -9.41 35.62 -17.11
CA PRO I 214 -9.96 34.71 -18.11
C PRO I 214 -8.87 33.85 -18.74
N LEU I 215 -9.17 32.58 -18.99
CA LEU I 215 -8.21 31.68 -19.58
C LEU I 215 -8.64 31.23 -20.96
N LEU I 216 -7.68 31.14 -21.87
CA LEU I 216 -7.95 30.68 -23.21
C LEU I 216 -7.13 29.42 -23.29
N VAL I 217 -7.63 28.42 -24.00
CA VAL I 217 -6.86 27.20 -24.14
C VAL I 217 -7.06 26.57 -25.48
N THR I 218 -6.01 26.02 -26.05
CA THR I 218 -6.16 25.34 -27.33
C THR I 218 -5.71 23.93 -27.01
N SER I 219 -6.32 22.93 -27.67
CA SER I 219 -5.97 21.54 -27.40
C SER I 219 -6.44 20.52 -28.44
N ASN I 220 -5.75 19.38 -28.46
CA ASN I 220 -6.06 18.27 -29.36
C ASN I 220 -7.00 17.35 -28.60
N ILE I 221 -7.06 17.61 -27.31
CA ILE I 221 -7.87 16.85 -26.39
C ILE I 221 -9.21 17.51 -26.13
N ASP I 222 -10.27 16.70 -26.15
CA ASP I 222 -11.60 17.19 -25.90
C ASP I 222 -11.95 16.96 -24.44
N VAL I 223 -11.39 17.75 -23.54
CA VAL I 223 -11.68 17.56 -22.13
C VAL I 223 -13.16 17.34 -21.89
N GLN I 224 -14.01 17.76 -22.81
CA GLN I 224 -15.45 17.56 -22.62
C GLN I 224 -15.83 16.09 -22.74
N ALA I 225 -15.09 15.34 -23.55
CA ALA I 225 -15.36 13.92 -23.74
C ALA I 225 -14.65 13.02 -22.72
N GLU I 226 -13.34 13.17 -22.59
CA GLU I 226 -12.56 12.35 -21.64
C GLU I 226 -13.25 12.30 -20.28
N ASP I 227 -13.35 11.11 -19.69
CA ASP I 227 -14.02 10.98 -18.42
C ASP I 227 -13.14 11.29 -17.22
N ARG I 228 -11.83 11.32 -17.42
CA ARG I 228 -10.92 11.62 -16.31
C ARG I 228 -10.81 13.12 -16.04
N TYR I 229 -11.23 13.92 -17.02
CA TYR I 229 -11.23 15.38 -16.91
C TYR I 229 -12.66 15.73 -16.58
N LEU I 230 -13.31 14.80 -15.91
CA LEU I 230 -14.70 14.92 -15.52
C LEU I 230 -14.98 16.17 -14.71
N TYR I 231 -14.10 16.44 -13.75
CA TYR I 231 -14.27 17.62 -12.94
C TYR I 231 -14.37 18.82 -13.87
N LEU I 232 -13.42 18.89 -14.82
CA LEU I 232 -13.35 19.97 -15.80
C LEU I 232 -14.61 20.20 -16.65
N HIS I 233 -15.29 19.14 -17.04
CA HIS I 233 -16.49 19.24 -17.87
C HIS I 233 -17.39 20.46 -17.64
N SER I 234 -17.69 20.77 -16.38
CA SER I 234 -18.58 21.89 -16.09
C SER I 234 -17.89 23.24 -15.95
N ARG I 235 -16.57 23.24 -15.92
CA ARG I 235 -15.82 24.47 -15.74
C ARG I 235 -15.09 24.98 -16.98
N VAL I 236 -15.35 24.40 -18.15
CA VAL I 236 -14.63 24.82 -19.35
C VAL I 236 -15.43 24.84 -20.65
N GLN I 237 -15.95 26.00 -21.04
CA GLN I 237 -16.70 26.11 -22.28
C GLN I 237 -15.83 25.70 -23.46
N THR I 238 -16.37 24.86 -24.34
CA THR I 238 -15.62 24.39 -25.50
C THR I 238 -16.20 24.76 -26.86
N PHE I 239 -15.30 24.95 -27.81
CA PHE I 239 -15.65 25.31 -29.18
C PHE I 239 -14.81 24.44 -30.11
N ARG I 240 -15.45 23.66 -30.97
CA ARG I 240 -14.70 22.80 -31.84
C ARG I 240 -14.31 23.49 -33.13
N PHE I 241 -13.09 23.23 -33.57
CA PHE I 241 -12.57 23.78 -34.81
C PHE I 241 -12.16 22.58 -35.65
N GLU I 242 -13.07 22.12 -36.51
CA GLU I 242 -12.82 20.93 -37.34
C GLU I 242 -12.19 21.23 -38.70
N GLN I 243 -12.83 22.09 -39.48
CA GLN I 243 -12.30 22.41 -40.79
C GLN I 243 -10.86 22.86 -40.68
N PRO I 244 -10.03 22.54 -41.69
CA PRO I 244 -8.60 22.88 -41.78
C PRO I 244 -8.32 24.29 -42.24
N CYS I 245 -7.27 24.90 -41.69
CA CYS I 245 -6.93 26.24 -42.08
C CYS I 245 -6.21 26.20 -43.44
N THR I 246 -4.88 26.14 -43.40
CA THR I 246 -4.08 26.12 -44.63
C THR I 246 -3.95 24.72 -45.26
N ASP I 247 -3.59 24.71 -46.54
CA ASP I 247 -3.43 23.47 -47.31
C ASP I 247 -3.22 23.79 -48.78
N GLU I 248 -1.98 24.10 -49.15
CA GLU I 248 -1.66 24.45 -50.54
C GLU I 248 -2.37 25.73 -50.93
N SER I 249 -2.25 26.76 -50.09
CA SER I 249 -2.89 28.04 -50.37
C SER I 249 -1.99 29.21 -50.01
N GLY I 250 -0.77 29.22 -50.54
CA GLY I 250 0.19 30.29 -50.30
C GLY I 250 0.22 30.88 -48.90
N GLU I 251 -0.84 31.59 -48.55
CA GLU I 251 -0.99 32.21 -47.23
C GLU I 251 -2.35 31.79 -46.65
N GLN I 252 -2.33 31.15 -45.47
CA GLN I 252 -3.54 30.68 -44.82
C GLN I 252 -4.69 31.65 -45.04
N PRO I 253 -5.82 31.16 -45.60
CA PRO I 253 -6.96 32.04 -45.85
C PRO I 253 -7.40 32.84 -44.63
N PHE I 254 -6.82 32.51 -43.47
CA PHE I 254 -7.16 33.21 -42.23
C PHE I 254 -5.95 33.66 -41.42
N ASN I 255 -5.98 34.94 -41.05
CA ASN I 255 -4.90 35.51 -40.27
C ASN I 255 -5.41 36.79 -39.63
N ILE I 256 -6.27 36.63 -38.64
CA ILE I 256 -6.84 37.74 -37.89
C ILE I 256 -5.71 38.63 -37.34
N THR I 257 -5.98 39.93 -37.20
CA THR I 257 -4.97 40.84 -36.66
C THR I 257 -5.60 41.78 -35.63
N ASP I 258 -4.78 42.55 -34.92
CA ASP I 258 -5.29 43.48 -33.93
C ASP I 258 -6.44 44.28 -34.54
N ALA I 259 -6.24 44.70 -35.78
CA ALA I 259 -7.25 45.50 -36.49
C ALA I 259 -8.57 44.75 -36.52
N ASP I 260 -8.54 43.54 -37.06
CA ASP I 260 -9.74 42.73 -37.16
C ASP I 260 -10.41 42.72 -35.79
N TRP I 261 -9.66 42.37 -34.76
CA TRP I 261 -10.25 42.35 -33.43
C TRP I 261 -10.79 43.71 -32.99
N LYS I 262 -10.20 44.77 -33.51
CA LYS I 262 -10.65 46.12 -33.17
C LYS I 262 -12.07 46.26 -33.71
N SER I 263 -12.26 46.00 -34.99
CA SER I 263 -13.59 46.11 -35.57
C SER I 263 -14.52 45.31 -34.69
N PHE I 264 -14.24 44.01 -34.61
CA PHE I 264 -15.03 43.08 -33.81
C PHE I 264 -15.54 43.73 -32.54
N PHE I 265 -14.63 44.09 -31.66
CA PHE I 265 -15.04 44.70 -30.41
C PHE I 265 -15.80 46.02 -30.58
N VAL I 266 -15.38 46.84 -31.52
CA VAL I 266 -16.06 48.10 -31.75
C VAL I 266 -17.46 47.89 -32.28
N ARG I 267 -17.63 47.00 -33.25
CA ARG I 267 -18.95 46.76 -33.82
C ARG I 267 -19.82 45.81 -33.01
N LEU I 268 -19.23 45.17 -32.00
CA LEU I 268 -19.96 44.25 -31.14
C LEU I 268 -19.95 44.71 -29.70
N TRP I 269 -19.64 45.99 -29.50
CA TRP I 269 -19.56 46.55 -28.15
C TRP I 269 -20.85 46.32 -27.35
N GLY I 270 -21.97 46.77 -27.92
CA GLY I 270 -23.25 46.63 -27.25
C GLY I 270 -23.63 45.20 -26.88
N ARG I 271 -23.51 44.29 -27.85
CA ARG I 271 -23.85 42.89 -27.63
C ARG I 271 -23.03 42.22 -26.55
N LEU I 272 -21.79 42.66 -26.39
CA LEU I 272 -20.90 42.08 -25.41
C LEU I 272 -21.06 42.69 -24.02
N ASP I 273 -22.08 43.53 -23.85
CA ASP I 273 -22.39 44.17 -22.56
C ASP I 273 -21.22 44.95 -21.98
N LEU I 274 -20.46 45.59 -22.85
CA LEU I 274 -19.33 46.38 -22.39
C LEU I 274 -19.78 47.81 -22.13
N GLY J 1 44.79 70.82 -9.62
CA GLY J 1 43.29 70.75 -9.54
C GLY J 1 42.69 70.00 -10.72
N SER J 2 42.64 70.66 -11.88
CA SER J 2 42.10 70.06 -13.10
C SER J 2 43.06 68.95 -13.50
N LEU J 3 42.74 68.23 -14.57
CA LEU J 3 43.61 67.14 -15.01
C LEU J 3 43.52 66.01 -13.97
N GLN J 4 42.59 65.09 -14.21
CA GLN J 4 42.39 64.00 -13.27
C GLN J 4 43.09 62.68 -13.61
N THR J 5 42.77 62.09 -14.75
CA THR J 5 43.37 60.81 -15.16
C THR J 5 43.36 59.84 -13.97
N GLU J 6 43.81 58.60 -14.16
CA GLU J 6 43.82 57.61 -13.08
C GLU J 6 42.49 57.41 -12.34
N LYS J 7 41.49 58.23 -12.65
CA LYS J 7 40.17 58.11 -12.05
C LYS J 7 39.34 57.28 -13.00
N PHE J 8 39.01 56.07 -12.55
CA PHE J 8 38.23 55.11 -13.31
C PHE J 8 36.81 55.50 -13.77
N ASP J 9 36.60 55.52 -15.09
CA ASP J 9 35.30 55.83 -15.69
C ASP J 9 34.67 54.52 -16.13
N PHE J 10 33.59 54.14 -15.44
CA PHE J 10 32.90 52.91 -15.78
C PHE J 10 32.46 52.92 -17.24
N GLY J 11 31.75 53.99 -17.61
CA GLY J 11 31.24 54.13 -18.96
C GLY J 11 32.20 53.74 -20.07
N THR J 12 33.46 54.08 -19.88
CA THR J 12 34.49 53.76 -20.86
C THR J 12 34.66 52.25 -20.98
N MET J 13 34.81 51.59 -19.83
CA MET J 13 34.97 50.14 -19.77
C MET J 13 33.87 49.45 -20.55
N VAL J 14 32.64 49.89 -20.31
CA VAL J 14 31.51 49.32 -20.99
C VAL J 14 31.74 49.43 -22.46
N GLN J 15 31.99 50.66 -22.93
CA GLN J 15 32.25 50.92 -24.35
C GLN J 15 33.25 49.91 -24.88
N TRP J 16 34.40 49.83 -24.20
CA TRP J 16 35.46 48.91 -24.55
C TRP J 16 34.87 47.53 -24.70
N ALA J 17 34.29 47.03 -23.63
CA ALA J 17 33.68 45.70 -23.61
C ALA J 17 32.71 45.58 -24.78
N TYR J 18 31.81 46.54 -24.88
CA TYR J 18 30.84 46.53 -25.93
C TYR J 18 31.51 46.45 -27.29
N ASP J 19 32.57 47.23 -27.50
CA ASP J 19 33.26 47.24 -28.78
C ASP J 19 33.85 45.90 -29.15
N HIS J 20 34.37 45.18 -28.16
CA HIS J 20 34.96 43.88 -28.43
C HIS J 20 33.90 42.79 -28.31
N LYS J 21 32.67 43.20 -28.01
CA LYS J 21 31.60 42.23 -27.86
C LYS J 21 32.00 41.24 -26.77
N TYR J 22 32.54 41.76 -25.66
CA TYR J 22 32.96 40.95 -24.51
C TYR J 22 31.81 41.01 -23.52
N ALA J 23 31.03 39.92 -23.42
CA ALA J 23 29.87 39.92 -22.54
C ALA J 23 29.92 39.09 -21.26
N GLU J 24 30.94 38.26 -21.08
CA GLU J 24 31.00 37.47 -19.85
C GLU J 24 32.10 37.90 -18.89
N GLU J 25 31.69 38.31 -17.68
CA GLU J 25 32.60 38.76 -16.62
C GLU J 25 34.01 38.17 -16.68
N SER J 26 34.08 36.84 -16.73
CA SER J 26 35.37 36.16 -16.77
C SER J 26 36.32 36.81 -17.74
N LYS J 27 35.89 36.95 -18.98
CA LYS J 27 36.72 37.56 -20.00
C LYS J 27 36.87 39.06 -19.75
N ILE J 28 35.74 39.79 -19.65
CA ILE J 28 35.80 41.23 -19.40
C ILE J 28 36.89 41.59 -18.41
N ALA J 29 36.83 41.02 -17.21
CA ALA J 29 37.85 41.30 -16.21
C ALA J 29 39.26 41.01 -16.75
N TYR J 30 39.55 39.75 -17.05
CA TYR J 30 40.87 39.36 -17.55
C TYR J 30 41.37 40.20 -18.70
N GLU J 31 40.59 40.28 -19.77
CA GLU J 31 40.98 41.04 -20.96
C GLU J 31 41.29 42.48 -20.65
N TYR J 32 40.44 43.13 -19.84
CA TYR J 32 40.66 44.51 -19.46
C TYR J 32 41.95 44.62 -18.69
N ALA J 33 42.07 43.88 -17.59
CA ALA J 33 43.28 43.94 -16.80
C ALA J 33 44.54 43.80 -17.67
N LEU J 34 44.43 43.15 -18.83
CA LEU J 34 45.60 43.02 -19.69
C LEU J 34 45.80 44.36 -20.41
N ALA J 35 44.70 44.95 -20.86
CA ALA J 35 44.75 46.22 -21.54
C ALA J 35 45.27 47.31 -20.59
N ALA J 36 45.36 46.96 -19.31
CA ALA J 36 45.87 47.90 -18.33
C ALA J 36 47.27 48.36 -18.71
N GLY J 37 48.06 47.49 -19.35
CA GLY J 37 49.40 47.89 -19.72
C GLY J 37 49.38 49.16 -20.55
N SER J 38 48.42 49.24 -21.46
CA SER J 38 48.30 50.39 -22.34
C SER J 38 46.90 51.06 -22.38
N ASP J 39 46.45 51.51 -21.20
CA ASP J 39 45.17 52.18 -21.06
C ASP J 39 44.97 52.72 -19.64
N SER J 40 45.05 54.04 -19.51
CA SER J 40 44.89 54.72 -18.25
C SER J 40 43.63 54.34 -17.50
N ASN J 41 42.52 54.09 -18.20
CA ASN J 41 41.29 53.71 -17.51
C ASN J 41 41.43 52.31 -16.92
N ALA J 42 41.74 51.35 -17.78
CA ALA J 42 41.94 49.99 -17.34
C ALA J 42 42.88 50.00 -16.14
N ARG J 43 43.88 50.88 -16.18
CA ARG J 43 44.77 50.93 -15.04
C ARG J 43 43.96 51.48 -13.89
N ALA J 44 43.11 52.45 -14.19
CA ALA J 44 42.30 53.05 -13.16
C ALA J 44 41.49 51.95 -12.49
N PHE J 45 40.88 51.11 -13.32
CA PHE J 45 40.06 49.97 -12.89
C PHE J 45 40.72 49.08 -11.85
N LEU J 46 41.87 48.52 -12.20
CA LEU J 46 42.59 47.66 -11.30
C LEU J 46 42.89 48.34 -9.97
N ALA J 47 42.79 49.67 -9.94
CA ALA J 47 43.06 50.40 -8.70
C ALA J 47 41.79 50.55 -7.86
N THR J 48 40.66 50.17 -8.46
CA THR J 48 39.37 50.25 -7.81
C THR J 48 39.23 49.22 -6.71
N ASN J 49 38.71 49.64 -5.56
CA ASN J 49 38.54 48.71 -4.46
C ASN J 49 37.39 47.78 -4.75
N SER J 50 36.61 48.10 -5.78
CA SER J 50 35.48 47.27 -6.13
C SER J 50 35.44 46.79 -7.58
N GLN J 51 36.55 46.21 -8.04
CA GLN J 51 36.68 45.68 -9.40
C GLN J 51 35.48 44.76 -9.63
N ALA J 52 35.30 43.81 -8.72
CA ALA J 52 34.21 42.84 -8.77
C ALA J 52 32.91 43.46 -9.28
N LYS J 53 32.35 44.37 -8.47
CA LYS J 53 31.11 45.05 -8.82
C LYS J 53 31.17 45.59 -10.25
N HIS J 54 32.31 46.13 -10.65
CA HIS J 54 32.40 46.69 -11.98
C HIS J 54 32.36 45.63 -13.04
N VAL J 55 33.21 44.63 -12.92
CA VAL J 55 33.18 43.58 -13.92
C VAL J 55 31.71 43.16 -14.04
N LYS J 56 31.10 42.71 -12.93
CA LYS J 56 29.70 42.32 -12.94
C LYS J 56 28.78 43.28 -13.71
N ASP J 57 28.70 44.54 -13.25
CA ASP J 57 27.89 45.58 -13.90
C ASP J 57 28.33 45.87 -15.34
N CYS J 58 29.63 45.77 -15.60
CA CYS J 58 30.07 46.03 -16.95
C CYS J 58 29.36 45.06 -17.86
N ALA J 59 29.60 43.77 -17.66
CA ALA J 59 28.97 42.74 -18.47
C ALA J 59 27.46 43.00 -18.54
N THR J 60 26.81 43.09 -17.37
CA THR J 60 25.38 43.38 -17.31
C THR J 60 25.04 44.41 -18.39
N MET J 61 25.69 45.56 -18.27
CA MET J 61 25.50 46.68 -19.18
C MET J 61 25.72 46.35 -20.66
N VAL J 62 26.74 45.57 -20.94
CA VAL J 62 27.06 45.18 -22.31
C VAL J 62 25.97 44.32 -22.94
N ARG J 63 25.56 43.26 -22.23
CA ARG J 63 24.54 42.35 -22.74
C ARG J 63 23.25 43.12 -22.95
N HIS J 64 22.98 44.10 -22.09
CA HIS J 64 21.78 44.94 -22.25
C HIS J 64 21.84 45.42 -23.71
N TYR J 65 22.91 46.15 -24.03
CA TYR J 65 23.13 46.67 -25.37
C TYR J 65 23.10 45.53 -26.36
N LEU J 66 24.05 44.62 -26.26
CA LEU J 66 24.10 43.48 -27.16
C LEU J 66 22.72 42.87 -27.43
N ARG J 67 21.93 42.64 -26.37
CA ARG J 67 20.60 42.07 -26.54
C ARG J 67 19.72 43.03 -27.30
N ALA J 68 19.34 44.13 -26.65
CA ALA J 68 18.48 45.17 -27.23
C ALA J 68 18.84 45.53 -28.66
N GLU J 69 20.13 45.53 -28.95
CA GLU J 69 20.62 45.84 -30.26
C GLU J 69 20.16 44.76 -31.21
N THR J 70 20.43 43.50 -30.83
CA THR J 70 20.07 42.33 -31.61
C THR J 70 18.56 42.15 -31.74
N GLN J 71 17.83 42.43 -30.67
CA GLN J 71 16.38 42.30 -30.65
C GLN J 71 15.74 43.46 -31.38
N ALA J 72 16.51 44.52 -31.60
CA ALA J 72 16.03 45.71 -32.29
C ALA J 72 15.96 45.54 -33.79
N LEU J 73 17.01 44.94 -34.35
CA LEU J 73 17.11 44.72 -35.79
C LEU J 73 15.94 44.00 -36.43
N SER J 74 16.27 43.18 -37.42
CA SER J 74 15.30 42.39 -38.16
C SER J 74 16.16 41.35 -38.82
N MET J 75 15.61 40.17 -39.08
CA MET J 75 16.39 39.12 -39.71
C MET J 75 17.25 39.71 -40.83
N PRO J 76 16.66 40.57 -41.69
CA PRO J 76 17.43 41.17 -42.77
C PRO J 76 18.64 41.90 -42.22
N ALA J 77 18.39 43.01 -41.53
CA ALA J 77 19.45 43.79 -40.93
C ALA J 77 20.40 42.84 -40.20
N TYR J 78 19.85 42.06 -39.26
CA TYR J 78 20.64 41.10 -38.50
C TYR J 78 21.59 40.29 -39.40
N ILE J 79 21.02 39.50 -40.31
CA ILE J 79 21.86 38.71 -41.20
C ILE J 79 22.88 39.60 -41.88
N LYS J 80 22.47 40.83 -42.20
CA LYS J 80 23.35 41.78 -42.85
C LYS J 80 24.48 42.00 -41.87
N ALA J 81 24.14 42.46 -40.68
CA ALA J 81 25.18 42.67 -39.69
C ALA J 81 26.04 41.43 -39.54
N ARG J 82 25.44 40.24 -39.59
CA ARG J 82 26.22 39.01 -39.44
C ARG J 82 27.18 38.70 -40.57
N CYS J 83 27.05 39.42 -41.68
CA CYS J 83 27.94 39.23 -42.83
C CYS J 83 29.22 40.05 -42.66
N LYS J 84 29.08 41.28 -42.17
CA LYS J 84 30.25 42.12 -41.95
C LYS J 84 31.21 41.35 -41.04
N LEU J 85 30.64 40.62 -40.09
CA LEU J 85 31.43 39.84 -39.15
C LEU J 85 32.18 38.69 -39.76
N ALA J 86 31.61 38.10 -40.80
CA ALA J 86 32.26 36.98 -41.45
C ALA J 86 33.54 37.48 -42.13
N THR J 87 34.68 36.92 -41.71
CA THR J 87 35.96 37.31 -42.27
C THR J 87 36.56 36.12 -43.00
N GLY J 88 37.49 36.37 -43.91
CA GLY J 88 38.12 35.28 -44.63
C GLY J 88 37.49 35.05 -45.98
N GLU J 89 38.05 34.09 -46.72
CA GLU J 89 37.56 33.79 -48.06
C GLU J 89 36.94 32.40 -48.20
N GLY J 90 35.81 32.36 -48.90
CA GLY J 90 35.09 31.12 -49.15
C GLY J 90 34.12 31.40 -50.28
N SER J 91 33.18 30.48 -50.52
CA SER J 91 32.20 30.66 -51.59
C SER J 91 30.95 29.82 -51.43
N TRP J 92 29.82 30.39 -51.83
CA TRP J 92 28.54 29.71 -51.73
C TRP J 92 28.59 28.34 -52.44
N LYS J 93 29.54 28.19 -53.35
CA LYS J 93 29.67 26.94 -54.08
C LYS J 93 29.91 25.79 -53.11
N SER J 94 30.75 26.04 -52.10
CA SER J 94 31.05 25.01 -51.10
C SER J 94 29.74 24.41 -50.57
N ILE J 95 28.85 25.29 -50.12
CA ILE J 95 27.57 24.88 -49.58
C ILE J 95 26.73 24.14 -50.62
N LEU J 96 26.71 24.68 -51.84
CA LEU J 96 25.95 24.06 -52.93
C LEU J 96 26.47 22.67 -53.20
N THR J 97 27.79 22.55 -53.19
CA THR J 97 28.45 21.28 -53.44
C THR J 97 27.97 20.22 -52.45
N PHE J 98 28.04 20.52 -51.17
CA PHE J 98 27.61 19.59 -50.12
C PHE J 98 26.16 19.13 -50.28
N PHE J 99 25.25 20.09 -50.42
CA PHE J 99 23.83 19.80 -50.59
C PHE J 99 23.61 18.86 -51.78
N ASN J 100 24.34 19.14 -52.85
CA ASN J 100 24.26 18.32 -54.05
C ASN J 100 24.76 16.94 -53.70
N TYR J 101 25.92 16.90 -53.04
CA TYR J 101 26.52 15.65 -52.61
C TYR J 101 25.54 14.83 -51.77
N GLN J 102 24.69 15.51 -50.98
CA GLN J 102 23.71 14.83 -50.14
C GLN J 102 22.42 14.53 -50.93
N ASN J 103 22.45 14.86 -52.22
CA ASN J 103 21.34 14.67 -53.13
C ASN J 103 20.12 15.51 -52.78
N ILE J 104 20.32 16.82 -52.63
CA ILE J 104 19.22 17.73 -52.33
C ILE J 104 19.28 19.00 -53.19
N GLU J 105 18.13 19.38 -53.75
CA GLU J 105 18.01 20.54 -54.62
C GLU J 105 18.08 21.84 -53.82
N LEU J 106 19.17 22.57 -54.00
CA LEU J 106 19.39 23.83 -53.30
C LEU J 106 18.11 24.61 -53.15
N ILE J 107 17.43 24.79 -54.27
CA ILE J 107 16.18 25.52 -54.27
C ILE J 107 15.27 25.04 -53.12
N THR J 108 15.09 23.73 -52.99
CA THR J 108 14.24 23.19 -51.93
C THR J 108 14.69 23.72 -50.59
N PHE J 109 16.00 23.70 -50.36
CA PHE J 109 16.59 24.21 -49.11
C PHE J 109 16.30 25.71 -48.99
N ILE J 110 16.64 26.44 -50.05
CA ILE J 110 16.42 27.87 -50.07
C ILE J 110 14.97 28.19 -49.68
N ASN J 111 14.02 27.58 -50.36
CA ASN J 111 12.63 27.84 -50.07
C ASN J 111 12.31 27.80 -48.59
N ALA J 112 12.63 26.67 -47.95
CA ALA J 112 12.36 26.45 -46.53
C ALA J 112 13.13 27.43 -45.66
N LEU J 113 14.34 27.76 -46.09
CA LEU J 113 15.17 28.69 -45.35
C LEU J 113 14.52 30.08 -45.38
N LYS J 114 13.83 30.37 -46.48
CA LYS J 114 13.16 31.65 -46.67
C LYS J 114 12.15 31.83 -45.56
N LEU J 115 11.27 30.85 -45.42
CA LEU J 115 10.26 30.91 -44.37
C LEU J 115 10.90 30.83 -43.01
N TRP J 116 11.87 29.92 -42.88
CA TRP J 116 12.54 29.73 -41.61
C TRP J 116 13.01 31.07 -41.07
N LEU J 117 13.86 31.77 -41.81
CA LEU J 117 14.34 33.06 -41.34
C LEU J 117 13.18 33.99 -40.99
N LYS J 118 12.05 33.81 -41.69
CA LYS J 118 10.86 34.62 -41.45
C LYS J 118 10.09 34.23 -40.20
N GLY J 119 10.46 33.10 -39.61
CA GLY J 119 9.80 32.63 -38.41
C GLY J 119 8.30 32.52 -38.62
N ILE J 120 7.90 31.89 -39.72
CA ILE J 120 6.49 31.71 -40.01
C ILE J 120 6.05 30.49 -39.24
N PRO J 121 5.12 30.68 -38.29
CA PRO J 121 4.60 29.62 -37.44
C PRO J 121 4.49 28.25 -38.10
N LYS J 122 4.96 27.24 -37.37
CA LYS J 122 4.92 25.88 -37.85
C LYS J 122 5.81 25.63 -39.06
N LYS J 123 6.64 26.60 -39.40
CA LYS J 123 7.56 26.48 -40.50
C LYS J 123 8.88 27.04 -39.95
N ASN J 124 8.85 27.22 -38.63
CA ASN J 124 9.93 27.79 -37.84
C ASN J 124 10.95 26.79 -37.32
N CYS J 125 10.95 25.58 -37.86
CA CYS J 125 11.91 24.56 -37.41
C CYS J 125 12.35 23.65 -38.54
N LEU J 126 13.65 23.49 -38.72
CA LEU J 126 14.16 22.61 -39.77
C LEU J 126 14.92 21.50 -39.08
N ALA J 127 14.70 20.28 -39.51
CA ALA J 127 15.39 19.13 -38.92
C ALA J 127 16.25 18.44 -39.96
N PHE J 128 17.49 18.14 -39.61
CA PHE J 128 18.38 17.42 -40.51
C PHE J 128 18.57 16.01 -39.96
N ILE J 129 17.96 15.05 -40.64
CA ILE J 129 18.00 13.67 -40.24
C ILE J 129 18.95 12.81 -41.08
N GLY J 130 19.54 11.78 -40.48
CA GLY J 130 20.44 10.91 -41.22
C GLY J 130 21.29 9.97 -40.39
N PRO J 131 21.97 9.00 -41.02
CA PRO J 131 22.81 8.09 -40.24
C PRO J 131 24.00 8.87 -39.73
N PRO J 132 24.63 8.40 -38.65
CA PRO J 132 25.79 9.13 -38.14
C PRO J 132 26.85 9.36 -39.22
N ASN J 133 27.61 10.44 -39.09
CA ASN J 133 28.67 10.77 -40.04
C ASN J 133 28.22 11.20 -41.43
N THR J 134 27.22 12.06 -41.50
CA THR J 134 26.74 12.52 -42.79
C THR J 134 26.86 14.05 -42.93
N GLY J 135 27.44 14.68 -41.91
CA GLY J 135 27.63 16.12 -41.94
C GLY J 135 26.50 16.98 -41.40
N LYS J 136 25.56 16.37 -40.68
CA LYS J 136 24.43 17.11 -40.13
C LYS J 136 24.93 18.15 -39.14
N SER J 137 25.48 17.70 -38.01
CA SER J 137 26.00 18.61 -37.01
C SER J 137 26.99 19.57 -37.66
N MET J 138 27.75 19.06 -38.62
CA MET J 138 28.74 19.86 -39.33
C MET J 138 28.07 21.07 -39.99
N LEU J 139 27.06 20.83 -40.83
CA LEU J 139 26.39 21.94 -41.51
C LEU J 139 25.70 22.85 -40.51
N CYS J 140 24.75 22.30 -39.74
CA CYS J 140 24.00 23.07 -38.75
C CYS J 140 24.83 23.92 -37.82
N ASN J 141 25.93 23.38 -37.31
CA ASN J 141 26.75 24.18 -36.42
C ASN J 141 27.30 25.33 -37.22
N SER J 142 27.77 25.06 -38.43
CA SER J 142 28.32 26.14 -39.24
C SER J 142 27.27 27.23 -39.47
N LEU J 143 26.08 26.86 -39.90
CA LEU J 143 25.08 27.88 -40.14
C LEU J 143 24.72 28.66 -38.88
N ILE J 144 24.64 27.95 -37.76
CA ILE J 144 24.28 28.61 -36.53
C ILE J 144 25.38 29.56 -36.13
N HIS J 145 26.64 29.11 -36.29
CA HIS J 145 27.78 29.94 -35.93
C HIS J 145 27.72 31.27 -36.68
N PHE J 146 27.54 31.19 -37.99
CA PHE J 146 27.43 32.38 -38.82
C PHE J 146 26.34 33.33 -38.31
N LEU J 147 25.15 32.80 -38.06
CA LEU J 147 24.03 33.61 -37.59
C LEU J 147 24.26 34.07 -36.16
N GLY J 148 25.31 33.56 -35.54
CA GLY J 148 25.60 33.91 -34.17
C GLY J 148 24.46 33.43 -33.28
N GLY J 149 24.00 32.21 -33.53
CA GLY J 149 22.89 31.66 -32.75
C GLY J 149 23.37 30.90 -31.54
N SER J 150 22.46 30.54 -30.65
CA SER J 150 22.90 29.79 -29.48
C SER J 150 22.54 28.31 -29.59
N VAL J 151 23.23 27.50 -28.79
CA VAL J 151 23.00 26.07 -28.72
C VAL J 151 22.21 25.80 -27.45
N LEU J 152 21.32 24.80 -27.52
CA LEU J 152 20.49 24.39 -26.38
C LEU J 152 20.98 23.03 -25.94
N SER J 153 21.26 22.87 -24.65
CA SER J 153 21.76 21.57 -24.16
C SER J 153 20.67 20.77 -23.44
N PHE J 154 20.10 19.78 -24.13
CA PHE J 154 19.04 18.97 -23.55
C PHE J 154 19.37 18.44 -22.16
N ALA J 155 20.64 18.16 -21.92
CA ALA J 155 21.04 17.65 -20.63
C ALA J 155 20.58 18.55 -19.52
N ASN J 156 20.11 19.75 -19.83
CA ASN J 156 19.69 20.63 -18.77
C ASN J 156 18.19 20.85 -18.70
N HIS J 157 17.42 20.16 -19.55
CA HIS J 157 15.98 20.37 -19.55
C HIS J 157 15.36 20.20 -18.17
N LYS J 158 16.05 19.50 -17.27
CA LYS J 158 15.50 19.33 -15.94
C LYS J 158 15.52 20.67 -15.17
N SER J 159 15.86 21.74 -15.89
CA SER J 159 15.90 23.10 -15.34
C SER J 159 15.30 24.01 -16.40
N HIS J 160 14.22 24.72 -16.05
CA HIS J 160 13.54 25.62 -16.99
C HIS J 160 14.42 26.66 -17.66
N PHE J 161 15.46 27.08 -16.96
CA PHE J 161 16.41 28.05 -17.50
C PHE J 161 17.22 27.46 -18.65
N TRP J 162 17.07 26.20 -18.94
CA TRP J 162 17.85 25.67 -20.02
C TRP J 162 17.42 26.38 -21.29
N LEU J 163 16.24 26.99 -21.27
CA LEU J 163 15.76 27.66 -22.45
C LEU J 163 15.92 29.18 -22.36
N ALA J 164 16.81 29.66 -21.50
CA ALA J 164 17.04 31.10 -21.34
C ALA J 164 17.57 31.70 -22.63
N SER J 165 18.43 30.95 -23.30
CA SER J 165 19.01 31.35 -24.58
C SER J 165 17.94 31.80 -25.58
N LEU J 166 16.76 31.18 -25.53
CA LEU J 166 15.71 31.53 -26.47
C LEU J 166 15.20 32.94 -26.33
N ALA J 167 15.38 33.57 -25.17
CA ALA J 167 14.90 34.94 -25.03
C ALA J 167 15.87 35.95 -25.60
N ASP J 168 16.99 35.45 -26.14
CA ASP J 168 18.01 36.31 -26.72
C ASP J 168 18.32 36.05 -28.19
N THR J 169 18.92 34.91 -28.52
CA THR J 169 19.27 34.62 -29.92
C THR J 169 18.16 34.75 -30.95
N ARG J 170 18.57 34.67 -32.22
CA ARG J 170 17.67 34.75 -33.35
C ARG J 170 17.63 33.40 -34.03
N ALA J 171 18.30 32.43 -33.42
CA ALA J 171 18.32 31.08 -33.98
C ALA J 171 18.98 30.10 -33.01
N ALA J 172 18.20 29.14 -32.53
CA ALA J 172 18.72 28.15 -31.61
C ALA J 172 18.91 26.88 -32.40
N LEU J 173 19.77 26.01 -31.88
CA LEU J 173 20.08 24.75 -32.52
C LEU J 173 20.14 23.63 -31.51
N VAL J 174 19.41 22.55 -31.80
CA VAL J 174 19.40 21.38 -30.95
C VAL J 174 20.12 20.31 -31.74
N ASP J 175 21.37 20.07 -31.35
CA ASP J 175 22.22 19.10 -32.02
C ASP J 175 22.00 17.70 -31.45
N ASP J 176 21.81 16.75 -32.36
CA ASP J 176 21.59 15.34 -32.04
C ASP J 176 20.48 15.11 -31.02
N ALA J 177 19.24 15.16 -31.51
CA ALA J 177 18.09 14.96 -30.66
C ALA J 177 17.82 13.47 -30.51
N THR J 178 17.56 13.04 -29.28
CA THR J 178 17.26 11.63 -29.05
C THR J 178 15.75 11.46 -28.98
N HIS J 179 15.28 10.28 -28.58
CA HIS J 179 13.85 10.07 -28.49
C HIS J 179 13.32 10.87 -27.33
N ALA J 180 14.09 10.91 -26.25
CA ALA J 180 13.71 11.64 -25.06
C ALA J 180 13.55 13.13 -25.36
N CYS J 181 14.42 13.63 -26.24
CA CYS J 181 14.43 15.03 -26.62
C CYS J 181 13.17 15.35 -27.42
N TRP J 182 12.97 14.64 -28.52
CA TRP J 182 11.78 14.83 -29.36
C TRP J 182 10.51 14.65 -28.51
N ARG J 183 10.55 13.75 -27.53
CA ARG J 183 9.37 13.56 -26.70
C ARG J 183 9.12 14.89 -25.99
N TYR J 184 10.14 15.37 -25.30
CA TYR J 184 10.05 16.64 -24.60
C TYR J 184 9.47 17.69 -25.54
N PHE J 185 10.06 17.82 -26.72
CA PHE J 185 9.56 18.78 -27.67
C PHE J 185 8.07 18.60 -27.95
N ASP J 186 7.69 17.38 -28.31
CA ASP J 186 6.30 17.03 -28.61
C ASP J 186 5.36 17.36 -27.46
N THR J 187 5.87 17.20 -26.24
CA THR J 187 5.09 17.47 -25.05
C THR J 187 4.99 18.92 -24.60
N TYR J 188 6.13 19.60 -24.50
CA TYR J 188 6.12 20.98 -24.02
C TYR J 188 6.33 22.09 -25.02
N LEU J 189 7.33 21.91 -25.88
CA LEU J 189 7.68 22.94 -26.83
C LEU J 189 6.87 23.11 -28.12
N ARG J 190 5.69 22.52 -28.21
CA ARG J 190 4.94 22.71 -29.44
C ARG J 190 4.81 24.20 -29.80
N ASN J 191 4.64 25.07 -28.80
CA ASN J 191 4.52 26.51 -29.04
C ASN J 191 5.78 27.01 -29.72
N ALA J 192 6.90 26.78 -29.05
CA ALA J 192 8.19 27.19 -29.56
C ALA J 192 8.44 26.60 -30.93
N LEU J 193 8.29 25.29 -31.07
CA LEU J 193 8.50 24.69 -32.37
C LEU J 193 7.59 25.39 -33.36
N ASP J 194 6.43 25.84 -32.86
CA ASP J 194 5.51 26.54 -33.72
C ASP J 194 6.11 27.89 -34.02
N GLY J 195 6.92 28.40 -33.11
CA GLY J 195 7.51 29.72 -33.30
C GLY J 195 6.55 30.80 -32.80
N TYR J 196 5.62 30.41 -31.92
CA TYR J 196 4.63 31.33 -31.36
C TYR J 196 5.25 32.08 -30.21
N PRO J 197 4.53 33.06 -29.69
CA PRO J 197 5.11 33.77 -28.57
C PRO J 197 5.10 32.85 -27.37
N VAL J 198 6.27 32.36 -26.99
CA VAL J 198 6.40 31.49 -25.82
C VAL J 198 6.99 32.35 -24.68
N SER J 199 7.03 31.79 -23.48
CA SER J 199 7.55 32.51 -22.32
C SER J 199 8.82 31.89 -21.74
N ILE J 200 9.87 32.70 -21.63
CA ILE J 200 11.14 32.20 -21.13
C ILE J 200 11.56 32.67 -19.74
N ASP J 201 12.01 31.74 -18.90
CA ASP J 201 12.45 32.10 -17.57
C ASP J 201 13.96 32.25 -17.66
N ARG J 202 14.46 33.30 -17.03
CA ARG J 202 15.90 33.63 -16.97
C ARG J 202 16.22 33.74 -15.51
N LYS J 203 17.45 33.42 -15.11
CA LYS J 203 17.79 33.48 -13.69
C LYS J 203 17.76 34.87 -13.04
N HIS J 204 17.06 35.03 -11.93
CA HIS J 204 17.02 36.33 -11.25
C HIS J 204 16.16 37.39 -11.93
N LYS J 205 15.92 37.22 -13.23
CA LYS J 205 15.10 38.18 -13.96
C LYS J 205 13.71 37.57 -14.10
N ALA J 206 12.70 38.39 -14.36
CA ALA J 206 11.36 37.84 -14.50
C ALA J 206 11.20 37.24 -15.89
N ALA J 207 10.27 36.29 -16.01
CA ALA J 207 9.99 35.62 -17.28
C ALA J 207 9.90 36.63 -18.42
N VAL J 208 9.83 36.14 -19.63
CA VAL J 208 9.79 37.02 -20.78
C VAL J 208 8.90 36.44 -21.85
N GLN J 209 8.11 37.28 -22.49
CA GLN J 209 7.24 36.79 -23.53
C GLN J 209 7.82 37.26 -24.83
N ILE J 210 8.08 36.32 -25.72
CA ILE J 210 8.67 36.65 -26.99
C ILE J 210 8.53 35.52 -27.98
N LYS J 211 8.27 35.86 -29.23
CA LYS J 211 8.20 34.83 -30.24
C LYS J 211 9.44 33.93 -30.16
N ALA J 212 9.26 32.62 -30.19
CA ALA J 212 10.42 31.72 -30.17
C ALA J 212 11.14 31.84 -31.52
N PRO J 213 12.46 31.94 -31.49
CA PRO J 213 13.23 32.07 -32.72
C PRO J 213 13.31 30.78 -33.52
N PRO J 214 13.73 30.85 -34.78
CA PRO J 214 13.88 29.70 -35.66
C PRO J 214 14.76 28.62 -35.06
N LEU J 215 14.33 27.37 -35.12
CA LEU J 215 15.08 26.25 -34.55
C LEU J 215 15.75 25.28 -35.53
N LEU J 216 16.93 24.82 -35.19
CA LEU J 216 17.60 23.85 -36.02
C LEU J 216 17.76 22.56 -35.22
N VAL J 217 17.60 21.42 -35.90
CA VAL J 217 17.73 20.13 -35.24
C VAL J 217 18.45 19.18 -36.15
N THR J 218 19.24 18.32 -35.54
CA THR J 218 19.96 17.29 -36.26
C THR J 218 19.54 16.05 -35.49
N SER J 219 19.36 14.92 -36.15
CA SER J 219 18.93 13.72 -35.43
C SER J 219 19.03 12.44 -36.25
N ASN J 220 19.12 11.31 -35.54
CA ASN J 220 19.19 9.99 -36.16
C ASN J 220 17.75 9.51 -36.27
N ILE J 221 16.84 10.31 -35.70
CA ILE J 221 15.43 9.97 -35.67
C ILE J 221 14.57 10.79 -36.61
N ASP J 222 13.97 10.12 -37.59
CA ASP J 222 13.09 10.79 -38.53
C ASP J 222 11.71 10.94 -37.90
N VAL J 223 11.51 12.04 -37.19
CA VAL J 223 10.22 12.28 -36.54
C VAL J 223 9.07 12.25 -37.53
N GLN J 224 9.38 12.34 -38.81
CA GLN J 224 8.36 12.31 -39.85
C GLN J 224 7.76 10.92 -40.00
N ALA J 225 8.59 9.90 -39.79
CA ALA J 225 8.16 8.50 -39.91
C ALA J 225 7.47 7.98 -38.66
N GLU J 226 8.13 8.11 -37.51
CA GLU J 226 7.59 7.65 -36.22
C GLU J 226 6.15 8.16 -35.98
N ASP J 227 5.25 7.26 -35.60
CA ASP J 227 3.84 7.61 -35.37
C ASP J 227 3.52 8.19 -34.00
N ARG J 228 4.50 8.21 -33.11
CA ARG J 228 4.28 8.74 -31.77
C ARG J 228 4.53 10.22 -31.68
N TYR J 229 5.20 10.75 -32.70
CA TYR J 229 5.52 12.18 -32.76
C TYR J 229 4.53 12.81 -33.74
N LEU J 230 3.39 12.15 -33.88
CA LEU J 230 2.31 12.59 -34.74
C LEU J 230 2.12 14.09 -34.68
N TYR J 231 2.04 14.60 -33.47
CA TYR J 231 1.81 16.01 -33.24
C TYR J 231 3.00 16.91 -33.52
N LEU J 232 4.12 16.32 -33.91
CA LEU J 232 5.29 17.11 -34.25
C LEU J 232 5.33 17.18 -35.77
N HIS J 233 4.40 16.49 -36.41
CA HIS J 233 4.39 16.46 -37.85
C HIS J 233 4.11 17.80 -38.48
N SER J 234 3.17 18.52 -37.89
CA SER J 234 2.77 19.83 -38.39
C SER J 234 3.71 20.98 -38.05
N ARG J 235 4.86 20.67 -37.45
CA ARG J 235 5.79 21.72 -37.06
C ARG J 235 7.21 21.54 -37.58
N VAL J 236 7.66 20.29 -37.67
CA VAL J 236 9.01 19.98 -38.13
C VAL J 236 9.15 19.74 -39.62
N GLN J 237 10.02 20.51 -40.26
CA GLN J 237 10.31 20.39 -41.69
C GLN J 237 11.54 19.48 -41.72
N THR J 238 11.72 18.66 -42.74
CA THR J 238 12.89 17.77 -42.73
C THR J 238 13.76 17.59 -43.96
N PHE J 239 15.06 17.54 -43.74
CA PHE J 239 16.05 17.30 -44.79
C PHE J 239 16.83 16.03 -44.50
N ARG J 240 16.84 15.14 -45.48
CA ARG J 240 17.50 13.85 -45.34
C ARG J 240 18.94 13.82 -45.83
N PHE J 241 19.87 13.73 -44.90
CA PHE J 241 21.30 13.67 -45.21
C PHE J 241 21.80 12.24 -45.21
N GLU J 242 21.32 11.44 -46.18
CA GLU J 242 21.67 10.02 -46.30
C GLU J 242 23.02 9.65 -46.93
N GLN J 243 23.91 10.61 -47.18
CA GLN J 243 25.19 10.27 -47.81
C GLN J 243 26.45 10.39 -46.97
N PRO J 244 27.24 9.30 -46.91
CA PRO J 244 28.50 9.23 -46.16
C PRO J 244 29.34 10.48 -46.33
N CYS J 245 29.60 11.17 -45.21
CA CYS J 245 30.39 12.40 -45.26
C CYS J 245 31.88 12.21 -44.99
N THR J 246 32.22 11.96 -43.73
CA THR J 246 33.63 11.77 -43.34
C THR J 246 34.31 10.73 -44.22
N ASP J 247 35.51 11.05 -44.70
CA ASP J 247 36.26 10.14 -45.56
C ASP J 247 37.44 9.49 -44.83
N GLU J 248 38.29 8.79 -45.59
CA GLU J 248 39.46 8.12 -45.04
C GLU J 248 40.58 9.09 -44.68
N SER J 249 40.92 9.99 -45.61
CA SER J 249 41.97 10.98 -45.36
C SER J 249 41.55 11.89 -44.21
N GLY J 250 42.36 11.88 -43.15
CA GLY J 250 42.09 12.69 -41.96
C GLY J 250 41.18 13.89 -42.16
N GLU J 251 41.61 14.83 -43.00
CA GLU J 251 40.81 16.02 -43.27
C GLU J 251 39.55 15.64 -44.04
N GLN J 252 38.39 15.95 -43.46
CA GLN J 252 37.11 15.65 -44.10
C GLN J 252 36.89 16.53 -45.32
N PRO J 253 36.33 15.95 -46.39
CA PRO J 253 36.07 16.67 -47.64
C PRO J 253 35.26 17.97 -47.48
N PHE J 254 34.32 17.98 -46.54
CA PHE J 254 33.50 19.15 -46.31
C PHE J 254 33.77 19.78 -44.95
N ASN J 255 33.65 21.11 -44.92
CA ASN J 255 33.85 21.87 -43.70
C ASN J 255 33.60 23.32 -44.08
N ILE J 256 32.37 23.77 -43.89
CA ILE J 256 31.95 25.13 -44.20
C ILE J 256 32.53 26.14 -43.21
N THR J 257 32.47 27.42 -43.57
CA THR J 257 32.97 28.48 -42.69
C THR J 257 32.06 29.68 -42.82
N ASP J 258 32.25 30.65 -41.92
CA ASP J 258 31.45 31.86 -41.95
C ASP J 258 31.52 32.44 -43.36
N ALA J 259 32.71 32.38 -43.96
CA ALA J 259 32.91 32.91 -45.30
C ALA J 259 31.90 32.30 -46.25
N ASP J 260 31.95 30.99 -46.40
CA ASP J 260 31.04 30.30 -47.31
C ASP J 260 29.64 30.86 -47.15
N TRP J 261 29.11 30.78 -45.93
CA TRP J 261 27.77 31.30 -45.68
C TRP J 261 27.59 32.75 -46.10
N LYS J 262 28.66 33.55 -45.97
CA LYS J 262 28.57 34.96 -46.37
C LYS J 262 28.23 35.04 -47.86
N SER J 263 29.00 34.34 -48.68
CA SER J 263 28.74 34.30 -50.11
C SER J 263 27.29 33.87 -50.25
N PHE J 264 27.00 32.67 -49.75
CA PHE J 264 25.66 32.13 -49.80
C PHE J 264 24.63 33.23 -49.61
N PHE J 265 24.61 33.84 -48.44
CA PHE J 265 23.64 34.88 -48.18
C PHE J 265 23.73 36.10 -49.11
N VAL J 266 24.93 36.57 -49.38
CA VAL J 266 25.05 37.70 -50.25
C VAL J 266 24.49 37.37 -51.63
N ARG J 267 25.02 36.33 -52.28
CA ARG J 267 24.57 35.95 -53.61
C ARG J 267 23.13 35.41 -53.70
N LEU J 268 22.55 35.05 -52.55
CA LEU J 268 21.19 34.51 -52.53
C LEU J 268 20.20 35.43 -51.81
N TRP J 269 20.68 36.61 -51.43
CA TRP J 269 19.85 37.59 -50.74
C TRP J 269 18.50 37.82 -51.42
N GLY J 270 18.52 38.03 -52.72
CA GLY J 270 17.28 38.26 -53.44
C GLY J 270 16.29 37.12 -53.32
N ARG J 271 16.79 35.89 -53.46
CA ARG J 271 15.95 34.70 -53.40
C ARG J 271 15.35 34.35 -52.05
N LEU J 272 16.03 34.78 -50.99
CA LEU J 272 15.58 34.50 -49.62
C LEU J 272 14.58 35.54 -49.06
N ASP J 273 14.09 36.40 -49.95
CA ASP J 273 13.13 37.46 -49.63
C ASP J 273 13.61 38.29 -48.44
N LEU J 274 14.85 38.72 -48.51
CA LEU J 274 15.41 39.53 -47.44
C LEU J 274 15.40 41.00 -47.84
N THR K 5 48.05 50.18 11.67
CA THR K 5 48.01 49.47 10.36
C THR K 5 48.02 50.46 9.21
N GLU K 6 48.07 49.93 7.99
CA GLU K 6 48.09 50.73 6.78
C GLU K 6 46.78 50.48 5.99
N LYS K 7 46.40 51.40 5.10
CA LYS K 7 45.16 51.22 4.34
C LYS K 7 45.21 49.95 3.48
N PHE K 8 44.10 49.22 3.46
CA PHE K 8 44.00 47.96 2.72
C PHE K 8 43.90 48.12 1.21
N ASP K 9 44.79 47.43 0.49
CA ASP K 9 44.75 47.47 -0.97
C ASP K 9 44.27 46.13 -1.50
N PHE K 10 43.00 46.11 -1.90
CA PHE K 10 42.37 44.93 -2.44
C PHE K 10 43.21 44.30 -3.54
N GLY K 11 43.46 45.08 -4.60
CA GLY K 11 44.24 44.57 -5.72
C GLY K 11 45.44 43.73 -5.32
N THR K 12 46.20 44.22 -4.35
CA THR K 12 47.37 43.49 -3.91
C THR K 12 46.94 42.08 -3.55
N MET K 13 45.99 41.97 -2.62
CA MET K 13 45.52 40.67 -2.20
C MET K 13 45.23 39.80 -3.44
N VAL K 14 44.33 40.27 -4.29
CA VAL K 14 44.00 39.55 -5.51
C VAL K 14 45.28 39.03 -6.14
N GLN K 15 46.24 39.92 -6.44
CA GLN K 15 47.49 39.49 -7.05
C GLN K 15 48.11 38.36 -6.27
N TRP K 16 48.24 38.56 -4.96
CA TRP K 16 48.78 37.53 -4.09
C TRP K 16 48.04 36.24 -4.38
N ALA K 17 46.72 36.29 -4.21
CA ALA K 17 45.86 35.15 -4.46
C ALA K 17 46.17 34.54 -5.82
N TYR K 18 46.07 35.38 -6.84
CA TYR K 18 46.33 34.93 -8.19
C TYR K 18 47.69 34.24 -8.30
N ASP K 19 48.73 34.84 -7.74
CA ASP K 19 50.06 34.25 -7.83
C ASP K 19 50.14 32.83 -7.27
N HIS K 20 49.52 32.60 -6.11
CA HIS K 20 49.51 31.29 -5.45
C HIS K 20 48.39 30.43 -5.99
N LYS K 21 47.66 30.97 -6.96
CA LYS K 21 46.56 30.25 -7.57
C LYS K 21 45.50 29.86 -6.52
N TYR K 22 45.35 30.72 -5.51
CA TYR K 22 44.37 30.53 -4.44
C TYR K 22 43.04 31.11 -4.90
N ALA K 23 42.16 30.25 -5.41
CA ALA K 23 40.87 30.69 -5.95
C ALA K 23 39.64 30.36 -5.10
N GLU K 24 39.87 29.85 -3.90
CA GLU K 24 38.78 29.41 -3.05
C GLU K 24 38.71 30.18 -1.72
N GLU K 25 37.64 30.97 -1.54
CA GLU K 25 37.47 31.78 -0.32
C GLU K 25 38.13 31.13 0.88
N SER K 26 37.55 30.06 1.41
CA SER K 26 38.13 29.37 2.55
C SER K 26 39.65 29.58 2.64
N LYS K 27 40.39 29.11 1.64
CA LYS K 27 41.85 29.25 1.66
C LYS K 27 42.30 30.71 1.66
N ILE K 28 42.03 31.42 0.57
CA ILE K 28 42.40 32.82 0.47
C ILE K 28 42.38 33.44 1.85
N ALA K 29 41.20 33.55 2.45
CA ALA K 29 41.08 34.12 3.78
C ALA K 29 42.10 33.51 4.74
N TYR K 30 42.10 32.19 4.88
CA TYR K 30 43.04 31.54 5.80
C TYR K 30 44.48 31.86 5.47
N GLU K 31 44.92 31.42 4.31
CA GLU K 31 46.29 31.59 3.89
C GLU K 31 46.80 33.03 4.02
N TYR K 32 45.93 34.00 3.73
CA TYR K 32 46.35 35.39 3.84
C TYR K 32 46.58 35.75 5.29
N ALA K 33 45.55 35.63 6.13
CA ALA K 33 45.68 35.95 7.54
C ALA K 33 46.93 35.33 8.18
N LEU K 34 47.55 34.37 7.50
CA LEU K 34 48.77 33.76 8.04
C LEU K 34 49.92 34.66 7.64
N ALA K 35 49.89 35.10 6.39
CA ALA K 35 50.91 36.00 5.85
C ALA K 35 50.85 37.34 6.57
N ALA K 36 49.86 37.53 7.43
CA ALA K 36 49.69 38.79 8.17
C ALA K 36 50.85 39.03 9.12
N GLY K 37 51.64 38.00 9.35
CA GLY K 37 52.76 38.15 10.24
C GLY K 37 53.79 39.06 9.60
N SER K 38 54.09 38.83 8.33
CA SER K 38 55.09 39.60 7.59
C SER K 38 54.56 40.27 6.33
N ASP K 39 53.42 40.95 6.44
CA ASP K 39 52.82 41.60 5.27
C ASP K 39 51.85 42.70 5.73
N SER K 40 52.23 43.94 5.44
CA SER K 40 51.44 45.11 5.83
C SER K 40 50.00 45.11 5.33
N ASN K 41 49.78 44.64 4.10
CA ASN K 41 48.45 44.63 3.51
C ASN K 41 47.57 43.54 4.10
N ALA K 42 48.14 42.38 4.37
CA ALA K 42 47.37 41.30 4.96
C ALA K 42 46.89 41.83 6.31
N ARG K 43 47.82 42.41 7.07
CA ARG K 43 47.51 42.98 8.37
C ARG K 43 46.45 44.06 8.23
N ALA K 44 46.49 44.78 7.11
CA ALA K 44 45.52 45.83 6.85
C ALA K 44 44.20 45.15 6.61
N PHE K 45 44.27 43.99 5.97
CA PHE K 45 43.11 43.17 5.66
C PHE K 45 42.32 42.82 6.92
N LEU K 46 42.97 42.14 7.86
CA LEU K 46 42.38 41.73 9.13
C LEU K 46 41.89 42.93 9.91
N ALA K 47 42.31 44.11 9.52
CA ALA K 47 41.90 45.34 10.20
C ALA K 47 40.57 45.82 9.63
N THR K 48 40.28 45.38 8.41
CA THR K 48 39.06 45.72 7.69
C THR K 48 37.84 45.23 8.46
N ASN K 49 36.73 45.97 8.38
CA ASN K 49 35.48 45.59 9.04
C ASN K 49 34.64 44.75 8.08
N SER K 50 35.20 44.43 6.92
CA SER K 50 34.49 43.69 5.89
C SER K 50 35.37 42.69 5.18
N GLN K 51 36.13 41.91 5.96
CA GLN K 51 37.02 40.89 5.40
C GLN K 51 36.18 40.00 4.49
N ALA K 52 35.04 39.58 5.02
CA ALA K 52 34.11 38.73 4.29
C ALA K 52 34.06 39.17 2.86
N LYS K 53 33.42 40.32 2.63
CA LYS K 53 33.27 40.89 1.29
C LYS K 53 34.56 40.81 0.47
N HIS K 54 35.70 41.05 1.10
CA HIS K 54 36.94 41.01 0.34
C HIS K 54 37.31 39.61 -0.05
N VAL K 55 37.29 38.70 0.91
CA VAL K 55 37.63 37.32 0.61
C VAL K 55 36.76 36.82 -0.53
N LYS K 56 35.48 37.15 -0.47
CA LYS K 56 34.57 36.72 -1.51
C LYS K 56 35.03 37.30 -2.83
N ASP K 57 34.98 38.64 -2.93
CA ASP K 57 35.37 39.35 -4.15
C ASP K 57 36.77 39.02 -4.60
N CYS K 58 37.68 38.78 -3.66
CA CYS K 58 39.03 38.47 -4.02
C CYS K 58 39.07 37.18 -4.83
N ALA K 59 38.32 36.19 -4.34
CA ALA K 59 38.23 34.88 -5.00
C ALA K 59 37.55 35.11 -6.34
N THR K 60 36.44 35.82 -6.30
CA THR K 60 35.67 36.14 -7.50
C THR K 60 36.64 36.61 -8.57
N MET K 61 37.45 37.59 -8.18
CA MET K 61 38.41 38.18 -9.08
C MET K 61 39.43 37.20 -9.59
N VAL K 62 39.88 36.32 -8.71
CA VAL K 62 40.88 35.36 -9.13
C VAL K 62 40.36 34.33 -10.12
N ARG K 63 39.18 33.79 -9.83
CA ARG K 63 38.60 32.79 -10.69
C ARG K 63 38.43 33.35 -12.08
N HIS K 64 37.97 34.60 -12.15
CA HIS K 64 37.83 35.23 -13.45
C HIS K 64 39.18 35.07 -14.16
N TYR K 65 40.18 35.78 -13.64
CA TYR K 65 41.52 35.77 -14.21
C TYR K 65 41.95 34.38 -14.63
N LEU K 66 41.86 33.44 -13.70
CA LEU K 66 42.25 32.06 -13.95
C LEU K 66 41.49 31.33 -15.04
N ARG K 67 40.18 31.52 -15.10
CA ARG K 67 39.41 30.85 -16.12
C ARG K 67 39.82 31.45 -17.45
N ALA K 68 39.38 32.70 -17.65
CA ALA K 68 39.66 33.45 -18.88
C ALA K 68 41.06 33.19 -19.36
N GLU K 69 42.00 33.21 -18.42
CA GLU K 69 43.39 32.99 -18.74
C GLU K 69 43.59 31.64 -19.43
N THR K 70 42.88 30.63 -18.96
CA THR K 70 43.01 29.27 -19.52
C THR K 70 42.27 29.15 -20.84
N GLN K 71 41.06 29.68 -20.87
CA GLN K 71 40.25 29.65 -22.08
C GLN K 71 40.96 30.44 -23.17
N ALA K 72 42.00 31.18 -22.80
CA ALA K 72 42.73 32.04 -23.74
C ALA K 72 43.89 31.43 -24.51
N LEU K 73 44.60 30.48 -23.90
CA LEU K 73 45.72 29.86 -24.61
C LEU K 73 45.25 29.06 -25.82
N SER K 74 46.20 28.70 -26.67
CA SER K 74 45.90 27.89 -27.83
C SER K 74 46.33 26.54 -27.29
N MET K 75 45.69 25.46 -27.73
CA MET K 75 46.06 24.15 -27.22
C MET K 75 47.58 24.00 -27.09
N PRO K 76 48.34 24.51 -28.07
CA PRO K 76 49.80 24.38 -27.97
C PRO K 76 50.30 25.16 -26.74
N ALA K 77 49.96 26.44 -26.74
CA ALA K 77 50.33 27.38 -25.70
C ALA K 77 50.04 26.80 -24.32
N TYR K 78 48.80 26.37 -24.12
CA TYR K 78 48.39 25.78 -22.86
C TYR K 78 49.41 24.69 -22.52
N ILE K 79 49.37 23.61 -23.31
CA ILE K 79 50.25 22.50 -23.11
C ILE K 79 51.65 23.01 -22.85
N LYS K 80 52.05 24.03 -23.60
CA LYS K 80 53.38 24.55 -23.40
C LYS K 80 53.46 25.05 -21.96
N ALA K 81 52.44 25.78 -21.53
CA ALA K 81 52.42 26.31 -20.17
C ALA K 81 52.36 25.19 -19.16
N ARG K 82 51.73 24.08 -19.51
CA ARG K 82 51.61 22.97 -18.58
C ARG K 82 52.94 22.27 -18.41
N CYS K 83 53.87 22.52 -19.33
CA CYS K 83 55.16 21.89 -19.22
C CYS K 83 56.01 22.63 -18.21
N LYS K 84 55.97 23.96 -18.24
CA LYS K 84 56.76 24.74 -17.28
C LYS K 84 56.46 24.28 -15.88
N LEU K 85 55.20 23.93 -15.66
CA LEU K 85 54.74 23.48 -14.35
C LEU K 85 55.30 22.13 -13.93
N ALA K 86 55.49 21.25 -14.91
CA ALA K 86 56.00 19.91 -14.65
C ALA K 86 57.42 19.94 -14.10
N THR K 87 57.55 19.60 -12.82
CA THR K 87 58.84 19.57 -12.14
C THR K 87 59.25 18.12 -11.93
N GLY K 88 60.53 17.90 -11.65
CA GLY K 88 61.02 16.55 -11.43
C GLY K 88 61.66 15.97 -12.67
N GLU K 89 62.20 14.77 -12.56
CA GLU K 89 62.84 14.13 -13.69
C GLU K 89 62.14 12.83 -14.07
N GLY K 90 61.91 12.65 -15.37
CA GLY K 90 61.25 11.46 -15.87
C GLY K 90 61.62 11.32 -17.34
N SER K 91 60.87 10.54 -18.11
CA SER K 91 61.19 10.39 -19.53
C SER K 91 60.08 9.72 -20.31
N TRP K 92 59.81 10.25 -21.50
CA TRP K 92 58.77 9.70 -22.37
C TRP K 92 58.87 8.17 -22.48
N LYS K 93 60.07 7.64 -22.29
CA LYS K 93 60.27 6.19 -22.39
C LYS K 93 59.34 5.40 -21.46
N SER K 94 59.07 5.94 -20.27
CA SER K 94 58.19 5.28 -19.30
C SER K 94 56.79 5.11 -19.86
N ILE K 95 56.36 6.09 -20.65
CA ILE K 95 55.04 6.05 -21.28
C ILE K 95 55.08 5.00 -22.39
N LEU K 96 56.10 5.10 -23.24
CA LEU K 96 56.28 4.15 -24.34
C LEU K 96 56.29 2.75 -23.78
N THR K 97 57.11 2.54 -22.76
CA THR K 97 57.23 1.26 -22.10
C THR K 97 55.85 0.68 -21.79
N PHE K 98 55.07 1.42 -21.02
CA PHE K 98 53.73 0.98 -20.65
C PHE K 98 52.89 0.60 -21.87
N PHE K 99 52.76 1.52 -22.82
CA PHE K 99 51.97 1.25 -24.02
C PHE K 99 52.41 -0.04 -24.70
N ASN K 100 53.73 -0.22 -24.83
CA ASN K 100 54.28 -1.41 -25.44
C ASN K 100 53.85 -2.60 -24.59
N TYR K 101 53.89 -2.41 -23.27
CA TYR K 101 53.50 -3.46 -22.34
C TYR K 101 52.03 -3.81 -22.52
N GLN K 102 51.26 -2.86 -23.03
CA GLN K 102 49.84 -3.12 -23.25
C GLN K 102 49.61 -3.61 -24.67
N ASN K 103 50.71 -3.91 -25.36
CA ASN K 103 50.67 -4.40 -26.72
C ASN K 103 49.99 -3.39 -27.64
N ILE K 104 50.40 -2.14 -27.52
CA ILE K 104 49.85 -1.07 -28.34
C ILE K 104 50.98 -0.21 -28.90
N GLU K 105 50.97 0.00 -30.21
CA GLU K 105 52.01 0.79 -30.86
C GLU K 105 51.84 2.29 -30.52
N LEU K 106 52.81 2.83 -29.78
CA LEU K 106 52.78 4.23 -29.40
C LEU K 106 52.21 5.15 -30.49
N ILE K 107 52.71 4.98 -31.71
CA ILE K 107 52.25 5.79 -32.83
C ILE K 107 50.73 5.81 -32.86
N THR K 108 50.12 4.63 -32.80
CA THR K 108 48.68 4.52 -32.81
C THR K 108 48.11 5.48 -31.76
N PHE K 109 48.80 5.58 -30.63
CA PHE K 109 48.38 6.46 -29.54
C PHE K 109 48.70 7.92 -29.82
N ILE K 110 49.84 8.17 -30.45
CA ILE K 110 50.26 9.51 -30.77
C ILE K 110 49.34 10.13 -31.81
N ASN K 111 48.90 9.33 -32.77
CA ASN K 111 48.01 9.82 -33.81
C ASN K 111 46.65 10.22 -33.22
N ALA K 112 46.09 9.38 -32.35
CA ALA K 112 44.80 9.68 -31.73
C ALA K 112 44.90 10.91 -30.82
N LEU K 113 45.95 10.94 -30.02
CA LEU K 113 46.23 12.05 -29.11
C LEU K 113 46.29 13.34 -29.90
N LYS K 114 46.92 13.27 -31.08
CA LYS K 114 47.05 14.43 -31.96
C LYS K 114 45.68 15.02 -32.28
N LEU K 115 44.80 14.23 -32.88
CA LEU K 115 43.47 14.74 -33.21
C LEU K 115 42.72 15.11 -31.94
N TRP K 116 42.98 14.38 -30.86
CA TRP K 116 42.33 14.61 -29.58
C TRP K 116 42.62 16.00 -29.03
N LEU K 117 43.90 16.36 -28.96
CA LEU K 117 44.29 17.68 -28.46
C LEU K 117 43.69 18.81 -29.30
N LYS K 118 43.50 18.54 -30.59
CA LYS K 118 42.94 19.53 -31.51
C LYS K 118 41.40 19.56 -31.51
N GLY K 119 40.80 18.75 -30.64
CA GLY K 119 39.36 18.71 -30.54
C GLY K 119 38.60 18.56 -31.85
N ILE K 120 39.07 17.68 -32.71
CA ILE K 120 38.41 17.45 -33.99
C ILE K 120 37.14 16.67 -33.74
N PRO K 121 36.00 17.25 -34.10
CA PRO K 121 34.68 16.65 -33.93
C PRO K 121 34.65 15.13 -34.10
N LYS K 122 34.09 14.46 -33.10
CA LYS K 122 33.96 13.00 -33.08
C LYS K 122 35.26 12.25 -32.89
N LYS K 123 36.32 12.98 -32.57
CA LYS K 123 37.63 12.39 -32.35
C LYS K 123 38.20 13.14 -31.17
N ASN K 124 37.26 13.64 -30.37
CA ASN K 124 37.54 14.43 -29.18
C ASN K 124 37.35 13.55 -27.94
N CYS K 125 37.26 12.24 -28.15
CA CYS K 125 37.08 11.32 -27.03
C CYS K 125 37.86 10.00 -27.16
N LEU K 126 38.68 9.71 -26.16
CA LEU K 126 39.49 8.48 -26.11
C LEU K 126 39.04 7.66 -24.92
N ALA K 127 38.75 6.39 -25.15
CA ALA K 127 38.31 5.50 -24.08
C ALA K 127 39.30 4.37 -23.86
N PHE K 128 39.62 4.16 -22.59
CA PHE K 128 40.53 3.11 -22.18
C PHE K 128 39.76 2.02 -21.47
N ILE K 129 39.43 0.98 -22.23
CA ILE K 129 38.66 -0.14 -21.74
C ILE K 129 39.57 -1.33 -21.41
N GLY K 130 39.12 -2.18 -20.49
CA GLY K 130 39.89 -3.34 -20.11
C GLY K 130 39.51 -3.91 -18.75
N PRO K 131 39.95 -5.14 -18.42
CA PRO K 131 39.64 -5.76 -17.12
C PRO K 131 40.27 -4.94 -15.99
N PRO K 132 39.63 -4.90 -14.82
CA PRO K 132 40.19 -4.11 -13.71
C PRO K 132 41.68 -4.35 -13.50
N ASN K 133 42.38 -3.34 -12.99
CA ASN K 133 43.82 -3.42 -12.71
C ASN K 133 44.75 -3.49 -13.93
N THR K 134 44.46 -2.76 -15.00
CA THR K 134 45.33 -2.79 -16.17
C THR K 134 46.01 -1.45 -16.43
N GLY K 135 45.92 -0.54 -15.48
CA GLY K 135 46.57 0.75 -15.62
C GLY K 135 45.79 1.84 -16.36
N LYS K 136 44.49 1.65 -16.51
CA LYS K 136 43.66 2.63 -17.19
C LYS K 136 43.56 3.94 -16.40
N SER K 137 42.88 3.91 -15.25
CA SER K 137 42.75 5.11 -14.43
C SER K 137 44.15 5.63 -14.15
N MET K 138 45.10 4.71 -14.15
CA MET K 138 46.51 5.00 -13.91
C MET K 138 46.98 6.04 -14.91
N LEU K 139 47.06 5.60 -16.16
CA LEU K 139 47.48 6.43 -17.27
C LEU K 139 46.64 7.69 -17.42
N CYS K 140 45.35 7.47 -17.58
CA CYS K 140 44.40 8.55 -17.76
C CYS K 140 44.48 9.65 -16.71
N ASN K 141 44.58 9.27 -15.44
CA ASN K 141 44.65 10.26 -14.38
C ASN K 141 45.90 11.09 -14.41
N SER K 142 47.01 10.43 -14.75
CA SER K 142 48.31 11.08 -14.82
C SER K 142 48.32 12.09 -15.97
N LEU K 143 47.75 11.70 -17.10
CA LEU K 143 47.70 12.58 -18.26
C LEU K 143 46.85 13.80 -17.97
N ILE K 144 45.70 13.58 -17.34
CA ILE K 144 44.78 14.66 -16.97
C ILE K 144 45.47 15.55 -15.96
N HIS K 145 46.09 14.93 -14.97
CA HIS K 145 46.77 15.72 -13.97
C HIS K 145 47.76 16.63 -14.68
N PHE K 146 48.61 16.05 -15.52
CA PHE K 146 49.60 16.84 -16.25
C PHE K 146 48.93 18.02 -16.95
N LEU K 147 47.94 17.71 -17.78
CA LEU K 147 47.20 18.71 -18.53
C LEU K 147 46.43 19.69 -17.67
N GLY K 148 46.34 19.40 -16.37
CA GLY K 148 45.61 20.27 -15.48
C GLY K 148 44.12 20.19 -15.78
N GLY K 149 43.67 18.97 -16.11
CA GLY K 149 42.27 18.74 -16.44
C GLY K 149 41.43 18.32 -15.24
N SER K 150 40.11 18.44 -15.38
CA SER K 150 39.22 18.07 -14.29
C SER K 150 38.50 16.73 -14.49
N VAL K 151 38.17 16.12 -13.36
CA VAL K 151 37.48 14.85 -13.31
C VAL K 151 35.99 15.08 -13.10
N LEU K 152 35.20 14.24 -13.76
CA LEU K 152 33.74 14.31 -13.65
C LEU K 152 33.30 13.08 -12.88
N SER K 153 32.46 13.28 -11.86
CA SER K 153 31.97 12.16 -11.05
C SER K 153 30.52 11.88 -11.40
N PHE K 154 30.27 10.71 -11.97
CA PHE K 154 28.92 10.32 -12.36
C PHE K 154 28.06 10.18 -11.10
N ALA K 155 28.73 10.28 -9.96
CA ALA K 155 28.08 10.17 -8.66
C ALA K 155 27.07 11.29 -8.45
N ASN K 156 27.16 12.36 -9.23
CA ASN K 156 26.24 13.47 -9.07
C ASN K 156 25.53 13.73 -10.39
N HIS K 157 25.64 12.80 -11.31
CA HIS K 157 25.04 12.98 -12.62
C HIS K 157 23.54 13.22 -12.55
N LYS K 158 22.99 13.26 -11.36
CA LYS K 158 21.57 13.52 -11.25
C LYS K 158 21.34 15.00 -11.56
N SER K 159 22.28 15.84 -11.12
CA SER K 159 22.22 17.29 -11.35
C SER K 159 23.11 17.64 -12.53
N HIS K 160 22.59 18.44 -13.46
CA HIS K 160 23.35 18.85 -14.64
C HIS K 160 24.58 19.70 -14.30
N PHE K 161 24.64 20.20 -13.07
CA PHE K 161 25.80 20.99 -12.65
C PHE K 161 26.97 20.03 -12.49
N TRP K 162 26.76 18.76 -12.82
CA TRP K 162 27.81 17.77 -12.71
C TRP K 162 28.64 17.85 -14.00
N LEU K 163 28.71 19.04 -14.58
CA LEU K 163 29.47 19.21 -15.80
C LEU K 163 29.98 20.64 -15.86
N ALA K 164 29.63 21.41 -14.83
CA ALA K 164 30.04 22.81 -14.74
C ALA K 164 31.53 22.95 -15.01
N SER K 165 32.24 21.85 -14.78
CA SER K 165 33.67 21.77 -14.98
C SER K 165 33.98 22.05 -16.44
N LEU K 166 33.27 21.36 -17.32
CA LEU K 166 33.49 21.51 -18.75
C LEU K 166 33.55 22.94 -19.28
N ALA K 167 33.06 23.91 -18.50
CA ALA K 167 33.10 25.31 -18.96
C ALA K 167 34.39 26.02 -18.52
N ASP K 168 35.35 25.24 -18.01
CA ASP K 168 36.63 25.78 -17.55
C ASP K 168 37.82 25.04 -18.12
N THR K 169 37.98 23.78 -17.72
CA THR K 169 39.11 22.96 -18.17
C THR K 169 39.26 22.73 -19.65
N ARG K 170 40.45 22.32 -20.04
CA ARG K 170 40.77 22.04 -21.42
C ARG K 170 40.69 20.54 -21.62
N ALA K 171 40.40 19.82 -20.55
CA ALA K 171 40.31 18.37 -20.63
C ALA K 171 39.73 17.78 -19.36
N ALA K 172 38.70 16.96 -19.55
CA ALA K 172 38.03 16.30 -18.45
C ALA K 172 38.18 14.79 -18.55
N LEU K 173 38.01 14.14 -17.41
CA LEU K 173 38.13 12.69 -17.32
C LEU K 173 36.99 12.08 -16.51
N VAL K 174 36.30 11.12 -17.13
CA VAL K 174 35.23 10.38 -16.48
C VAL K 174 35.90 9.04 -16.19
N ASP K 175 36.24 8.82 -14.93
CA ASP K 175 36.92 7.60 -14.52
C ASP K 175 35.94 6.50 -14.13
N ASP K 176 36.13 5.33 -14.74
CA ASP K 176 35.30 4.17 -14.48
C ASP K 176 33.84 4.39 -14.84
N ALA K 177 33.56 4.34 -16.13
CA ALA K 177 32.20 4.52 -16.60
C ALA K 177 31.44 3.19 -16.51
N THR K 178 30.26 3.23 -15.90
CA THR K 178 29.43 2.04 -15.78
C THR K 178 28.41 2.08 -16.92
N HIS K 179 27.53 1.09 -16.99
CA HIS K 179 26.53 1.09 -18.04
C HIS K 179 25.61 2.29 -17.93
N ALA K 180 25.21 2.62 -16.71
CA ALA K 180 24.33 3.77 -16.50
C ALA K 180 24.99 5.04 -16.99
N CYS K 181 26.32 5.10 -16.91
CA CYS K 181 27.05 6.27 -17.37
C CYS K 181 27.06 6.33 -18.90
N TRP K 182 27.51 5.25 -19.56
CA TRP K 182 27.54 5.20 -21.02
C TRP K 182 26.17 5.47 -21.62
N ARG K 183 25.12 5.15 -20.87
CA ARG K 183 23.77 5.40 -21.36
C ARG K 183 23.55 6.91 -21.36
N TYR K 184 23.92 7.56 -20.26
CA TYR K 184 23.79 9.00 -20.08
C TYR K 184 24.51 9.73 -21.19
N PHE K 185 25.69 9.22 -21.54
CA PHE K 185 26.48 9.81 -22.61
C PHE K 185 25.78 9.65 -23.95
N ASP K 186 25.34 8.44 -24.24
CA ASP K 186 24.63 8.16 -25.48
C ASP K 186 23.34 8.98 -25.58
N THR K 187 22.72 9.26 -24.44
CA THR K 187 21.46 10.00 -24.43
C THR K 187 21.54 11.51 -24.43
N TYR K 188 22.43 12.04 -23.60
CA TYR K 188 22.54 13.49 -23.48
C TYR K 188 23.81 14.13 -24.00
N LEU K 189 24.96 13.54 -23.73
CA LEU K 189 26.20 14.13 -24.14
C LEU K 189 26.72 13.80 -25.55
N ARG K 190 25.84 13.56 -26.51
CA ARG K 190 26.33 13.26 -27.84
C ARG K 190 27.13 14.46 -28.29
N ASN K 191 26.53 15.65 -28.19
CA ASN K 191 27.17 16.91 -28.57
C ASN K 191 28.59 17.04 -28.00
N ALA K 192 28.67 16.91 -26.68
CA ALA K 192 29.94 17.03 -25.96
C ALA K 192 31.03 16.04 -26.34
N LEU K 193 30.66 14.77 -26.51
CA LEU K 193 31.66 13.79 -26.91
C LEU K 193 32.18 14.16 -28.30
N ASP K 194 31.32 14.82 -29.08
CA ASP K 194 31.68 15.26 -30.43
C ASP K 194 32.71 16.37 -30.43
N GLY K 195 32.68 17.22 -29.40
CA GLY K 195 33.61 18.33 -29.36
C GLY K 195 33.04 19.54 -30.07
N TYR K 196 31.73 19.67 -30.02
CA TYR K 196 31.04 20.82 -30.62
C TYR K 196 30.73 21.76 -29.48
N PRO K 197 30.31 22.97 -29.82
CA PRO K 197 30.02 23.86 -28.70
C PRO K 197 28.79 23.34 -27.99
N VAL K 198 28.76 23.55 -26.67
CA VAL K 198 27.63 23.13 -25.83
C VAL K 198 27.38 24.19 -24.77
N SER K 199 26.19 24.13 -24.17
CA SER K 199 25.86 25.05 -23.11
C SER K 199 26.24 24.34 -21.82
N ILE K 200 26.73 25.10 -20.86
CA ILE K 200 27.08 24.48 -19.62
C ILE K 200 26.46 25.37 -18.59
N ASP K 201 25.55 24.80 -17.80
CA ASP K 201 24.90 25.59 -16.78
C ASP K 201 25.81 25.60 -15.60
N ARG K 202 25.76 26.68 -14.83
CA ARG K 202 26.59 26.80 -13.64
C ARG K 202 25.75 27.40 -12.53
N LYS K 203 25.74 26.75 -11.37
CA LYS K 203 24.94 27.24 -10.26
C LYS K 203 25.05 28.74 -10.08
N HIS K 204 23.92 29.40 -9.86
CA HIS K 204 23.87 30.85 -9.63
C HIS K 204 24.46 31.76 -10.72
N LYS K 205 25.38 31.23 -11.51
CA LYS K 205 25.98 32.01 -12.60
C LYS K 205 24.98 31.94 -13.75
N ALA K 206 25.46 31.98 -14.98
CA ALA K 206 24.58 31.91 -16.13
C ALA K 206 25.23 30.98 -17.11
N ALA K 207 24.42 30.12 -17.73
CA ALA K 207 24.92 29.15 -18.70
C ALA K 207 26.02 29.75 -19.56
N VAL K 208 27.05 28.95 -19.82
CA VAL K 208 28.15 29.39 -20.64
C VAL K 208 28.17 28.49 -21.87
N GLN K 209 28.17 29.08 -23.05
CA GLN K 209 28.18 28.32 -24.30
C GLN K 209 29.60 28.17 -24.78
N ILE K 210 30.20 27.01 -24.53
CA ILE K 210 31.57 26.79 -24.93
C ILE K 210 31.72 25.53 -25.76
N LYS K 211 32.96 25.23 -26.16
CA LYS K 211 33.25 24.02 -26.93
C LYS K 211 33.65 22.92 -25.94
N ALA K 212 32.95 21.79 -26.01
CA ALA K 212 33.23 20.68 -25.13
C ALA K 212 34.66 20.26 -25.35
N PRO K 213 35.47 20.30 -24.29
CA PRO K 213 36.89 19.93 -24.35
C PRO K 213 37.06 18.45 -24.55
N PRO K 214 38.30 18.01 -24.79
CA PRO K 214 38.58 16.59 -25.00
C PRO K 214 38.22 15.76 -23.76
N LEU K 215 37.64 14.58 -24.00
CA LEU K 215 37.24 13.69 -22.90
C LEU K 215 38.03 12.41 -22.81
N LEU K 216 38.27 11.97 -21.58
CA LEU K 216 38.98 10.73 -21.31
C LEU K 216 38.07 9.82 -20.52
N VAL K 217 38.02 8.56 -20.91
CA VAL K 217 37.15 7.59 -20.23
C VAL K 217 37.79 6.23 -20.02
N THR K 218 37.74 5.75 -18.79
CA THR K 218 38.26 4.43 -18.47
C THR K 218 37.02 3.62 -18.16
N SER K 219 36.93 2.41 -18.70
CA SER K 219 35.73 1.60 -18.49
C SER K 219 35.97 0.11 -18.66
N ASN K 220 35.21 -0.70 -17.93
CA ASN K 220 35.33 -2.14 -18.02
C ASN K 220 34.50 -2.57 -19.21
N ILE K 221 33.68 -1.63 -19.66
CA ILE K 221 32.77 -1.87 -20.77
C ILE K 221 33.33 -1.41 -22.11
N ASP K 222 33.23 -2.26 -23.13
CA ASP K 222 33.71 -1.91 -24.46
C ASP K 222 32.54 -1.38 -25.29
N VAL K 223 32.24 -0.10 -25.14
CA VAL K 223 31.15 0.51 -25.89
C VAL K 223 31.14 0.11 -27.36
N GLN K 224 32.32 -0.10 -27.92
CA GLN K 224 32.48 -0.50 -29.32
C GLN K 224 31.79 -1.83 -29.66
N ALA K 225 31.78 -2.76 -28.70
CA ALA K 225 31.16 -4.07 -28.91
C ALA K 225 29.67 -4.01 -28.68
N GLU K 226 29.27 -3.51 -27.52
CA GLU K 226 27.85 -3.41 -27.20
C GLU K 226 27.11 -2.74 -28.36
N ASP K 227 25.91 -3.25 -28.65
CA ASP K 227 25.09 -2.73 -29.74
C ASP K 227 24.13 -1.60 -29.34
N ARG K 228 23.82 -1.52 -28.05
CA ARG K 228 22.92 -0.48 -27.56
C ARG K 228 23.58 0.89 -27.53
N TYR K 229 24.87 0.92 -27.82
CA TYR K 229 25.62 2.17 -27.82
C TYR K 229 26.03 2.50 -29.25
N LEU K 230 25.24 1.97 -30.18
CA LEU K 230 25.45 2.15 -31.62
C LEU K 230 25.82 3.57 -31.99
N TYR K 231 25.21 4.55 -31.33
CA TYR K 231 25.51 5.92 -31.68
C TYR K 231 26.75 6.52 -31.05
N LEU K 232 27.38 5.79 -30.14
CA LEU K 232 28.60 6.31 -29.55
C LEU K 232 29.77 5.85 -30.40
N HIS K 233 29.51 4.90 -31.31
CA HIS K 233 30.53 4.32 -32.18
C HIS K 233 31.33 5.33 -32.99
N SER K 234 30.62 6.31 -33.52
CA SER K 234 31.23 7.35 -34.33
C SER K 234 31.86 8.46 -33.47
N ARG K 235 32.01 8.22 -32.17
CA ARG K 235 32.56 9.23 -31.28
C ARG K 235 33.66 8.74 -30.38
N VAL K 236 33.56 7.49 -29.94
CA VAL K 236 34.52 6.91 -29.03
C VAL K 236 35.65 6.14 -29.70
N GLN K 237 36.88 6.48 -29.33
CA GLN K 237 38.06 5.83 -29.87
C GLN K 237 38.50 4.93 -28.72
N THR K 238 38.42 3.62 -28.91
CA THR K 238 38.76 2.69 -27.85
C THR K 238 40.22 2.20 -27.76
N PHE K 239 40.65 1.89 -26.54
CA PHE K 239 42.00 1.40 -26.26
C PHE K 239 42.03 0.15 -25.38
N ARG K 240 42.51 -0.95 -25.95
CA ARG K 240 42.60 -2.22 -25.25
C ARG K 240 43.76 -2.38 -24.27
N PHE K 241 43.45 -2.29 -22.98
CA PHE K 241 44.42 -2.45 -21.90
C PHE K 241 44.11 -3.78 -21.20
N GLU K 242 44.55 -4.88 -21.79
CA GLU K 242 44.29 -6.21 -21.23
C GLU K 242 45.31 -6.71 -20.22
N GLN K 243 46.56 -6.31 -20.39
CA GLN K 243 47.63 -6.78 -19.51
C GLN K 243 47.56 -6.25 -18.08
N PRO K 244 47.61 -7.17 -17.09
CA PRO K 244 47.57 -6.83 -15.66
C PRO K 244 48.78 -6.00 -15.26
N CYS K 245 48.79 -5.49 -14.03
CA CYS K 245 49.91 -4.70 -13.55
C CYS K 245 50.47 -5.26 -12.25
N THR K 246 50.65 -4.42 -11.24
CA THR K 246 51.19 -4.84 -9.94
C THR K 246 51.01 -6.35 -9.78
N ASP K 247 52.05 -7.10 -10.18
CA ASP K 247 52.04 -8.56 -10.15
C ASP K 247 52.35 -9.21 -8.80
N GLU K 248 53.62 -9.22 -8.41
CA GLU K 248 54.02 -9.82 -7.14
C GLU K 248 54.72 -8.83 -6.20
N SER K 249 54.17 -8.68 -5.00
CA SER K 249 54.69 -7.79 -3.95
C SER K 249 54.14 -6.36 -3.99
N GLY K 250 52.92 -6.20 -4.50
CA GLY K 250 52.29 -4.89 -4.57
C GLY K 250 53.04 -3.89 -5.43
N GLU K 251 54.33 -3.72 -5.16
CA GLU K 251 55.21 -2.81 -5.89
C GLU K 251 54.66 -2.44 -7.25
N GLN K 252 54.57 -1.14 -7.51
CA GLN K 252 54.05 -0.62 -8.77
C GLN K 252 55.06 -0.63 -9.91
N PRO K 253 54.95 -1.61 -10.84
CA PRO K 253 55.91 -1.63 -11.95
C PRO K 253 55.66 -0.45 -12.89
N PHE K 254 54.67 0.37 -12.55
CA PHE K 254 54.32 1.54 -13.35
C PHE K 254 53.87 2.71 -12.48
N ASN K 255 54.39 3.90 -12.80
CA ASN K 255 54.07 5.12 -12.07
C ASN K 255 54.34 6.35 -12.94
N ILE K 256 53.40 6.70 -13.80
CA ILE K 256 53.58 7.86 -14.67
C ILE K 256 53.46 9.13 -13.85
N THR K 257 54.30 10.14 -14.17
CA THR K 257 54.27 11.42 -13.45
C THR K 257 54.25 12.57 -14.46
N ASP K 258 54.16 13.79 -13.94
CA ASP K 258 54.13 14.96 -14.80
C ASP K 258 55.38 14.94 -15.70
N ALA K 259 56.54 14.81 -15.06
CA ALA K 259 57.80 14.77 -15.77
C ALA K 259 57.72 13.85 -16.99
N ASP K 260 57.28 12.62 -16.79
CA ASP K 260 57.15 11.67 -17.87
C ASP K 260 56.41 12.27 -19.04
N TRP K 261 55.26 12.90 -18.78
CA TRP K 261 54.48 13.51 -19.86
C TRP K 261 55.19 14.73 -20.43
N LYS K 262 55.96 15.42 -19.59
CA LYS K 262 56.69 16.59 -20.06
C LYS K 262 57.51 16.08 -21.23
N SER K 263 58.42 15.14 -20.94
CA SER K 263 59.26 14.52 -21.95
C SER K 263 58.42 14.17 -23.16
N PHE K 264 57.40 13.35 -22.92
CA PHE K 264 56.52 12.93 -23.98
C PHE K 264 56.19 14.07 -24.92
N PHE K 265 55.62 15.13 -24.38
CA PHE K 265 55.23 16.27 -25.18
C PHE K 265 56.39 17.02 -25.82
N VAL K 266 57.45 17.24 -25.06
CA VAL K 266 58.61 17.94 -25.57
C VAL K 266 59.19 17.22 -26.79
N ARG K 267 59.46 15.92 -26.64
CA ARG K 267 60.04 15.11 -27.71
C ARG K 267 59.10 14.75 -28.86
N LEU K 268 57.79 14.80 -28.60
CA LEU K 268 56.81 14.47 -29.64
C LEU K 268 56.04 15.70 -30.09
N TRP K 269 56.53 16.87 -29.71
CA TRP K 269 55.88 18.12 -30.08
C TRP K 269 55.67 18.21 -31.59
N GLY K 270 56.69 17.86 -32.36
CA GLY K 270 56.58 17.91 -33.80
C GLY K 270 55.47 17.04 -34.35
N ARG K 271 55.55 15.74 -34.09
CA ARG K 271 54.56 14.77 -34.57
C ARG K 271 53.11 15.04 -34.16
N LEU K 272 52.93 15.64 -32.99
CA LEU K 272 51.58 15.94 -32.49
C LEU K 272 50.98 17.18 -33.14
N ASP K 273 51.67 17.69 -34.15
CA ASP K 273 51.19 18.86 -34.88
C ASP K 273 50.85 19.99 -33.93
N LEU K 274 51.74 20.27 -32.98
CA LEU K 274 51.52 21.35 -32.03
C LEU K 274 52.27 22.62 -32.44
N THR L 5 39.69 52.82 20.15
CA THR L 5 38.64 53.73 20.67
C THR L 5 37.40 52.95 21.08
N GLU L 6 36.28 53.65 21.24
CA GLU L 6 35.02 53.03 21.62
C GLU L 6 34.38 52.45 20.36
N LYS L 7 35.20 52.28 19.31
CA LYS L 7 34.74 51.73 18.04
C LYS L 7 34.92 50.20 18.01
N PHE L 8 33.90 49.52 17.50
CA PHE L 8 33.90 48.07 17.41
C PHE L 8 34.89 47.47 16.40
N ASP L 9 35.77 46.61 16.89
CA ASP L 9 36.76 45.94 16.06
C ASP L 9 36.26 44.55 15.72
N PHE L 10 35.88 44.37 14.47
CA PHE L 10 35.37 43.08 13.99
C PHE L 10 36.36 41.97 14.20
N GLY L 11 37.54 42.14 13.62
CA GLY L 11 38.59 41.15 13.71
C GLY L 11 38.82 40.60 15.09
N THR L 12 38.45 41.37 16.11
CA THR L 12 38.61 40.91 17.48
C THR L 12 37.55 39.89 17.77
N MET L 13 36.32 40.19 17.39
CA MET L 13 35.21 39.26 17.60
C MET L 13 35.57 37.93 16.93
N VAL L 14 36.00 38.00 15.67
CA VAL L 14 36.39 36.81 14.92
C VAL L 14 37.42 36.01 15.71
N GLN L 15 38.49 36.67 16.15
CA GLN L 15 39.48 35.93 16.93
C GLN L 15 38.76 35.22 18.07
N TRP L 16 38.04 35.98 18.88
CA TRP L 16 37.28 35.44 19.99
C TRP L 16 36.50 34.21 19.57
N ALA L 17 35.55 34.38 18.65
CA ALA L 17 34.75 33.27 18.16
C ALA L 17 35.69 32.13 17.74
N TYR L 18 36.67 32.45 16.90
CA TYR L 18 37.60 31.43 16.47
C TYR L 18 38.25 30.71 17.64
N ASP L 19 38.65 31.44 18.67
CA ASP L 19 39.30 30.78 19.82
C ASP L 19 38.40 29.77 20.52
N HIS L 20 37.12 30.10 20.68
CA HIS L 20 36.17 29.21 21.32
C HIS L 20 35.55 28.24 20.32
N LYS L 21 36.06 28.24 19.11
CA LYS L 21 35.53 27.39 18.05
C LYS L 21 34.03 27.56 17.89
N TYR L 22 33.53 28.77 18.09
CA TYR L 22 32.12 29.07 17.94
C TYR L 22 31.91 29.38 16.48
N ALA L 23 31.08 28.60 15.80
CA ALA L 23 30.91 28.82 14.38
C ALA L 23 29.49 29.07 13.94
N GLU L 24 28.53 28.96 14.84
CA GLU L 24 27.18 29.21 14.38
C GLU L 24 26.63 30.52 14.92
N GLU L 25 26.13 31.33 14.00
CA GLU L 25 25.57 32.64 14.29
C GLU L 25 24.88 32.64 15.64
N SER L 26 23.77 31.92 15.72
CA SER L 26 23.03 31.79 16.96
C SER L 26 23.96 31.87 18.17
N LYS L 27 24.95 30.99 18.24
CA LYS L 27 25.83 31.03 19.40
C LYS L 27 26.65 32.32 19.48
N ILE L 28 27.58 32.49 18.52
CA ILE L 28 28.45 33.68 18.46
C ILE L 28 27.75 34.89 19.07
N ALA L 29 26.60 35.25 18.49
CA ALA L 29 25.82 36.38 18.97
C ALA L 29 25.63 36.23 20.46
N TYR L 30 24.76 35.30 20.84
CA TYR L 30 24.46 35.05 22.24
C TYR L 30 25.72 35.03 23.08
N GLU L 31 26.59 34.06 22.87
CA GLU L 31 27.78 33.98 23.69
C GLU L 31 28.55 35.29 23.81
N TYR L 32 28.61 36.07 22.74
CA TYR L 32 29.36 37.32 22.78
C TYR L 32 28.60 38.34 23.62
N ALA L 33 27.34 38.56 23.29
CA ALA L 33 26.53 39.50 24.04
C ALA L 33 26.63 39.19 25.53
N LEU L 34 27.08 38.00 25.89
CA LEU L 34 27.21 37.67 27.30
C LEU L 34 28.54 38.18 27.84
N ALA L 35 29.57 38.10 27.02
CA ALA L 35 30.88 38.57 27.41
C ALA L 35 30.91 40.09 27.41
N ALA L 36 29.77 40.70 27.09
CA ALA L 36 29.67 42.16 27.05
C ALA L 36 29.81 42.79 28.42
N GLY L 37 29.62 41.99 29.47
CA GLY L 37 29.76 42.52 30.81
C GLY L 37 31.20 42.94 31.07
N SER L 38 32.14 42.07 30.72
CA SER L 38 33.56 42.32 30.93
C SER L 38 34.41 42.36 29.66
N ASP L 39 33.93 43.05 28.63
CA ASP L 39 34.66 43.14 27.37
C ASP L 39 34.26 44.40 26.61
N SER L 40 35.19 45.34 26.50
CA SER L 40 34.94 46.59 25.81
C SER L 40 34.44 46.41 24.37
N ASN L 41 35.01 45.43 23.66
CA ASN L 41 34.63 45.18 22.26
C ASN L 41 33.23 44.62 22.11
N ALA L 42 32.90 43.63 22.94
CA ALA L 42 31.56 43.03 22.90
C ALA L 42 30.53 44.11 23.23
N ARG L 43 30.88 45.00 24.15
CA ARG L 43 29.98 46.09 24.53
C ARG L 43 29.88 47.04 23.31
N ALA L 44 30.98 47.16 22.58
CA ALA L 44 31.06 48.00 21.38
C ALA L 44 30.15 47.36 20.36
N PHE L 45 30.23 46.04 20.29
CA PHE L 45 29.42 45.27 19.36
C PHE L 45 27.94 45.58 19.58
N LEU L 46 27.44 45.37 20.80
CA LEU L 46 26.03 45.64 21.08
C LEU L 46 25.62 47.06 20.73
N ALA L 47 26.61 47.94 20.56
CA ALA L 47 26.35 49.33 20.23
C ALA L 47 26.15 49.53 18.73
N THR L 48 26.61 48.55 17.95
CA THR L 48 26.50 48.62 16.49
C THR L 48 25.07 48.59 16.03
N ASN L 49 24.80 49.34 14.97
CA ASN L 49 23.46 49.41 14.41
C ASN L 49 23.33 48.26 13.41
N SER L 50 24.38 47.44 13.34
CA SER L 50 24.39 46.30 12.42
C SER L 50 25.01 45.04 13.05
N GLN L 51 24.55 44.67 14.25
CA GLN L 51 25.07 43.49 14.93
C GLN L 51 24.88 42.32 13.98
N ALA L 52 23.66 42.22 13.47
CA ALA L 52 23.29 41.18 12.55
C ALA L 52 24.41 40.97 11.52
N LYS L 53 24.65 41.98 10.68
CA LYS L 53 25.69 41.85 9.66
C LYS L 53 26.96 41.28 10.24
N HIS L 54 27.33 41.70 11.45
CA HIS L 54 28.57 41.21 12.03
C HIS L 54 28.50 39.75 12.45
N VAL L 55 27.44 39.39 13.16
CA VAL L 55 27.25 38.02 13.61
C VAL L 55 27.44 37.12 12.42
N LYS L 56 26.68 37.39 11.37
CA LYS L 56 26.76 36.61 10.15
C LYS L 56 28.20 36.53 9.65
N ASP L 57 28.76 37.68 9.27
CA ASP L 57 30.12 37.70 8.77
C ASP L 57 31.11 37.05 9.74
N CYS L 58 30.93 37.27 11.04
CA CYS L 58 31.85 36.69 12.00
C CYS L 58 31.91 35.18 11.83
N ALA L 59 30.72 34.58 11.84
CA ALA L 59 30.55 33.17 11.66
C ALA L 59 31.25 32.80 10.36
N THR L 60 30.86 33.48 9.28
CA THR L 60 31.43 33.23 7.96
C THR L 60 32.95 33.17 8.05
N MET L 61 33.50 34.18 8.70
CA MET L 61 34.95 34.29 8.84
C MET L 61 35.50 33.08 9.61
N VAL L 62 34.84 32.76 10.72
CA VAL L 62 35.28 31.64 11.54
C VAL L 62 35.35 30.31 10.82
N ARG L 63 34.25 29.88 10.21
CA ARG L 63 34.30 28.61 9.52
C ARG L 63 35.44 28.61 8.51
N HIS L 64 35.63 29.75 7.84
CA HIS L 64 36.72 29.88 6.87
C HIS L 64 38.01 29.37 7.44
N TYR L 65 38.47 30.08 8.45
CA TYR L 65 39.71 29.72 9.13
C TYR L 65 39.67 28.25 9.51
N LEU L 66 38.49 27.79 9.94
CA LEU L 66 38.33 26.40 10.34
C LEU L 66 38.41 25.41 9.18
N ARG L 67 37.50 25.53 8.22
CA ARG L 67 37.54 24.61 7.10
C ARG L 67 38.94 24.59 6.51
N ALA L 68 39.53 25.77 6.34
CA ALA L 68 40.87 25.88 5.78
C ALA L 68 41.92 25.25 6.69
N GLU L 69 41.88 25.59 7.97
CA GLU L 69 42.83 25.05 8.94
C GLU L 69 42.87 23.52 8.82
N THR L 70 41.70 22.90 8.75
CA THR L 70 41.63 21.45 8.62
C THR L 70 42.43 21.09 7.40
N GLN L 71 41.87 21.37 6.23
CA GLN L 71 42.53 21.09 4.94
C GLN L 71 44.01 21.40 4.98
N ALA L 72 44.34 22.52 5.60
CA ALA L 72 45.72 22.98 5.73
C ALA L 72 46.71 21.93 6.22
N LEU L 73 46.73 21.69 7.54
CA LEU L 73 47.67 20.77 8.17
C LEU L 73 48.13 19.55 7.40
N SER L 74 49.06 18.83 8.02
CA SER L 74 49.60 17.60 7.46
C SER L 74 49.14 16.54 8.46
N MET L 75 48.90 15.32 8.00
CA MET L 75 48.42 14.28 8.90
C MET L 75 49.11 14.41 10.25
N PRO L 76 50.45 14.41 10.27
CA PRO L 76 51.19 14.53 11.52
C PRO L 76 50.75 15.79 12.24
N ALA L 77 50.76 16.90 11.53
CA ALA L 77 50.32 18.17 12.11
C ALA L 77 48.91 17.97 12.64
N TYR L 78 48.01 17.56 11.75
CA TYR L 78 46.60 17.32 12.10
C TYR L 78 46.44 16.45 13.34
N ILE L 79 46.90 15.21 13.24
CA ILE L 79 46.79 14.30 14.35
C ILE L 79 47.35 14.98 15.60
N LYS L 80 48.56 15.51 15.45
CA LYS L 80 49.22 16.21 16.56
C LYS L 80 48.28 17.22 17.18
N ALA L 81 47.61 17.98 16.33
CA ALA L 81 46.68 19.00 16.77
C ALA L 81 45.49 18.37 17.46
N ARG L 82 45.10 17.19 16.98
CA ARG L 82 43.96 16.49 17.53
C ARG L 82 44.24 15.91 18.91
N CYS L 83 45.51 15.79 19.25
CA CYS L 83 45.86 15.28 20.57
C CYS L 83 45.67 16.37 21.61
N LYS L 84 46.17 17.57 21.31
CA LYS L 84 46.03 18.69 22.25
C LYS L 84 44.57 18.82 22.70
N LEU L 85 43.64 18.51 21.80
CA LEU L 85 42.21 18.60 22.06
C LEU L 85 41.71 17.46 22.96
N ALA L 86 42.48 16.38 23.00
CA ALA L 86 42.11 15.23 23.82
C ALA L 86 42.38 15.54 25.27
N THR L 87 41.30 15.70 26.05
CA THR L 87 41.43 15.98 27.46
C THR L 87 41.04 14.75 28.25
N GLY L 88 41.56 14.65 29.46
CA GLY L 88 41.23 13.52 30.31
C GLY L 88 42.35 12.52 30.45
N GLU L 89 42.08 11.48 31.22
CA GLU L 89 43.08 10.46 31.45
C GLU L 89 42.61 9.12 30.90
N GLY L 90 43.50 8.48 30.14
CA GLY L 90 43.22 7.19 29.54
C GLY L 90 44.54 6.54 29.20
N SER L 91 44.52 5.42 28.49
CA SER L 91 45.76 4.73 28.12
C SER L 91 45.62 3.82 26.92
N TRP L 92 46.67 3.80 26.09
CA TRP L 92 46.67 2.99 24.88
C TRP L 92 46.42 1.53 25.21
N LYS L 93 46.63 1.16 26.47
CA LYS L 93 46.41 -0.21 26.88
C LYS L 93 44.93 -0.59 26.67
N SER L 94 44.02 0.34 26.99
CA SER L 94 42.59 0.10 26.80
C SER L 94 42.28 -0.36 25.38
N ILE L 95 42.98 0.20 24.41
CA ILE L 95 42.77 -0.16 23.02
C ILE L 95 43.44 -1.50 22.75
N LEU L 96 44.64 -1.69 23.28
CA LEU L 96 45.34 -2.95 23.08
C LEU L 96 44.46 -4.07 23.65
N THR L 97 44.03 -3.89 24.90
CA THR L 97 43.17 -4.86 25.56
C THR L 97 42.07 -5.32 24.62
N PHE L 98 41.26 -4.37 24.17
CA PHE L 98 40.17 -4.65 23.26
C PHE L 98 40.60 -5.48 22.04
N PHE L 99 41.55 -4.98 21.24
CA PHE L 99 41.99 -5.71 20.06
C PHE L 99 42.43 -7.12 20.39
N ASN L 100 43.09 -7.27 21.53
CA ASN L 100 43.52 -8.59 21.97
C ASN L 100 42.25 -9.40 22.23
N TYR L 101 41.34 -8.83 23.00
CA TYR L 101 40.08 -9.48 23.33
C TYR L 101 39.35 -9.98 22.08
N GLN L 102 39.54 -9.27 20.97
CA GLN L 102 38.90 -9.65 19.72
C GLN L 102 39.74 -10.62 18.93
N ASN L 103 40.84 -11.03 19.55
CA ASN L 103 41.79 -11.98 18.95
C ASN L 103 42.53 -11.42 17.75
N ILE L 104 42.98 -10.17 17.86
CA ILE L 104 43.74 -9.51 16.81
C ILE L 104 44.99 -8.88 17.39
N GLU L 105 46.12 -9.15 16.74
CA GLU L 105 47.41 -8.60 17.17
C GLU L 105 47.45 -7.11 16.86
N LEU L 106 47.56 -6.29 17.90
CA LEU L 106 47.59 -4.84 17.74
C LEU L 106 48.48 -4.42 16.57
N ILE L 107 49.65 -5.04 16.45
CA ILE L 107 50.54 -4.69 15.34
C ILE L 107 49.81 -4.78 14.01
N THR L 108 49.00 -5.82 13.81
CA THR L 108 48.27 -5.97 12.56
C THR L 108 47.45 -4.72 12.26
N PHE L 109 46.78 -4.21 13.28
CA PHE L 109 45.96 -3.01 13.18
C PHE L 109 46.83 -1.79 12.94
N ILE L 110 47.93 -1.72 13.68
CA ILE L 110 48.87 -0.62 13.57
C ILE L 110 49.43 -0.48 12.17
N ASN L 111 49.82 -1.61 11.56
CA ASN L 111 50.36 -1.59 10.21
C ASN L 111 49.31 -1.18 9.17
N ALA L 112 48.05 -1.49 9.45
CA ALA L 112 47.00 -1.14 8.50
C ALA L 112 46.68 0.32 8.72
N LEU L 113 46.64 0.72 9.99
CA LEU L 113 46.33 2.10 10.34
C LEU L 113 47.39 3.03 9.81
N LYS L 114 48.64 2.56 9.76
CA LYS L 114 49.72 3.39 9.24
C LYS L 114 49.38 3.83 7.82
N LEU L 115 49.32 2.86 6.90
CA LEU L 115 49.00 3.14 5.49
C LEU L 115 47.65 3.80 5.30
N TRP L 116 46.76 3.62 6.25
CA TRP L 116 45.44 4.23 6.17
C TRP L 116 45.58 5.73 6.28
N LEU L 117 46.22 6.17 7.34
CA LEU L 117 46.41 7.60 7.57
C LEU L 117 47.21 8.24 6.44
N LYS L 118 48.10 7.46 5.84
CA LYS L 118 48.89 7.94 4.73
C LYS L 118 47.94 8.12 3.57
N GLY L 119 46.85 7.38 3.58
CA GLY L 119 45.88 7.49 2.50
C GLY L 119 46.38 6.87 1.21
N ILE L 120 47.09 5.75 1.34
CA ILE L 120 47.66 5.04 0.21
C ILE L 120 46.68 4.16 -0.52
N PRO L 121 46.57 4.36 -1.84
CA PRO L 121 45.67 3.62 -2.75
C PRO L 121 45.38 2.18 -2.34
N LYS L 122 44.12 1.79 -2.46
CA LYS L 122 43.66 0.45 -2.13
C LYS L 122 43.70 0.10 -0.65
N LYS L 123 44.44 0.87 0.14
CA LYS L 123 44.51 0.62 1.57
C LYS L 123 43.96 1.85 2.29
N ASN L 124 43.11 2.58 1.56
CA ASN L 124 42.47 3.78 2.07
C ASN L 124 41.18 3.43 2.81
N CYS L 125 40.84 2.14 2.87
CA CYS L 125 39.61 1.75 3.55
C CYS L 125 39.69 0.63 4.57
N LEU L 126 39.13 0.89 5.75
CA LEU L 126 39.10 -0.08 6.84
C LEU L 126 37.67 -0.47 7.13
N ALA L 127 37.43 -1.77 7.14
CA ALA L 127 36.09 -2.26 7.43
C ALA L 127 36.18 -3.10 8.66
N PHE L 128 35.24 -2.89 9.57
CA PHE L 128 35.21 -3.66 10.79
C PHE L 128 33.95 -4.50 10.72
N ILE L 129 34.16 -5.76 10.39
CA ILE L 129 33.09 -6.72 10.21
C ILE L 129 32.93 -7.71 11.34
N GLY L 130 31.68 -7.93 11.73
CA GLY L 130 31.43 -8.87 12.79
C GLY L 130 29.95 -8.96 13.12
N PRO L 131 29.54 -9.93 13.97
CA PRO L 131 28.14 -10.06 14.35
C PRO L 131 27.75 -8.88 15.24
N PRO L 132 26.46 -8.57 15.34
CA PRO L 132 26.04 -7.44 16.17
C PRO L 132 26.52 -7.49 17.63
N ASN L 133 26.84 -6.33 18.18
CA ASN L 133 27.31 -6.21 19.55
C ASN L 133 28.75 -6.67 19.80
N THR L 134 29.65 -6.44 18.84
CA THR L 134 31.05 -6.83 19.02
C THR L 134 32.05 -5.64 19.12
N GLY L 135 31.51 -4.45 19.38
CA GLY L 135 32.33 -3.26 19.53
C GLY L 135 32.76 -2.53 18.26
N LYS L 136 32.21 -2.92 17.12
CA LYS L 136 32.58 -2.27 15.88
C LYS L 136 32.34 -0.76 15.86
N SER L 137 31.08 -0.36 15.85
CA SER L 137 30.73 1.06 15.85
C SER L 137 31.37 1.72 17.08
N MET L 138 31.53 0.93 18.13
CA MET L 138 32.13 1.37 19.39
C MET L 138 33.50 1.97 19.13
N LEU L 139 34.39 1.13 18.60
CA LEU L 139 35.75 1.53 18.28
C LEU L 139 35.69 2.60 17.20
N CYS L 140 35.31 2.20 16.00
CA CYS L 140 35.24 3.12 14.88
C CYS L 140 34.80 4.52 15.24
N ASN L 141 33.65 4.65 15.87
CA ASN L 141 33.20 5.97 16.24
C ASN L 141 34.23 6.67 17.13
N SER L 142 34.75 5.98 18.14
CA SER L 142 35.72 6.61 19.03
C SER L 142 36.97 7.08 18.28
N LEU L 143 37.46 6.29 17.33
CA LEU L 143 38.64 6.71 16.57
C LEU L 143 38.23 7.91 15.72
N ILE L 144 37.07 7.81 15.08
CA ILE L 144 36.60 8.91 14.28
C ILE L 144 36.48 10.16 15.14
N HIS L 145 35.89 10.03 16.31
CA HIS L 145 35.70 11.18 17.19
C HIS L 145 37.03 11.86 17.50
N PHE L 146 37.99 11.09 17.95
CA PHE L 146 39.30 11.65 18.26
C PHE L 146 39.84 12.39 17.06
N LEU L 147 39.74 11.76 15.90
CA LEU L 147 40.22 12.36 14.67
C LEU L 147 39.35 13.53 14.23
N GLY L 148 38.27 13.80 14.95
CA GLY L 148 37.42 14.89 14.55
C GLY L 148 36.91 14.64 13.14
N GLY L 149 36.63 13.38 12.84
CA GLY L 149 36.14 13.01 11.52
C GLY L 149 34.65 13.19 11.41
N SER L 150 34.11 13.04 10.21
CA SER L 150 32.68 13.17 10.01
C SER L 150 32.05 11.80 9.72
N VAL L 151 30.80 11.66 10.13
CA VAL L 151 30.03 10.44 9.97
C VAL L 151 29.08 10.57 8.81
N LEU L 152 29.15 9.67 7.84
CA LEU L 152 28.23 9.77 6.72
C LEU L 152 27.01 8.93 7.09
N SER L 153 25.82 9.34 6.66
CA SER L 153 24.61 8.59 6.99
C SER L 153 23.93 8.05 5.75
N PHE L 154 24.21 6.78 5.43
CA PHE L 154 23.66 6.13 4.26
C PHE L 154 22.15 6.19 4.08
N ALA L 155 21.44 6.70 5.07
CA ALA L 155 20.00 6.80 4.94
C ALA L 155 19.71 7.92 3.97
N ASN L 156 20.73 8.74 3.73
CA ASN L 156 20.56 9.89 2.85
C ASN L 156 21.21 9.73 1.50
N HIS L 157 21.68 8.53 1.18
CA HIS L 157 22.36 8.40 -0.10
C HIS L 157 21.44 8.69 -1.28
N LYS L 158 20.24 9.17 -1.00
CA LYS L 158 19.29 9.50 -2.05
C LYS L 158 19.84 10.70 -2.84
N SER L 159 20.22 11.78 -2.14
CA SER L 159 20.77 12.96 -2.81
C SER L 159 22.29 12.90 -2.70
N HIS L 160 22.98 13.11 -3.82
CA HIS L 160 24.45 13.05 -3.85
C HIS L 160 25.15 13.94 -2.82
N PHE L 161 24.37 14.78 -2.15
CA PHE L 161 24.92 15.65 -1.13
C PHE L 161 25.28 14.90 0.14
N TRP L 162 25.18 13.57 0.10
CA TRP L 162 25.51 12.81 1.29
C TRP L 162 27.01 12.63 1.44
N LEU L 163 27.75 13.04 0.42
CA LEU L 163 29.21 12.93 0.44
C LEU L 163 29.89 14.28 0.69
N ALA L 164 29.09 15.34 0.71
CA ALA L 164 29.57 16.70 0.92
C ALA L 164 30.64 16.81 1.98
N SER L 165 30.46 16.07 3.06
CA SER L 165 31.42 16.09 4.14
C SER L 165 32.81 15.69 3.64
N LEU L 166 32.89 14.77 2.69
CA LEU L 166 34.19 14.33 2.19
C LEU L 166 35.08 15.49 1.80
N ALA L 167 34.49 16.58 1.35
CA ALA L 167 35.29 17.72 0.95
C ALA L 167 35.83 18.50 2.16
N ASP L 168 35.70 17.95 3.37
CA ASP L 168 36.19 18.66 4.54
C ASP L 168 37.05 17.85 5.50
N THR L 169 36.45 16.84 6.13
CA THR L 169 37.16 16.00 7.10
C THR L 169 38.33 15.20 6.58
N ARG L 170 39.27 14.96 7.48
CA ARG L 170 40.46 14.20 7.15
C ARG L 170 40.15 12.69 7.17
N ALA L 171 39.02 12.34 7.78
CA ALA L 171 38.59 10.95 7.89
C ALA L 171 37.08 10.83 8.07
N ALA L 172 36.46 9.94 7.31
CA ALA L 172 35.02 9.73 7.41
C ALA L 172 34.72 8.30 7.79
N LEU L 173 33.49 8.08 8.22
CA LEU L 173 33.06 6.75 8.65
C LEU L 173 31.62 6.43 8.27
N VAL L 174 31.44 5.29 7.61
CA VAL L 174 30.11 4.85 7.26
C VAL L 174 29.77 3.73 8.25
N ASP L 175 28.84 4.02 9.15
CA ASP L 175 28.44 3.09 10.19
C ASP L 175 27.27 2.19 9.79
N ASP L 176 27.56 0.90 9.81
CA ASP L 176 26.57 -0.13 9.49
C ASP L 176 26.17 -0.17 8.03
N ALA L 177 27.11 -0.65 7.23
CA ALA L 177 26.93 -0.77 5.80
C ALA L 177 26.04 -1.97 5.54
N THR L 178 25.03 -1.78 4.71
CA THR L 178 24.14 -2.87 4.38
C THR L 178 24.60 -3.31 3.00
N HIS L 179 23.95 -4.30 2.41
CA HIS L 179 24.34 -4.72 1.08
C HIS L 179 24.17 -3.53 0.14
N ALA L 180 23.04 -2.86 0.25
CA ALA L 180 22.76 -1.69 -0.58
C ALA L 180 23.94 -0.70 -0.53
N CYS L 181 24.49 -0.48 0.65
CA CYS L 181 25.60 0.43 0.81
C CYS L 181 26.85 -0.05 0.06
N TRP L 182 27.27 -1.27 0.34
CA TRP L 182 28.43 -1.84 -0.35
C TRP L 182 28.20 -1.84 -1.84
N ARG L 183 26.97 -2.04 -2.28
CA ARG L 183 26.73 -2.01 -3.71
C ARG L 183 27.12 -0.59 -4.16
N TYR L 184 26.62 0.43 -3.43
CA TYR L 184 26.89 1.84 -3.73
C TYR L 184 28.38 2.11 -3.85
N PHE L 185 29.14 1.57 -2.90
CA PHE L 185 30.58 1.74 -2.88
C PHE L 185 31.21 1.14 -4.13
N ASP L 186 30.96 -0.14 -4.36
CA ASP L 186 31.47 -0.84 -5.53
C ASP L 186 31.11 -0.14 -6.84
N THR L 187 29.91 0.45 -6.89
CA THR L 187 29.44 1.12 -8.09
C THR L 187 29.98 2.52 -8.35
N TYR L 188 29.79 3.43 -7.39
CA TYR L 188 30.23 4.81 -7.56
C TYR L 188 31.60 5.22 -6.99
N LEU L 189 31.80 5.01 -5.70
CA LEU L 189 33.04 5.40 -5.01
C LEU L 189 34.31 4.60 -5.26
N ARG L 190 34.38 3.85 -6.34
CA ARG L 190 35.60 3.07 -6.60
C ARG L 190 36.83 3.95 -6.48
N ASN L 191 36.72 5.18 -6.93
CA ASN L 191 37.82 6.11 -6.86
C ASN L 191 38.16 6.44 -5.42
N ALA L 192 37.14 6.77 -4.65
CA ALA L 192 37.35 7.09 -3.25
C ALA L 192 38.25 6.02 -2.65
N LEU L 193 38.10 4.80 -3.16
CA LEU L 193 38.86 3.64 -2.71
C LEU L 193 40.22 3.46 -3.33
N ASP L 194 40.39 3.94 -4.56
CA ASP L 194 41.65 3.76 -5.27
C ASP L 194 42.68 4.88 -5.20
N GLY L 195 42.29 6.03 -4.66
CA GLY L 195 43.24 7.13 -4.56
C GLY L 195 43.02 8.22 -5.57
N TYR L 196 42.58 7.86 -6.78
CA TYR L 196 42.34 8.83 -7.83
C TYR L 196 41.32 9.86 -7.34
N PRO L 197 41.46 11.13 -7.77
CA PRO L 197 40.62 12.28 -7.41
C PRO L 197 39.13 12.13 -7.69
N VAL L 198 38.34 12.83 -6.88
CA VAL L 198 36.89 12.79 -7.00
C VAL L 198 36.25 14.18 -6.85
N SER L 199 35.08 14.33 -7.46
CA SER L 199 34.32 15.56 -7.40
C SER L 199 33.23 15.42 -6.37
N ILE L 200 33.28 16.25 -5.35
CA ILE L 200 32.29 16.22 -4.32
C ILE L 200 31.43 17.42 -4.48
N ASP L 201 30.13 17.21 -4.67
CA ASP L 201 29.25 18.34 -4.82
C ASP L 201 28.90 18.89 -3.45
N ARG L 202 28.88 20.21 -3.33
CA ARG L 202 28.50 20.84 -2.09
C ARG L 202 27.17 21.50 -2.44
N LYS L 203 26.38 21.89 -1.45
CA LYS L 203 25.10 22.52 -1.77
C LYS L 203 25.31 24.01 -2.04
N HIS L 204 24.69 24.53 -3.10
CA HIS L 204 24.80 25.95 -3.42
C HIS L 204 26.23 26.51 -3.55
N LYS L 205 27.18 25.65 -3.87
CA LYS L 205 28.56 26.08 -4.03
C LYS L 205 29.15 25.22 -5.14
N ALA L 206 29.90 25.83 -6.05
CA ALA L 206 30.49 25.09 -7.16
C ALA L 206 31.14 23.82 -6.63
N ALA L 207 30.84 22.68 -7.28
CA ALA L 207 31.41 21.39 -6.89
C ALA L 207 32.89 21.48 -6.54
N VAL L 208 33.48 20.35 -6.13
CA VAL L 208 34.88 20.35 -5.75
C VAL L 208 35.63 19.09 -6.10
N GLN L 209 36.79 19.25 -6.73
CA GLN L 209 37.63 18.12 -7.08
C GLN L 209 38.51 17.89 -5.88
N ILE L 210 38.52 16.67 -5.34
CA ILE L 210 39.32 16.37 -4.15
C ILE L 210 39.78 14.93 -4.07
N LYS L 211 40.55 14.59 -3.04
CA LYS L 211 41.00 13.20 -2.83
C LYS L 211 40.31 12.65 -1.58
N ALA L 212 39.44 11.66 -1.80
CA ALA L 212 38.70 11.01 -0.72
C ALA L 212 39.58 10.71 0.47
N PRO L 213 39.18 11.20 1.65
CA PRO L 213 39.96 10.95 2.88
C PRO L 213 39.88 9.48 3.26
N PRO L 214 40.57 9.09 4.32
CA PRO L 214 40.51 7.69 4.74
C PRO L 214 39.08 7.34 5.16
N LEU L 215 38.67 6.10 4.88
CA LEU L 215 37.32 5.66 5.24
C LEU L 215 37.27 4.51 6.23
N LEU L 216 36.33 4.62 7.17
CA LEU L 216 36.10 3.59 8.18
C LEU L 216 34.72 3.03 7.93
N VAL L 217 34.62 1.70 7.86
CA VAL L 217 33.31 1.07 7.63
C VAL L 217 33.03 -0.11 8.55
N THR L 218 31.88 -0.05 9.21
CA THR L 218 31.45 -1.13 10.08
C THR L 218 30.31 -1.83 9.33
N SER L 219 30.27 -3.16 9.40
CA SER L 219 29.22 -3.90 8.70
C SER L 219 29.07 -5.33 9.18
N ASN L 220 27.89 -5.88 8.96
CA ASN L 220 27.59 -7.25 9.34
C ASN L 220 27.98 -8.13 8.17
N ILE L 221 28.20 -7.48 7.03
CA ILE L 221 28.56 -8.15 5.79
C ILE L 221 30.05 -8.23 5.62
N ASP L 222 30.55 -9.40 5.21
CA ASP L 222 31.98 -9.57 4.97
C ASP L 222 32.26 -9.45 3.46
N VAL L 223 32.38 -8.22 2.96
CA VAL L 223 32.61 -8.02 1.54
C VAL L 223 33.72 -8.90 0.98
N GLN L 224 34.70 -9.22 1.82
CA GLN L 224 35.81 -10.06 1.40
C GLN L 224 35.34 -11.43 0.93
N ALA L 225 34.23 -11.91 1.51
CA ALA L 225 33.66 -13.23 1.20
C ALA L 225 32.65 -13.26 0.05
N GLU L 226 31.78 -12.26 -0.02
CA GLU L 226 30.78 -12.20 -1.08
C GLU L 226 31.50 -12.06 -2.43
N ASP L 227 30.94 -12.67 -3.47
CA ASP L 227 31.58 -12.62 -4.80
C ASP L 227 31.13 -11.43 -5.66
N ARG L 228 29.99 -10.84 -5.32
CA ARG L 228 29.47 -9.69 -6.05
C ARG L 228 30.22 -8.40 -5.67
N TYR L 229 31.20 -8.53 -4.77
CA TYR L 229 32.02 -7.42 -4.29
C TYR L 229 33.49 -7.66 -4.57
N LEU L 230 33.78 -8.30 -5.71
CA LEU L 230 35.15 -8.61 -6.09
C LEU L 230 36.09 -7.43 -5.93
N TYR L 231 35.81 -6.37 -6.68
CA TYR L 231 36.63 -5.16 -6.65
C TYR L 231 37.06 -4.78 -5.24
N LEU L 232 36.10 -4.79 -4.33
CA LEU L 232 36.35 -4.42 -2.93
C LEU L 232 37.34 -5.30 -2.14
N HIS L 233 37.58 -6.50 -2.62
CA HIS L 233 38.49 -7.41 -1.94
C HIS L 233 39.86 -6.82 -1.66
N SER L 234 40.53 -6.33 -2.69
CA SER L 234 41.87 -5.76 -2.53
C SER L 234 41.90 -4.34 -1.97
N ARG L 235 40.75 -3.69 -1.89
CA ARG L 235 40.71 -2.30 -1.41
C ARG L 235 40.07 -2.11 -0.05
N VAL L 236 39.84 -3.19 0.68
CA VAL L 236 39.24 -3.05 1.99
C VAL L 236 39.86 -3.92 3.08
N GLN L 237 40.74 -3.32 3.87
CA GLN L 237 41.37 -4.03 4.98
C GLN L 237 40.23 -4.31 5.95
N THR L 238 39.85 -5.57 6.06
CA THR L 238 38.76 -5.97 6.95
C THR L 238 39.24 -6.67 8.21
N PHE L 239 38.63 -6.33 9.33
CA PHE L 239 38.95 -6.91 10.62
C PHE L 239 37.69 -7.62 11.11
N ARG L 240 37.84 -8.76 11.76
CA ARG L 240 36.67 -9.51 12.24
C ARG L 240 36.51 -9.44 13.75
N PHE L 241 35.36 -8.96 14.20
CA PHE L 241 35.10 -8.89 15.64
C PHE L 241 34.05 -9.94 15.98
N GLU L 242 34.51 -11.16 16.22
CA GLU L 242 33.62 -12.27 16.55
C GLU L 242 33.20 -12.19 18.02
N GLN L 243 34.15 -11.86 18.88
CA GLN L 243 33.90 -11.78 20.30
C GLN L 243 32.82 -10.76 20.63
N PRO L 244 31.99 -11.05 21.63
CA PRO L 244 30.90 -10.21 22.10
C PRO L 244 31.34 -9.25 23.19
N CYS L 245 31.24 -7.95 22.92
CA CYS L 245 31.62 -6.93 23.87
C CYS L 245 30.34 -6.42 24.53
N THR L 246 29.29 -7.24 24.45
CA THR L 246 27.96 -6.92 24.96
C THR L 246 27.75 -6.74 26.46
N ASP L 247 28.72 -6.18 27.18
CA ASP L 247 28.51 -5.96 28.61
C ASP L 247 28.02 -4.53 28.86
N GLU L 248 27.64 -4.23 30.10
CA GLU L 248 27.14 -2.88 30.41
C GLU L 248 27.36 -2.47 31.86
N SER L 249 26.41 -1.71 32.39
CA SER L 249 26.45 -1.21 33.77
C SER L 249 27.44 -1.95 34.68
N GLY L 250 28.49 -1.25 35.11
CA GLY L 250 29.50 -1.85 35.96
C GLY L 250 30.52 -2.65 35.20
N GLU L 251 30.12 -3.83 34.73
CA GLU L 251 31.02 -4.72 33.99
C GLU L 251 31.30 -4.26 32.54
N GLN L 252 30.91 -3.03 32.21
CA GLN L 252 31.15 -2.49 30.86
C GLN L 252 32.65 -2.59 30.57
N PRO L 253 33.04 -3.60 29.77
CA PRO L 253 34.44 -3.83 29.43
C PRO L 253 35.06 -2.78 28.54
N PHE L 254 34.36 -2.37 27.49
CA PHE L 254 34.96 -1.42 26.58
C PHE L 254 34.32 -0.04 26.44
N ASN L 255 35.17 0.95 26.72
CA ASN L 255 34.84 2.36 26.68
C ASN L 255 36.09 3.07 26.22
N ILE L 256 36.25 3.23 24.90
CA ILE L 256 37.43 3.92 24.38
C ILE L 256 37.17 5.41 24.32
N THR L 257 38.10 6.22 24.81
CA THR L 257 37.89 7.67 24.77
C THR L 257 39.01 8.39 24.02
N ASP L 258 38.85 9.70 23.85
CA ASP L 258 39.85 10.50 23.16
C ASP L 258 41.18 10.22 23.84
N ALA L 259 41.18 10.35 25.17
CA ALA L 259 42.36 10.13 25.98
C ALA L 259 43.08 8.85 25.55
N ASP L 260 42.36 7.74 25.58
CA ASP L 260 42.95 6.47 25.19
C ASP L 260 43.68 6.67 23.86
N TRP L 261 42.95 7.04 22.82
CA TRP L 261 43.58 7.25 21.53
C TRP L 261 44.78 8.18 21.65
N LYS L 262 44.66 9.24 22.42
CA LYS L 262 45.80 10.13 22.56
C LYS L 262 46.98 9.23 22.84
N SER L 263 46.96 8.59 24.01
CA SER L 263 48.03 7.69 24.41
C SER L 263 48.43 6.81 23.26
N PHE L 264 47.43 6.24 22.59
CA PHE L 264 47.68 5.35 21.49
C PHE L 264 48.65 5.96 20.51
N PHE L 265 48.29 7.14 20.02
CA PHE L 265 49.10 7.83 19.05
C PHE L 265 50.43 8.28 19.61
N VAL L 266 50.40 9.03 20.70
CA VAL L 266 51.63 9.47 21.32
C VAL L 266 52.63 8.32 21.37
N ARG L 267 52.34 7.30 22.14
CA ARG L 267 53.26 6.17 22.27
C ARG L 267 53.58 5.45 20.96
N LEU L 268 52.66 5.48 19.99
CA LEU L 268 52.92 4.77 18.74
C LEU L 268 53.32 5.66 17.57
N TRP L 269 53.58 6.93 17.88
CA TRP L 269 53.95 7.89 16.87
C TRP L 269 55.02 7.41 15.88
N GLY L 270 56.10 6.86 16.41
CA GLY L 270 57.17 6.39 15.55
C GLY L 270 56.76 5.28 14.60
N ARG L 271 56.23 4.18 15.14
CA ARG L 271 55.83 3.04 14.34
C ARG L 271 54.84 3.42 13.24
N LEU L 272 53.95 4.37 13.53
CA LEU L 272 52.94 4.80 12.56
C LEU L 272 53.50 5.62 11.41
N ASP L 273 54.80 5.85 11.42
CA ASP L 273 55.48 6.62 10.39
C ASP L 273 54.92 8.04 10.31
N LEU L 274 54.81 8.70 11.46
CA LEU L 274 54.30 10.06 11.54
C LEU L 274 55.41 11.09 11.72
N SER M 2 23.73 66.26 26.91
CA SER M 2 22.58 67.15 26.61
C SER M 2 21.34 66.38 26.17
N LEU M 3 20.18 66.86 26.59
CA LEU M 3 18.90 66.24 26.28
C LEU M 3 18.63 66.03 24.80
N GLN M 4 19.41 66.66 23.93
CA GLN M 4 19.20 66.53 22.49
C GLN M 4 19.01 65.10 21.99
N THR M 5 17.96 64.93 21.17
CA THR M 5 17.58 63.64 20.56
C THR M 5 18.75 62.73 20.18
N GLU M 6 18.65 61.48 20.62
CA GLU M 6 19.69 60.47 20.35
C GLU M 6 19.33 59.58 19.15
N LYS M 7 20.31 59.36 18.28
CA LYS M 7 20.16 58.52 17.09
C LYS M 7 19.48 57.20 17.45
N PHE M 8 18.79 56.60 16.49
CA PHE M 8 18.10 55.33 16.73
C PHE M 8 19.07 54.28 17.19
N ASP M 9 18.87 53.76 18.39
CA ASP M 9 19.76 52.72 18.90
C ASP M 9 19.14 51.36 18.64
N PHE M 10 19.73 50.62 17.71
CA PHE M 10 19.26 49.29 17.34
C PHE M 10 19.23 48.38 18.56
N GLY M 11 20.38 48.27 19.22
CA GLY M 11 20.49 47.43 20.40
C GLY M 11 19.30 47.53 21.32
N THR M 12 18.85 48.75 21.58
CA THR M 12 17.72 48.97 22.46
C THR M 12 16.48 48.27 21.95
N MET M 13 16.17 48.45 20.66
CA MET M 13 15.00 47.82 20.08
C MET M 13 15.08 46.31 20.30
N VAL M 14 16.22 45.72 19.91
CA VAL M 14 16.40 44.29 20.10
C VAL M 14 16.01 43.99 21.53
N GLN M 15 16.76 44.55 22.50
CA GLN M 15 16.46 44.32 23.91
C GLN M 15 14.96 44.31 24.08
N TRP M 16 14.33 45.45 23.79
CA TRP M 16 12.89 45.57 23.90
C TRP M 16 12.25 44.30 23.37
N ALA M 17 12.42 44.05 22.07
CA ALA M 17 11.85 42.87 21.43
C ALA M 17 12.18 41.61 22.21
N TYR M 18 13.42 41.49 22.65
CA TYR M 18 13.84 40.32 23.41
C TYR M 18 13.04 40.21 24.70
N ASP M 19 12.91 41.30 25.44
CA ASP M 19 12.17 41.29 26.71
C ASP M 19 10.71 40.84 26.55
N HIS M 20 10.07 41.25 25.48
CA HIS M 20 8.69 40.86 25.26
C HIS M 20 8.64 39.52 24.53
N LYS M 21 9.81 38.99 24.21
CA LYS M 21 9.89 37.73 23.47
C LYS M 21 9.19 37.85 22.13
N TYR M 22 9.29 39.02 21.51
CA TYR M 22 8.68 39.25 20.20
C TYR M 22 9.74 38.83 19.19
N ALA M 23 9.44 37.80 18.40
CA ALA M 23 10.43 37.30 17.46
C ALA M 23 10.06 37.36 15.98
N GLU M 24 8.82 37.67 15.66
CA GLU M 24 8.45 37.74 14.25
C GLU M 24 8.26 39.17 13.79
N GLU M 25 8.91 39.48 12.67
CA GLU M 25 8.87 40.80 12.07
C GLU M 25 7.54 41.50 12.21
N SER M 26 6.53 40.97 11.55
CA SER M 26 5.19 41.54 11.60
C SER M 26 4.89 42.16 12.96
N LYS M 27 5.04 41.39 14.03
CA LYS M 27 4.77 41.94 15.34
C LYS M 27 5.77 43.05 15.67
N ILE M 28 7.00 42.68 16.05
CA ILE M 28 8.04 43.66 16.39
C ILE M 28 7.75 45.03 15.76
N ALA M 29 7.65 45.06 14.44
CA ALA M 29 7.37 46.30 13.74
C ALA M 29 6.14 46.98 14.34
N TYR M 30 5.01 46.32 14.22
CA TYR M 30 3.77 46.86 14.74
C TYR M 30 3.92 47.29 16.20
N GLU M 31 4.02 46.32 17.10
CA GLU M 31 4.14 46.62 18.52
C GLU M 31 5.06 47.77 18.88
N TYR M 32 6.22 47.87 18.22
CA TYR M 32 7.15 48.95 18.53
C TYR M 32 6.60 50.31 18.11
N ALA M 33 6.11 50.39 16.88
CA ALA M 33 5.54 51.64 16.39
C ALA M 33 4.45 52.14 17.34
N LEU M 34 3.88 51.23 18.12
CA LEU M 34 2.85 51.61 19.08
C LEU M 34 3.56 52.26 20.25
N ALA M 35 4.67 51.66 20.66
CA ALA M 35 5.49 52.17 21.77
C ALA M 35 6.13 53.51 21.41
N ALA M 36 5.91 53.97 20.19
CA ALA M 36 6.49 55.23 19.74
C ALA M 36 5.90 56.43 20.47
N GLY M 37 4.71 56.27 21.03
CA GLY M 37 4.07 57.37 21.74
C GLY M 37 4.85 57.75 22.99
N SER M 38 5.28 56.75 23.74
CA SER M 38 6.03 56.97 24.97
C SER M 38 7.42 56.31 24.99
N ASP M 39 8.17 56.49 23.90
CA ASP M 39 9.51 55.91 23.81
C ASP M 39 10.34 56.67 22.78
N SER M 40 11.38 57.36 23.25
CA SER M 40 12.25 58.16 22.39
C SER M 40 12.93 57.37 21.28
N ASN M 41 13.30 56.13 21.57
CA ASN M 41 13.95 55.26 20.59
C ASN M 41 12.99 54.78 19.53
N ALA M 42 11.80 54.36 19.93
CA ALA M 42 10.81 53.88 18.97
C ALA M 42 10.46 55.01 18.02
N ARG M 43 10.40 56.22 18.58
CA ARG M 43 10.07 57.38 17.76
C ARG M 43 11.23 57.61 16.79
N ALA M 44 12.45 57.38 17.28
CA ALA M 44 13.65 57.54 16.45
C ALA M 44 13.62 56.50 15.36
N PHE M 45 13.08 55.32 15.69
CA PHE M 45 12.96 54.21 14.75
C PHE M 45 12.10 54.67 13.59
N LEU M 46 10.86 55.06 13.90
CA LEU M 46 9.95 55.52 12.85
C LEU M 46 10.57 56.63 12.00
N ALA M 47 11.59 57.28 12.53
CA ALA M 47 12.25 58.36 11.82
C ALA M 47 13.32 57.84 10.86
N THR M 48 13.62 56.56 10.96
CA THR M 48 14.64 55.96 10.12
C THR M 48 14.13 55.72 8.71
N ASN M 49 15.03 55.90 7.75
CA ASN M 49 14.72 55.70 6.33
C ASN M 49 14.86 54.22 6.01
N SER M 50 15.21 53.43 7.03
CA SER M 50 15.38 51.99 6.87
C SER M 50 14.79 51.21 8.03
N GLN M 51 13.50 51.40 8.28
CA GLN M 51 12.81 50.69 9.37
C GLN M 51 12.86 49.21 9.00
N ALA M 52 12.49 48.93 7.75
CA ALA M 52 12.51 47.57 7.20
C ALA M 52 13.74 46.80 7.70
N LYS M 53 14.90 47.20 7.20
CA LYS M 53 16.16 46.55 7.57
C LYS M 53 16.22 46.31 9.07
N HIS M 54 15.74 47.25 9.87
CA HIS M 54 15.82 47.10 11.31
C HIS M 54 14.92 46.02 11.86
N VAL M 55 13.64 46.08 11.50
CA VAL M 55 12.67 45.09 11.95
C VAL M 55 13.23 43.71 11.63
N LYS M 56 13.60 43.51 10.37
CA LYS M 56 14.18 42.26 9.95
C LYS M 56 15.33 41.95 10.90
N ASP M 57 16.40 42.75 10.84
CA ASP M 57 17.54 42.51 11.70
C ASP M 57 17.16 42.38 13.18
N CYS M 58 16.16 43.13 13.60
CA CYS M 58 15.77 43.04 14.99
C CYS M 58 15.38 41.61 15.30
N ALA M 59 14.42 41.11 14.53
CA ALA M 59 13.91 39.76 14.69
C ALA M 59 15.09 38.80 14.64
N THR M 60 15.74 38.78 13.50
CA THR M 60 16.90 37.95 13.32
C THR M 60 17.70 37.90 14.63
N MET M 61 18.07 39.06 15.14
CA MET M 61 18.84 39.09 16.36
C MET M 61 18.10 38.54 17.58
N VAL M 62 16.78 38.70 17.62
CA VAL M 62 16.03 38.21 18.77
C VAL M 62 16.02 36.72 18.80
N ARG M 63 15.55 36.09 17.71
CA ARG M 63 15.50 34.64 17.63
C ARG M 63 16.88 34.10 17.95
N HIS M 64 17.89 34.73 17.37
CA HIS M 64 19.27 34.38 17.65
C HIS M 64 19.43 34.13 19.13
N TYR M 65 18.77 34.95 19.93
CA TYR M 65 18.86 34.83 21.38
C TYR M 65 17.93 33.76 21.91
N LEU M 66 16.64 33.91 21.65
CA LEU M 66 15.70 32.92 22.13
C LEU M 66 16.18 31.53 21.77
N ARG M 67 16.80 31.38 20.61
CA ARG M 67 17.25 30.07 20.20
C ARG M 67 18.41 29.53 21.03
N ALA M 68 19.55 30.22 21.01
CA ALA M 68 20.73 29.75 21.73
C ALA M 68 20.55 29.78 23.22
N GLU M 69 19.48 30.42 23.66
CA GLU M 69 19.16 30.49 25.08
C GLU M 69 18.77 29.08 25.47
N THR M 70 17.77 28.56 24.76
CA THR M 70 17.27 27.22 24.96
C THR M 70 18.37 26.20 24.71
N GLN M 71 19.01 26.29 23.55
CA GLN M 71 20.09 25.37 23.21
C GLN M 71 21.03 25.22 24.42
N ALA M 72 21.23 26.29 25.17
CA ALA M 72 22.12 26.25 26.32
C ALA M 72 21.66 25.34 27.46
N LEU M 73 20.35 25.20 27.65
CA LEU M 73 19.85 24.37 28.74
C LEU M 73 20.38 22.93 28.80
N SER M 74 20.05 22.28 29.89
CA SER M 74 20.43 20.89 30.12
C SER M 74 19.06 20.22 30.07
N MET M 75 19.04 18.89 29.96
CA MET M 75 17.78 18.15 29.91
C MET M 75 16.85 18.47 31.08
N PRO M 76 17.41 18.62 32.30
CA PRO M 76 16.61 18.92 33.48
C PRO M 76 16.01 20.30 33.34
N ALA M 77 16.91 21.29 33.40
CA ALA M 77 16.55 22.68 33.25
C ALA M 77 15.42 22.79 32.22
N TYR M 78 15.71 22.30 31.02
CA TYR M 78 14.77 22.30 29.92
C TYR M 78 13.38 21.86 30.39
N ILE M 79 13.33 20.78 31.17
CA ILE M 79 12.06 20.25 31.68
C ILE M 79 11.57 21.22 32.73
N LYS M 80 12.49 21.72 33.55
CA LYS M 80 12.13 22.68 34.58
C LYS M 80 11.46 23.85 33.88
N ALA M 81 12.04 24.24 32.75
CA ALA M 81 11.50 25.34 31.97
C ALA M 81 10.21 24.94 31.27
N ARG M 82 10.07 23.65 30.95
CA ARG M 82 8.84 23.22 30.28
C ARG M 82 7.65 23.18 31.24
N CYS M 83 7.94 23.27 32.53
CA CYS M 83 6.90 23.26 33.56
C CYS M 83 6.28 24.64 33.73
N LYS M 84 7.11 25.66 33.92
CA LYS M 84 6.59 27.00 34.06
C LYS M 84 5.55 27.26 32.97
N LEU M 85 5.90 26.84 31.74
CA LEU M 85 5.03 26.99 30.57
C LEU M 85 3.68 26.31 30.74
N ALA M 86 3.66 25.25 31.54
CA ALA M 86 2.44 24.49 31.78
C ALA M 86 1.45 25.27 32.62
N THR M 87 0.36 25.67 31.98
CA THR M 87 -0.68 26.43 32.66
C THR M 87 -1.89 25.53 32.85
N GLY M 88 -2.79 25.93 33.74
CA GLY M 88 -3.97 25.14 33.97
C GLY M 88 -3.80 24.23 35.18
N GLU M 89 -4.88 23.52 35.53
CA GLU M 89 -4.86 22.62 36.67
C GLU M 89 -5.16 21.17 36.27
N GLY M 90 -4.43 20.26 36.87
CA GLY M 90 -4.59 18.84 36.61
C GLY M 90 -3.83 18.12 37.70
N SER M 91 -3.53 16.83 37.51
CA SER M 91 -2.79 16.09 38.53
C SER M 91 -2.19 14.78 38.03
N TRP M 92 -1.01 14.44 38.52
CA TRP M 92 -0.31 13.22 38.11
C TRP M 92 -1.20 12.00 38.30
N LYS M 93 -2.16 12.12 39.19
CA LYS M 93 -3.08 11.02 39.42
C LYS M 93 -3.71 10.60 38.10
N SER M 94 -4.09 11.57 37.28
CA SER M 94 -4.70 11.27 35.98
C SER M 94 -3.82 10.34 35.15
N ILE M 95 -2.51 10.57 35.20
CA ILE M 95 -1.58 9.74 34.45
C ILE M 95 -1.57 8.36 35.05
N LEU M 96 -1.28 8.30 36.35
CA LEU M 96 -1.27 7.04 37.08
C LEU M 96 -2.54 6.27 36.71
N THR M 97 -3.70 6.82 37.03
CA THR M 97 -4.96 6.17 36.71
C THR M 97 -4.90 5.42 35.38
N PHE M 98 -4.53 6.13 34.32
CA PHE M 98 -4.47 5.58 32.96
C PHE M 98 -3.52 4.39 32.76
N PHE M 99 -2.29 4.53 33.26
CA PHE M 99 -1.35 3.45 33.14
C PHE M 99 -1.93 2.24 33.87
N ASN M 100 -2.45 2.50 35.07
CA ASN M 100 -3.08 1.45 35.87
C ASN M 100 -4.15 0.83 35.00
N TYR M 101 -4.96 1.68 34.38
CA TYR M 101 -6.04 1.22 33.52
C TYR M 101 -5.50 0.33 32.41
N GLN M 102 -4.29 0.58 31.97
CA GLN M 102 -3.75 -0.24 30.92
C GLN M 102 -3.09 -1.46 31.53
N ASN M 103 -3.27 -1.61 32.84
CA ASN M 103 -2.69 -2.73 33.58
C ASN M 103 -1.17 -2.63 33.59
N ILE M 104 -0.67 -1.42 33.85
CA ILE M 104 0.76 -1.17 33.92
C ILE M 104 1.08 -0.39 35.20
N GLU M 105 2.06 -0.88 35.96
CA GLU M 105 2.44 -0.21 37.20
C GLU M 105 3.27 1.03 36.91
N LEU M 106 2.79 2.18 37.39
CA LEU M 106 3.49 3.43 37.15
C LEU M 106 5.00 3.31 37.37
N ILE M 107 5.41 2.63 38.42
CA ILE M 107 6.83 2.50 38.68
C ILE M 107 7.59 1.92 37.48
N THR M 108 6.90 1.15 36.64
CA THR M 108 7.52 0.54 35.46
C THR M 108 7.80 1.62 34.43
N PHE M 109 6.77 2.40 34.14
CA PHE M 109 6.88 3.51 33.21
C PHE M 109 7.94 4.42 33.80
N ILE M 110 7.66 4.94 35.00
CA ILE M 110 8.60 5.82 35.65
C ILE M 110 10.06 5.37 35.53
N ASN M 111 10.32 4.09 35.75
CA ASN M 111 11.68 3.60 35.67
C ASN M 111 12.24 3.64 34.27
N ALA M 112 11.37 3.57 33.28
CA ALA M 112 11.82 3.63 31.89
C ALA M 112 12.07 5.10 31.56
N LEU M 113 11.08 5.92 31.90
CA LEU M 113 11.15 7.35 31.65
C LEU M 113 12.42 7.94 32.21
N LYS M 114 12.91 7.41 33.32
CA LYS M 114 14.12 7.94 33.89
C LYS M 114 15.29 7.81 32.92
N LEU M 115 15.56 6.59 32.46
CA LEU M 115 16.69 6.38 31.55
C LEU M 115 16.54 7.02 30.19
N TRP M 116 15.28 7.17 29.79
CA TRP M 116 14.96 7.75 28.51
C TRP M 116 15.43 9.20 28.48
N LEU M 117 14.82 10.05 29.30
CA LEU M 117 15.20 11.45 29.36
C LEU M 117 16.73 11.55 29.39
N LYS M 118 17.38 10.66 30.12
CA LYS M 118 18.83 10.67 30.18
C LYS M 118 19.42 10.14 28.87
N GLY M 119 18.55 9.82 27.92
CA GLY M 119 19.00 9.30 26.64
C GLY M 119 20.12 8.29 26.78
N ILE M 120 19.93 7.27 27.62
CA ILE M 120 20.97 6.27 27.77
C ILE M 120 20.88 5.28 26.61
N PRO M 121 22.04 4.91 26.06
CA PRO M 121 22.12 3.98 24.94
C PRO M 121 21.25 2.74 25.14
N LYS M 122 20.54 2.34 24.08
CA LYS M 122 19.65 1.18 24.08
C LYS M 122 18.40 1.39 24.90
N LYS M 123 18.41 2.43 25.74
CA LYS M 123 17.25 2.77 26.56
C LYS M 123 16.71 4.11 26.08
N ASN M 124 16.98 4.42 24.82
CA ASN M 124 16.58 5.69 24.24
C ASN M 124 15.31 5.62 23.40
N CYS M 125 14.58 4.50 23.45
CA CYS M 125 13.38 4.41 22.64
C CYS M 125 12.19 3.75 23.33
N LEU M 126 11.11 4.50 23.50
CA LEU M 126 9.91 3.98 24.17
C LEU M 126 8.75 3.79 23.24
N ALA M 127 8.43 2.53 22.96
CA ALA M 127 7.33 2.24 22.08
C ALA M 127 6.07 1.94 22.86
N PHE M 128 4.93 2.31 22.29
CA PHE M 128 3.64 2.07 22.89
C PHE M 128 2.89 1.34 21.81
N ILE M 129 2.77 0.05 22.00
CA ILE M 129 2.13 -0.81 21.04
C ILE M 129 0.81 -1.34 21.55
N GLY M 130 -0.15 -1.52 20.66
CA GLY M 130 -1.44 -2.04 21.07
C GLY M 130 -2.48 -2.02 19.96
N PRO M 131 -3.62 -2.72 20.12
CA PRO M 131 -4.62 -2.67 19.04
C PRO M 131 -5.15 -1.24 19.00
N PRO M 132 -5.83 -0.87 17.91
CA PRO M 132 -6.37 0.50 17.78
C PRO M 132 -7.30 0.99 18.89
N ASN M 133 -7.22 2.29 19.18
CA ASN M 133 -8.03 2.96 20.18
C ASN M 133 -7.74 2.58 21.61
N THR M 134 -6.47 2.49 21.96
CA THR M 134 -6.09 2.15 23.33
C THR M 134 -5.41 3.36 24.04
N GLY M 135 -5.49 4.53 23.40
CA GLY M 135 -4.89 5.75 23.93
C GLY M 135 -3.37 5.93 23.79
N LYS M 136 -2.78 5.28 22.79
CA LYS M 136 -1.34 5.37 22.57
C LYS M 136 -0.95 6.74 22.04
N SER M 137 -1.59 7.15 20.95
CA SER M 137 -1.30 8.45 20.34
C SER M 137 -1.72 9.49 21.36
N MET M 138 -2.77 9.18 22.10
CA MET M 138 -3.28 10.07 23.12
C MET M 138 -2.17 10.37 24.13
N LEU M 139 -1.65 9.35 24.76
CA LEU M 139 -0.62 9.56 25.76
C LEU M 139 0.58 10.25 25.14
N CYS M 140 1.23 9.57 24.20
CA CYS M 140 2.42 10.11 23.58
C CYS M 140 2.35 11.55 23.13
N ASN M 141 1.31 11.91 22.39
CA ASN M 141 1.18 13.28 21.92
C ASN M 141 1.24 14.21 23.12
N SER M 142 0.44 13.92 24.14
CA SER M 142 0.42 14.76 25.32
C SER M 142 1.78 14.96 25.99
N LEU M 143 2.58 13.91 26.13
CA LEU M 143 3.90 14.06 26.77
C LEU M 143 4.86 14.84 25.85
N ILE M 144 4.77 14.61 24.54
CA ILE M 144 5.64 15.30 23.61
C ILE M 144 5.29 16.76 23.64
N HIS M 145 3.99 17.07 23.62
CA HIS M 145 3.52 18.44 23.67
C HIS M 145 4.05 19.15 24.92
N PHE M 146 3.98 18.49 26.06
CA PHE M 146 4.48 19.09 27.28
C PHE M 146 5.98 19.34 27.20
N LEU M 147 6.72 18.39 26.65
CA LEU M 147 8.17 18.56 26.55
C LEU M 147 8.42 19.47 25.38
N GLY M 148 7.35 19.81 24.67
CA GLY M 148 7.48 20.66 23.51
C GLY M 148 8.51 20.07 22.59
N GLY M 149 8.23 18.88 22.08
CA GLY M 149 9.15 18.21 21.17
C GLY M 149 8.51 18.14 19.81
N SER M 150 9.21 17.58 18.82
CA SER M 150 8.62 17.51 17.49
C SER M 150 8.07 16.14 17.11
N VAL M 151 7.01 16.16 16.29
CA VAL M 151 6.36 14.93 15.83
C VAL M 151 6.69 14.62 14.38
N LEU M 152 7.48 13.59 14.14
CA LEU M 152 7.80 13.24 12.76
C LEU M 152 6.66 12.44 12.15
N SER M 153 6.28 12.82 10.95
CA SER M 153 5.24 12.11 10.24
C SER M 153 6.09 11.17 9.43
N PHE M 154 5.67 9.91 9.27
CA PHE M 154 6.51 9.04 8.48
C PHE M 154 6.06 8.90 7.03
N ALA M 155 5.07 9.68 6.64
CA ALA M 155 4.61 9.63 5.27
C ALA M 155 5.68 10.33 4.41
N ASN M 156 6.43 11.23 5.03
CA ASN M 156 7.48 11.98 4.32
C ASN M 156 8.62 11.06 3.88
N HIS M 157 8.98 10.13 4.77
CA HIS M 157 10.08 9.18 4.59
C HIS M 157 10.66 9.11 3.18
N LYS M 158 9.81 9.22 2.18
CA LYS M 158 10.27 9.23 0.81
C LYS M 158 11.45 10.21 0.75
N SER M 159 11.35 11.28 1.54
CA SER M 159 12.40 12.30 1.61
C SER M 159 13.18 12.14 2.92
N HIS M 160 14.47 11.88 2.81
CA HIS M 160 15.33 11.70 3.98
C HIS M 160 15.25 12.93 4.91
N PHE M 161 14.43 13.90 4.50
CA PHE M 161 14.23 15.12 5.25
C PHE M 161 13.18 15.00 6.35
N TRP M 162 12.45 13.89 6.36
CA TRP M 162 11.42 13.69 7.37
C TRP M 162 12.08 13.67 8.74
N LEU M 163 13.37 14.00 8.80
CA LEU M 163 14.05 13.98 10.07
C LEU M 163 14.85 15.20 10.49
N ALA M 164 14.76 16.30 9.76
CA ALA M 164 15.53 17.51 10.11
C ALA M 164 15.30 17.94 11.57
N SER M 165 14.09 17.67 12.04
CA SER M 165 13.68 18.00 13.39
C SER M 165 14.62 17.42 14.44
N LEU M 166 15.20 16.27 14.17
CA LEU M 166 16.06 15.66 15.15
C LEU M 166 17.31 16.47 15.50
N ALA M 167 17.51 17.60 14.84
CA ALA M 167 18.69 18.42 15.12
C ALA M 167 18.40 19.57 16.08
N ASP M 168 17.12 19.74 16.39
CA ASP M 168 16.66 20.79 17.28
C ASP M 168 16.06 20.23 18.55
N THR M 169 14.84 19.70 18.41
CA THR M 169 14.05 19.13 19.53
C THR M 169 14.78 18.29 20.53
N ARG M 170 14.21 18.23 21.73
CA ARG M 170 14.78 17.46 22.83
C ARG M 170 14.13 16.07 22.83
N ALA M 171 13.09 15.93 22.03
CA ALA M 171 12.39 14.67 21.96
C ALA M 171 11.41 14.66 20.80
N ALA M 172 11.41 13.58 20.05
CA ALA M 172 10.53 13.44 18.91
C ALA M 172 9.61 12.26 19.15
N LEU M 173 8.56 12.17 18.35
CA LEU M 173 7.59 11.10 18.48
C LEU M 173 7.08 10.69 17.11
N VAL M 174 7.42 9.48 16.69
CA VAL M 174 6.96 8.96 15.41
C VAL M 174 5.60 8.33 15.67
N ASP M 175 4.51 9.01 15.33
CA ASP M 175 3.21 8.42 15.61
C ASP M 175 2.81 7.35 14.59
N ASP M 176 2.19 6.29 15.09
CA ASP M 176 1.70 5.18 14.27
C ASP M 176 2.68 4.60 13.26
N ALA M 177 3.72 3.94 13.77
CA ALA M 177 4.72 3.32 12.91
C ALA M 177 4.16 2.09 12.20
N THR M 178 4.45 1.98 10.92
CA THR M 178 4.02 0.86 10.13
C THR M 178 5.22 -0.06 9.96
N HIS M 179 5.05 -1.15 9.22
CA HIS M 179 6.16 -2.07 9.01
C HIS M 179 7.25 -1.40 8.22
N ALA M 180 6.84 -0.58 7.25
CA ALA M 180 7.77 0.14 6.40
C ALA M 180 8.65 0.97 7.31
N CYS M 181 7.98 1.70 8.20
CA CYS M 181 8.64 2.58 9.15
C CYS M 181 9.63 1.88 10.05
N TRP M 182 9.23 0.77 10.65
CA TRP M 182 10.15 0.03 11.49
C TRP M 182 11.28 -0.45 10.61
N ARG M 183 10.95 -0.88 9.40
CA ARG M 183 12.01 -1.33 8.52
C ARG M 183 12.98 -0.16 8.45
N TYR M 184 12.45 1.03 8.18
CA TYR M 184 13.30 2.21 8.08
C TYR M 184 14.17 2.31 9.32
N PHE M 185 13.58 2.07 10.48
CA PHE M 185 14.35 2.15 11.71
C PHE M 185 15.46 1.10 11.71
N ASP M 186 15.07 -0.17 11.66
CA ASP M 186 16.05 -1.24 11.68
C ASP M 186 17.18 -1.06 10.67
N THR M 187 16.87 -0.45 9.54
CA THR M 187 17.88 -0.28 8.52
C THR M 187 18.83 0.89 8.78
N TYR M 188 18.27 2.08 8.81
CA TYR M 188 19.08 3.26 8.96
C TYR M 188 19.27 3.86 10.36
N LEU M 189 18.20 3.99 11.13
CA LEU M 189 18.26 4.59 12.46
C LEU M 189 18.88 3.81 13.62
N ARG M 190 19.69 2.80 13.32
CA ARG M 190 20.29 2.05 14.42
C ARG M 190 20.96 2.94 15.41
N ASN M 191 21.95 3.72 14.96
CA ASN M 191 22.69 4.66 15.80
C ASN M 191 21.74 5.46 16.67
N ALA M 192 20.65 5.92 16.07
CA ALA M 192 19.64 6.70 16.78
C ALA M 192 19.27 5.96 18.06
N LEU M 193 19.42 4.63 17.99
CA LEU M 193 19.09 3.76 19.11
C LEU M 193 20.29 3.37 19.98
N ASP M 194 21.42 3.10 19.36
CA ASP M 194 22.63 2.71 20.09
C ASP M 194 23.25 3.89 20.83
N GLY M 195 22.90 5.11 20.43
CA GLY M 195 23.43 6.30 21.09
C GLY M 195 24.66 6.92 20.44
N TYR M 196 25.01 6.46 19.24
CA TYR M 196 26.15 7.03 18.53
C TYR M 196 25.66 8.18 17.68
N PRO M 197 26.57 9.00 17.11
CA PRO M 197 26.17 10.13 16.28
C PRO M 197 25.51 9.73 14.98
N VAL M 198 24.60 10.58 14.49
CA VAL M 198 23.96 10.34 13.21
C VAL M 198 23.86 11.66 12.46
N SER M 199 24.18 11.63 11.18
CA SER M 199 24.11 12.82 10.33
C SER M 199 22.65 13.05 10.01
N ILE M 200 22.24 14.31 9.87
CA ILE M 200 20.86 14.60 9.55
C ILE M 200 20.82 15.71 8.51
N ASP M 201 20.06 15.50 7.44
CA ASP M 201 19.99 16.48 6.37
C ASP M 201 19.04 17.62 6.70
N ARG M 202 19.47 18.85 6.44
CA ARG M 202 18.66 20.02 6.68
C ARG M 202 18.47 20.74 5.35
N LYS M 203 17.23 21.03 5.00
CA LYS M 203 16.93 21.72 3.74
C LYS M 203 17.93 22.82 3.39
N HIS M 204 18.47 22.75 2.18
CA HIS M 204 19.41 23.75 1.72
C HIS M 204 20.62 23.98 2.62
N LYS M 205 20.70 23.32 3.77
CA LYS M 205 21.84 23.54 4.65
C LYS M 205 22.84 22.39 4.63
N ALA M 206 23.91 22.51 5.42
CA ALA M 206 24.94 21.48 5.49
C ALA M 206 24.66 20.45 6.59
N ALA M 207 24.34 19.22 6.19
CA ALA M 207 24.04 18.13 7.10
C ALA M 207 24.68 18.25 8.49
N VAL M 208 23.88 18.13 9.53
CA VAL M 208 24.38 18.23 10.89
C VAL M 208 24.63 16.87 11.51
N GLN M 209 25.76 16.76 12.19
CA GLN M 209 26.16 15.52 12.85
C GLN M 209 25.82 15.60 14.32
N ILE M 210 24.63 15.11 14.67
CA ILE M 210 24.17 15.13 16.06
C ILE M 210 23.89 13.74 16.66
N LYS M 211 23.70 13.73 17.99
CA LYS M 211 23.34 12.52 18.73
C LYS M 211 21.82 12.65 18.84
N ALA M 212 21.08 11.70 18.29
CA ALA M 212 19.61 11.75 18.31
C ALA M 212 18.97 11.69 19.69
N PRO M 213 17.96 12.54 19.91
CA PRO M 213 17.20 12.69 21.15
C PRO M 213 16.28 11.53 21.48
N PRO M 214 15.62 11.58 22.63
CA PRO M 214 14.71 10.52 23.03
C PRO M 214 13.57 10.38 22.02
N LEU M 215 13.33 9.14 21.60
CA LEU M 215 12.28 8.84 20.65
C LEU M 215 11.08 8.11 21.24
N LEU M 216 9.89 8.49 20.81
CA LEU M 216 8.65 7.85 21.26
C LEU M 216 7.97 7.31 20.03
N VAL M 217 7.54 6.06 20.08
CA VAL M 217 6.84 5.49 18.94
C VAL M 217 5.58 4.84 19.43
N THR M 218 4.51 4.98 18.67
CA THR M 218 3.28 4.29 19.01
C THR M 218 3.11 3.36 17.83
N SER M 219 2.58 2.15 18.02
CA SER M 219 2.46 1.25 16.88
C SER M 219 1.51 0.07 17.09
N ASN M 220 0.89 -0.42 16.02
CA ASN M 220 -0.01 -1.56 16.10
C ASN M 220 0.86 -2.78 15.98
N ILE M 221 2.12 -2.55 15.64
CA ILE M 221 3.06 -3.62 15.46
C ILE M 221 3.97 -3.84 16.66
N ASP M 222 3.93 -5.03 17.25
CA ASP M 222 4.81 -5.27 18.38
C ASP M 222 6.19 -5.60 17.82
N VAL M 223 7.08 -4.63 17.74
CA VAL M 223 8.40 -4.91 17.20
C VAL M 223 9.08 -6.01 17.97
N GLN M 224 8.85 -6.04 19.26
CA GLN M 224 9.47 -7.07 20.10
C GLN M 224 9.16 -8.48 19.55
N ALA M 225 7.93 -8.64 19.06
CA ALA M 225 7.42 -9.90 18.52
C ALA M 225 7.92 -10.32 17.15
N GLU M 226 7.93 -9.42 16.18
CA GLU M 226 8.40 -9.74 14.82
C GLU M 226 9.90 -10.09 14.78
N ASP M 227 10.23 -11.22 14.16
CA ASP M 227 11.63 -11.65 14.07
C ASP M 227 12.44 -10.76 13.19
N ARG M 228 11.79 -10.13 12.22
CA ARG M 228 12.51 -9.27 11.30
C ARG M 228 13.13 -8.03 11.90
N TYR M 229 12.66 -7.65 13.08
CA TYR M 229 13.19 -6.48 13.77
C TYR M 229 14.10 -6.92 14.91
N LEU M 230 14.73 -8.08 14.75
CA LEU M 230 15.57 -8.63 15.81
C LEU M 230 16.50 -7.62 16.47
N TYR M 231 17.07 -6.72 15.67
CA TYR M 231 17.97 -5.73 16.22
C TYR M 231 17.23 -4.86 17.25
N LEU M 232 16.06 -4.37 16.84
CA LEU M 232 15.23 -3.51 17.66
C LEU M 232 14.80 -4.06 19.01
N HIS M 233 14.83 -5.38 19.18
CA HIS M 233 14.38 -5.99 20.44
C HIS M 233 15.03 -5.40 21.68
N SER M 234 16.33 -5.55 21.77
CA SER M 234 17.02 -5.03 22.94
C SER M 234 17.14 -3.50 22.97
N ARG M 235 16.65 -2.83 21.94
CA ARG M 235 16.76 -1.37 21.85
C ARG M 235 15.48 -0.57 21.87
N VAL M 236 14.37 -1.19 22.27
CA VAL M 236 13.15 -0.42 22.31
C VAL M 236 12.25 -0.83 23.47
N GLN M 237 12.23 -0.06 24.55
CA GLN M 237 11.37 -0.39 25.66
C GLN M 237 9.90 -0.31 25.19
N THR M 238 9.20 -1.45 25.24
CA THR M 238 7.80 -1.53 24.81
C THR M 238 6.79 -1.59 25.95
N PHE M 239 5.63 -1.00 25.71
CA PHE M 239 4.56 -0.95 26.70
C PHE M 239 3.33 -1.38 25.91
N ARG M 240 2.54 -2.31 26.45
CA ARG M 240 1.34 -2.76 25.71
C ARG M 240 0.00 -2.22 26.22
N PHE M 241 -0.63 -1.39 25.40
CA PHE M 241 -1.93 -0.80 25.74
C PHE M 241 -2.98 -1.63 25.02
N GLU M 242 -3.59 -2.55 25.76
CA GLU M 242 -4.60 -3.45 25.19
C GLU M 242 -6.03 -3.02 25.59
N GLN M 243 -6.14 -2.29 26.70
CA GLN M 243 -7.44 -1.86 27.16
C GLN M 243 -8.00 -0.72 26.37
N PRO M 244 -9.16 -0.93 25.73
CA PRO M 244 -9.82 0.11 24.93
C PRO M 244 -10.14 1.31 25.81
N CYS M 245 -10.80 2.30 25.24
CA CYS M 245 -11.18 3.50 25.99
C CYS M 245 -12.10 4.38 25.16
N THR M 246 -11.98 4.26 23.83
CA THR M 246 -12.83 5.02 22.93
C THR M 246 -14.19 4.32 22.91
N ASP M 247 -15.07 4.68 23.85
CA ASP M 247 -16.39 4.07 23.96
C ASP M 247 -17.47 4.83 23.21
N GLU M 248 -18.34 4.08 22.52
CA GLU M 248 -19.44 4.66 21.75
C GLU M 248 -20.46 5.35 22.66
N SER M 249 -20.12 6.53 23.15
CA SER M 249 -21.02 7.30 24.03
C SER M 249 -20.93 8.79 23.77
N GLY M 250 -20.11 9.19 22.80
CA GLY M 250 -19.95 10.59 22.49
C GLY M 250 -19.14 11.30 23.57
N GLU M 251 -19.29 10.81 24.80
CA GLU M 251 -18.58 11.36 25.96
C GLU M 251 -17.07 11.43 25.73
N GLN M 252 -16.42 12.34 26.44
CA GLN M 252 -14.97 12.53 26.33
C GLN M 252 -14.20 11.59 27.25
N PRO M 253 -13.45 10.64 26.66
CA PRO M 253 -12.67 9.67 27.44
C PRO M 253 -11.48 10.30 28.17
N PHE M 254 -10.42 9.51 28.34
CA PHE M 254 -9.22 9.97 29.03
C PHE M 254 -8.40 10.99 28.23
N ASN M 255 -8.12 12.15 28.85
CA ASN M 255 -7.33 13.21 28.22
C ASN M 255 -6.28 13.73 29.20
N ILE M 256 -5.01 13.56 28.86
CA ILE M 256 -3.94 14.02 29.74
C ILE M 256 -3.49 15.38 29.27
N THR M 257 -3.30 16.32 30.19
CA THR M 257 -2.86 17.66 29.80
C THR M 257 -1.50 18.08 30.32
N ASP M 258 -1.01 19.22 29.84
CA ASP M 258 0.28 19.72 30.24
C ASP M 258 0.28 19.70 31.75
N ALA M 259 -0.79 20.23 32.32
CA ALA M 259 -0.97 20.30 33.77
C ALA M 259 -0.66 18.97 34.46
N ASP M 260 -1.30 17.91 33.97
CA ASP M 260 -1.12 16.56 34.51
C ASP M 260 0.36 16.17 34.51
N TRP M 261 1.04 16.39 33.39
CA TRP M 261 2.45 16.07 33.32
C TRP M 261 3.24 17.00 34.22
N LYS M 262 2.75 18.23 34.38
CA LYS M 262 3.44 19.16 35.25
C LYS M 262 3.50 18.47 36.60
N SER M 263 2.33 18.13 37.13
CA SER M 263 2.26 17.46 38.43
C SER M 263 3.25 16.32 38.41
N PHE M 264 3.04 15.42 37.46
CA PHE M 264 3.87 14.25 37.29
C PHE M 264 5.37 14.50 37.52
N PHE M 265 5.93 15.43 36.76
CA PHE M 265 7.35 15.73 36.88
C PHE M 265 7.69 16.37 38.19
N VAL M 266 6.85 17.30 38.63
CA VAL M 266 7.07 17.98 39.88
C VAL M 266 7.16 16.97 41.02
N ARG M 267 6.13 16.13 41.14
CA ARG M 267 6.06 15.13 42.21
C ARG M 267 7.03 13.95 42.06
N LEU M 268 7.45 13.66 40.84
CA LEU M 268 8.36 12.54 40.62
C LEU M 268 9.79 12.97 40.30
N TRP M 269 10.03 14.26 40.41
CA TRP M 269 11.35 14.81 40.12
C TRP M 269 12.47 14.11 40.88
N GLY M 270 12.16 13.62 42.07
CA GLY M 270 13.16 12.93 42.85
C GLY M 270 13.51 11.59 42.23
N ARG M 271 12.49 10.75 42.09
CA ARG M 271 12.66 9.42 41.52
C ARG M 271 13.25 9.43 40.11
N LEU M 272 12.89 10.43 39.30
CA LEU M 272 13.38 10.52 37.92
C LEU M 272 14.86 10.89 37.78
N ASP M 273 15.54 11.08 38.91
CA ASP M 273 16.95 11.45 38.93
C ASP M 273 17.23 12.67 38.07
N LEU M 274 16.44 13.71 38.29
CA LEU M 274 16.62 14.96 37.55
C LEU M 274 17.25 16.01 38.48
N THR N 5 15.59 71.96 5.52
CA THR N 5 15.85 71.03 4.39
C THR N 5 14.60 70.20 4.05
N GLU N 6 14.01 70.46 2.88
CA GLU N 6 12.80 69.75 2.46
C GLU N 6 13.12 68.41 1.77
N LYS N 7 13.81 67.54 2.50
CA LYS N 7 14.18 66.23 2.00
C LYS N 7 13.00 65.26 2.12
N PHE N 8 13.21 64.02 1.70
CA PHE N 8 12.16 63.01 1.74
C PHE N 8 12.11 62.25 3.06
N ASP N 9 10.91 62.15 3.63
CA ASP N 9 10.71 61.43 4.89
C ASP N 9 9.95 60.14 4.60
N PHE N 10 10.65 59.02 4.75
CA PHE N 10 10.09 57.70 4.51
C PHE N 10 8.87 57.47 5.38
N GLY N 11 9.07 57.55 6.69
CA GLY N 11 8.00 57.35 7.62
C GLY N 11 6.68 58.00 7.24
N THR N 12 6.73 59.12 6.53
CA THR N 12 5.53 59.84 6.10
C THR N 12 4.77 59.05 5.03
N MET N 13 5.52 58.56 4.05
CA MET N 13 4.96 57.76 2.97
C MET N 13 4.25 56.54 3.58
N VAL N 14 4.97 55.83 4.45
CA VAL N 14 4.44 54.67 5.14
C VAL N 14 3.08 55.05 5.72
N GLN N 15 3.07 56.03 6.61
CA GLN N 15 1.83 56.49 7.20
C GLN N 15 0.80 56.65 6.10
N TRP N 16 1.13 57.47 5.12
CA TRP N 16 0.22 57.69 4.00
C TRP N 16 -0.30 56.38 3.48
N ALA N 17 0.62 55.54 3.01
CA ALA N 17 0.30 54.22 2.49
C ALA N 17 -0.58 53.46 3.47
N TYR N 18 -0.17 53.43 4.73
CA TYR N 18 -0.93 52.74 5.74
C TYR N 18 -2.35 53.29 5.86
N ASP N 19 -2.50 54.60 5.83
CA ASP N 19 -3.82 55.21 5.97
C ASP N 19 -4.80 54.77 4.89
N HIS N 20 -4.31 54.71 3.66
CA HIS N 20 -5.12 54.30 2.51
C HIS N 20 -5.11 52.78 2.32
N LYS N 21 -4.57 52.08 3.30
CA LYS N 21 -4.48 50.62 3.25
C LYS N 21 -3.91 50.13 1.93
N TYR N 22 -2.95 50.89 1.40
CA TYR N 22 -2.27 50.54 0.16
C TYR N 22 -1.12 49.63 0.57
N ALA N 23 -1.20 48.36 0.17
CA ALA N 23 -0.17 47.43 0.58
C ALA N 23 0.69 46.88 -0.54
N GLU N 24 0.30 47.10 -1.79
CA GLU N 24 1.13 46.57 -2.86
C GLU N 24 1.97 47.65 -3.57
N GLU N 25 3.27 47.38 -3.67
CA GLU N 25 4.21 48.28 -4.33
C GLU N 25 3.53 48.99 -5.51
N SER N 26 3.26 48.25 -6.59
CA SER N 26 2.62 48.78 -7.79
C SER N 26 1.72 49.98 -7.52
N LYS N 27 0.76 49.82 -6.62
CA LYS N 27 -0.15 50.91 -6.30
C LYS N 27 0.56 52.01 -5.52
N ILE N 28 1.13 51.65 -4.38
CA ILE N 28 1.83 52.60 -3.55
C ILE N 28 2.57 53.60 -4.43
N ALA N 29 3.53 53.10 -5.19
CA ALA N 29 4.31 53.93 -6.10
C ALA N 29 3.46 54.84 -7.00
N TYR N 30 2.54 54.24 -7.74
CA TYR N 30 1.68 55.01 -8.63
C TYR N 30 0.87 56.03 -7.84
N GLU N 31 0.05 55.55 -6.92
CA GLU N 31 -0.80 56.43 -6.14
C GLU N 31 -0.06 57.61 -5.49
N TYR N 32 1.14 57.38 -4.98
CA TYR N 32 1.89 58.46 -4.36
C TYR N 32 2.33 59.47 -5.40
N ALA N 33 3.00 58.99 -6.44
CA ALA N 33 3.48 59.85 -7.51
C ALA N 33 2.38 60.79 -8.00
N LEU N 34 1.12 60.41 -7.77
CA LEU N 34 0.02 61.27 -8.19
C LEU N 34 -0.14 62.37 -7.17
N ALA N 35 -0.13 62.00 -5.90
CA ALA N 35 -0.25 62.97 -4.82
C ALA N 35 0.95 63.90 -4.84
N ALA N 36 1.83 63.70 -5.82
CA ALA N 36 3.03 64.52 -5.95
C ALA N 36 2.66 65.97 -6.30
N GLY N 37 1.48 66.15 -6.88
CA GLY N 37 1.06 67.49 -7.25
C GLY N 37 0.82 68.39 -6.06
N SER N 38 0.25 67.83 -5.00
CA SER N 38 -0.04 68.61 -3.79
C SER N 38 0.51 67.96 -2.52
N ASP N 39 1.78 67.58 -2.53
CA ASP N 39 2.42 66.95 -1.38
C ASP N 39 3.94 67.07 -1.45
N SER N 40 4.49 67.91 -0.58
CA SER N 40 5.94 68.11 -0.56
C SER N 40 6.74 66.82 -0.47
N ASN N 41 6.29 65.89 0.37
CA ASN N 41 7.01 64.62 0.56
C ASN N 41 6.99 63.70 -0.64
N ALA N 42 5.84 63.60 -1.28
CA ALA N 42 5.71 62.77 -2.46
C ALA N 42 6.60 63.37 -3.53
N ARG N 43 6.66 64.70 -3.56
CA ARG N 43 7.48 65.38 -4.57
C ARG N 43 8.95 65.08 -4.26
N ALA N 44 9.26 64.98 -2.97
CA ALA N 44 10.62 64.68 -2.51
C ALA N 44 10.94 63.25 -2.92
N PHE N 45 9.94 62.39 -2.78
CA PHE N 45 10.06 60.99 -3.14
C PHE N 45 10.54 60.84 -4.56
N LEU N 46 9.81 61.46 -5.49
CA LEU N 46 10.17 61.40 -6.90
C LEU N 46 11.57 61.96 -7.17
N ALA N 47 12.09 62.70 -6.21
CA ALA N 47 13.41 63.27 -6.37
C ALA N 47 14.45 62.27 -5.94
N THR N 48 14.04 61.31 -5.12
CA THR N 48 14.96 60.28 -4.62
C THR N 48 15.62 59.47 -5.72
N ASN N 49 16.89 59.14 -5.56
CA ASN N 49 17.59 58.35 -6.58
C ASN N 49 17.29 56.90 -6.35
N SER N 50 16.51 56.62 -5.30
CA SER N 50 16.13 55.26 -4.94
C SER N 50 14.64 55.12 -4.59
N GLN N 51 13.78 55.53 -5.51
CA GLN N 51 12.35 55.41 -5.30
C GLN N 51 12.09 53.94 -5.07
N ALA N 52 12.56 53.13 -6.02
CA ALA N 52 12.44 51.69 -5.97
C ALA N 52 12.54 51.20 -4.52
N LYS N 53 13.74 51.24 -3.96
CA LYS N 53 13.95 50.80 -2.58
C LYS N 53 12.82 51.27 -1.66
N HIS N 54 12.45 52.53 -1.77
CA HIS N 54 11.42 53.05 -0.91
C HIS N 54 10.08 52.38 -1.09
N VAL N 55 9.59 52.35 -2.33
CA VAL N 55 8.30 51.72 -2.63
C VAL N 55 8.33 50.34 -2.00
N LYS N 56 9.38 49.60 -2.32
CA LYS N 56 9.54 48.26 -1.79
C LYS N 56 9.32 48.34 -0.31
N ASP N 57 10.31 48.88 0.40
CA ASP N 57 10.26 49.03 1.86
C ASP N 57 8.98 49.64 2.39
N CYS N 58 8.44 50.60 1.65
CA CYS N 58 7.20 51.23 2.09
C CYS N 58 6.19 50.13 2.33
N ALA N 59 5.94 49.35 1.27
CA ALA N 59 4.99 48.24 1.31
C ALA N 59 5.33 47.28 2.44
N THR N 60 6.53 46.72 2.38
CA THR N 60 6.98 45.80 3.40
C THR N 60 6.50 46.30 4.74
N MET N 61 6.82 47.55 5.03
CA MET N 61 6.44 48.18 6.28
C MET N 61 4.92 48.23 6.52
N VAL N 62 4.18 48.51 5.46
CA VAL N 62 2.72 48.60 5.53
C VAL N 62 2.10 47.25 5.82
N ARG N 63 2.48 46.25 5.03
CA ARG N 63 1.94 44.92 5.22
C ARG N 63 2.38 44.41 6.59
N HIS N 64 3.54 44.86 7.04
CA HIS N 64 4.02 44.46 8.36
C HIS N 64 2.95 44.78 9.38
N TYR N 65 2.57 46.05 9.45
CA TYR N 65 1.55 46.50 10.39
C TYR N 65 0.26 45.74 10.15
N LEU N 66 -0.32 45.95 8.98
CA LEU N 66 -1.56 45.27 8.62
C LEU N 66 -1.69 43.86 9.18
N ARG N 67 -0.89 42.94 8.64
CA ARG N 67 -0.94 41.55 9.07
C ARG N 67 -0.83 41.45 10.59
N ALA N 68 -0.02 42.33 11.19
CA ALA N 68 0.15 42.31 12.63
C ALA N 68 -1.14 42.78 13.27
N GLU N 69 -1.79 43.72 12.60
CA GLU N 69 -3.05 44.30 13.05
C GLU N 69 -4.13 43.23 13.00
N THR N 70 -4.36 42.71 11.78
CA THR N 70 -5.37 41.67 11.56
C THR N 70 -5.25 40.51 12.55
N GLN N 71 -4.03 39.98 12.68
CA GLN N 71 -3.75 38.88 13.59
C GLN N 71 -4.15 39.19 15.02
N ALA N 72 -3.57 40.25 15.56
CA ALA N 72 -3.81 40.69 16.95
C ALA N 72 -5.25 41.06 17.32
N LEU N 73 -6.24 40.51 16.64
CA LEU N 73 -7.63 40.80 16.98
C LEU N 73 -8.43 39.56 17.36
N SER N 74 -9.46 39.76 18.20
CA SER N 74 -10.32 38.69 18.70
C SER N 74 -11.22 38.01 17.68
N MET N 75 -11.47 36.71 17.91
CA MET N 75 -12.30 35.88 17.04
C MET N 75 -13.61 36.53 16.61
N PRO N 76 -14.35 37.12 17.56
CA PRO N 76 -15.63 37.77 17.21
C PRO N 76 -15.37 39.05 16.40
N ALA N 77 -14.30 39.75 16.75
CA ALA N 77 -13.93 40.98 16.06
C ALA N 77 -13.72 40.75 14.56
N TYR N 78 -12.76 39.89 14.21
CA TYR N 78 -12.46 39.61 12.81
C TYR N 78 -13.73 39.41 12.01
N ILE N 79 -14.70 38.74 12.61
CA ILE N 79 -15.94 38.52 11.91
C ILE N 79 -16.70 39.84 11.76
N LYS N 80 -16.62 40.69 12.78
CA LYS N 80 -17.30 41.99 12.71
C LYS N 80 -16.60 42.99 11.81
N ALA N 81 -15.30 43.17 11.98
CA ALA N 81 -14.53 44.12 11.17
C ALA N 81 -14.93 43.96 9.72
N ARG N 82 -15.24 42.72 9.34
CA ARG N 82 -15.67 42.42 7.98
C ARG N 82 -17.18 42.58 7.86
N CYS N 83 -17.89 42.29 8.95
CA CYS N 83 -19.35 42.42 8.94
C CYS N 83 -19.73 43.86 8.66
N LYS N 84 -18.75 44.76 8.73
CA LYS N 84 -18.95 46.19 8.48
C LYS N 84 -18.57 46.52 7.02
N LEU N 85 -18.17 45.51 6.26
CA LEU N 85 -17.77 45.73 4.88
C LEU N 85 -18.84 45.91 3.79
N ALA N 86 -18.40 46.61 2.75
CA ALA N 86 -19.17 47.01 1.56
C ALA N 86 -20.37 46.21 1.04
N THR N 87 -20.22 44.91 0.82
CA THR N 87 -21.33 44.13 0.30
C THR N 87 -22.66 44.48 0.96
N GLY N 88 -23.50 45.23 0.25
CA GLY N 88 -24.79 45.63 0.80
C GLY N 88 -25.98 45.28 -0.08
N GLU N 89 -26.48 44.06 0.05
CA GLU N 89 -27.62 43.62 -0.76
C GLU N 89 -28.51 42.68 0.05
N GLY N 90 -28.83 41.53 -0.55
CA GLY N 90 -29.68 40.54 0.09
C GLY N 90 -29.49 40.40 1.60
N SER N 91 -30.56 39.99 2.29
CA SER N 91 -30.53 39.82 3.74
C SER N 91 -30.31 38.37 4.17
N TRP N 92 -30.29 38.15 5.49
CA TRP N 92 -30.07 36.81 6.04
C TRP N 92 -31.12 35.87 5.48
N LYS N 93 -32.34 36.36 5.33
CA LYS N 93 -33.44 35.57 4.80
C LYS N 93 -32.94 34.78 3.59
N SER N 94 -31.94 35.34 2.91
CA SER N 94 -31.34 34.70 1.74
C SER N 94 -30.97 33.25 2.07
N ILE N 95 -30.18 33.07 3.11
CA ILE N 95 -29.77 31.73 3.53
C ILE N 95 -30.98 30.83 3.79
N LEU N 96 -31.75 31.18 4.81
CA LEU N 96 -32.94 30.40 5.22
C LEU N 96 -33.75 29.76 4.10
N THR N 97 -34.13 30.54 3.10
CA THR N 97 -34.92 30.01 1.99
C THR N 97 -34.33 28.72 1.42
N PHE N 98 -33.01 28.58 1.53
CA PHE N 98 -32.33 27.39 1.02
C PHE N 98 -32.33 26.20 1.99
N PHE N 99 -31.88 26.45 3.22
CA PHE N 99 -31.80 25.42 4.26
C PHE N 99 -33.15 24.77 4.58
N ASN N 100 -34.20 25.57 4.65
CA ASN N 100 -35.54 25.05 4.95
C ASN N 100 -36.04 24.18 3.79
N TYR N 101 -35.32 24.25 2.68
CA TYR N 101 -35.63 23.49 1.47
C TYR N 101 -35.04 22.09 1.57
N GLN N 102 -33.93 21.99 2.30
CA GLN N 102 -33.21 20.74 2.52
C GLN N 102 -33.86 19.97 3.65
N ASN N 103 -35.03 20.44 4.07
CA ASN N 103 -35.78 19.81 5.16
C ASN N 103 -34.94 19.90 6.42
N ILE N 104 -34.37 21.08 6.64
CA ILE N 104 -33.52 21.35 7.80
C ILE N 104 -34.00 22.55 8.58
N GLU N 105 -34.25 22.34 9.87
CA GLU N 105 -34.70 23.42 10.73
C GLU N 105 -33.48 24.35 10.92
N LEU N 106 -33.56 25.55 10.37
CA LEU N 106 -32.46 26.51 10.44
C LEU N 106 -31.90 26.71 11.84
N ILE N 107 -32.73 26.53 12.86
CA ILE N 107 -32.27 26.71 14.24
C ILE N 107 -31.22 25.65 14.59
N THR N 108 -30.93 24.77 13.64
CA THR N 108 -29.92 23.73 13.85
C THR N 108 -28.57 24.26 13.40
N PHE N 109 -28.44 24.49 12.10
CA PHE N 109 -27.20 25.00 11.52
C PHE N 109 -26.63 26.18 12.31
N ILE N 110 -27.48 27.15 12.62
CA ILE N 110 -27.06 28.32 13.39
C ILE N 110 -26.48 27.86 14.72
N ASN N 111 -27.32 27.30 15.57
CA ASN N 111 -26.90 26.81 16.88
C ASN N 111 -25.64 25.94 16.75
N ALA N 112 -25.41 25.41 15.55
CA ALA N 112 -24.25 24.56 15.27
C ALA N 112 -23.04 25.44 15.04
N LEU N 113 -23.13 26.28 14.01
CA LEU N 113 -22.05 27.20 13.66
C LEU N 113 -21.51 27.88 14.91
N LYS N 114 -22.38 28.01 15.91
CA LYS N 114 -22.09 28.62 17.20
C LYS N 114 -20.73 28.17 17.70
N LEU N 115 -20.66 26.90 18.08
CA LEU N 115 -19.45 26.30 18.61
C LEU N 115 -18.34 26.32 17.56
N TRP N 116 -18.65 25.81 16.38
CA TRP N 116 -17.70 25.76 15.27
C TRP N 116 -16.81 27.01 15.18
N LEU N 117 -17.44 28.18 14.98
CA LEU N 117 -16.70 29.43 14.90
C LEU N 117 -15.77 29.53 16.09
N LYS N 118 -16.35 29.53 17.29
CA LYS N 118 -15.59 29.62 18.53
C LYS N 118 -14.53 28.53 18.59
N GLY N 119 -14.55 27.63 17.61
CA GLY N 119 -13.56 26.56 17.54
C GLY N 119 -13.57 25.58 18.70
N ILE N 120 -14.67 25.53 19.44
CA ILE N 120 -14.77 24.63 20.59
C ILE N 120 -14.39 23.21 20.20
N PRO N 121 -13.70 22.49 21.08
CA PRO N 121 -13.28 21.12 20.82
C PRO N 121 -14.45 20.17 20.48
N LYS N 122 -14.23 19.30 19.52
CA LYS N 122 -15.23 18.32 19.10
C LYS N 122 -16.44 18.85 18.33
N LYS N 123 -16.44 20.13 18.03
CA LYS N 123 -17.55 20.71 17.28
C LYS N 123 -16.95 21.78 16.38
N ASN N 124 -15.67 21.56 16.06
CA ASN N 124 -14.85 22.42 15.22
C ASN N 124 -14.89 21.94 13.78
N CYS N 125 -15.78 21.00 13.49
CA CYS N 125 -15.90 20.48 12.12
C CYS N 125 -17.34 20.22 11.72
N LEU N 126 -17.70 20.68 10.52
CA LEU N 126 -19.06 20.50 10.00
C LEU N 126 -18.93 19.87 8.62
N ALA N 127 -19.58 18.73 8.41
CA ALA N 127 -19.52 18.01 7.13
C ALA N 127 -20.88 17.88 6.46
N PHE N 128 -21.19 18.84 5.59
CA PHE N 128 -22.44 18.87 4.87
C PHE N 128 -22.61 17.74 3.86
N ILE N 129 -22.79 16.54 4.41
CA ILE N 129 -22.97 15.31 3.65
C ILE N 129 -24.19 15.40 2.75
N GLY N 130 -24.25 14.53 1.74
CA GLY N 130 -25.40 14.55 0.84
C GLY N 130 -25.21 13.75 -0.44
N PRO N 131 -26.21 13.75 -1.32
CA PRO N 131 -26.11 13.02 -2.59
C PRO N 131 -25.36 13.86 -3.61
N PRO N 132 -25.09 13.28 -4.80
CA PRO N 132 -24.36 14.00 -5.85
C PRO N 132 -25.11 15.19 -6.44
N ASN N 133 -24.47 16.36 -6.40
CA ASN N 133 -25.06 17.61 -6.91
C ASN N 133 -26.31 17.98 -6.13
N THR N 134 -26.44 17.36 -4.97
CA THR N 134 -27.59 17.57 -4.13
C THR N 134 -27.34 18.87 -3.42
N GLY N 135 -26.64 19.75 -4.11
CA GLY N 135 -26.33 21.03 -3.54
C GLY N 135 -25.70 20.84 -2.19
N LYS N 136 -24.89 19.78 -2.02
CA LYS N 136 -24.22 19.54 -0.75
C LYS N 136 -23.41 20.82 -0.47
N SER N 137 -24.15 21.87 -0.14
CA SER N 137 -23.62 23.18 0.18
C SER N 137 -22.33 23.57 -0.54
N MET N 138 -22.20 23.30 -1.84
CA MET N 138 -20.98 23.71 -2.56
C MET N 138 -21.13 25.20 -2.69
N LEU N 139 -22.37 25.64 -2.48
CA LEU N 139 -22.71 27.05 -2.53
C LEU N 139 -22.67 27.55 -1.08
N CYS N 140 -23.15 26.74 -0.13
CA CYS N 140 -23.11 27.22 1.24
C CYS N 140 -21.73 27.22 1.81
N ASN N 141 -21.32 26.09 2.39
CA ASN N 141 -20.02 25.93 3.03
C ASN N 141 -18.88 26.67 2.31
N SER N 142 -18.97 26.77 0.99
CA SER N 142 -17.95 27.43 0.19
C SER N 142 -18.47 28.81 -0.13
N LEU N 143 -18.81 29.55 0.92
CA LEU N 143 -19.28 30.92 0.76
C LEU N 143 -19.08 31.67 2.07
N ILE N 144 -19.27 30.97 3.20
CA ILE N 144 -19.05 31.59 4.53
C ILE N 144 -17.53 31.61 4.58
N HIS N 145 -16.96 31.12 3.48
CA HIS N 145 -15.53 31.03 3.25
C HIS N 145 -15.05 32.37 2.74
N PHE N 146 -15.89 33.02 1.92
CA PHE N 146 -15.56 34.29 1.30
C PHE N 146 -15.28 35.44 2.25
N LEU N 147 -15.25 35.13 3.55
CA LEU N 147 -14.96 36.14 4.56
C LEU N 147 -13.61 35.87 5.20
N GLY N 148 -13.37 34.62 5.61
CA GLY N 148 -12.09 34.30 6.23
C GLY N 148 -11.11 33.51 5.38
N GLY N 149 -10.59 32.42 5.95
CA GLY N 149 -9.61 31.57 5.29
C GLY N 149 -9.99 31.04 3.92
N SER N 150 -9.51 29.84 3.57
CA SER N 150 -9.81 29.29 2.25
C SER N 150 -10.06 27.79 2.06
N VAL N 151 -10.55 27.48 0.85
CA VAL N 151 -10.91 26.14 0.37
C VAL N 151 -9.76 25.13 0.30
N LEU N 152 -10.06 23.95 -0.26
CA LEU N 152 -9.09 22.86 -0.39
C LEU N 152 -9.73 21.66 -1.08
N SER N 153 -9.44 21.46 -2.36
CA SER N 153 -9.98 20.30 -3.08
C SER N 153 -8.81 19.32 -3.17
N PHE N 154 -8.26 19.04 -2.00
CA PHE N 154 -7.10 18.16 -1.80
C PHE N 154 -7.29 16.69 -2.14
N ALA N 155 -8.24 16.06 -1.46
CA ALA N 155 -8.58 14.65 -1.63
C ALA N 155 -8.15 13.96 -2.92
N ASN N 156 -8.51 14.53 -4.07
CA ASN N 156 -8.18 13.93 -5.37
C ASN N 156 -6.86 13.17 -5.31
N HIS N 157 -5.96 13.67 -4.49
CA HIS N 157 -4.67 13.05 -4.27
C HIS N 157 -4.03 13.73 -3.08
N LYS N 158 -3.98 13.01 -1.97
CA LYS N 158 -3.38 13.54 -0.75
C LYS N 158 -1.87 13.37 -0.95
N SER N 159 -1.50 12.71 -2.04
CA SER N 159 -0.09 12.46 -2.38
C SER N 159 0.69 13.77 -2.48
N HIS N 160 -0.03 14.87 -2.65
CA HIS N 160 0.61 16.19 -2.72
C HIS N 160 0.84 16.57 -1.27
N PHE N 161 2.11 16.64 -0.87
CA PHE N 161 2.43 16.94 0.51
C PHE N 161 2.25 18.35 1.03
N TRP N 162 1.46 19.17 0.34
CA TRP N 162 1.26 20.53 0.80
C TRP N 162 -0.22 20.81 1.05
N LEU N 163 -0.75 20.17 2.09
CA LEU N 163 -2.15 20.32 2.47
C LEU N 163 -2.37 21.62 3.21
N ALA N 164 -2.41 21.52 4.54
CA ALA N 164 -2.64 22.67 5.39
C ALA N 164 -1.43 23.61 5.43
N SER N 165 -0.64 23.63 4.36
CA SER N 165 0.53 24.51 4.30
C SER N 165 0.01 25.90 4.61
N LEU N 166 -1.33 26.01 4.59
CA LEU N 166 -2.05 27.24 4.86
C LEU N 166 -2.19 27.48 6.37
N ALA N 167 -1.70 28.62 6.79
CA ALA N 167 -1.75 29.02 8.19
C ALA N 167 -1.77 30.55 8.23
N ASP N 168 -1.90 31.09 9.44
CA ASP N 168 -1.94 32.54 9.59
C ASP N 168 -3.22 33.06 8.95
N THR N 169 -4.23 32.20 8.97
CA THR N 169 -5.57 32.49 8.44
C THR N 169 -6.55 31.83 9.40
N ARG N 170 -7.76 32.38 9.50
CA ARG N 170 -8.73 31.86 10.46
C ARG N 170 -9.87 30.93 10.07
N ALA N 171 -10.01 30.61 8.79
CA ALA N 171 -11.10 29.70 8.43
C ALA N 171 -10.72 28.77 7.30
N ALA N 172 -11.45 27.66 7.19
CA ALA N 172 -11.16 26.68 6.16
C ALA N 172 -12.38 26.02 5.56
N LEU N 173 -12.12 25.03 4.70
CA LEU N 173 -13.15 24.25 4.03
C LEU N 173 -12.45 23.17 3.22
N VAL N 174 -13.20 22.15 2.84
CA VAL N 174 -12.64 21.06 2.06
C VAL N 174 -13.78 20.61 1.17
N ASP N 175 -13.75 21.03 -0.10
CA ASP N 175 -14.82 20.70 -1.04
C ASP N 175 -15.16 19.24 -1.24
N ASP N 176 -14.60 18.60 -2.24
CA ASP N 176 -14.94 17.20 -2.45
C ASP N 176 -13.98 16.30 -1.69
N ALA N 177 -14.43 15.08 -1.42
CA ALA N 177 -13.65 14.13 -0.68
C ALA N 177 -13.88 12.71 -1.16
N THR N 178 -12.79 11.99 -1.40
CA THR N 178 -12.88 10.59 -1.81
C THR N 178 -12.98 9.92 -0.45
N HIS N 179 -13.03 8.60 -0.41
CA HIS N 179 -13.14 7.94 0.88
C HIS N 179 -11.86 8.21 1.67
N ALA N 180 -10.75 8.29 0.95
CA ALA N 180 -9.43 8.53 1.55
C ALA N 180 -9.43 9.81 2.38
N CYS N 181 -10.04 10.85 1.82
CA CYS N 181 -10.12 12.14 2.47
C CYS N 181 -10.81 11.99 3.82
N TRP N 182 -11.05 10.74 4.22
CA TRP N 182 -11.72 10.44 5.49
C TRP N 182 -10.93 9.46 6.36
N ARG N 183 -10.19 8.54 5.73
CA ARG N 183 -9.36 7.62 6.51
C ARG N 183 -8.37 8.63 7.06
N TYR N 184 -7.95 9.53 6.17
CA TYR N 184 -7.01 10.61 6.47
C TYR N 184 -7.44 11.36 7.72
N PHE N 185 -8.61 11.97 7.65
CA PHE N 185 -9.14 12.72 8.79
C PHE N 185 -9.02 11.89 10.05
N ASP N 186 -9.66 10.72 10.04
CA ASP N 186 -9.62 9.85 11.20
C ASP N 186 -8.20 9.53 11.67
N THR N 187 -7.28 9.37 10.73
CA THR N 187 -5.90 9.02 11.05
C THR N 187 -4.97 10.20 11.32
N TYR N 188 -4.11 10.50 10.35
CA TYR N 188 -3.12 11.57 10.42
C TYR N 188 -3.59 12.88 11.06
N LEU N 189 -4.63 13.46 10.49
CA LEU N 189 -5.15 14.74 10.95
C LEU N 189 -6.24 14.61 12.01
N ARG N 190 -5.93 13.85 13.06
CA ARG N 190 -6.87 13.62 14.16
C ARG N 190 -6.73 14.72 15.19
N ASN N 191 -5.57 15.37 15.17
CA ASN N 191 -5.25 16.44 16.10
C ASN N 191 -6.13 17.68 15.94
N ALA N 192 -6.24 18.20 14.71
CA ALA N 192 -7.04 19.40 14.45
C ALA N 192 -8.49 19.18 14.79
N LEU N 193 -8.74 18.50 15.92
CA LEU N 193 -10.07 18.17 16.41
C LEU N 193 -10.08 18.03 17.94
N ASP N 194 -9.26 17.11 18.46
CA ASP N 194 -9.13 16.84 19.91
C ASP N 194 -7.76 17.29 20.46
N GLY N 195 -6.96 16.42 21.04
CA GLY N 195 -5.66 16.93 21.47
C GLY N 195 -4.99 17.44 20.19
N TYR N 196 -4.67 18.73 19.99
CA TYR N 196 -4.16 19.13 18.67
C TYR N 196 -2.71 19.60 18.32
N PRO N 197 -2.56 20.84 17.71
CA PRO N 197 -1.38 21.54 17.20
C PRO N 197 -0.64 20.82 16.04
N VAL N 198 -1.41 20.33 15.07
CA VAL N 198 -0.98 19.60 13.87
C VAL N 198 0.30 20.05 13.18
N SER N 199 1.19 19.10 12.96
CA SER N 199 2.46 19.34 12.30
C SER N 199 2.18 19.36 10.80
N ILE N 200 2.26 20.55 10.23
CA ILE N 200 2.05 20.74 8.80
C ILE N 200 3.43 20.72 8.16
N ASP N 201 3.55 20.04 7.03
CA ASP N 201 4.83 19.98 6.34
C ASP N 201 4.78 20.86 5.09
N ARG N 202 5.52 21.96 5.13
CA ARG N 202 5.57 22.88 4.01
C ARG N 202 6.86 22.62 3.24
N LYS N 203 6.97 23.15 2.02
CA LYS N 203 8.15 22.94 1.17
C LYS N 203 9.30 23.96 1.31
N HIS N 204 10.52 23.45 1.20
CA HIS N 204 11.73 24.28 1.29
C HIS N 204 11.93 24.87 2.67
N LYS N 205 11.07 24.50 3.62
CA LYS N 205 11.19 24.98 4.99
C LYS N 205 11.02 23.78 5.92
N ALA N 206 11.38 23.95 7.20
CA ALA N 206 11.21 22.87 8.16
C ALA N 206 9.72 22.82 8.41
N ALA N 207 9.27 21.74 9.03
CA ALA N 207 7.86 21.58 9.32
C ALA N 207 7.49 22.46 10.53
N VAL N 208 6.23 22.88 10.61
CA VAL N 208 5.75 23.71 11.71
C VAL N 208 4.52 23.07 12.35
N GLN N 209 3.90 23.77 13.30
CA GLN N 209 2.72 23.30 14.01
C GLN N 209 2.05 24.58 14.52
N ILE N 210 0.72 24.62 14.59
CA ILE N 210 0.01 25.82 15.09
C ILE N 210 -1.52 25.61 15.25
N LYS N 211 -2.20 26.73 15.49
CA LYS N 211 -3.65 26.79 15.67
C LYS N 211 -4.39 26.58 14.34
N ALA N 212 -5.16 25.49 14.26
CA ALA N 212 -5.92 25.18 13.05
C ALA N 212 -7.30 25.78 13.18
N PRO N 213 -7.68 26.62 12.21
CA PRO N 213 -8.98 27.28 12.18
C PRO N 213 -10.13 26.32 11.96
N PRO N 214 -11.36 26.75 12.27
CA PRO N 214 -12.55 25.91 12.09
C PRO N 214 -12.63 25.27 10.70
N LEU N 215 -13.00 24.00 10.66
CA LEU N 215 -13.11 23.26 9.40
C LEU N 215 -14.53 23.10 8.84
N LEU N 216 -14.61 22.53 7.65
CA LEU N 216 -15.88 22.31 6.97
C LEU N 216 -15.59 21.34 5.85
N VAL N 217 -16.48 20.40 5.62
CA VAL N 217 -16.27 19.44 4.56
C VAL N 217 -17.59 19.20 3.85
N THR N 218 -17.53 18.53 2.72
CA THR N 218 -18.72 18.24 1.93
C THR N 218 -18.42 16.93 1.24
N SER N 219 -19.44 16.12 1.00
CA SER N 219 -19.21 14.83 0.36
C SER N 219 -20.45 14.01 0.15
N ASN N 220 -20.30 12.93 -0.64
CA ASN N 220 -21.39 12.02 -0.93
C ASN N 220 -21.18 10.81 -0.02
N ILE N 221 -20.13 10.88 0.78
CA ILE N 221 -19.78 9.81 1.70
C ILE N 221 -20.11 10.25 3.12
N ASP N 222 -21.18 9.68 3.69
CA ASP N 222 -21.58 10.02 5.05
C ASP N 222 -20.62 9.40 6.04
N VAL N 223 -19.97 10.25 6.82
CA VAL N 223 -19.03 9.81 7.81
C VAL N 223 -19.68 9.80 9.18
N GLN N 224 -20.49 8.78 9.42
CA GLN N 224 -21.22 8.62 10.67
C GLN N 224 -21.99 7.29 10.59
N ALA N 225 -22.59 7.04 9.43
CA ALA N 225 -23.36 5.82 9.19
C ALA N 225 -22.44 4.72 8.65
N GLU N 226 -21.21 5.09 8.34
CA GLU N 226 -20.25 4.13 7.86
C GLU N 226 -19.43 3.78 9.09
N ASP N 227 -19.87 2.75 9.81
CA ASP N 227 -19.20 2.32 11.04
C ASP N 227 -17.70 2.09 10.91
N ARG N 228 -17.19 2.11 9.69
CA ARG N 228 -15.75 1.91 9.48
C ARG N 228 -15.01 2.83 10.44
N TYR N 229 -15.32 4.12 10.38
CA TYR N 229 -14.71 5.11 11.26
C TYR N 229 -15.70 5.41 12.37
N LEU N 230 -15.51 4.82 13.55
CA LEU N 230 -16.43 5.09 14.65
C LEU N 230 -15.86 6.09 15.64
N TYR N 231 -15.17 7.11 15.11
CA TYR N 231 -14.59 8.15 15.94
C TYR N 231 -14.95 9.52 15.36
N LEU N 232 -15.01 9.62 14.04
CA LEU N 232 -15.36 10.89 13.37
C LEU N 232 -16.71 11.40 13.86
N HIS N 233 -17.39 10.57 14.65
CA HIS N 233 -18.72 10.88 15.17
C HIS N 233 -18.84 12.07 16.10
N SER N 234 -18.52 11.89 17.37
CA SER N 234 -18.62 12.97 18.35
C SER N 234 -17.64 14.13 18.11
N ARG N 235 -17.00 14.16 16.95
CA ARG N 235 -16.06 15.23 16.63
C ARG N 235 -16.53 16.00 15.41
N VAL N 236 -17.25 15.33 14.53
CA VAL N 236 -17.75 15.94 13.31
C VAL N 236 -19.27 15.86 13.25
N GLN N 237 -19.93 17.01 13.41
CA GLN N 237 -21.38 17.07 13.33
C GLN N 237 -21.75 17.18 11.86
N THR N 238 -22.71 16.37 11.42
CA THR N 238 -23.11 16.37 10.01
C THR N 238 -24.52 16.92 9.71
N PHE N 239 -24.70 17.32 8.46
CA PHE N 239 -25.97 17.84 7.94
C PHE N 239 -26.20 17.23 6.56
N ARG N 240 -27.30 16.48 6.42
CA ARG N 240 -27.62 15.80 5.16
C ARG N 240 -28.52 16.59 4.20
N PHE N 241 -27.94 17.00 3.07
CA PHE N 241 -28.69 17.72 2.04
C PHE N 241 -29.05 16.66 1.01
N GLU N 242 -30.34 16.38 0.86
CA GLU N 242 -30.81 15.36 -0.08
C GLU N 242 -31.82 15.84 -1.12
N GLN N 243 -31.62 17.03 -1.69
CA GLN N 243 -32.59 17.55 -2.64
C GLN N 243 -32.06 18.05 -4.00
N PRO N 244 -32.98 18.33 -4.95
CA PRO N 244 -32.64 18.82 -6.28
C PRO N 244 -32.00 20.21 -6.30
N CYS N 245 -31.00 20.41 -5.45
CA CYS N 245 -30.31 21.69 -5.43
C CYS N 245 -29.46 21.66 -6.69
N THR N 246 -30.04 22.19 -7.75
CA THR N 246 -29.41 22.23 -9.07
C THR N 246 -27.98 22.73 -9.09
N ASP N 247 -27.36 22.64 -10.27
CA ASP N 247 -26.00 23.09 -10.46
C ASP N 247 -25.97 24.60 -10.23
N GLU N 248 -24.79 25.20 -10.35
CA GLU N 248 -24.67 26.65 -10.15
C GLU N 248 -24.78 27.38 -11.49
N SER N 249 -25.82 27.07 -12.26
CA SER N 249 -26.00 27.69 -13.57
C SER N 249 -27.45 27.79 -14.05
N GLY N 250 -27.89 26.77 -14.78
CA GLY N 250 -29.24 26.72 -15.33
C GLY N 250 -30.24 27.65 -14.68
N GLU N 251 -31.16 27.08 -13.91
CA GLU N 251 -32.15 27.89 -13.21
C GLU N 251 -31.52 28.45 -11.96
N GLN N 252 -30.54 27.72 -11.44
CA GLN N 252 -29.83 28.13 -10.23
C GLN N 252 -30.83 28.59 -9.18
N PRO N 253 -31.72 27.67 -8.75
CA PRO N 253 -32.71 28.05 -7.75
C PRO N 253 -32.11 28.80 -6.57
N PHE N 254 -30.93 28.36 -6.12
CA PHE N 254 -30.27 28.98 -4.97
C PHE N 254 -28.81 29.39 -5.18
N ASN N 255 -28.56 30.65 -5.54
CA ASN N 255 -27.19 31.13 -5.69
C ASN N 255 -27.03 32.03 -4.47
N ILE N 256 -25.82 32.15 -3.94
CA ILE N 256 -25.64 32.98 -2.75
C ILE N 256 -24.93 34.29 -3.04
N THR N 257 -25.22 35.29 -2.21
CA THR N 257 -24.63 36.61 -2.35
C THR N 257 -23.45 36.71 -1.39
N ASP N 258 -23.10 37.93 -1.00
CA ASP N 258 -21.99 38.17 -0.08
C ASP N 258 -22.45 38.91 1.17
N ALA N 259 -23.52 39.69 1.04
CA ALA N 259 -24.06 40.45 2.16
C ALA N 259 -25.03 39.64 2.99
N ASP N 260 -25.70 38.69 2.35
CA ASP N 260 -26.67 37.86 3.06
C ASP N 260 -26.03 37.32 4.34
N TRP N 261 -24.71 37.12 4.33
CA TRP N 261 -24.06 36.64 5.55
C TRP N 261 -23.84 37.82 6.47
N LYS N 262 -23.72 38.99 5.87
CA LYS N 262 -23.55 40.21 6.64
C LYS N 262 -24.83 40.40 7.42
N SER N 263 -25.94 39.95 6.84
CA SER N 263 -27.24 40.05 7.48
C SER N 263 -27.47 38.80 8.35
N PHE N 264 -26.92 37.68 7.90
CA PHE N 264 -27.03 36.44 8.67
C PHE N 264 -26.40 36.74 10.01
N PHE N 265 -25.13 37.14 9.96
CA PHE N 265 -24.40 37.47 11.18
C PHE N 265 -24.95 38.69 11.88
N VAL N 266 -25.35 39.69 11.10
CA VAL N 266 -25.90 40.92 11.66
C VAL N 266 -26.90 40.56 12.74
N ARG N 267 -27.93 39.80 12.38
CA ARG N 267 -28.95 39.43 13.35
C ARG N 267 -28.56 38.22 14.21
N LEU N 268 -28.26 37.10 13.57
CA LEU N 268 -27.90 35.89 14.28
C LEU N 268 -26.69 36.04 15.18
N TRP N 269 -26.14 37.26 15.22
CA TRP N 269 -24.99 37.55 16.07
C TRP N 269 -25.38 37.26 17.52
N GLY N 270 -26.57 37.73 17.90
CA GLY N 270 -27.07 37.54 19.25
C GLY N 270 -26.87 36.11 19.72
N ARG N 271 -27.78 35.22 19.35
CA ARG N 271 -27.68 33.82 19.74
C ARG N 271 -26.52 33.11 19.05
N LEU N 272 -25.39 33.79 18.98
CA LEU N 272 -24.20 33.21 18.39
C LEU N 272 -23.03 33.32 19.38
N ASP N 273 -23.39 33.63 20.62
CA ASP N 273 -22.45 33.77 21.74
C ASP N 273 -21.25 34.68 21.48
N LEU N 274 -21.40 35.66 20.61
CA LEU N 274 -20.31 36.60 20.32
C LEU N 274 -20.43 37.87 21.13
#